data_4C3X
#
_entry.id   4C3X
#
_cell.length_a   107.385
_cell.length_b   131.625
_cell.length_c   363.161
_cell.angle_alpha   90.00
_cell.angle_beta   90.00
_cell.angle_gamma   90.00
#
_symmetry.space_group_name_H-M   'P 21 21 21'
#
loop_
_entity.id
_entity.type
_entity.pdbx_description
1 polymer '3-KETOSTEROID DEHYDROGENASE'
2 branched beta-D-fructofuranose-(2-1)-alpha-D-glucopyranose
3 non-polymer 'FLAVIN-ADENINE DINUCLEOTIDE'
4 non-polymer 'SODIUM ION'
5 non-polymer 'CHLORIDE ION'
6 non-polymer 'TETRAETHYLENE GLYCOL'
7 water water
#
_entity_poly.entity_id   1
_entity_poly.type   'polypeptide(L)'
_entity_poly.pdbx_seq_one_letter_code
;MGSSHHHHHHSSGLVPRGSHMQDWTSECDVLVVGSGGGALTGAYTAAAQGLTTIVLEKTDRFGGTSAYSGASIWLPGTQV
QERAGLPDSTENARTYLRALLGDAESERQDAYVETAPAVVALLEQNPNIEFEFRAFPDYYKAEGRMDTGRSINPLDLDPA
DIGDLAGKVRPELDQDRTGQDHAPGPMIGGRALIGRLLAAVQSTGKAELRTESVLTSLIVEDGRVVGAEVESGGETQRIK
ANRGVLMAAGGIEGNAEMREQAGTPGKAIWSMGPFGANTGDAISAGIAVGGATALLDQAWFCPGVEQPDGSAAFMVGVRG
GLVVDSAGERYLNESLPYDQFGRAMDAHDDNGSAVPSFMIFDSREGGGLPAICIPNTAPAKHLEAGTWVGADTLEELAAK
TGLPADALRSTVEKFNDAAKLGVDEEFHRGEDPYDAFFCPPNGGANAALTAIENGPFYAARIVLSDLGTKGGLVTDVNGR
VLRADGSAIDGLYAAGNTSASLSGRFYPGPGVPLGTAMVFSYRAAQDMAK
;
_entity_poly.pdbx_strand_id   A,B,C,D,E,F,G,H
#
loop_
_chem_comp.id
_chem_comp.type
_chem_comp.name
_chem_comp.formula
CL non-polymer 'CHLORIDE ION' 'Cl -1'
FAD non-polymer 'FLAVIN-ADENINE DINUCLEOTIDE' 'C27 H33 N9 O15 P2'
FRU D-saccharide, beta linking beta-D-fructofuranose 'C6 H12 O6'
GLC D-saccharide, alpha linking alpha-D-glucopyranose 'C6 H12 O6'
NA non-polymer 'SODIUM ION' 'Na 1'
PG4 non-polymer 'TETRAETHYLENE GLYCOL' 'C8 H18 O5'
#
# COMPACT_ATOMS: atom_id res chain seq x y z
N ASP A 23 20.37 62.28 39.48
CA ASP A 23 19.80 60.91 39.48
C ASP A 23 19.29 60.45 38.09
N TRP A 24 18.05 60.74 37.71
CA TRP A 24 17.54 60.39 36.36
C TRP A 24 17.97 61.34 35.31
N THR A 25 18.47 60.84 34.19
CA THR A 25 18.91 61.69 33.08
C THR A 25 17.74 62.11 32.19
N SER A 26 16.83 61.17 31.95
CA SER A 26 15.57 61.51 31.31
C SER A 26 14.49 60.56 31.78
N GLU A 27 13.28 60.85 31.34
CA GLU A 27 12.11 60.17 31.80
C GLU A 27 11.17 59.95 30.63
N CYS A 28 10.51 58.81 30.61
CA CYS A 28 9.47 58.56 29.63
C CYS A 28 8.45 57.64 30.25
N ASP A 29 7.32 57.46 29.57
CA ASP A 29 6.36 56.45 29.96
C ASP A 29 6.81 55.05 29.62
N VAL A 30 7.26 54.83 28.39
CA VAL A 30 7.59 53.47 27.90
C VAL A 30 9.00 53.50 27.29
N LEU A 31 9.88 52.68 27.84
CA LEU A 31 11.25 52.60 27.36
C LEU A 31 11.37 51.31 26.59
N VAL A 32 11.75 51.45 25.32
CA VAL A 32 11.86 50.31 24.44
C VAL A 32 13.34 50.07 24.11
N VAL A 33 13.80 48.85 24.35
CA VAL A 33 15.18 48.51 24.10
C VAL A 33 15.22 47.63 22.84
N GLY A 34 15.95 48.09 21.83
CA GLY A 34 15.96 47.42 20.52
C GLY A 34 15.13 48.19 19.49
N SER A 35 15.30 47.82 18.21
CA SER A 35 14.64 48.52 17.12
C SER A 35 14.32 47.61 15.94
N GLY A 36 14.12 46.34 16.19
CA GLY A 36 13.61 45.42 15.22
C GLY A 36 12.09 45.60 15.08
N GLY A 37 11.46 44.73 14.32
CA GLY A 37 10.02 44.85 14.01
C GLY A 37 9.17 44.89 15.28
N GLY A 38 9.40 43.94 16.19
CA GLY A 38 8.74 43.92 17.49
C GLY A 38 8.91 45.20 18.27
N ALA A 39 10.14 45.60 18.52
CA ALA A 39 10.40 46.83 19.27
C ALA A 39 9.67 48.02 18.69
N LEU A 40 9.75 48.19 17.37
CA LEU A 40 9.18 49.41 16.80
C LEU A 40 7.64 49.35 16.81
N THR A 41 7.11 48.15 16.74
CA THR A 41 5.67 47.95 16.85
C THR A 41 5.20 48.29 18.27
N GLY A 42 5.98 47.87 19.27
CA GLY A 42 5.69 48.21 20.68
C GLY A 42 5.76 49.70 20.88
N ALA A 43 6.81 50.30 20.36
CA ALA A 43 6.99 51.74 20.47
C ALA A 43 5.84 52.46 19.84
N TYR A 44 5.42 52.00 18.68
CA TYR A 44 4.35 52.66 17.97
C TYR A 44 3.02 52.56 18.77
N THR A 45 2.73 51.38 19.24
CA THR A 45 1.54 51.14 20.00
C THR A 45 1.44 52.05 21.23
N ALA A 46 2.55 52.25 21.93
CA ALA A 46 2.60 53.13 23.07
C ALA A 46 2.47 54.58 22.66
N ALA A 47 3.33 54.99 21.74
CA ALA A 47 3.36 56.39 21.33
C ALA A 47 2.08 56.85 20.64
N ALA A 48 1.44 55.99 19.89
CA ALA A 48 0.22 56.38 19.15
C ALA A 48 -0.96 56.65 20.07
N GLN A 49 -0.95 56.10 21.28
CA GLN A 49 -2.01 56.39 22.25
C GLN A 49 -1.55 57.37 23.33
N GLY A 50 -0.53 58.17 23.04
CA GLY A 50 -0.17 59.30 23.88
C GLY A 50 0.93 59.05 24.91
N LEU A 51 1.46 57.83 25.03
CA LEU A 51 2.54 57.59 26.00
C LEU A 51 3.89 58.02 25.42
N THR A 52 4.63 58.82 26.15
CA THR A 52 5.97 59.21 25.71
C THR A 52 6.88 57.99 25.69
N THR A 53 7.64 57.85 24.60
CA THR A 53 8.36 56.64 24.32
C THR A 53 9.78 56.98 23.90
N ILE A 54 10.73 56.21 24.42
CA ILE A 54 12.12 56.29 23.99
C ILE A 54 12.54 54.94 23.48
N VAL A 55 13.12 54.94 22.28
CA VAL A 55 13.63 53.71 21.64
C VAL A 55 15.15 53.78 21.67
N LEU A 56 15.76 52.76 22.22
CA LEU A 56 17.21 52.67 22.30
C LEU A 56 17.76 51.58 21.40
N GLU A 57 18.54 51.98 20.39
CA GLU A 57 19.21 51.02 19.52
C GLU A 57 20.71 51.05 19.78
N LYS A 58 21.26 49.90 20.06
CA LYS A 58 22.69 49.72 20.35
C LYS A 58 23.62 50.21 19.23
N THR A 59 23.32 49.86 17.99
CA THR A 59 24.24 50.14 16.88
C THR A 59 23.93 51.48 16.24
N ASP A 60 24.63 51.82 15.17
CA ASP A 60 24.34 53.05 14.47
C ASP A 60 23.20 52.94 13.42
N ARG A 61 22.57 51.78 13.32
CA ARG A 61 21.39 51.62 12.44
C ARG A 61 20.22 50.93 13.12
N PHE A 62 19.00 51.34 12.76
CA PHE A 62 17.78 50.70 13.25
C PHE A 62 17.46 49.45 12.48
N GLY A 63 16.92 48.45 13.17
CA GLY A 63 16.29 47.35 12.52
C GLY A 63 16.79 45.97 12.79
N GLY A 64 18.08 45.84 13.09
CA GLY A 64 18.63 44.54 13.40
C GLY A 64 18.47 43.52 12.33
N THR A 65 18.35 42.26 12.74
CA THR A 65 18.04 41.18 11.84
C THR A 65 16.70 41.38 11.13
N SER A 66 15.75 42.05 11.78
CA SER A 66 14.45 42.35 11.17
C SER A 66 14.70 43.10 9.85
N ALA A 67 15.70 44.00 9.83
CA ALA A 67 16.02 44.75 8.59
C ALA A 67 16.55 43.83 7.52
N TYR A 68 17.37 42.86 7.92
CA TYR A 68 17.88 41.81 6.98
C TYR A 68 16.80 40.91 6.40
N SER A 69 15.66 40.81 7.09
CA SER A 69 14.70 39.76 6.82
C SER A 69 14.00 40.00 5.48
N GLY A 70 13.30 38.98 5.05
CA GLY A 70 12.33 39.15 3.91
C GLY A 70 11.00 39.80 4.31
N ALA A 71 10.81 40.04 5.62
CA ALA A 71 9.63 40.74 6.15
C ALA A 71 8.33 40.05 5.77
N SER A 72 8.38 38.73 5.67
CA SER A 72 7.20 37.95 5.71
C SER A 72 6.75 37.92 7.20
N ILE A 73 5.43 38.05 7.45
CA ILE A 73 4.92 38.14 8.81
C ILE A 73 3.69 37.25 8.99
N TRP A 74 3.75 36.32 9.94
CA TRP A 74 2.71 35.38 10.15
C TRP A 74 1.72 35.97 11.15
N LEU A 75 0.80 36.75 10.61
CA LEU A 75 -0.27 37.42 11.34
C LEU A 75 -1.55 37.04 10.59
N PRO A 76 -2.10 35.84 10.90
CA PRO A 76 -3.23 35.32 10.19
C PRO A 76 -4.58 35.98 10.48
N GLY A 77 -5.48 35.85 9.53
CA GLY A 77 -6.89 36.18 9.73
C GLY A 77 -7.15 37.64 9.89
N THR A 78 -6.39 38.47 9.22
CA THR A 78 -6.51 39.89 9.38
C THR A 78 -7.12 40.53 8.15
N GLN A 79 -7.29 41.83 8.21
CA GLN A 79 -7.85 42.57 7.10
C GLN A 79 -7.02 42.45 5.83
N VAL A 80 -5.73 42.18 6.00
CA VAL A 80 -4.83 42.09 4.87
C VAL A 80 -5.12 40.88 4.01
N GLN A 81 -5.26 39.72 4.64
CA GLN A 81 -5.63 38.52 3.91
C GLN A 81 -7.11 38.57 3.40
N GLU A 82 -7.98 39.27 4.11
CA GLU A 82 -9.35 39.51 3.59
C GLU A 82 -9.30 40.21 2.23
N ARG A 83 -8.44 41.23 2.11
CA ARG A 83 -8.28 41.97 0.85
C ARG A 83 -7.70 41.16 -0.29
N ALA A 84 -7.17 39.97 0.02
CA ALA A 84 -6.74 39.01 -1.00
C ALA A 84 -7.68 37.83 -1.16
N GLY A 85 -8.81 37.83 -0.44
CA GLY A 85 -9.81 36.79 -0.59
C GLY A 85 -9.35 35.43 -0.14
N LEU A 86 -8.40 35.43 0.79
CA LEU A 86 -7.78 34.20 1.17
C LEU A 86 -8.71 33.36 2.02
N PRO A 87 -8.91 32.07 1.66
CA PRO A 87 -9.78 31.24 2.47
C PRO A 87 -9.12 30.71 3.71
N ASP A 88 -9.14 31.52 4.76
CA ASP A 88 -8.43 31.17 6.00
C ASP A 88 -9.08 31.97 7.11
N SER A 89 -8.76 31.63 8.35
CA SER A 89 -9.33 32.33 9.48
C SER A 89 -8.45 32.14 10.71
N THR A 90 -8.77 32.95 11.72
CA THR A 90 -8.22 32.78 13.05
C THR A 90 -8.30 31.33 13.51
N GLU A 91 -9.45 30.70 13.38
CA GLU A 91 -9.59 29.35 13.90
C GLU A 91 -8.77 28.34 13.13
N ASN A 92 -8.63 28.56 11.82
CA ASN A 92 -7.86 27.63 11.01
C ASN A 92 -6.38 27.71 11.44
N ALA A 93 -5.92 28.91 11.66
CA ALA A 93 -4.55 29.17 12.10
C ALA A 93 -4.34 28.59 13.47
N ARG A 94 -5.30 28.79 14.37
CA ARG A 94 -5.23 28.20 15.73
C ARG A 94 -5.08 26.70 15.65
N THR A 95 -5.84 26.08 14.75
CA THR A 95 -5.79 24.63 14.59
C THR A 95 -4.40 24.17 14.13
N TYR A 96 -3.78 24.96 13.28
CA TYR A 96 -2.43 24.62 12.73
C TYR A 96 -1.41 24.63 13.85
N LEU A 97 -1.38 25.72 14.61
CA LEU A 97 -0.46 25.80 15.75
C LEU A 97 -0.68 24.67 16.75
N ARG A 98 -1.94 24.43 17.08
CA ARG A 98 -2.25 23.39 18.06
C ARG A 98 -1.80 22.03 17.54
N ALA A 99 -2.00 21.78 16.25
CA ALA A 99 -1.58 20.53 15.66
C ALA A 99 -0.07 20.33 15.73
N LEU A 100 0.70 21.39 15.56
CA LEU A 100 2.19 21.29 15.62
C LEU A 100 2.76 21.32 17.01
N LEU A 101 2.26 22.26 17.79
CA LEU A 101 2.87 22.63 19.06
C LEU A 101 2.26 21.87 20.25
N GLY A 102 1.06 21.34 20.08
CA GLY A 102 0.33 20.74 21.20
C GLY A 102 -0.15 21.80 22.17
N ASP A 103 -0.37 21.41 23.40
CA ASP A 103 -0.93 22.29 24.44
C ASP A 103 0.09 23.12 25.16
N ALA A 104 1.36 22.80 25.01
CA ALA A 104 2.42 23.63 25.55
C ALA A 104 2.27 25.05 24.97
N GLU A 105 2.06 25.99 25.87
CA GLU A 105 1.95 27.39 25.57
C GLU A 105 0.67 27.71 24.85
N SER A 106 -0.37 26.90 25.05
CA SER A 106 -1.64 27.13 24.36
C SER A 106 -2.23 28.51 24.61
N GLU A 107 -2.02 29.07 25.77
CA GLU A 107 -2.58 30.39 26.04
C GLU A 107 -1.89 31.46 25.18
N ARG A 108 -0.58 31.33 25.04
CA ARG A 108 0.18 32.27 24.22
C ARG A 108 -0.11 32.04 22.74
N GLN A 109 -0.30 30.79 22.33
CA GLN A 109 -0.78 30.48 20.98
C GLN A 109 -2.08 31.21 20.69
N ASP A 110 -2.99 31.15 21.67
CA ASP A 110 -4.31 31.79 21.50
C ASP A 110 -4.14 33.27 21.42
N ALA A 111 -3.29 33.85 22.29
CA ALA A 111 -3.12 35.32 22.25
C ALA A 111 -2.52 35.76 20.91
N TYR A 112 -1.65 34.92 20.38
CA TYR A 112 -0.91 35.24 19.16
C TYR A 112 -1.89 35.35 17.98
N VAL A 113 -2.65 34.29 17.73
CA VAL A 113 -3.62 34.31 16.63
C VAL A 113 -4.76 35.26 16.87
N GLU A 114 -5.21 35.41 18.12
CA GLU A 114 -6.38 36.26 18.40
C GLU A 114 -6.03 37.72 18.28
N THR A 115 -4.78 38.09 18.54
CA THR A 115 -4.41 39.52 18.55
C THR A 115 -3.89 40.03 17.22
N ALA A 116 -3.55 39.12 16.31
CA ALA A 116 -3.02 39.50 14.99
C ALA A 116 -3.84 40.54 14.27
N PRO A 117 -5.20 40.36 14.21
CA PRO A 117 -5.98 41.33 13.49
C PRO A 117 -5.85 42.76 14.05
N ALA A 118 -5.83 42.89 15.38
CA ALA A 118 -5.78 44.21 16.00
C ALA A 118 -4.44 44.86 15.76
N VAL A 119 -3.37 44.06 15.79
CA VAL A 119 -2.07 44.62 15.50
C VAL A 119 -2.00 45.18 14.07
N VAL A 120 -2.43 44.37 13.12
CA VAL A 120 -2.44 44.80 11.73
C VAL A 120 -3.30 46.03 11.56
N ALA A 121 -4.48 46.03 12.17
CA ALA A 121 -5.41 47.16 12.01
C ALA A 121 -4.80 48.42 12.52
N LEU A 122 -4.18 48.34 13.70
CA LEU A 122 -3.56 49.55 14.25
C LEU A 122 -2.45 50.07 13.33
N LEU A 123 -1.60 49.15 12.87
CA LEU A 123 -0.46 49.56 12.06
C LEU A 123 -0.89 50.13 10.70
N GLU A 124 -1.81 49.45 10.02
CA GLU A 124 -2.31 49.98 8.74
C GLU A 124 -3.12 51.26 8.83
N GLN A 125 -3.53 51.64 10.03
CA GLN A 125 -4.18 52.88 10.19
C GLN A 125 -3.19 54.03 10.00
N ASN A 126 -1.90 53.78 10.22
CA ASN A 126 -0.92 54.80 10.00
C ASN A 126 -0.66 54.98 8.49
N PRO A 127 -0.51 56.22 8.03
CA PRO A 127 -0.31 56.46 6.61
C PRO A 127 0.97 55.89 6.08
N ASN A 128 1.96 55.60 6.95
CA ASN A 128 3.24 55.08 6.48
C ASN A 128 3.27 53.57 6.35
N ILE A 129 2.21 52.89 6.73
CA ILE A 129 2.24 51.41 6.76
C ILE A 129 1.11 50.80 5.94
N GLU A 130 1.47 49.84 5.09
CA GLU A 130 0.55 48.97 4.38
C GLU A 130 1.24 47.63 4.09
N PHE A 131 0.51 46.55 4.22
CA PHE A 131 0.96 45.21 3.95
C PHE A 131 0.15 44.61 2.82
N GLU A 132 0.63 43.46 2.31
CA GLU A 132 -0.18 42.63 1.43
C GLU A 132 0.15 41.18 1.67
N PHE A 133 -0.80 40.29 1.37
CA PHE A 133 -0.52 38.86 1.33
C PHE A 133 0.52 38.53 0.25
N ARG A 134 1.44 37.60 0.54
CA ARG A 134 2.34 37.06 -0.50
C ARG A 134 2.46 35.59 -0.28
N ALA A 135 2.25 34.84 -1.35
CA ALA A 135 2.27 33.39 -1.27
C ALA A 135 3.65 32.86 -0.88
N PHE A 136 3.66 31.89 0.03
CA PHE A 136 4.83 31.25 0.53
C PHE A 136 4.27 30.21 1.49
N PRO A 137 4.49 28.92 1.23
CA PRO A 137 3.80 27.91 2.00
C PRO A 137 4.16 27.85 3.47
N ASP A 138 3.18 27.53 4.30
CA ASP A 138 3.49 27.04 5.66
C ASP A 138 4.38 25.79 5.59
N TYR A 139 5.07 25.49 6.70
CA TYR A 139 6.23 24.59 6.65
C TYR A 139 5.98 23.13 7.02
N TYR A 140 4.84 22.82 7.60
CA TYR A 140 4.52 21.43 8.01
C TYR A 140 3.16 20.95 7.46
N LYS A 141 3.10 19.66 7.16
CA LYS A 141 1.87 19.01 6.76
C LYS A 141 1.09 18.77 8.03
N ALA A 142 -0.04 19.46 8.16
CA ALA A 142 -0.85 19.35 9.37
C ALA A 142 -2.17 20.06 9.12
N GLU A 143 -3.18 19.73 9.91
CA GLU A 143 -4.46 20.35 9.79
C GLU A 143 -4.25 21.85 9.99
N GLY A 144 -4.86 22.65 9.14
CA GLY A 144 -4.73 24.10 9.20
C GLY A 144 -3.59 24.72 8.40
N ARG A 145 -2.73 23.88 7.85
CA ARG A 145 -1.66 24.37 6.93
C ARG A 145 -2.27 25.09 5.76
N MET A 146 -1.69 26.21 5.36
CA MET A 146 -2.00 26.81 4.09
C MET A 146 -0.87 26.45 3.10
N ASP A 147 -1.20 25.69 2.07
CA ASP A 147 -0.23 25.24 1.09
C ASP A 147 0.36 26.40 0.31
N THR A 148 -0.38 27.48 0.17
CA THR A 148 0.08 28.73 -0.47
C THR A 148 0.53 29.76 0.53
N GLY A 149 0.30 29.47 1.81
CA GLY A 149 0.62 30.42 2.87
C GLY A 149 -0.48 31.38 3.23
N ARG A 150 -0.21 32.15 4.29
CA ARG A 150 -1.11 33.16 4.83
C ARG A 150 -0.38 34.40 5.31
N SER A 151 0.92 34.51 4.98
CA SER A 151 1.73 35.56 5.57
C SER A 151 1.68 36.79 4.73
N ILE A 152 2.05 37.90 5.35
CA ILE A 152 1.94 39.19 4.75
C ILE A 152 3.26 39.93 4.80
N ASN A 153 3.38 40.95 3.95
CA ASN A 153 4.62 41.67 3.76
C ASN A 153 4.34 43.13 3.63
N PRO A 154 5.26 43.98 4.10
CA PRO A 154 5.08 45.39 3.86
C PRO A 154 5.30 45.71 2.38
N LEU A 155 4.58 46.71 1.86
CA LEU A 155 4.80 47.16 0.49
C LEU A 155 6.18 47.81 0.34
N ASP A 156 6.74 47.71 -0.87
CA ASP A 156 7.98 48.34 -1.20
C ASP A 156 7.86 49.81 -0.89
N LEU A 157 8.97 50.42 -0.47
CA LEU A 157 8.94 51.79 -0.02
C LEU A 157 9.95 52.60 -0.79
N ASP A 158 9.50 53.70 -1.33
CA ASP A 158 10.41 54.67 -1.89
C ASP A 158 11.11 55.41 -0.77
N PRO A 159 12.46 55.36 -0.74
CA PRO A 159 13.17 55.92 0.40
C PRO A 159 12.90 57.39 0.56
N ALA A 160 12.60 58.07 -0.56
CA ALA A 160 12.28 59.48 -0.53
C ALA A 160 11.05 59.77 0.30
N ASP A 161 10.19 58.79 0.50
CA ASP A 161 8.95 59.04 1.25
C ASP A 161 9.10 59.08 2.79
N ILE A 162 10.29 58.80 3.33
CA ILE A 162 10.48 58.83 4.76
C ILE A 162 11.65 59.71 5.14
N GLY A 163 12.10 60.52 4.19
CA GLY A 163 13.08 61.53 4.47
C GLY A 163 14.38 60.97 5.01
N ASP A 164 14.87 61.61 6.07
CA ASP A 164 16.17 61.29 6.63
C ASP A 164 16.18 59.91 7.37
N LEU A 165 15.03 59.28 7.53
CA LEU A 165 14.99 57.98 8.20
C LEU A 165 15.58 56.87 7.37
N ALA A 166 15.55 57.00 6.05
CA ALA A 166 15.98 55.89 5.19
C ALA A 166 17.43 55.52 5.46
N GLY A 167 18.26 56.56 5.61
CA GLY A 167 19.69 56.37 5.87
C GLY A 167 19.99 55.81 7.26
N LYS A 168 18.97 55.69 8.11
CA LYS A 168 19.17 55.16 9.48
C LYS A 168 18.75 53.73 9.56
N VAL A 169 18.23 53.20 8.45
CA VAL A 169 17.81 51.80 8.40
C VAL A 169 18.99 50.94 8.01
N ARG A 170 19.15 49.81 8.67
CA ARG A 170 20.24 48.90 8.37
C ARG A 170 20.04 48.35 6.96
N PRO A 171 21.12 48.28 6.14
CA PRO A 171 20.96 47.72 4.79
C PRO A 171 20.89 46.21 4.76
N GLU A 172 20.41 45.69 3.65
CA GLU A 172 20.34 44.25 3.43
C GLU A 172 21.71 43.60 3.53
N LEU A 173 21.71 42.31 3.78
CA LEU A 173 22.91 41.54 3.94
C LEU A 173 23.89 41.66 2.78
N ASP A 174 23.34 41.70 1.56
CA ASP A 174 24.18 41.78 0.37
C ASP A 174 24.90 43.10 0.24
N GLN A 175 24.52 44.07 1.06
CA GLN A 175 25.23 45.35 1.17
C GLN A 175 25.98 45.45 2.51
N ASP A 176 25.37 44.95 3.59
CA ASP A 176 25.86 45.29 4.94
C ASP A 176 27.16 44.59 5.28
N ARG A 177 27.40 43.40 4.73
CA ARG A 177 28.60 42.66 4.96
C ARG A 177 29.71 42.84 3.92
N THR A 178 29.58 43.85 3.07
CA THR A 178 30.61 44.18 2.07
C THR A 178 30.90 45.66 2.12
N GLY A 179 30.61 46.31 3.24
CA GLY A 179 30.96 47.70 3.41
C GLY A 179 30.20 48.65 2.51
N GLN A 180 28.91 48.34 2.35
CA GLN A 180 28.03 49.13 1.52
C GLN A 180 26.74 49.58 2.25
N ASP A 181 26.20 50.68 1.78
CA ASP A 181 24.90 51.17 2.23
C ASP A 181 23.87 50.73 1.19
N HIS A 182 22.63 51.22 1.26
CA HIS A 182 21.56 50.71 0.42
C HIS A 182 21.88 50.78 -1.07
N ALA A 183 21.56 49.72 -1.76
CA ALA A 183 21.57 49.68 -3.24
C ALA A 183 20.41 50.50 -3.83
N PRO A 184 20.42 50.75 -5.15
CA PRO A 184 19.61 51.85 -5.73
C PRO A 184 18.11 51.61 -5.87
N GLY A 185 17.61 50.40 -5.76
CA GLY A 185 16.14 50.35 -5.84
C GLY A 185 15.28 50.90 -4.66
N PRO A 186 13.99 50.56 -4.65
CA PRO A 186 13.17 50.86 -3.49
C PRO A 186 13.65 50.04 -2.25
N MET A 187 13.17 50.43 -1.07
CA MET A 187 13.43 49.63 0.14
C MET A 187 12.42 48.51 0.11
N ILE A 188 12.89 47.29 0.21
CA ILE A 188 12.01 46.15 0.18
C ILE A 188 12.27 45.24 1.41
N GLY A 189 11.42 44.28 1.61
CA GLY A 189 11.58 43.31 2.68
C GLY A 189 11.74 44.01 4.02
N GLY A 190 12.74 43.58 4.77
CA GLY A 190 12.99 44.15 6.09
C GLY A 190 13.29 45.61 6.06
N ARG A 191 13.88 46.12 4.96
CA ARG A 191 14.17 47.54 4.90
C ARG A 191 12.89 48.34 4.80
N ALA A 192 11.92 47.79 4.07
CA ALA A 192 10.62 48.44 4.00
C ALA A 192 9.89 48.35 5.36
N LEU A 193 9.94 47.18 5.99
CA LEU A 193 9.29 47.00 7.28
C LEU A 193 9.78 48.03 8.28
N ILE A 194 11.11 48.14 8.40
CA ILE A 194 11.71 49.00 9.38
C ILE A 194 11.56 50.45 8.99
N GLY A 195 11.73 50.75 7.71
CA GLY A 195 11.56 52.15 7.29
C GLY A 195 10.15 52.66 7.56
N ARG A 196 9.15 51.83 7.24
CA ARG A 196 7.74 52.21 7.49
C ARG A 196 7.42 52.31 8.99
N LEU A 197 7.87 51.34 9.78
CA LEU A 197 7.69 51.41 11.25
C LEU A 197 8.30 52.62 11.86
N LEU A 198 9.52 52.95 11.45
CA LEU A 198 10.20 54.13 11.95
C LEU A 198 9.43 55.39 11.62
N ALA A 199 8.96 55.49 10.38
CA ALA A 199 8.19 56.66 10.00
C ALA A 199 6.92 56.76 10.84
N ALA A 200 6.29 55.63 11.06
CA ALA A 200 5.06 55.59 11.88
C ALA A 200 5.33 56.06 13.31
N VAL A 201 6.40 55.53 13.90
CA VAL A 201 6.81 55.92 15.24
C VAL A 201 7.09 57.40 15.30
N GLN A 202 7.87 57.91 14.35
CA GLN A 202 8.19 59.33 14.33
C GLN A 202 6.95 60.20 14.20
N SER A 203 5.99 59.76 13.39
CA SER A 203 4.81 60.55 13.08
C SER A 203 3.92 60.81 14.31
N THR A 204 4.00 59.97 15.33
CA THR A 204 3.21 60.17 16.55
C THR A 204 3.57 61.44 17.29
N GLY A 205 4.78 61.93 17.11
CA GLY A 205 5.24 63.07 17.88
C GLY A 205 5.43 62.76 19.36
N LYS A 206 5.38 61.49 19.73
CA LYS A 206 5.53 61.07 21.13
C LYS A 206 6.76 60.21 21.38
N ALA A 207 7.64 60.07 20.38
CA ALA A 207 8.69 59.08 20.45
C ALA A 207 10.02 59.68 20.12
N GLU A 208 11.03 59.23 20.82
CA GLU A 208 12.37 59.63 20.60
C GLU A 208 13.12 58.37 20.17
N LEU A 209 13.76 58.42 19.01
CA LEU A 209 14.48 57.28 18.44
C LEU A 209 15.98 57.52 18.61
N ARG A 210 16.67 56.67 19.35
CA ARG A 210 18.10 56.85 19.59
C ARG A 210 18.94 55.72 19.06
N THR A 211 20.02 56.06 18.40
CA THR A 211 21.03 55.06 18.01
C THR A 211 22.23 55.12 18.96
N GLU A 212 23.10 54.12 18.86
CA GLU A 212 24.30 54.05 19.69
C GLU A 212 23.98 54.26 21.19
N SER A 213 22.89 53.63 21.62
CA SER A 213 22.45 53.71 22.99
C SER A 213 22.20 52.28 23.43
N VAL A 214 23.01 51.84 24.40
CA VAL A 214 23.11 50.45 24.75
C VAL A 214 22.59 50.20 26.18
N LEU A 215 21.55 49.38 26.32
CA LEU A 215 21.10 48.94 27.66
C LEU A 215 22.23 48.21 28.33
N THR A 216 22.53 48.58 29.56
CA THR A 216 23.51 47.82 30.35
C THR A 216 22.84 47.11 31.54
N SER A 217 21.97 47.77 32.25
CA SER A 217 21.23 47.07 33.30
C SER A 217 19.90 47.72 33.60
N LEU A 218 19.01 46.94 34.18
CA LEU A 218 17.72 47.46 34.60
C LEU A 218 17.81 48.04 36.02
N ILE A 219 16.99 49.04 36.31
CA ILE A 219 16.94 49.68 37.61
C ILE A 219 15.64 49.26 38.29
N VAL A 220 15.77 48.72 39.49
CA VAL A 220 14.68 48.13 40.26
C VAL A 220 14.49 48.90 41.57
N GLU A 221 13.25 49.31 41.87
CA GLU A 221 12.95 49.96 43.14
C GLU A 221 11.75 49.29 43.73
N ASP A 222 11.91 48.86 44.97
CA ASP A 222 10.89 48.11 45.69
C ASP A 222 10.36 46.95 44.86
N GLY A 223 11.24 46.25 44.19
CA GLY A 223 10.84 45.07 43.40
C GLY A 223 10.24 45.36 42.02
N ARG A 224 10.14 46.62 41.64
CA ARG A 224 9.58 47.03 40.35
C ARG A 224 10.67 47.59 39.45
N VAL A 225 10.69 47.16 38.18
CA VAL A 225 11.59 47.75 37.20
C VAL A 225 11.07 49.15 36.88
N VAL A 226 11.88 50.14 37.19
CA VAL A 226 11.45 51.54 37.05
C VAL A 226 12.24 52.33 36.01
N GLY A 227 13.17 51.66 35.33
CA GLY A 227 14.00 52.36 34.35
C GLY A 227 15.18 51.51 34.00
N ALA A 228 16.14 52.13 33.34
CA ALA A 228 17.33 51.39 32.92
C ALA A 228 18.54 52.25 32.88
N GLU A 229 19.68 51.60 33.06
CA GLU A 229 20.95 52.27 32.89
C GLU A 229 21.44 51.99 31.47
N VAL A 230 21.96 53.03 30.83
CA VAL A 230 22.23 53.04 29.37
C VAL A 230 23.54 53.74 29.06
N GLU A 231 24.35 53.17 28.19
CA GLU A 231 25.56 53.83 27.70
C GLU A 231 25.30 54.48 26.35
N SER A 232 25.59 55.77 26.24
CA SER A 232 25.76 56.43 24.95
C SER A 232 26.71 57.61 25.11
N GLY A 233 27.50 57.87 24.08
CA GLY A 233 28.42 59.00 24.05
C GLY A 233 29.53 58.84 25.05
N GLY A 234 29.90 57.60 25.38
CA GLY A 234 30.85 57.33 26.45
C GLY A 234 30.31 57.56 27.85
N GLU A 235 29.19 58.29 27.97
CA GLU A 235 28.60 58.56 29.28
C GLU A 235 27.48 57.56 29.61
N THR A 236 27.28 57.31 30.89
CA THR A 236 26.23 56.42 31.28
C THR A 236 25.02 57.24 31.73
N GLN A 237 23.83 56.80 31.34
CA GLN A 237 22.60 57.48 31.66
C GLN A 237 21.67 56.61 32.42
N ARG A 238 20.71 57.24 33.08
CA ARG A 238 19.67 56.55 33.78
C ARG A 238 18.36 57.10 33.26
N ILE A 239 17.56 56.21 32.70
CA ILE A 239 16.33 56.62 32.07
C ILE A 239 15.18 56.02 32.83
N LYS A 240 14.28 56.90 33.25
CA LYS A 240 13.11 56.49 34.01
C LYS A 240 11.99 56.08 33.06
N ALA A 241 11.37 54.95 33.37
CA ALA A 241 10.23 54.44 32.61
C ALA A 241 9.00 54.32 33.53
N ASN A 242 8.08 55.27 33.41
CA ASN A 242 6.95 55.33 34.33
C ASN A 242 6.03 54.13 34.20
N ARG A 243 5.75 53.67 32.98
CA ARG A 243 4.88 52.51 32.81
C ARG A 243 5.61 51.21 32.65
N GLY A 244 6.79 51.23 32.02
CA GLY A 244 7.53 50.00 31.86
C GLY A 244 8.62 50.05 30.82
N VAL A 245 9.37 48.95 30.81
CA VAL A 245 10.46 48.73 29.89
C VAL A 245 10.12 47.50 29.04
N LEU A 246 10.11 47.71 27.72
CA LEU A 246 9.98 46.61 26.79
C LEU A 246 11.35 46.27 26.24
N MET A 247 11.78 45.04 26.47
CA MET A 247 13.03 44.60 25.96
C MET A 247 12.77 43.72 24.73
N ALA A 248 13.05 44.27 23.56
CA ALA A 248 12.98 43.50 22.31
C ALA A 248 14.29 43.76 21.57
N ALA A 249 15.36 43.22 22.14
CA ALA A 249 16.72 43.53 21.74
C ALA A 249 17.41 42.30 21.17
N GLY A 250 16.63 41.36 20.65
CA GLY A 250 17.19 40.16 20.04
C GLY A 250 17.62 39.12 21.03
N GLY A 251 18.28 38.08 20.51
CA GLY A 251 18.61 36.89 21.25
C GLY A 251 20.11 36.84 21.62
N ILE A 252 20.61 35.64 21.79
CA ILE A 252 22.01 35.40 22.21
C ILE A 252 22.88 34.98 21.03
N GLU A 253 22.33 35.06 19.82
CA GLU A 253 22.98 34.48 18.62
C GLU A 253 24.43 34.94 18.39
N GLY A 254 24.72 36.20 18.69
CA GLY A 254 26.06 36.76 18.51
C GLY A 254 26.98 36.53 19.70
N ASN A 255 26.53 35.79 20.72
CA ASN A 255 27.34 35.58 21.93
C ASN A 255 27.72 34.13 22.02
N ALA A 256 28.94 33.82 21.60
CA ALA A 256 29.45 32.44 21.62
C ALA A 256 29.48 31.81 23.01
N GLU A 257 29.83 32.62 24.00
CA GLU A 257 29.92 32.14 25.41
C GLU A 257 28.54 31.73 25.89
N MET A 258 27.55 32.61 25.75
CA MET A 258 26.17 32.24 26.19
C MET A 258 25.67 31.03 25.46
N ARG A 259 25.93 30.96 24.14
CA ARG A 259 25.47 29.80 23.36
C ARG A 259 26.08 28.51 23.86
N GLU A 260 27.41 28.54 24.07
CA GLU A 260 28.11 27.36 24.53
C GLU A 260 27.62 26.94 25.93
N GLN A 261 27.42 27.90 26.82
CA GLN A 261 26.85 27.59 28.14
C GLN A 261 25.44 27.01 28.02
N ALA A 262 24.61 27.54 27.11
CA ALA A 262 23.27 26.99 26.94
C ALA A 262 23.23 25.66 26.19
N GLY A 263 24.31 25.29 25.50
CA GLY A 263 24.23 24.10 24.63
C GLY A 263 23.57 24.39 23.26
N THR A 264 23.47 25.66 22.86
CA THR A 264 22.89 26.00 21.55
C THR A 264 23.76 25.43 20.43
N PRO A 265 23.19 24.65 19.51
CA PRO A 265 23.94 24.30 18.29
C PRO A 265 24.23 25.48 17.40
N GLY A 266 25.05 25.25 16.38
CA GLY A 266 25.48 26.33 15.51
C GLY A 266 26.59 27.14 16.12
N LYS A 267 26.86 28.32 15.55
CA LYS A 267 27.93 29.17 16.04
C LYS A 267 27.60 30.59 15.80
N ALA A 268 28.02 31.46 16.69
CA ALA A 268 27.88 32.89 16.46
C ALA A 268 28.40 33.34 15.09
N ILE A 269 29.57 32.86 14.68
CA ILE A 269 30.20 33.28 13.43
C ILE A 269 29.32 32.89 12.23
N TRP A 270 28.48 31.88 12.39
CA TRP A 270 27.50 31.46 11.35
C TRP A 270 26.16 32.11 11.40
N SER A 271 25.85 32.81 12.48
CA SER A 271 24.58 33.46 12.61
C SER A 271 24.40 34.56 11.58
N MET A 272 23.16 34.73 11.13
CA MET A 272 22.86 35.76 10.13
C MET A 272 22.48 37.08 10.74
N GLY A 273 22.50 37.17 12.07
CA GLY A 273 22.30 38.46 12.74
C GLY A 273 23.42 39.42 12.42
N PRO A 274 23.19 40.73 12.59
CA PRO A 274 24.23 41.65 12.29
C PRO A 274 25.43 41.44 13.23
N PHE A 275 26.63 41.39 12.68
CA PHE A 275 27.80 41.00 13.48
C PHE A 275 27.89 41.85 14.72
N GLY A 276 27.92 41.21 15.88
CA GLY A 276 28.17 41.96 17.15
C GLY A 276 26.95 42.66 17.76
N ALA A 277 25.79 42.59 17.12
CA ALA A 277 24.61 43.32 17.62
C ALA A 277 23.89 42.59 18.77
N ASN A 278 23.53 41.34 18.53
CA ASN A 278 22.69 40.60 19.45
C ASN A 278 23.49 39.64 20.27
N THR A 279 23.96 40.15 21.40
CA THR A 279 24.88 39.42 22.25
C THR A 279 24.20 39.08 23.59
N GLY A 280 22.86 39.03 23.59
CA GLY A 280 22.11 38.57 24.75
C GLY A 280 22.02 39.54 25.90
N ASP A 281 22.27 40.81 25.65
CA ASP A 281 22.37 41.82 26.68
C ASP A 281 21.06 41.98 27.47
N ALA A 282 19.92 41.97 26.77
CA ALA A 282 18.63 42.09 27.44
C ALA A 282 18.26 40.83 28.22
N ILE A 283 18.58 39.66 27.67
CA ILE A 283 18.33 38.42 28.39
C ILE A 283 19.15 38.39 29.71
N SER A 284 20.43 38.78 29.65
CA SER A 284 21.23 38.88 30.84
C SER A 284 20.68 39.87 31.83
N ALA A 285 20.33 41.06 31.37
CA ALA A 285 19.76 42.05 32.24
C ALA A 285 18.49 41.54 32.93
N GLY A 286 17.70 40.74 32.22
CA GLY A 286 16.48 40.17 32.76
C GLY A 286 16.72 39.10 33.79
N ILE A 287 17.67 38.23 33.49
CA ILE A 287 18.10 37.24 34.45
C ILE A 287 18.56 37.91 35.76
N ALA A 288 19.27 39.01 35.63
CA ALA A 288 19.85 39.70 36.78
C ALA A 288 18.80 40.21 37.72
N VAL A 289 17.58 40.45 37.24
CA VAL A 289 16.51 40.93 38.12
C VAL A 289 15.53 39.85 38.48
N GLY A 290 15.86 38.59 38.20
CA GLY A 290 15.02 37.48 38.60
C GLY A 290 14.18 36.80 37.51
N GLY A 291 14.36 37.21 36.24
CA GLY A 291 13.62 36.60 35.16
C GLY A 291 14.06 35.17 34.90
N ALA A 292 13.10 34.28 34.73
CA ALA A 292 13.41 32.91 34.33
C ALA A 292 13.64 32.87 32.80
N THR A 293 14.26 31.79 32.35
CA THR A 293 14.57 31.64 30.94
C THR A 293 14.20 30.26 30.54
N ALA A 294 14.09 30.05 29.23
CA ALA A 294 13.71 28.76 28.70
C ALA A 294 14.17 28.68 27.25
N LEU A 295 14.31 27.44 26.78
CA LEU A 295 14.63 27.16 25.37
C LEU A 295 15.95 27.76 24.88
N LEU A 296 16.91 27.99 25.78
CA LEU A 296 18.16 28.65 25.39
C LEU A 296 19.02 27.83 24.44
N ASP A 297 18.82 26.52 24.39
CA ASP A 297 19.51 25.71 23.44
C ASP A 297 18.81 25.64 22.03
N GLN A 298 17.76 26.43 21.82
CA GLN A 298 17.03 26.49 20.58
C GLN A 298 17.29 27.74 19.76
N ALA A 299 17.18 27.58 18.45
CA ALA A 299 17.32 28.67 17.52
C ALA A 299 16.33 28.55 16.35
N TRP A 300 16.25 29.62 15.60
CA TRP A 300 15.62 29.61 14.27
C TRP A 300 16.73 29.19 13.33
N PHE A 301 16.81 27.89 13.08
CA PHE A 301 17.91 27.31 12.36
C PHE A 301 17.76 27.47 10.84
N CYS A 302 18.91 27.42 10.15
CA CYS A 302 18.92 27.29 8.70
C CYS A 302 20.23 26.72 8.25
N PRO A 303 20.25 26.05 7.10
CA PRO A 303 21.54 25.69 6.53
C PRO A 303 22.20 26.96 6.04
N GLY A 304 23.54 27.00 6.14
CA GLY A 304 24.27 28.16 5.71
C GLY A 304 25.37 27.71 4.76
N VAL A 305 25.57 28.46 3.70
CA VAL A 305 26.66 28.22 2.80
C VAL A 305 27.88 28.89 3.44
N GLU A 306 28.86 28.11 3.80
CA GLU A 306 30.08 28.65 4.45
C GLU A 306 30.81 29.62 3.53
N GLN A 307 31.21 30.76 4.08
CA GLN A 307 31.83 31.82 3.34
C GLN A 307 33.36 31.74 3.51
N PRO A 308 34.10 32.33 2.56
CA PRO A 308 35.56 32.46 2.68
C PRO A 308 36.04 32.99 4.03
N ASP A 309 35.33 33.96 4.61
CA ASP A 309 35.76 34.52 5.88
C ASP A 309 35.31 33.73 7.11
N GLY A 310 34.76 32.54 6.94
CA GLY A 310 34.28 31.73 8.08
C GLY A 310 32.79 31.96 8.45
N SER A 311 32.19 33.03 7.94
CA SER A 311 30.76 33.30 8.17
C SER A 311 29.89 32.45 7.27
N ALA A 312 28.57 32.70 7.27
CA ALA A 312 27.64 31.87 6.50
C ALA A 312 26.65 32.72 5.73
N ALA A 313 25.96 32.06 4.81
CA ALA A 313 24.90 32.68 4.05
C ALA A 313 23.68 31.80 4.16
N PHE A 314 22.54 32.43 4.40
CA PHE A 314 21.26 31.73 4.49
C PHE A 314 21.01 31.04 3.16
N MET A 315 20.86 29.72 3.20
CA MET A 315 20.50 28.95 2.05
C MET A 315 19.00 28.60 2.10
N VAL A 316 18.25 29.15 1.16
CA VAL A 316 16.78 28.94 1.12
C VAL A 316 16.35 28.68 -0.32
N GLY A 317 15.23 27.98 -0.49
CA GLY A 317 14.72 27.72 -1.83
C GLY A 317 15.64 26.83 -2.65
N VAL A 318 16.01 25.70 -2.06
CA VAL A 318 16.78 24.70 -2.75
C VAL A 318 15.97 24.22 -3.93
N ARG A 319 16.64 24.08 -5.10
CA ARG A 319 15.96 23.67 -6.32
C ARG A 319 16.74 22.66 -7.13
N GLY A 320 17.80 22.10 -6.56
CA GLY A 320 18.56 21.06 -7.22
C GLY A 320 19.66 20.53 -6.30
N GLY A 321 20.57 19.72 -6.84
CA GLY A 321 21.66 19.16 -6.10
C GLY A 321 21.16 18.13 -5.11
N LEU A 322 22.08 17.66 -4.29
CA LEU A 322 21.77 16.80 -3.15
C LEU A 322 22.81 17.13 -2.06
N VAL A 323 22.59 16.60 -0.86
CA VAL A 323 23.44 16.89 0.28
C VAL A 323 23.92 15.60 0.87
N VAL A 324 25.23 15.54 1.20
CA VAL A 324 25.78 14.38 1.88
C VAL A 324 26.50 14.76 3.17
N ASP A 325 26.53 13.79 4.07
CA ASP A 325 27.31 13.86 5.29
C ASP A 325 28.75 13.51 4.96
N SER A 326 29.62 13.43 5.95
CA SER A 326 31.06 13.20 5.67
C SER A 326 31.31 11.80 5.20
N ALA A 327 30.36 10.88 5.41
CA ALA A 327 30.41 9.54 4.84
C ALA A 327 29.90 9.47 3.37
N GLY A 328 29.59 10.62 2.76
CA GLY A 328 29.20 10.61 1.35
C GLY A 328 27.79 10.07 1.08
N GLU A 329 26.96 10.06 2.12
CA GLU A 329 25.59 9.61 2.00
C GLU A 329 24.55 10.67 2.28
N ARG A 330 23.45 10.57 1.54
CA ARG A 330 22.30 11.43 1.79
C ARG A 330 21.74 11.04 3.15
N TYR A 331 21.23 12.03 3.89
CA TYR A 331 20.59 11.73 5.18
C TYR A 331 19.33 12.52 5.43
N LEU A 332 18.94 13.41 4.51
CA LEU A 332 17.75 14.21 4.68
C LEU A 332 17.16 14.62 3.35
N ASN A 333 15.89 15.02 3.39
CA ASN A 333 15.26 15.71 2.30
C ASN A 333 15.79 17.15 2.18
N GLU A 334 16.56 17.41 1.13
CA GLU A 334 17.24 18.69 0.95
C GLU A 334 16.34 19.85 0.69
N SER A 335 15.09 19.54 0.32
CA SER A 335 14.08 20.54 0.08
C SER A 335 13.27 20.95 1.33
N LEU A 336 13.57 20.35 2.48
CA LEU A 336 12.93 20.75 3.73
C LEU A 336 13.01 22.22 4.04
N PRO A 337 11.96 22.75 4.69
CA PRO A 337 12.06 24.11 5.17
C PRO A 337 13.32 24.24 6.04
N TYR A 338 13.91 25.43 6.00
CA TYR A 338 15.28 25.65 6.53
C TYR A 338 15.47 25.21 7.98
N ASP A 339 14.48 25.44 8.84
CA ASP A 339 14.61 25.07 10.26
C ASP A 339 14.62 23.55 10.40
N GLN A 340 13.82 22.87 9.63
CA GLN A 340 13.80 21.41 9.66
C GLN A 340 15.08 20.85 9.07
N PHE A 341 15.60 21.53 8.05
CA PHE A 341 16.84 21.09 7.40
C PHE A 341 17.94 21.19 8.48
N GLY A 342 18.07 22.36 9.10
CA GLY A 342 19.02 22.60 10.15
C GLY A 342 18.93 21.62 11.32
N ARG A 343 17.73 21.38 11.79
CA ARG A 343 17.52 20.41 12.87
C ARG A 343 17.93 19.02 12.46
N ALA A 344 17.75 18.67 11.19
CA ALA A 344 18.17 17.32 10.73
C ALA A 344 19.70 17.23 10.69
N MET A 345 20.37 18.34 10.38
CA MET A 345 21.84 18.37 10.40
C MET A 345 22.29 18.10 11.82
N ASP A 346 21.75 18.85 12.75
CA ASP A 346 22.10 18.70 14.15
C ASP A 346 21.81 17.30 14.68
N ALA A 347 20.67 16.76 14.35
CA ALA A 347 20.35 15.39 14.79
C ALA A 347 21.29 14.35 14.22
N HIS A 348 21.76 14.54 12.99
CA HIS A 348 22.60 13.54 12.36
C HIS A 348 24.03 13.70 12.79
N ASP A 349 24.39 14.89 13.30
CA ASP A 349 25.78 15.22 13.52
C ASP A 349 26.37 14.42 14.65
N ASP A 350 27.52 13.84 14.39
CA ASP A 350 28.26 13.16 15.40
C ASP A 350 29.69 13.68 15.34
N ASN A 351 29.99 14.64 16.21
CA ASN A 351 31.33 15.24 16.31
C ASN A 351 31.84 15.73 14.95
N GLY A 352 30.92 16.34 14.19
CA GLY A 352 31.24 16.95 12.91
C GLY A 352 30.99 16.14 11.65
N SER A 353 30.38 14.97 11.78
CA SER A 353 30.00 14.19 10.58
C SER A 353 28.92 14.83 9.68
N ALA A 354 28.11 15.71 10.25
CA ALA A 354 27.07 16.40 9.45
C ALA A 354 27.18 17.91 9.47
N VAL A 355 28.12 18.44 10.28
CA VAL A 355 28.37 19.86 10.31
C VAL A 355 29.88 20.02 10.20
N PRO A 356 30.39 20.34 8.99
CA PRO A 356 29.70 20.62 7.75
C PRO A 356 29.07 19.40 7.07
N SER A 357 28.06 19.70 6.27
CA SER A 357 27.63 18.78 5.22
C SER A 357 28.09 19.33 3.88
N PHE A 358 27.90 18.54 2.84
CA PHE A 358 28.35 18.94 1.50
C PHE A 358 27.20 18.93 0.49
N MET A 359 26.93 20.08 -0.11
CA MET A 359 25.99 20.15 -1.19
C MET A 359 26.69 19.90 -2.55
N ILE A 360 26.25 18.84 -3.21
CA ILE A 360 26.81 18.33 -4.43
C ILE A 360 25.94 18.78 -5.58
N PHE A 361 26.53 19.41 -6.57
CA PHE A 361 25.78 19.88 -7.73
C PHE A 361 26.64 19.87 -8.99
N ASP A 362 26.01 20.01 -10.14
CA ASP A 362 26.74 19.99 -11.40
C ASP A 362 26.74 21.36 -12.02
N SER A 363 27.08 21.43 -13.31
CA SER A 363 27.21 22.71 -14.00
C SER A 363 25.92 23.12 -14.75
N ARG A 364 24.81 22.50 -14.45
CA ARG A 364 23.53 22.93 -15.03
C ARG A 364 23.32 24.45 -14.95
N GLU A 365 23.64 25.09 -13.84
CA GLU A 365 23.47 26.53 -13.73
C GLU A 365 24.80 27.26 -13.89
N GLY A 366 25.67 26.73 -14.75
CA GLY A 366 26.91 27.42 -15.08
C GLY A 366 27.88 27.54 -13.93
N GLY A 367 27.78 26.64 -12.93
CA GLY A 367 28.61 26.76 -11.74
C GLY A 367 27.91 27.35 -10.51
N GLY A 368 26.75 27.96 -10.70
CA GLY A 368 25.90 28.45 -9.62
C GLY A 368 25.33 27.32 -8.78
N LEU A 369 25.17 27.60 -7.51
CA LEU A 369 24.59 26.60 -6.58
C LEU A 369 23.07 26.71 -6.78
N PRO A 370 22.39 25.59 -6.89
CA PRO A 370 20.92 25.64 -7.12
C PRO A 370 20.08 25.92 -5.85
N ALA A 371 20.13 27.17 -5.39
CA ALA A 371 19.41 27.65 -4.22
C ALA A 371 19.61 29.14 -4.13
N ILE A 372 18.85 29.79 -3.26
CA ILE A 372 19.00 31.21 -3.01
C ILE A 372 19.93 31.31 -1.78
N CYS A 373 21.00 32.06 -1.92
CA CYS A 373 22.02 32.23 -0.88
C CYS A 373 22.02 33.68 -0.51
N ILE A 374 21.87 34.00 0.79
CA ILE A 374 21.84 35.40 1.21
C ILE A 374 22.87 35.64 2.33
N PRO A 375 23.93 36.41 2.04
CA PRO A 375 24.28 37.10 0.80
C PRO A 375 24.79 36.15 -0.27
N ASN A 376 24.85 36.66 -1.51
CA ASN A 376 25.05 35.81 -2.68
C ASN A 376 26.45 35.93 -3.25
N THR A 377 27.39 35.31 -2.57
CA THR A 377 28.76 35.35 -2.95
C THR A 377 28.98 34.60 -4.25
N ALA A 378 29.69 35.21 -5.19
CA ALA A 378 30.02 34.53 -6.46
C ALA A 378 30.77 33.22 -6.27
N PRO A 379 30.41 32.21 -7.06
CA PRO A 379 31.14 30.95 -7.09
C PRO A 379 32.66 31.07 -7.14
N ALA A 380 33.19 32.02 -7.92
CA ALA A 380 34.65 32.14 -8.06
C ALA A 380 35.32 32.42 -6.73
N LYS A 381 34.66 33.18 -5.86
CA LYS A 381 35.27 33.54 -4.58
C LYS A 381 35.30 32.34 -3.67
N HIS A 382 34.25 31.55 -3.72
CA HIS A 382 34.21 30.30 -2.98
C HIS A 382 35.29 29.34 -3.44
N LEU A 383 35.46 29.23 -4.75
CA LEU A 383 36.41 28.25 -5.29
C LEU A 383 37.85 28.69 -4.94
N GLU A 384 38.10 29.99 -5.02
CA GLU A 384 39.39 30.59 -4.69
C GLU A 384 39.73 30.34 -3.21
N ALA A 385 38.74 30.52 -2.35
CA ALA A 385 38.93 30.29 -0.93
C ALA A 385 38.87 28.82 -0.54
N GLY A 386 38.28 27.97 -1.36
CA GLY A 386 38.16 26.54 -1.00
C GLY A 386 36.93 26.13 -0.18
N THR A 387 36.03 27.07 0.05
CA THR A 387 34.73 26.71 0.61
C THR A 387 33.95 25.80 -0.33
N TRP A 388 34.09 26.04 -1.63
CA TRP A 388 33.62 25.10 -2.65
C TRP A 388 34.83 24.54 -3.33
N VAL A 389 34.68 23.29 -3.77
CA VAL A 389 35.65 22.64 -4.66
C VAL A 389 34.94 22.09 -5.88
N GLY A 390 35.65 22.13 -6.99
CA GLY A 390 35.17 21.64 -8.26
C GLY A 390 36.09 20.57 -8.78
N ALA A 391 35.53 19.67 -9.57
CA ALA A 391 36.31 18.61 -10.20
C ALA A 391 35.56 18.04 -11.42
N ASP A 392 36.32 17.48 -12.36
CA ASP A 392 35.73 16.92 -13.57
C ASP A 392 35.06 15.59 -13.31
N THR A 393 35.46 14.89 -12.25
CA THR A 393 34.81 13.64 -11.88
C THR A 393 34.44 13.59 -10.39
N LEU A 394 33.53 12.70 -10.05
CA LEU A 394 33.10 12.53 -8.67
C LEU A 394 34.21 11.93 -7.81
N GLU A 395 35.09 11.12 -8.40
CA GLU A 395 36.19 10.50 -7.66
C GLU A 395 37.13 11.57 -7.16
N GLU A 396 37.44 12.49 -8.05
CA GLU A 396 38.29 13.59 -7.69
C GLU A 396 37.60 14.51 -6.69
N LEU A 397 36.30 14.77 -6.89
CA LEU A 397 35.57 15.68 -6.00
C LEU A 397 35.64 15.11 -4.59
N ALA A 398 35.50 13.80 -4.48
CA ALA A 398 35.58 13.15 -3.22
C ALA A 398 36.93 13.36 -2.56
N ALA A 399 38.00 13.22 -3.31
CA ALA A 399 39.34 13.34 -2.77
C ALA A 399 39.52 14.73 -2.21
N LYS A 400 39.02 15.73 -2.93
CA LYS A 400 39.20 17.11 -2.54
C LYS A 400 38.37 17.50 -1.35
N THR A 401 37.35 16.73 -1.02
CA THR A 401 36.46 17.05 0.07
C THR A 401 36.59 16.11 1.25
N GLY A 402 37.31 15.03 1.09
CA GLY A 402 37.39 14.07 2.17
C GLY A 402 36.22 13.13 2.24
N LEU A 403 35.38 13.11 1.19
CA LEU A 403 34.32 12.12 1.07
C LEU A 403 34.84 10.80 0.47
N PRO A 404 34.27 9.64 0.88
CA PRO A 404 34.62 8.41 0.22
C PRO A 404 34.14 8.42 -1.22
N ALA A 405 35.04 8.10 -2.14
CA ALA A 405 34.71 8.16 -3.56
C ALA A 405 33.59 7.18 -3.96
N ASP A 406 33.67 5.95 -3.48
CA ASP A 406 32.67 4.99 -3.88
C ASP A 406 31.28 5.37 -3.38
N ALA A 407 31.22 5.77 -2.12
CA ALA A 407 29.93 6.18 -1.52
C ALA A 407 29.36 7.35 -2.27
N LEU A 408 30.19 8.34 -2.58
CA LEU A 408 29.72 9.52 -3.27
C LEU A 408 29.16 9.14 -4.63
N ARG A 409 29.93 8.40 -5.40
CA ARG A 409 29.49 7.97 -6.74
C ARG A 409 28.17 7.21 -6.66
N SER A 410 28.10 6.31 -5.72
CA SER A 410 26.94 5.49 -5.55
C SER A 410 25.70 6.32 -5.12
N THR A 411 25.93 7.27 -4.23
CA THR A 411 24.91 8.22 -3.80
C THR A 411 24.35 9.00 -4.97
N VAL A 412 25.23 9.53 -5.82
CA VAL A 412 24.79 10.32 -6.97
C VAL A 412 24.04 9.45 -8.01
N GLU A 413 24.54 8.25 -8.25
CA GLU A 413 23.86 7.35 -9.19
C GLU A 413 22.45 7.01 -8.72
N LYS A 414 22.32 6.71 -7.44
CA LYS A 414 21.04 6.40 -6.86
C LYS A 414 20.10 7.60 -6.94
N PHE A 415 20.59 8.78 -6.60
CA PHE A 415 19.78 9.98 -6.69
C PHE A 415 19.35 10.24 -8.15
N ASN A 416 20.27 10.06 -9.08
CA ASN A 416 19.91 10.25 -10.49
C ASN A 416 18.85 9.26 -10.97
N ASP A 417 18.86 8.01 -10.48
CA ASP A 417 17.80 7.07 -10.79
C ASP A 417 16.47 7.58 -10.24
N ALA A 418 16.49 8.09 -9.02
CA ALA A 418 15.31 8.66 -8.42
C ALA A 418 14.79 9.81 -9.26
N ALA A 419 15.68 10.69 -9.71
CA ALA A 419 15.26 11.78 -10.56
C ALA A 419 14.58 11.29 -11.86
N LYS A 420 15.14 10.24 -12.43
CA LYS A 420 14.59 9.63 -13.63
C LYS A 420 13.16 9.15 -13.36
N LEU A 421 12.95 8.38 -12.29
CA LEU A 421 11.62 7.90 -11.93
C LEU A 421 10.71 8.99 -11.40
N GLY A 422 11.27 10.08 -10.91
CA GLY A 422 10.48 11.16 -10.33
C GLY A 422 10.05 10.87 -8.92
N VAL A 423 10.68 9.88 -8.27
CA VAL A 423 10.37 9.54 -6.90
C VAL A 423 11.65 9.27 -6.10
N ASP A 424 11.72 9.89 -4.91
CA ASP A 424 12.83 9.71 -3.97
C ASP A 424 12.33 8.84 -2.87
N GLU A 425 12.53 7.53 -2.99
CA GLU A 425 12.00 6.60 -2.00
C GLU A 425 12.69 6.73 -0.68
N GLU A 426 13.93 7.21 -0.67
CA GLU A 426 14.71 7.21 0.56
C GLU A 426 14.29 8.38 1.47
N PHE A 427 14.19 9.60 0.94
CA PHE A 427 13.82 10.74 1.80
C PHE A 427 12.59 11.52 1.36
N HIS A 428 11.90 11.03 0.34
CA HIS A 428 10.61 11.59 -0.11
C HIS A 428 10.66 13.03 -0.51
N ARG A 429 11.81 13.47 -1.00
CA ARG A 429 11.93 14.82 -1.52
C ARG A 429 10.96 14.98 -2.71
N GLY A 430 10.40 16.17 -2.83
CA GLY A 430 9.47 16.46 -3.91
C GLY A 430 8.08 15.89 -3.70
N GLU A 431 7.62 15.78 -2.45
CA GLU A 431 6.27 15.29 -2.12
C GLU A 431 5.57 16.26 -1.17
N ASP A 432 5.69 17.56 -1.41
CA ASP A 432 5.20 18.56 -0.48
C ASP A 432 5.21 19.86 -1.24
N PRO A 433 4.20 20.70 -1.01
CA PRO A 433 4.15 21.98 -1.71
C PRO A 433 5.36 22.89 -1.45
N TYR A 434 5.98 22.78 -0.30
CA TYR A 434 7.19 23.60 -0.04
C TYR A 434 8.32 23.18 -1.00
N ASP A 435 8.50 21.88 -1.18
CA ASP A 435 9.55 21.37 -2.06
C ASP A 435 9.38 21.89 -3.50
N ALA A 436 8.13 21.91 -3.97
CA ALA A 436 7.81 22.28 -5.33
C ALA A 436 7.93 23.77 -5.54
N PHE A 437 7.65 24.53 -4.49
CA PHE A 437 7.44 25.96 -4.61
C PHE A 437 8.62 26.70 -5.27
N PHE A 438 9.83 26.22 -5.06
CA PHE A 438 11.02 26.95 -5.53
C PHE A 438 11.63 26.45 -6.84
N CYS A 439 11.05 25.40 -7.40
CA CYS A 439 11.59 24.74 -8.57
C CYS A 439 11.14 25.28 -9.88
N PRO A 440 12.08 25.48 -10.80
CA PRO A 440 11.69 25.98 -12.09
C PRO A 440 10.95 24.92 -12.92
N PRO A 441 10.27 25.38 -13.96
CA PRO A 441 9.53 24.52 -14.86
C PRO A 441 10.36 23.59 -15.65
N ASN A 442 9.64 22.70 -16.33
CA ASN A 442 10.16 21.87 -17.40
C ASN A 442 11.19 20.89 -16.87
N GLY A 443 11.21 20.65 -15.56
CA GLY A 443 11.96 19.52 -15.07
C GLY A 443 11.45 18.25 -15.77
N GLY A 444 11.62 17.12 -15.11
CA GLY A 444 11.19 15.86 -15.69
C GLY A 444 9.92 15.48 -14.96
N ALA A 445 9.90 14.27 -14.45
CA ALA A 445 8.76 13.77 -13.72
C ALA A 445 8.49 14.55 -12.42
N ASN A 446 9.55 14.90 -11.68
CA ASN A 446 9.44 15.67 -10.43
C ASN A 446 10.35 16.89 -10.44
N ALA A 447 9.73 18.06 -10.35
CA ALA A 447 10.45 19.32 -10.50
C ALA A 447 11.54 19.52 -9.42
N ALA A 448 11.39 18.84 -8.29
CA ALA A 448 12.37 18.93 -7.20
C ALA A 448 13.56 17.96 -7.33
N LEU A 449 13.50 17.02 -8.26
CA LEU A 449 14.52 16.00 -8.44
C LEU A 449 15.14 16.12 -9.84
N THR A 450 16.38 16.59 -9.89
CA THR A 450 17.12 16.81 -11.12
C THR A 450 18.48 16.14 -11.08
N ALA A 451 18.80 15.38 -12.13
CA ALA A 451 19.98 14.54 -12.15
C ALA A 451 21.24 15.38 -12.11
N ILE A 452 22.23 14.88 -11.41
CA ILE A 452 23.51 15.55 -11.26
C ILE A 452 24.47 14.80 -12.19
N GLU A 453 24.77 15.39 -13.34
CA GLU A 453 25.38 14.62 -14.42
C GLU A 453 26.18 15.39 -15.44
N ASN A 454 26.08 16.73 -15.46
CA ASN A 454 26.87 17.52 -16.41
C ASN A 454 27.99 18.28 -15.74
N GLY A 455 29.20 17.71 -15.83
CA GLY A 455 30.37 18.20 -15.13
C GLY A 455 30.84 19.49 -15.73
N PRO A 456 31.76 20.19 -15.06
CA PRO A 456 32.32 19.85 -13.74
C PRO A 456 31.26 19.75 -12.63
N PHE A 457 31.63 19.00 -11.59
CA PHE A 457 30.86 18.81 -10.38
C PHE A 457 31.43 19.63 -9.25
N TYR A 458 30.57 20.06 -8.34
CA TYR A 458 30.94 20.91 -7.24
C TYR A 458 30.43 20.38 -5.92
N ALA A 459 31.19 20.70 -4.85
CA ALA A 459 30.78 20.47 -3.47
C ALA A 459 30.96 21.76 -2.69
N ALA A 460 29.87 22.21 -2.07
CA ALA A 460 29.87 23.39 -1.25
C ALA A 460 29.66 23.00 0.22
N ARG A 461 30.43 23.59 1.12
CA ARG A 461 30.31 23.27 2.54
C ARG A 461 29.09 23.99 3.09
N ILE A 462 28.26 23.22 3.76
CA ILE A 462 27.03 23.70 4.39
C ILE A 462 27.14 23.53 5.89
N VAL A 463 26.93 24.64 6.59
CA VAL A 463 27.03 24.66 8.05
C VAL A 463 25.64 24.91 8.67
N LEU A 464 25.59 24.91 10.01
CA LEU A 464 24.31 25.11 10.76
C LEU A 464 24.20 26.56 11.18
N SER A 465 23.59 27.36 10.34
CA SER A 465 23.44 28.77 10.56
C SER A 465 22.13 29.00 11.36
N ASP A 466 21.80 30.27 11.57
CA ASP A 466 20.58 30.64 12.26
C ASP A 466 20.15 31.98 11.81
N LEU A 467 18.85 32.25 12.02
CA LEU A 467 18.27 33.55 11.77
C LEU A 467 17.90 34.21 13.13
N GLY A 468 18.78 34.01 14.10
CA GLY A 468 18.55 34.39 15.50
C GLY A 468 18.30 33.15 16.31
N THR A 469 18.54 33.23 17.61
CA THR A 469 18.14 32.18 18.57
C THR A 469 16.70 32.51 19.00
N LYS A 470 16.05 31.59 19.70
CA LYS A 470 14.65 31.75 20.09
C LYS A 470 14.42 31.41 21.57
N GLY A 471 15.49 31.21 22.33
CA GLY A 471 15.38 31.00 23.79
C GLY A 471 15.56 32.31 24.50
N GLY A 472 15.04 32.39 25.73
CA GLY A 472 15.18 33.65 26.45
C GLY A 472 14.28 33.74 27.63
N LEU A 473 13.90 34.96 27.96
CA LEU A 473 13.10 35.21 29.15
C LEU A 473 11.69 34.66 28.99
N VAL A 474 11.20 34.06 30.05
CA VAL A 474 9.83 33.52 30.09
C VAL A 474 8.88 34.68 30.19
N THR A 475 7.79 34.65 29.41
CA THR A 475 6.82 35.72 29.43
C THR A 475 5.40 35.18 29.44
N ASP A 476 4.45 36.02 29.81
CA ASP A 476 3.03 35.65 29.74
C ASP A 476 2.39 36.23 28.48
N VAL A 477 1.06 36.11 28.35
CA VAL A 477 0.37 36.54 27.16
C VAL A 477 0.49 38.01 26.89
N ASN A 478 0.91 38.80 27.88
CA ASN A 478 1.06 40.26 27.68
C ASN A 478 2.50 40.72 27.65
N GLY A 479 3.39 39.76 27.49
CA GLY A 479 4.80 40.05 27.39
C GLY A 479 5.54 40.28 28.69
N ARG A 480 4.88 40.05 29.81
CA ARG A 480 5.55 40.33 31.09
C ARG A 480 6.55 39.29 31.38
N VAL A 481 7.72 39.70 31.83
CA VAL A 481 8.75 38.77 32.19
C VAL A 481 8.37 38.08 33.53
N LEU A 482 8.46 36.76 33.55
CA LEU A 482 8.14 35.97 34.70
C LEU A 482 9.35 35.39 35.40
N ARG A 483 9.17 35.20 36.72
CA ARG A 483 10.18 34.56 37.54
C ARG A 483 9.95 33.05 37.44
N ALA A 484 10.85 32.31 38.03
CA ALA A 484 10.76 30.86 38.04
C ALA A 484 9.43 30.33 38.57
N ASP A 485 8.77 31.05 39.47
CA ASP A 485 7.48 30.60 40.02
C ASP A 485 6.30 31.04 39.19
N GLY A 486 6.55 31.78 38.13
CA GLY A 486 5.47 32.21 37.26
C GLY A 486 4.97 33.59 37.58
N SER A 487 5.50 34.22 38.62
CA SER A 487 5.06 35.55 38.99
C SER A 487 5.70 36.54 38.04
N ALA A 488 5.03 37.67 37.84
CA ALA A 488 5.47 38.70 36.93
C ALA A 488 6.32 39.74 37.58
N ILE A 489 7.40 40.13 36.92
CA ILE A 489 8.24 41.17 37.39
C ILE A 489 7.66 42.49 36.93
N ASP A 490 7.16 43.25 37.88
CA ASP A 490 6.45 44.47 37.59
C ASP A 490 7.30 45.44 36.79
N GLY A 491 6.74 46.04 35.74
CA GLY A 491 7.43 47.02 34.93
C GLY A 491 8.29 46.47 33.80
N LEU A 492 8.41 45.14 33.72
CA LEU A 492 9.34 44.52 32.76
C LEU A 492 8.66 43.64 31.75
N TYR A 493 8.93 43.93 30.47
CA TYR A 493 8.39 43.16 29.35
C TYR A 493 9.48 42.77 28.35
N ALA A 494 9.24 41.65 27.68
CA ALA A 494 10.14 41.16 26.64
C ALA A 494 9.33 40.58 25.47
N ALA A 495 9.88 40.75 24.27
CA ALA A 495 9.29 40.19 23.06
C ALA A 495 10.36 40.01 21.98
N GLY A 496 10.00 39.29 20.92
CA GLY A 496 10.98 38.86 19.92
C GLY A 496 11.93 37.87 20.56
N ASN A 497 13.16 37.86 20.09
CA ASN A 497 14.09 36.82 20.52
C ASN A 497 14.78 37.06 21.88
N THR A 498 14.51 38.20 22.49
CA THR A 498 14.83 38.39 23.91
C THR A 498 13.94 37.43 24.75
N SER A 499 12.76 37.05 24.22
CA SER A 499 11.83 36.15 24.89
C SER A 499 11.95 34.74 24.37
N ALA A 500 11.69 33.76 25.23
CA ALA A 500 11.53 32.37 24.81
C ALA A 500 10.28 32.20 23.94
N SER A 501 10.45 31.63 22.75
CA SER A 501 9.34 31.59 21.78
C SER A 501 8.26 30.62 22.14
N LEU A 502 7.00 31.03 21.95
CA LEU A 502 5.89 30.09 22.12
C LEU A 502 5.97 28.90 21.18
N SER A 503 6.72 29.05 20.09
CA SER A 503 6.86 27.98 19.10
C SER A 503 7.74 26.81 19.48
N GLY A 504 8.44 26.87 20.60
CA GLY A 504 9.24 25.73 21.04
C GLY A 504 10.27 25.30 20.00
N ARG A 505 10.26 24.02 19.67
CA ARG A 505 11.17 23.45 18.71
C ARG A 505 10.66 23.51 17.24
N PHE A 506 9.71 24.37 16.93
CA PHE A 506 9.06 24.40 15.63
C PHE A 506 9.12 25.78 15.00
N TYR A 507 9.29 25.83 13.67
CA TYR A 507 9.19 27.05 12.87
C TYR A 507 7.95 26.81 11.95
N PRO A 508 6.76 27.19 12.42
CA PRO A 508 5.54 26.78 11.72
C PRO A 508 5.39 27.22 10.28
N GLY A 509 5.83 28.42 9.96
CA GLY A 509 5.68 28.93 8.64
C GLY A 509 6.40 30.27 8.54
N PRO A 510 6.34 30.89 7.36
CA PRO A 510 7.08 32.10 7.14
C PRO A 510 6.56 33.23 7.98
N GLY A 511 7.46 33.96 8.62
CA GLY A 511 7.02 35.15 9.34
C GLY A 511 6.64 34.92 10.80
N VAL A 512 6.83 33.72 11.32
CA VAL A 512 6.59 33.50 12.75
C VAL A 512 7.49 34.30 13.70
N PRO A 513 8.81 34.43 13.38
CA PRO A 513 9.66 35.20 14.29
C PRO A 513 9.27 36.65 14.37
N LEU A 514 8.96 37.26 13.23
CA LEU A 514 8.53 38.66 13.25
C LEU A 514 7.09 38.79 13.81
N GLY A 515 6.24 37.83 13.48
CA GLY A 515 4.80 37.92 13.85
C GLY A 515 4.65 37.81 15.37
N THR A 516 5.34 36.86 15.98
CA THR A 516 5.33 36.75 17.44
C THR A 516 5.92 38.01 18.07
N ALA A 517 7.01 38.50 17.51
CA ALA A 517 7.66 39.65 18.07
C ALA A 517 6.70 40.82 18.08
N MET A 518 5.99 40.99 16.96
CA MET A 518 5.13 42.13 16.81
C MET A 518 3.86 42.04 17.69
N VAL A 519 3.28 40.86 17.79
CA VAL A 519 2.06 40.70 18.59
C VAL A 519 2.39 40.95 20.07
N PHE A 520 3.47 40.36 20.57
CA PHE A 520 3.75 40.52 22.01
C PHE A 520 4.31 41.85 22.39
N SER A 521 4.94 42.55 21.44
CA SER A 521 5.33 43.92 21.69
C SER A 521 4.13 44.85 21.78
N TYR A 522 3.16 44.63 20.90
CA TYR A 522 1.88 45.33 20.95
C TYR A 522 1.17 45.05 22.26
N ARG A 523 1.06 43.79 22.64
CA ARG A 523 0.36 43.44 23.88
C ARG A 523 1.05 44.02 25.10
N ALA A 524 2.38 44.02 25.14
CA ALA A 524 3.11 44.63 26.21
C ALA A 524 2.79 46.11 26.33
N ALA A 525 2.80 46.82 25.20
CA ALA A 525 2.50 48.23 25.21
C ALA A 525 1.04 48.48 25.66
N GLN A 526 0.13 47.63 25.25
CA GLN A 526 -1.27 47.75 25.68
C GLN A 526 -1.40 47.55 27.21
N ASP A 527 -0.66 46.58 27.73
CA ASP A 527 -0.63 46.33 29.17
C ASP A 527 -0.09 47.53 29.95
N MET A 528 1.00 48.10 29.46
CA MET A 528 1.56 49.31 30.05
C MET A 528 0.61 50.50 30.02
N ALA A 529 -0.30 50.53 29.05
CA ALA A 529 -1.23 51.61 28.91
C ALA A 529 -2.45 51.50 29.86
N LYS A 530 -2.75 50.32 30.40
CA LYS A 530 -3.93 50.14 31.32
C LYS A 530 -4.01 51.16 32.46
N ASP B 23 36.43 24.58 -43.26
CA ASP B 23 36.62 26.06 -43.31
C ASP B 23 35.77 26.76 -42.22
N TRP B 24 34.46 26.78 -42.44
CA TRP B 24 33.54 27.36 -41.48
C TRP B 24 33.17 26.42 -40.38
N THR B 25 33.19 26.88 -39.14
CA THR B 25 32.83 26.05 -37.99
C THR B 25 31.33 26.01 -37.79
N SER B 26 30.68 27.15 -38.01
CA SER B 26 29.22 27.17 -38.10
C SER B 26 28.76 28.30 -38.99
N GLU B 27 27.46 28.34 -39.21
CA GLU B 27 26.81 29.27 -40.14
C GLU B 27 25.59 29.81 -39.50
N CYS B 28 25.28 31.06 -39.80
CA CYS B 28 24.00 31.62 -39.46
C CYS B 28 23.68 32.71 -40.47
N ASP B 29 22.47 33.20 -40.43
CA ASP B 29 22.08 34.37 -41.19
C ASP B 29 22.66 35.67 -40.62
N VAL B 30 22.50 35.88 -39.32
CA VAL B 30 22.86 37.13 -38.68
C VAL B 30 23.75 36.82 -37.48
N LEU B 31 24.96 37.34 -37.51
CA LEU B 31 25.90 37.18 -36.42
C LEU B 31 25.97 38.46 -35.62
N VAL B 32 25.65 38.36 -34.34
CA VAL B 32 25.61 39.53 -33.47
C VAL B 32 26.75 39.44 -32.45
N VAL B 33 27.54 40.47 -32.42
CA VAL B 33 28.68 40.52 -31.50
C VAL B 33 28.33 41.47 -30.35
N GLY B 34 28.33 40.94 -29.13
CA GLY B 34 27.87 41.68 -27.96
C GLY B 34 26.49 41.22 -27.50
N SER B 35 26.09 41.65 -26.30
CA SER B 35 24.83 41.25 -25.67
C SER B 35 24.20 42.33 -24.78
N GLY B 36 24.46 43.61 -25.07
CA GLY B 36 23.80 44.71 -24.43
C GLY B 36 22.38 44.86 -25.04
N GLY B 37 21.70 45.93 -24.67
CA GLY B 37 20.32 46.17 -25.11
C GLY B 37 20.22 46.21 -26.64
N GLY B 38 21.12 46.97 -27.28
CA GLY B 38 21.19 47.04 -28.74
C GLY B 38 21.37 45.67 -29.36
N ALA B 39 22.44 44.98 -29.01
CA ALA B 39 22.73 43.69 -29.59
C ALA B 39 21.53 42.76 -29.49
N LEU B 40 20.92 42.67 -28.30
CA LEU B 40 19.85 41.70 -28.14
C LEU B 40 18.60 42.13 -28.91
N THR B 41 18.39 43.43 -29.05
CA THR B 41 17.28 43.93 -29.82
C THR B 41 17.49 43.59 -31.31
N GLY B 42 18.74 43.72 -31.78
CA GLY B 42 19.10 43.35 -33.17
C GLY B 42 18.92 41.87 -33.36
N ALA B 43 19.40 41.09 -32.42
CA ALA B 43 19.22 39.63 -32.47
C ALA B 43 17.77 39.24 -32.49
N TYR B 44 16.98 39.87 -31.63
CA TYR B 44 15.55 39.57 -31.61
C TYR B 44 14.87 39.89 -32.95
N THR B 45 15.14 41.07 -33.45
CA THR B 45 14.55 41.53 -34.69
C THR B 45 14.81 40.54 -35.82
N ALA B 46 16.04 40.03 -35.88
CA ALA B 46 16.41 39.06 -36.90
C ALA B 46 15.72 37.74 -36.66
N ALA B 47 15.89 37.22 -35.46
CA ALA B 47 15.41 35.86 -35.15
C ALA B 47 13.88 35.78 -35.17
N ALA B 48 13.19 36.84 -34.80
CA ALA B 48 11.74 36.82 -34.77
C ALA B 48 11.13 36.76 -36.17
N GLN B 49 11.86 37.19 -37.20
CA GLN B 49 11.36 37.07 -38.58
C GLN B 49 12.02 35.93 -39.31
N GLY B 50 12.52 34.94 -38.58
CA GLY B 50 12.96 33.68 -39.18
C GLY B 50 14.44 33.56 -39.53
N LEU B 51 15.23 34.61 -39.34
CA LEU B 51 16.66 34.52 -39.64
C LEU B 51 17.40 33.81 -38.50
N THR B 52 18.17 32.79 -38.81
CA THR B 52 19.00 32.15 -37.79
C THR B 52 20.09 33.13 -37.27
N THR B 53 20.23 33.19 -35.94
CA THR B 53 21.00 34.22 -35.29
C THR B 53 21.92 33.60 -34.25
N ILE B 54 23.17 34.04 -34.23
CA ILE B 54 24.13 33.69 -33.18
C ILE B 54 24.60 34.96 -32.48
N VAL B 55 24.50 34.95 -31.15
CA VAL B 55 24.91 36.07 -30.31
C VAL B 55 26.19 35.64 -29.59
N LEU B 56 27.22 36.42 -29.74
CA LEU B 56 28.50 36.16 -29.11
C LEU B 56 28.78 37.18 -28.00
N GLU B 57 28.86 36.70 -26.76
CA GLU B 57 29.23 37.56 -25.62
C GLU B 57 30.62 37.16 -25.12
N LYS B 58 31.49 38.15 -25.02
CA LYS B 58 32.90 37.95 -24.58
C LYS B 58 33.03 37.34 -23.20
N THR B 59 32.25 37.86 -22.22
CA THR B 59 32.40 37.46 -20.82
C THR B 59 31.48 36.31 -20.48
N ASP B 60 31.47 35.90 -19.22
CA ASP B 60 30.56 34.80 -18.82
C ASP B 60 29.13 35.29 -18.50
N ARG B 61 28.82 36.57 -18.69
CA ARG B 61 27.46 37.10 -18.48
C ARG B 61 27.01 37.98 -19.60
N PHE B 62 25.71 37.92 -19.88
CA PHE B 62 25.09 38.78 -20.88
C PHE B 62 24.76 40.13 -20.30
N GLY B 63 24.91 41.17 -21.11
CA GLY B 63 24.30 42.45 -20.83
C GLY B 63 25.18 43.63 -20.77
N GLY B 64 26.46 43.43 -20.43
CA GLY B 64 27.39 44.53 -20.34
C GLY B 64 26.97 45.64 -19.45
N THR B 65 27.34 46.85 -19.84
CA THR B 65 26.94 48.04 -19.16
C THR B 65 25.41 48.21 -19.20
N SER B 66 24.77 47.70 -20.24
CA SER B 66 23.33 47.79 -20.34
C SER B 66 22.71 47.15 -19.10
N ALA B 67 23.29 46.04 -18.66
CA ALA B 67 22.78 45.34 -17.46
C ALA B 67 22.92 46.23 -16.22
N TYR B 68 24.03 46.95 -16.14
CA TYR B 68 24.25 47.89 -15.04
C TYR B 68 23.27 49.08 -15.03
N SER B 69 22.69 49.39 -16.20
CA SER B 69 22.02 50.66 -16.39
C SER B 69 20.69 50.69 -15.61
N GLY B 70 20.11 51.86 -15.53
CA GLY B 70 18.74 52.02 -15.03
C GLY B 70 17.65 51.62 -16.03
N ALA B 71 18.06 51.33 -17.27
CA ALA B 71 17.17 50.94 -18.35
C ALA B 71 16.09 51.96 -18.69
N SER B 72 16.40 53.24 -18.51
CA SER B 72 15.62 54.29 -19.08
C SER B 72 15.98 54.26 -20.59
N ILE B 73 14.95 54.38 -21.45
CA ILE B 73 15.15 54.29 -22.88
C ILE B 73 14.46 55.43 -23.59
N TRP B 74 15.23 56.24 -24.33
CA TRP B 74 14.67 57.37 -25.02
C TRP B 74 14.21 56.92 -26.38
N LEU B 75 12.95 56.46 -26.39
CA LEU B 75 12.24 56.04 -27.58
C LEU B 75 10.88 56.77 -27.60
N PRO B 76 10.84 58.00 -28.15
CA PRO B 76 9.71 58.88 -28.00
C PRO B 76 8.57 58.55 -28.94
N GLY B 77 7.38 59.00 -28.54
CA GLY B 77 6.20 58.97 -29.43
C GLY B 77 5.73 57.60 -29.75
N THR B 78 5.81 56.69 -28.82
CA THR B 78 5.42 55.31 -29.07
C THR B 78 4.12 54.98 -28.35
N GLN B 79 3.69 53.75 -28.52
CA GLN B 79 2.47 53.28 -27.85
C GLN B 79 2.58 53.34 -26.32
N VAL B 80 3.82 53.30 -25.81
CA VAL B 80 4.02 53.23 -24.37
C VAL B 80 3.64 54.57 -23.77
N GLN B 81 4.12 55.67 -24.34
CA GLN B 81 3.78 56.99 -23.86
C GLN B 81 2.31 57.37 -24.16
N GLU B 82 1.75 56.85 -25.23
CA GLU B 82 0.29 56.97 -25.47
C GLU B 82 -0.53 56.38 -24.32
N ARG B 83 -0.18 55.19 -23.84
CA ARG B 83 -0.85 54.61 -22.68
C ARG B 83 -0.83 55.57 -21.46
N ALA B 84 0.23 56.34 -21.31
CA ALA B 84 0.37 57.19 -20.13
C ALA B 84 -0.22 58.56 -20.38
N GLY B 85 -0.82 58.76 -21.56
CA GLY B 85 -1.44 60.03 -21.87
C GLY B 85 -0.48 61.18 -21.97
N LEU B 86 0.76 60.88 -22.34
CA LEU B 86 1.77 61.88 -22.36
C LEU B 86 1.59 62.79 -23.56
N PRO B 87 1.52 64.10 -23.35
CA PRO B 87 1.45 65.02 -24.47
C PRO B 87 2.78 65.26 -25.16
N ASP B 88 3.10 64.40 -26.12
CA ASP B 88 4.36 64.47 -26.83
C ASP B 88 4.16 63.79 -28.17
N SER B 89 5.11 63.96 -29.07
CA SER B 89 5.02 63.31 -30.36
C SER B 89 6.40 63.18 -31.00
N THR B 90 6.44 62.36 -32.03
CA THR B 90 7.58 62.25 -32.90
C THR B 90 8.12 63.63 -33.33
N GLU B 91 7.28 64.53 -33.77
CA GLU B 91 7.77 65.84 -34.21
C GLU B 91 8.30 66.67 -33.08
N ASN B 92 7.70 66.55 -31.90
CA ASN B 92 8.18 67.34 -30.75
C ASN B 92 9.60 66.87 -30.40
N ALA B 93 9.80 65.55 -30.44
CA ALA B 93 11.10 64.94 -30.14
C ALA B 93 12.13 65.30 -31.18
N ARG B 94 11.71 65.29 -32.45
CA ARG B 94 12.58 65.72 -33.55
C ARG B 94 13.01 67.15 -33.39
N THR B 95 12.08 68.00 -32.98
CA THR B 95 12.39 69.41 -32.74
C THR B 95 13.42 69.59 -31.63
N TYR B 96 13.31 68.77 -30.59
CA TYR B 96 14.25 68.84 -29.47
C TYR B 96 15.68 68.48 -29.92
N LEU B 97 15.82 67.33 -30.57
CA LEU B 97 17.14 66.93 -31.10
C LEU B 97 17.70 67.97 -32.01
N ARG B 98 16.89 68.48 -32.91
CA ARG B 98 17.39 69.47 -33.88
C ARG B 98 17.86 70.72 -33.17
N ALA B 99 17.13 71.13 -32.15
CA ALA B 99 17.49 72.32 -31.40
C ALA B 99 18.82 72.15 -30.69
N LEU B 100 19.08 70.96 -30.15
CA LEU B 100 20.36 70.68 -29.45
C LEU B 100 21.55 70.36 -30.34
N LEU B 101 21.30 69.47 -31.28
CA LEU B 101 22.35 68.88 -32.11
C LEU B 101 22.65 69.65 -33.40
N GLY B 102 21.72 70.49 -33.84
CA GLY B 102 21.83 71.11 -35.15
C GLY B 102 21.68 70.09 -36.25
N ASP B 103 22.19 70.43 -37.43
CA ASP B 103 21.98 69.62 -38.63
C ASP B 103 22.97 68.51 -38.80
N ALA B 104 24.06 68.54 -38.04
CA ALA B 104 24.99 67.42 -38.00
C ALA B 104 24.23 66.14 -37.63
N GLU B 105 24.24 65.21 -38.57
CA GLU B 105 23.59 63.90 -38.40
C GLU B 105 22.07 63.96 -38.42
N SER B 106 21.53 64.96 -39.11
CA SER B 106 20.09 65.10 -39.16
C SER B 106 19.36 63.90 -39.71
N GLU B 107 19.94 63.22 -40.69
CA GLU B 107 19.27 62.05 -41.23
C GLU B 107 19.16 60.94 -40.21
N ARG B 108 20.21 60.77 -39.43
CA ARG B 108 20.20 59.75 -38.38
C ARG B 108 19.28 60.18 -37.20
N GLN B 109 19.25 61.47 -36.87
CA GLN B 109 18.28 62.01 -35.92
C GLN B 109 16.86 61.68 -36.35
N ASP B 110 16.60 61.84 -37.65
CA ASP B 110 15.27 61.51 -38.20
C ASP B 110 14.99 60.05 -38.08
N ALA B 111 15.94 59.20 -38.45
CA ALA B 111 15.70 57.75 -38.41
C ALA B 111 15.47 57.29 -36.95
N TYR B 112 16.16 57.94 -36.03
CA TYR B 112 16.09 57.58 -34.61
C TYR B 112 14.66 57.81 -34.10
N VAL B 113 14.16 59.03 -34.24
CA VAL B 113 12.82 59.34 -33.75
C VAL B 113 11.74 58.67 -34.55
N GLU B 114 11.92 58.56 -35.87
CA GLU B 114 10.87 57.96 -36.72
C GLU B 114 10.72 56.50 -36.49
N THR B 115 11.79 55.82 -36.09
CA THR B 115 11.74 54.35 -35.96
C THR B 115 11.36 53.86 -34.56
N ALA B 116 11.46 54.74 -33.57
CA ALA B 116 11.20 54.35 -32.18
C ALA B 116 9.89 53.64 -31.97
N PRO B 117 8.78 54.16 -32.54
CA PRO B 117 7.51 53.42 -32.42
C PRO B 117 7.52 51.99 -32.91
N ALA B 118 8.11 51.74 -34.07
CA ALA B 118 8.15 50.38 -34.60
C ALA B 118 8.98 49.44 -33.74
N VAL B 119 10.09 49.94 -33.22
CA VAL B 119 10.92 49.11 -32.35
C VAL B 119 10.15 48.69 -31.12
N VAL B 120 9.53 49.67 -30.48
CA VAL B 120 8.75 49.38 -29.27
C VAL B 120 7.62 48.42 -29.57
N ALA B 121 6.92 48.64 -30.68
CA ALA B 121 5.79 47.78 -31.07
C ALA B 121 6.22 46.37 -31.27
N LEU B 122 7.33 46.17 -31.98
CA LEU B 122 7.83 44.83 -32.20
C LEU B 122 8.16 44.16 -30.86
N LEU B 123 8.90 44.89 -30.02
CA LEU B 123 9.40 44.28 -28.77
C LEU B 123 8.23 43.94 -27.84
N GLU B 124 7.30 44.89 -27.67
CA GLU B 124 6.12 44.62 -26.80
C GLU B 124 5.18 43.56 -27.34
N GLN B 125 5.35 43.17 -28.61
CA GLN B 125 4.57 42.05 -29.14
C GLN B 125 5.07 40.76 -28.56
N ASN B 126 6.29 40.73 -28.05
CA ASN B 126 6.76 39.52 -27.39
C ASN B 126 6.18 39.43 -25.96
N PRO B 127 5.67 38.28 -25.58
CA PRO B 127 5.12 38.13 -24.22
C PRO B 127 6.12 38.44 -23.07
N ASN B 128 7.42 38.35 -23.32
CA ASN B 128 8.43 38.61 -22.29
C ASN B 128 8.79 40.04 -22.12
N ILE B 129 8.28 40.91 -22.95
CA ILE B 129 8.65 42.31 -22.89
C ILE B 129 7.46 43.24 -22.68
N GLU B 130 7.60 44.16 -21.73
CA GLU B 130 6.68 45.26 -21.55
C GLU B 130 7.43 46.41 -20.92
N PHE B 131 7.11 47.63 -21.35
CA PHE B 131 7.67 48.87 -20.85
C PHE B 131 6.60 49.75 -20.22
N GLU B 132 7.03 50.77 -19.50
CA GLU B 132 6.14 51.85 -19.07
C GLU B 132 6.88 53.17 -19.06
N PHE B 133 6.17 54.28 -19.23
CA PHE B 133 6.75 55.61 -19.10
C PHE B 133 7.18 55.82 -17.64
N ARG B 134 8.31 56.48 -17.40
CA ARG B 134 8.71 56.88 -16.05
C ARG B 134 9.28 58.25 -16.14
N ALA B 135 8.78 59.13 -15.29
CA ALA B 135 9.17 60.52 -15.30
C ALA B 135 10.63 60.66 -14.96
N PHE B 136 11.32 61.48 -15.73
CA PHE B 136 12.71 61.82 -15.52
C PHE B 136 12.97 62.87 -16.58
N PRO B 137 13.30 64.10 -16.18
CA PRO B 137 13.36 65.16 -17.16
C PRO B 137 14.44 65.00 -18.27
N ASP B 138 14.13 65.47 -19.48
CA ASP B 138 15.15 65.74 -20.47
C ASP B 138 16.17 66.73 -19.92
N TYR B 139 17.36 66.75 -20.50
CA TYR B 139 18.53 67.36 -19.85
C TYR B 139 18.88 68.78 -20.25
N TYR B 140 18.28 69.30 -21.32
CA TYR B 140 18.57 70.69 -21.79
C TYR B 140 17.31 71.54 -22.02
N LYS B 141 17.43 72.83 -21.72
CA LYS B 141 16.37 73.80 -22.02
C LYS B 141 16.42 73.96 -23.50
N ALA B 142 15.35 73.58 -24.17
CA ALA B 142 15.28 73.82 -25.60
C ALA B 142 13.86 73.47 -26.04
N GLU B 143 13.48 73.99 -27.20
CA GLU B 143 12.17 73.70 -27.77
C GLU B 143 12.04 72.20 -27.92
N GLY B 144 10.91 71.65 -27.48
CA GLY B 144 10.70 70.21 -27.50
C GLY B 144 11.06 69.43 -26.23
N ARG B 145 11.76 70.07 -25.29
CA ARG B 145 12.14 69.41 -24.02
C ARG B 145 10.88 68.96 -23.31
N MET B 146 10.89 67.77 -22.73
CA MET B 146 9.84 67.36 -21.81
C MET B 146 10.38 67.54 -20.38
N ASP B 147 9.79 68.46 -19.64
CA ASP B 147 10.24 68.79 -18.30
C ASP B 147 10.05 67.61 -17.34
N THR B 148 9.09 66.75 -17.64
CA THR B 148 8.85 65.48 -16.91
C THR B 148 9.46 64.26 -17.61
N GLY B 149 9.95 64.47 -18.81
CA GLY B 149 10.52 63.39 -19.60
C GLY B 149 9.56 62.73 -20.53
N ARG B 150 10.13 61.83 -21.35
CA ARG B 150 9.38 60.98 -22.28
C ARG B 150 9.97 59.57 -22.36
N SER B 151 10.84 59.18 -21.43
CA SER B 151 11.54 57.89 -21.54
C SER B 151 10.83 56.79 -20.88
N ILE B 152 11.16 55.58 -21.26
CA ILE B 152 10.44 54.41 -20.85
C ILE B 152 11.36 53.37 -20.27
N ASN B 153 10.81 52.42 -19.54
CA ASN B 153 11.60 51.45 -18.77
C ASN B 153 10.94 50.11 -18.83
N PRO B 154 11.73 49.04 -18.88
CA PRO B 154 11.12 47.71 -18.78
C PRO B 154 10.52 47.47 -17.39
N LEU B 155 9.43 46.71 -17.32
CA LEU B 155 8.84 46.37 -16.01
C LEU B 155 9.77 45.46 -15.23
N ASP B 156 9.70 45.57 -13.90
CA ASP B 156 10.44 44.67 -13.02
C ASP B 156 10.14 43.27 -13.45
N LEU B 157 11.09 42.37 -13.28
CA LEU B 157 10.95 41.00 -13.69
C LEU B 157 11.27 40.06 -12.54
N ASP B 158 10.40 39.11 -12.29
CA ASP B 158 10.68 38.05 -11.31
C ASP B 158 11.64 37.09 -11.98
N PRO B 159 12.81 36.86 -11.36
CA PRO B 159 13.82 36.00 -11.99
C PRO B 159 13.37 34.60 -12.23
N ALA B 160 12.44 34.13 -11.40
CA ALA B 160 11.80 32.83 -11.60
C ALA B 160 11.05 32.73 -12.94
N ASP B 161 10.69 33.85 -13.53
CA ASP B 161 9.88 33.80 -14.78
C ASP B 161 10.68 33.60 -16.07
N ILE B 162 12.01 33.58 -15.99
CA ILE B 162 12.86 33.36 -17.20
C ILE B 162 13.81 32.20 -16.99
N GLY B 163 13.54 31.40 -15.96
CA GLY B 163 14.26 30.16 -15.74
C GLY B 163 15.74 30.34 -15.55
N ASP B 164 16.50 29.53 -16.29
CA ASP B 164 17.96 29.52 -16.15
C ASP B 164 18.62 30.79 -16.75
N LEU B 165 17.87 31.64 -17.43
CA LEU B 165 18.47 32.84 -18.04
C LEU B 165 18.87 33.85 -16.99
N ALA B 166 18.19 33.85 -15.83
CA ALA B 166 18.43 34.89 -14.87
C ALA B 166 19.90 34.87 -14.40
N GLY B 167 20.41 33.68 -14.19
CA GLY B 167 21.76 33.46 -13.75
C GLY B 167 22.80 33.76 -14.82
N LYS B 168 22.37 34.08 -16.05
CA LYS B 168 23.28 34.45 -17.13
C LYS B 168 23.31 35.95 -17.36
N VAL B 169 22.50 36.71 -16.61
CA VAL B 169 22.47 38.15 -16.70
C VAL B 169 23.48 38.75 -15.73
N ARG B 170 24.23 39.74 -16.20
CA ARG B 170 25.23 40.37 -15.38
C ARG B 170 24.51 41.07 -14.23
N PRO B 171 25.08 40.97 -12.99
CA PRO B 171 24.39 41.62 -11.85
C PRO B 171 24.69 43.10 -11.77
N GLU B 172 23.85 43.81 -11.00
CA GLU B 172 24.00 45.22 -10.79
C GLU B 172 25.39 45.55 -10.21
N LEU B 173 25.81 46.81 -10.38
CA LEU B 173 27.11 47.27 -9.93
C LEU B 173 27.36 47.00 -8.44
N ASP B 174 26.32 47.19 -7.64
CA ASP B 174 26.43 47.01 -6.15
C ASP B 174 26.70 45.56 -5.79
N GLN B 175 26.50 44.64 -6.74
CA GLN B 175 26.84 43.25 -6.53
C GLN B 175 28.12 42.87 -7.32
N ASP B 176 28.23 43.38 -8.55
CA ASP B 176 29.17 42.82 -9.50
C ASP B 176 30.62 43.17 -9.11
N ARG B 177 30.84 44.32 -8.49
CA ARG B 177 32.19 44.75 -8.13
C ARG B 177 32.61 44.37 -6.69
N THR B 178 31.83 43.52 -6.04
CA THR B 178 32.12 43.07 -4.68
C THR B 178 32.06 41.55 -4.67
N GLY B 179 32.16 40.93 -5.82
CA GLY B 179 32.25 39.46 -5.85
C GLY B 179 30.97 38.76 -5.52
N GLN B 180 29.86 39.34 -6.00
CA GLN B 180 28.53 38.83 -5.73
C GLN B 180 27.69 38.65 -6.99
N ASP B 181 26.71 37.78 -6.90
CA ASP B 181 25.69 37.57 -7.92
C ASP B 181 24.43 38.33 -7.49
N HIS B 182 23.30 38.14 -8.17
CA HIS B 182 22.11 38.94 -7.90
C HIS B 182 21.69 38.88 -6.44
N ALA B 183 21.36 40.02 -5.91
CA ALA B 183 20.67 40.09 -4.62
C ALA B 183 19.21 39.61 -4.73
N PRO B 184 18.55 39.40 -3.60
CA PRO B 184 17.23 38.70 -3.61
C PRO B 184 16.00 39.34 -4.22
N GLY B 185 15.95 40.63 -4.44
CA GLY B 185 14.67 41.12 -5.04
C GLY B 185 14.36 40.73 -6.52
N PRO B 186 13.36 41.38 -7.09
CA PRO B 186 13.18 41.25 -8.54
C PRO B 186 14.39 41.78 -9.35
N MET B 187 14.45 41.41 -10.62
CA MET B 187 15.37 42.03 -11.56
C MET B 187 14.77 43.34 -11.99
N ILE B 188 15.52 44.42 -11.81
CA ILE B 188 15.05 45.72 -12.15
C ILE B 188 16.05 46.41 -13.04
N GLY B 189 15.66 47.55 -13.58
CA GLY B 189 16.52 48.34 -14.44
C GLY B 189 17.13 47.49 -15.56
N GLY B 190 18.45 47.63 -15.75
CA GLY B 190 19.16 46.91 -16.77
C GLY B 190 19.04 45.41 -16.63
N ARG B 191 18.91 44.88 -15.41
CA ARG B 191 18.80 43.41 -15.28
C ARG B 191 17.42 42.93 -15.83
N ALA B 192 16.39 43.76 -15.64
CA ALA B 192 15.07 43.45 -16.23
C ALA B 192 15.14 43.60 -17.77
N LEU B 193 15.80 44.66 -18.24
CA LEU B 193 15.93 44.85 -19.69
C LEU B 193 16.57 43.66 -20.34
N ILE B 194 17.72 43.27 -19.83
CA ILE B 194 18.49 42.20 -20.42
C ILE B 194 17.82 40.85 -20.21
N GLY B 195 17.29 40.61 -19.02
CA GLY B 195 16.59 39.33 -18.77
C GLY B 195 15.37 39.16 -19.69
N ARG B 196 14.61 40.23 -19.91
CA ARG B 196 13.41 40.19 -20.81
C ARG B 196 13.86 40.01 -22.28
N LEU B 197 14.87 40.78 -22.70
CA LEU B 197 15.42 40.65 -24.08
C LEU B 197 15.94 39.25 -24.37
N LEU B 198 16.68 38.67 -23.42
CA LEU B 198 17.16 37.30 -23.55
C LEU B 198 16.05 36.31 -23.69
N ALA B 199 15.06 36.40 -22.82
CA ALA B 199 13.91 35.49 -22.88
C ALA B 199 13.21 35.62 -24.26
N ALA B 200 13.06 36.84 -24.74
CA ALA B 200 12.46 37.10 -26.08
C ALA B 200 13.27 36.46 -27.20
N VAL B 201 14.59 36.64 -27.16
CA VAL B 201 15.50 36.07 -28.14
C VAL B 201 15.42 34.57 -28.11
N GLN B 202 15.48 34.00 -26.91
CA GLN B 202 15.39 32.53 -26.77
C GLN B 202 14.07 31.98 -27.28
N SER B 203 12.98 32.69 -27.02
CA SER B 203 11.64 32.22 -27.37
C SER B 203 11.47 32.03 -28.86
N THR B 204 12.23 32.74 -29.69
CA THR B 204 12.07 32.64 -31.15
C THR B 204 12.41 31.26 -31.66
N GLY B 205 13.22 30.52 -30.92
CA GLY B 205 13.73 29.25 -31.40
C GLY B 205 14.67 29.40 -32.59
N LYS B 206 15.07 30.63 -32.93
CA LYS B 206 15.98 30.87 -34.06
C LYS B 206 17.36 31.41 -33.65
N ALA B 207 17.66 31.42 -32.35
CA ALA B 207 18.82 32.12 -31.87
C ALA B 207 19.65 31.26 -30.96
N GLU B 208 20.95 31.42 -31.06
CA GLU B 208 21.90 30.72 -30.22
C GLU B 208 22.67 31.76 -29.44
N LEU B 209 22.62 31.67 -28.11
CA LEU B 209 23.20 32.67 -27.22
C LEU B 209 24.48 32.11 -26.62
N ARG B 210 25.64 32.70 -26.91
CA ARG B 210 26.89 32.16 -26.45
C ARG B 210 27.61 33.11 -25.54
N THR B 211 28.15 32.57 -24.45
CA THR B 211 29.06 33.35 -23.58
C THR B 211 30.49 32.91 -23.80
N GLU B 212 31.42 33.65 -23.24
CA GLU B 212 32.86 33.39 -23.39
C GLU B 212 33.27 33.14 -24.86
N SER B 213 32.72 33.97 -25.75
CA SER B 213 32.98 33.90 -27.18
C SER B 213 33.33 35.29 -27.64
N VAL B 214 34.59 35.45 -28.07
CA VAL B 214 35.18 36.72 -28.30
C VAL B 214 35.44 36.92 -29.80
N LEU B 215 34.85 37.96 -30.38
CA LEU B 215 35.25 38.38 -31.72
C LEU B 215 36.71 38.76 -31.71
N THR B 216 37.47 38.21 -32.66
CA THR B 216 38.87 38.65 -32.87
C THR B 216 39.07 39.39 -34.21
N SER B 217 38.50 38.92 -35.31
CA SER B 217 38.56 39.66 -36.55
C SER B 217 37.44 39.29 -37.50
N LEU B 218 37.15 40.20 -38.41
CA LEU B 218 36.11 39.98 -39.39
C LEU B 218 36.71 39.27 -40.60
N ILE B 219 35.89 38.50 -41.29
CA ILE B 219 36.31 37.77 -42.47
C ILE B 219 35.67 38.40 -43.69
N VAL B 220 36.51 38.79 -44.65
CA VAL B 220 36.06 39.51 -45.82
C VAL B 220 36.32 38.68 -47.08
N GLU B 221 35.31 38.53 -47.93
CA GLU B 221 35.47 37.87 -49.22
C GLU B 221 34.87 38.73 -50.31
N ASP B 222 35.66 38.98 -51.34
CA ASP B 222 35.28 39.87 -52.43
C ASP B 222 34.76 41.21 -51.89
N GLY B 223 35.41 41.75 -50.86
CA GLY B 223 35.05 43.06 -50.34
C GLY B 223 33.81 43.09 -49.43
N ARG B 224 33.23 41.92 -49.18
CA ARG B 224 32.05 41.79 -48.32
C ARG B 224 32.40 41.07 -47.01
N VAL B 225 31.95 41.62 -45.89
CA VAL B 225 32.08 40.93 -44.62
C VAL B 225 31.15 39.73 -44.60
N VAL B 226 31.70 38.53 -44.52
CA VAL B 226 30.92 37.31 -44.67
C VAL B 226 30.91 36.45 -43.41
N GLY B 227 31.56 36.91 -42.35
CA GLY B 227 31.63 36.15 -41.15
C GLY B 227 32.71 36.70 -40.26
N ALA B 228 33.06 35.93 -39.26
CA ALA B 228 34.02 36.41 -38.28
C ALA B 228 34.81 35.27 -37.70
N GLU B 229 36.02 35.61 -37.29
CA GLU B 229 36.82 34.72 -36.54
C GLU B 229 36.59 35.00 -35.02
N VAL B 230 36.43 33.93 -34.24
CA VAL B 230 35.99 34.00 -32.85
C VAL B 230 36.80 33.05 -31.97
N GLU B 231 37.21 33.52 -30.79
CA GLU B 231 37.84 32.63 -29.79
C GLU B 231 36.81 32.19 -28.75
N SER B 232 36.69 30.88 -28.58
CA SER B 232 36.05 30.31 -27.38
C SER B 232 36.65 28.94 -27.10
N GLY B 233 36.78 28.64 -25.81
CA GLY B 233 37.25 27.32 -25.39
C GLY B 233 38.71 27.12 -25.75
N GLY B 234 39.47 28.21 -25.84
CA GLY B 234 40.85 28.13 -26.32
C GLY B 234 41.00 27.87 -27.82
N GLU B 235 39.91 27.44 -28.46
CA GLU B 235 39.78 27.11 -29.87
C GLU B 235 39.39 28.36 -30.67
N THR B 236 39.91 28.53 -31.87
CA THR B 236 39.45 29.62 -32.69
C THR B 236 38.44 29.09 -33.72
N GLN B 237 37.37 29.83 -33.92
CA GLN B 237 36.33 29.42 -34.84
C GLN B 237 36.10 30.41 -35.91
N ARG B 238 35.45 29.97 -36.97
CA ARG B 238 35.09 30.82 -38.06
C ARG B 238 33.60 30.63 -38.26
N ILE B 239 32.88 31.71 -38.11
CA ILE B 239 31.44 31.66 -38.17
C ILE B 239 30.99 32.46 -39.37
N LYS B 240 30.19 31.81 -40.20
CA LYS B 240 29.68 32.41 -41.43
C LYS B 240 28.37 33.14 -41.14
N ALA B 241 28.27 34.35 -41.65
CA ALA B 241 27.11 35.17 -41.54
C ALA B 241 26.54 35.48 -42.94
N ASN B 242 25.47 34.80 -43.31
CA ASN B 242 24.94 34.93 -44.67
C ASN B 242 24.42 36.33 -44.96
N ARG B 243 23.70 36.95 -44.01
CA ARG B 243 23.17 38.28 -44.23
C ARG B 243 24.02 39.40 -43.68
N GLY B 244 24.73 39.14 -42.58
CA GLY B 244 25.57 40.16 -42.04
C GLY B 244 26.01 39.95 -40.61
N VAL B 245 26.90 40.85 -40.19
CA VAL B 245 27.42 40.91 -38.85
C VAL B 245 27.04 42.25 -38.23
N LEU B 246 26.36 42.17 -37.07
CA LEU B 246 26.05 43.35 -36.31
C LEU B 246 27.00 43.40 -35.14
N MET B 247 27.75 44.48 -35.07
CA MET B 247 28.70 44.65 -33.99
C MET B 247 28.16 45.66 -33.01
N ALA B 248 27.71 45.18 -31.86
CA ALA B 248 27.20 46.06 -30.80
C ALA B 248 27.87 45.61 -29.51
N ALA B 249 29.18 45.83 -29.46
CA ALA B 249 30.05 45.25 -28.45
C ALA B 249 30.65 46.29 -27.58
N GLY B 250 29.98 47.43 -27.50
CA GLY B 250 30.45 48.51 -26.65
C GLY B 250 31.55 49.32 -27.27
N GLY B 251 32.14 50.19 -26.43
CA GLY B 251 33.05 51.24 -26.87
C GLY B 251 34.51 50.89 -26.51
N ILE B 252 35.30 51.92 -26.34
CA ILE B 252 36.73 51.83 -26.00
C ILE B 252 36.99 52.11 -24.54
N GLU B 253 35.91 52.22 -23.74
CA GLU B 253 36.03 52.74 -22.37
C GLU B 253 37.04 52.01 -21.48
N GLY B 254 37.14 50.70 -21.69
CA GLY B 254 38.07 49.87 -20.93
C GLY B 254 39.49 49.76 -21.49
N ASN B 255 39.80 50.52 -22.55
CA ASN B 255 41.10 50.43 -23.23
C ASN B 255 41.86 51.73 -23.10
N ALA B 256 42.76 51.77 -22.13
CA ALA B 256 43.46 53.02 -21.81
C ALA B 256 44.28 53.51 -22.99
N GLU B 257 44.82 52.60 -23.74
CA GLU B 257 45.64 52.99 -24.89
C GLU B 257 44.83 53.65 -25.96
N MET B 258 43.73 53.02 -26.36
CA MET B 258 42.87 53.64 -27.37
C MET B 258 42.37 54.98 -26.89
N ARG B 259 42.02 55.07 -25.61
CA ARG B 259 41.52 56.35 -25.06
C ARG B 259 42.57 57.41 -25.14
N GLU B 260 43.78 57.06 -24.72
CA GLU B 260 44.85 58.04 -24.76
C GLU B 260 45.16 58.47 -26.15
N GLN B 261 45.22 57.53 -27.08
CA GLN B 261 45.47 57.87 -28.48
C GLN B 261 44.40 58.80 -28.98
N ALA B 262 43.13 58.53 -28.63
CA ALA B 262 42.04 59.36 -29.10
C ALA B 262 41.94 60.68 -28.38
N GLY B 263 42.59 60.83 -27.24
CA GLY B 263 42.40 62.07 -26.44
C GLY B 263 41.13 62.03 -25.59
N THR B 264 40.56 60.86 -25.35
CA THR B 264 39.38 60.75 -24.49
C THR B 264 39.72 61.12 -23.06
N PRO B 265 38.99 62.09 -22.48
CA PRO B 265 39.20 62.37 -21.04
C PRO B 265 38.77 61.19 -20.15
N GLY B 266 39.03 61.29 -18.85
CA GLY B 266 38.67 60.23 -17.89
C GLY B 266 39.67 59.11 -17.93
N LYS B 267 39.31 57.95 -17.39
CA LYS B 267 40.22 56.83 -17.31
C LYS B 267 39.42 55.57 -17.34
N ALA B 268 39.98 54.56 -17.95
CA ALA B 268 39.40 53.24 -17.95
C ALA B 268 39.01 52.74 -16.57
N ILE B 269 39.87 52.91 -15.56
CA ILE B 269 39.48 52.42 -14.21
C ILE B 269 38.27 53.17 -13.62
N TRP B 270 38.07 54.43 -14.03
CA TRP B 270 36.95 55.21 -13.54
C TRP B 270 35.66 54.91 -14.31
N SER B 271 35.76 54.28 -15.47
CA SER B 271 34.59 53.94 -16.27
C SER B 271 33.68 53.00 -15.50
N MET B 272 32.37 53.16 -15.70
CA MET B 272 31.42 52.32 -15.04
C MET B 272 31.08 51.11 -15.84
N GLY B 273 31.71 50.92 -17.02
CA GLY B 273 31.59 49.65 -17.73
C GLY B 273 32.12 48.48 -16.94
N PRO B 274 31.74 47.26 -17.26
CA PRO B 274 32.26 46.15 -16.53
C PRO B 274 33.77 46.06 -16.78
N PHE B 275 34.55 45.92 -15.71
CA PHE B 275 36.00 46.00 -15.82
C PHE B 275 36.50 45.03 -16.87
N GLY B 276 37.23 45.53 -17.85
CA GLY B 276 37.87 44.66 -18.87
C GLY B 276 37.01 44.18 -20.03
N ALA B 277 35.72 44.50 -20.01
CA ALA B 277 34.82 43.95 -21.04
C ALA B 277 34.96 44.73 -22.37
N ASN B 278 34.84 46.05 -22.29
CA ASN B 278 34.70 46.86 -23.49
C ASN B 278 36.01 47.56 -23.82
N THR B 279 36.84 46.85 -24.58
CA THR B 279 38.19 47.26 -24.85
C THR B 279 38.34 47.64 -26.33
N GLY B 280 37.21 47.98 -26.97
CA GLY B 280 37.24 48.49 -28.32
C GLY B 280 37.49 47.47 -29.41
N ASP B 281 37.28 46.19 -29.10
CA ASP B 281 37.59 45.11 -30.00
C ASP B 281 36.84 45.23 -31.34
N ALA B 282 35.54 45.55 -31.29
CA ALA B 282 34.75 45.62 -32.48
C ALA B 282 35.09 46.87 -33.29
N ILE B 283 35.37 47.98 -32.61
CA ILE B 283 35.82 49.16 -33.30
C ILE B 283 37.16 48.88 -34.05
N SER B 284 38.10 48.20 -33.38
CA SER B 284 39.36 47.83 -34.04
C SER B 284 39.12 46.92 -35.21
N ALA B 285 38.29 45.91 -35.03
CA ALA B 285 38.00 44.99 -36.12
C ALA B 285 37.39 45.71 -37.32
N GLY B 286 36.57 46.70 -37.06
CA GLY B 286 35.96 47.50 -38.09
C GLY B 286 36.98 48.36 -38.83
N ILE B 287 37.88 48.99 -38.08
CA ILE B 287 38.93 49.81 -38.66
C ILE B 287 39.76 48.93 -39.60
N ALA B 288 40.01 47.69 -39.19
CA ALA B 288 40.88 46.76 -39.93
C ALA B 288 40.32 46.36 -41.26
N VAL B 289 39.00 46.46 -41.46
CA VAL B 289 38.43 46.22 -42.78
C VAL B 289 38.05 47.49 -43.52
N GLY B 290 38.47 48.64 -43.05
CA GLY B 290 38.23 49.91 -43.76
C GLY B 290 37.22 50.90 -43.18
N GLY B 291 36.67 50.60 -42.01
CA GLY B 291 35.65 51.45 -41.42
C GLY B 291 36.23 52.73 -40.90
N ALA B 292 35.57 53.83 -41.21
CA ALA B 292 35.97 55.11 -40.66
C ALA B 292 35.45 55.23 -39.22
N THR B 293 36.03 56.14 -38.46
CA THR B 293 35.62 56.38 -37.08
C THR B 293 35.45 57.85 -36.86
N ALA B 294 34.74 58.19 -35.78
CA ALA B 294 34.49 59.58 -35.43
C ALA B 294 34.20 59.67 -33.91
N LEU B 295 34.43 60.86 -33.37
CA LEU B 295 34.08 61.23 -31.99
C LEU B 295 34.81 60.43 -30.91
N LEU B 296 35.97 59.87 -31.24
CA LEU B 296 36.65 58.96 -30.34
C LEU B 296 37.12 59.63 -29.04
N ASP B 297 37.24 60.96 -29.03
CA ASP B 297 37.53 61.67 -27.81
C ASP B 297 36.30 61.97 -26.94
N GLN B 298 35.14 61.48 -27.35
CA GLN B 298 33.90 61.73 -26.62
C GLN B 298 33.45 60.52 -25.81
N ALA B 299 32.77 60.81 -24.71
CA ALA B 299 32.16 59.77 -23.91
C ALA B 299 30.79 60.23 -23.37
N TRP B 300 30.08 59.27 -22.78
CA TRP B 300 28.91 59.58 -21.94
C TRP B 300 29.47 59.81 -20.55
N PHE B 301 29.72 61.06 -20.23
CA PHE B 301 30.45 61.43 -19.03
C PHE B 301 29.55 61.50 -17.81
N CYS B 302 30.19 61.35 -16.64
CA CYS B 302 29.51 61.57 -15.36
C CYS B 302 30.52 61.85 -14.30
N PRO B 303 30.12 62.61 -13.26
CA PRO B 303 30.98 62.68 -12.08
C PRO B 303 30.99 61.33 -11.41
N GLY B 304 32.13 60.96 -10.84
CA GLY B 304 32.27 59.70 -10.14
C GLY B 304 32.81 59.98 -8.74
N VAL B 305 32.27 59.28 -7.76
CA VAL B 305 32.79 59.34 -6.43
C VAL B 305 33.95 58.37 -6.37
N GLU B 306 35.14 58.89 -6.12
CA GLU B 306 36.33 58.03 -6.11
C GLU B 306 36.20 56.99 -5.00
N GLN B 307 36.54 55.75 -5.35
CA GLN B 307 36.49 54.64 -4.46
C GLN B 307 37.89 54.32 -3.84
N PRO B 308 37.91 53.62 -2.70
CA PRO B 308 39.15 53.23 -2.06
C PRO B 308 40.09 52.51 -2.99
N ASP B 309 39.56 51.67 -3.89
CA ASP B 309 40.41 50.93 -4.79
C ASP B 309 40.83 51.66 -6.06
N GLY B 310 40.57 52.95 -6.16
CA GLY B 310 40.94 53.74 -7.34
C GLY B 310 39.84 53.78 -8.44
N SER B 311 38.81 52.98 -8.33
CA SER B 311 37.62 53.06 -9.26
C SER B 311 36.70 54.18 -8.89
N ALA B 312 35.51 54.20 -9.51
CA ALA B 312 34.57 55.27 -9.26
C ALA B 312 33.18 54.75 -9.10
N ALA B 313 32.31 55.63 -8.62
CA ALA B 313 30.88 55.35 -8.55
C ALA B 313 30.11 56.45 -9.19
N PHE B 314 29.16 56.09 -10.05
CA PHE B 314 28.29 57.06 -10.73
C PHE B 314 27.60 57.90 -9.66
N MET B 315 27.75 59.22 -9.76
CA MET B 315 27.07 60.17 -8.89
C MET B 315 25.95 60.84 -9.67
N VAL B 316 24.73 60.56 -9.27
CA VAL B 316 23.53 61.09 -9.96
C VAL B 316 22.49 61.58 -8.93
N GLY B 317 21.66 62.55 -9.31
CA GLY B 317 20.60 63.03 -8.41
C GLY B 317 21.18 63.76 -7.23
N VAL B 318 22.05 64.71 -7.51
CA VAL B 318 22.61 65.58 -6.49
C VAL B 318 21.44 66.35 -5.88
N ARG B 319 21.40 66.39 -4.54
CA ARG B 319 20.36 67.13 -3.81
C ARG B 319 20.86 68.04 -2.68
N GLY B 320 22.17 68.28 -2.62
CA GLY B 320 22.74 69.09 -1.60
C GLY B 320 24.25 69.20 -1.82
N GLY B 321 24.92 69.82 -0.87
CA GLY B 321 26.35 70.06 -0.97
C GLY B 321 26.68 71.05 -2.08
N LEU B 322 28.00 71.23 -2.26
CA LEU B 322 28.52 72.04 -3.30
C LEU B 322 29.84 71.39 -3.71
N VAL B 323 30.40 71.87 -4.81
CA VAL B 323 31.63 71.27 -5.34
C VAL B 323 32.67 72.35 -5.54
N VAL B 324 33.91 72.07 -5.11
CA VAL B 324 35.00 72.98 -5.34
C VAL B 324 36.16 72.34 -6.10
N ASP B 325 36.87 73.19 -6.83
CA ASP B 325 38.12 72.85 -7.45
C ASP B 325 39.22 72.89 -6.39
N SER B 326 40.47 72.64 -6.80
CA SER B 326 41.55 72.54 -5.82
C SER B 326 41.90 73.88 -5.20
N ALA B 327 41.42 74.96 -5.81
CA ALA B 327 41.52 76.29 -5.22
C ALA B 327 40.42 76.61 -4.21
N GLY B 328 39.56 75.65 -3.89
CA GLY B 328 38.49 75.87 -2.91
C GLY B 328 37.34 76.74 -3.41
N GLU B 329 37.18 76.83 -4.73
CA GLU B 329 36.09 77.60 -5.32
C GLU B 329 35.10 76.77 -6.11
N ARG B 330 33.83 77.18 -6.07
CA ARG B 330 32.81 76.67 -6.93
C ARG B 330 33.12 77.06 -8.37
N TYR B 331 32.81 76.17 -9.32
CA TYR B 331 33.04 76.46 -10.72
C TYR B 331 31.95 75.93 -11.65
N LEU B 332 30.96 75.23 -11.11
CA LEU B 332 29.85 74.77 -11.91
C LEU B 332 28.59 74.67 -11.10
N ASN B 333 27.46 74.57 -11.82
CA ASN B 333 26.21 74.18 -11.21
C ASN B 333 26.22 72.66 -10.91
N GLU B 334 26.22 72.33 -9.63
CA GLU B 334 26.38 70.98 -9.17
C GLU B 334 25.19 70.10 -9.44
N SER B 335 24.06 70.75 -9.74
CA SER B 335 22.83 70.03 -10.10
C SER B 335 22.70 69.69 -11.58
N LEU B 336 23.70 70.07 -12.39
CA LEU B 336 23.67 69.74 -13.82
C LEU B 336 23.47 68.26 -14.09
N PRO B 337 22.74 67.92 -15.17
CA PRO B 337 22.78 66.54 -15.63
C PRO B 337 24.23 66.04 -15.78
N TYR B 338 24.42 64.76 -15.49
CA TYR B 338 25.77 64.18 -15.27
C TYR B 338 26.77 64.45 -16.40
N ASP B 339 26.31 64.42 -17.63
CA ASP B 339 27.22 64.59 -18.78
C ASP B 339 27.68 66.03 -18.87
N GLN B 340 26.78 66.95 -18.55
CA GLN B 340 27.15 68.36 -18.50
C GLN B 340 28.06 68.64 -17.33
N PHE B 341 27.81 67.96 -16.22
CA PHE B 341 28.65 68.12 -15.02
C PHE B 341 30.08 67.68 -15.41
N GLY B 342 30.19 66.46 -15.96
CA GLY B 342 31.48 65.90 -16.38
C GLY B 342 32.22 66.75 -17.36
N ARG B 343 31.50 67.25 -18.34
CA ARG B 343 32.11 68.14 -19.34
C ARG B 343 32.59 69.45 -18.73
N ALA B 344 31.88 69.94 -17.71
CA ALA B 344 32.36 71.15 -17.02
C ALA B 344 33.62 70.87 -16.19
N MET B 345 33.74 69.66 -15.61
CA MET B 345 34.97 69.28 -14.91
C MET B 345 36.16 69.29 -15.87
N ASP B 346 35.98 68.65 -17.02
CA ASP B 346 37.02 68.59 -18.03
C ASP B 346 37.41 69.96 -18.54
N ALA B 347 36.43 70.82 -18.79
CA ALA B 347 36.72 72.17 -19.28
C ALA B 347 37.47 72.98 -18.26
N HIS B 348 37.19 72.78 -16.96
CA HIS B 348 37.83 73.56 -15.91
C HIS B 348 39.19 73.02 -15.56
N ASP B 349 39.47 71.77 -15.93
CA ASP B 349 40.66 71.08 -15.46
C ASP B 349 41.89 71.25 -16.34
N ASP B 350 42.30 72.44 -16.67
CA ASP B 350 43.51 72.55 -17.49
C ASP B 350 44.77 72.21 -16.58
N ASN B 351 44.55 71.78 -15.31
CA ASN B 351 45.64 71.46 -14.28
C ASN B 351 45.70 70.17 -13.30
N GLY B 352 44.77 69.23 -13.39
CA GLY B 352 44.43 68.37 -12.21
C GLY B 352 43.75 69.26 -11.19
N SER B 353 43.53 70.52 -11.54
CA SER B 353 42.83 71.46 -10.65
C SER B 353 41.34 71.15 -10.49
N ALA B 354 40.74 70.44 -11.44
CA ALA B 354 39.33 70.05 -11.33
C ALA B 354 39.10 68.52 -11.35
N VAL B 355 40.15 67.73 -11.58
CA VAL B 355 40.04 66.28 -11.55
C VAL B 355 41.21 65.79 -10.72
N PRO B 356 40.97 65.51 -9.42
CA PRO B 356 39.69 65.49 -8.73
C PRO B 356 39.10 66.85 -8.34
N SER B 357 37.78 66.88 -8.15
CA SER B 357 37.14 67.98 -7.46
C SER B 357 36.72 67.48 -6.09
N PHE B 358 36.23 68.39 -5.23
CA PHE B 358 35.82 68.01 -3.87
C PHE B 358 34.37 68.39 -3.60
N MET B 359 33.55 67.38 -3.30
CA MET B 359 32.19 67.64 -2.91
C MET B 359 32.11 67.85 -1.40
N ILE B 360 31.66 69.05 -1.02
CA ILE B 360 31.62 69.53 0.35
C ILE B 360 30.20 69.40 0.83
N PHE B 361 30.01 68.70 1.94
CA PHE B 361 28.68 68.56 2.51
C PHE B 361 28.72 68.47 4.04
N ASP B 362 27.56 68.63 4.65
CA ASP B 362 27.49 68.61 6.11
C ASP B 362 26.82 67.34 6.56
N SER B 363 26.41 67.30 7.83
CA SER B 363 25.85 66.07 8.41
C SER B 363 24.31 66.06 8.34
N ARG B 364 23.71 66.91 7.51
CA ARG B 364 22.27 66.84 7.32
C ARG B 364 21.74 65.45 7.06
N GLU B 365 22.43 64.64 6.26
CA GLU B 365 22.02 63.25 6.05
C GLU B 365 22.83 62.25 6.86
N GLY B 366 23.18 62.64 8.07
CA GLY B 366 23.85 61.73 8.98
C GLY B 366 25.23 61.27 8.53
N GLY B 367 25.88 62.05 7.66
CA GLY B 367 27.19 61.61 7.13
C GLY B 367 27.15 61.07 5.70
N GLY B 368 25.94 60.81 5.21
CA GLY B 368 25.75 60.37 3.82
C GLY B 368 25.98 61.51 2.86
N LEU B 369 26.46 61.17 1.68
CA LEU B 369 26.66 62.18 0.64
C LEU B 369 25.30 62.46 -0.01
N PRO B 370 24.96 63.74 -0.25
CA PRO B 370 23.61 64.05 -0.73
C PRO B 370 23.45 63.89 -2.25
N ALA B 371 23.45 62.63 -2.65
CA ALA B 371 23.31 62.23 -4.04
C ALA B 371 23.15 60.74 -4.05
N ILE B 372 22.83 60.19 -5.21
CA ILE B 372 22.79 58.75 -5.40
C ILE B 372 24.16 58.32 -5.99
N CYS B 373 24.82 57.35 -5.35
CA CYS B 373 26.16 56.87 -5.74
C CYS B 373 26.06 55.41 -6.07
N ILE B 374 26.49 55.05 -7.28
CA ILE B 374 26.32 53.67 -7.74
C ILE B 374 27.68 53.11 -8.20
N PRO B 375 28.24 52.10 -7.50
CA PRO B 375 27.75 51.44 -6.29
C PRO B 375 27.87 52.33 -5.05
N ASN B 376 27.18 51.91 -3.98
CA ASN B 376 27.00 52.78 -2.81
C ASN B 376 27.88 52.32 -1.64
N THR B 377 29.14 52.64 -1.72
CA THR B 377 30.10 52.33 -0.68
C THR B 377 29.85 53.15 0.59
N ALA B 378 29.79 52.47 1.73
CA ALA B 378 29.51 53.17 3.00
C ALA B 378 30.51 54.27 3.31
N PRO B 379 30.02 55.40 3.87
CA PRO B 379 30.87 56.48 4.28
C PRO B 379 32.06 56.03 5.13
N ALA B 380 31.86 55.06 6.02
CA ALA B 380 32.97 54.60 6.89
C ALA B 380 34.16 54.03 6.10
N LYS B 381 33.89 53.36 4.99
CA LYS B 381 34.98 52.84 4.15
C LYS B 381 35.73 53.95 3.45
N HIS B 382 34.99 54.92 2.95
CA HIS B 382 35.62 56.09 2.35
C HIS B 382 36.51 56.80 3.34
N LEU B 383 36.00 56.98 4.57
CA LEU B 383 36.72 57.76 5.58
C LEU B 383 37.97 57.04 6.00
N GLU B 384 37.86 55.74 6.15
CA GLU B 384 38.99 54.91 6.47
C GLU B 384 40.06 54.95 5.38
N ALA B 385 39.65 54.91 4.11
CA ALA B 385 40.60 54.93 3.01
C ALA B 385 41.09 56.32 2.72
N GLY B 386 40.39 57.34 3.20
CA GLY B 386 40.80 58.71 2.88
C GLY B 386 40.29 59.30 1.57
N THR B 387 39.43 58.57 0.85
CA THR B 387 38.71 59.19 -0.28
C THR B 387 37.80 60.31 0.19
N TRP B 388 37.21 60.13 1.37
CA TRP B 388 36.54 61.22 2.06
C TRP B 388 37.31 61.58 3.30
N VAL B 389 37.24 62.84 3.70
CA VAL B 389 37.68 63.32 5.00
C VAL B 389 36.55 64.10 5.69
N GLY B 390 36.55 64.02 7.00
CA GLY B 390 35.60 64.71 7.84
C GLY B 390 36.32 65.59 8.87
N ALA B 391 35.65 66.66 9.28
CA ALA B 391 36.20 67.58 10.27
C ALA B 391 35.08 68.40 10.92
N ASP B 392 35.32 68.86 12.15
CA ASP B 392 34.32 69.62 12.89
C ASP B 392 34.23 71.03 12.37
N THR B 393 35.27 71.53 11.73
CA THR B 393 35.24 72.85 11.12
C THR B 393 35.73 72.85 9.69
N LEU B 394 35.41 73.92 8.97
CA LEU B 394 35.86 74.07 7.60
C LEU B 394 37.36 74.33 7.49
N GLU B 395 37.93 74.96 8.51
CA GLU B 395 39.34 75.27 8.54
C GLU B 395 40.09 73.95 8.55
N GLU B 396 39.66 73.06 9.43
CA GLU B 396 40.26 71.75 9.55
C GLU B 396 40.04 70.91 8.30
N LEU B 397 38.83 70.99 7.73
CA LEU B 397 38.53 70.26 6.51
C LEU B 397 39.49 70.66 5.41
N ALA B 398 39.74 71.97 5.32
CA ALA B 398 40.65 72.51 4.32
C ALA B 398 42.08 71.96 4.50
N ALA B 399 42.53 71.92 5.75
CA ALA B 399 43.85 71.39 6.07
C ALA B 399 43.98 69.93 5.66
N LYS B 400 42.93 69.16 5.89
CA LYS B 400 42.96 67.72 5.55
C LYS B 400 42.83 67.44 4.08
N THR B 401 42.38 68.41 3.29
CA THR B 401 42.21 68.19 1.87
C THR B 401 43.20 68.95 1.03
N GLY B 402 43.97 69.85 1.65
CA GLY B 402 44.85 70.74 0.88
C GLY B 402 44.20 72.02 0.37
N LEU B 403 42.91 72.21 0.63
CA LEU B 403 42.19 73.33 0.04
C LEU B 403 42.58 74.54 0.85
N PRO B 404 42.64 75.71 0.23
CA PRO B 404 42.87 76.93 1.00
C PRO B 404 41.71 77.20 1.96
N ALA B 405 42.01 77.40 3.25
CA ALA B 405 40.98 77.51 4.26
C ALA B 405 40.11 78.72 4.03
N ASP B 406 40.74 79.85 3.72
CA ASP B 406 39.97 81.06 3.53
C ASP B 406 39.01 80.99 2.34
N ALA B 407 39.52 80.48 1.22
CA ALA B 407 38.71 80.31 0.05
C ALA B 407 37.55 79.35 0.32
N LEU B 408 37.83 78.23 0.99
CA LEU B 408 36.78 77.30 1.28
C LEU B 408 35.72 77.94 2.14
N ARG B 409 36.14 78.54 3.26
CA ARG B 409 35.18 79.15 4.18
C ARG B 409 34.32 80.17 3.44
N SER B 410 34.99 80.96 2.64
CA SER B 410 34.35 82.04 1.92
C SER B 410 33.34 81.49 0.88
N THR B 411 33.77 80.43 0.21
CA THR B 411 32.92 79.72 -0.74
C THR B 411 31.64 79.20 -0.09
N VAL B 412 31.77 78.56 1.08
CA VAL B 412 30.62 78.03 1.77
C VAL B 412 29.70 79.16 2.27
N GLU B 413 30.29 80.22 2.82
CA GLU B 413 29.48 81.33 3.32
C GLU B 413 28.65 81.94 2.19
N LYS B 414 29.29 82.11 1.04
CA LYS B 414 28.65 82.71 -0.11
C LYS B 414 27.54 81.81 -0.58
N PHE B 415 27.81 80.50 -0.64
CA PHE B 415 26.78 79.57 -1.03
C PHE B 415 25.61 79.59 -0.05
N ASN B 416 25.91 79.63 1.24
CA ASN B 416 24.86 79.69 2.24
C ASN B 416 24.01 80.95 2.15
N ASP B 417 24.62 82.09 1.80
CA ASP B 417 23.86 83.31 1.55
C ASP B 417 22.93 83.10 0.34
N ALA B 418 23.45 82.45 -0.71
CA ALA B 418 22.63 82.12 -1.87
C ALA B 418 21.45 81.24 -1.44
N ALA B 419 21.69 80.23 -0.60
CA ALA B 419 20.63 79.37 -0.15
C ALA B 419 19.57 80.17 0.61
N LYS B 420 20.01 81.11 1.41
CA LYS B 420 19.10 81.99 2.16
C LYS B 420 18.21 82.77 1.22
N LEU B 421 18.81 83.45 0.24
CA LEU B 421 18.06 84.20 -0.75
C LEU B 421 17.29 83.31 -1.71
N GLY B 422 17.69 82.07 -1.85
CA GLY B 422 17.05 81.14 -2.82
C GLY B 422 17.51 81.37 -4.25
N VAL B 423 18.62 82.07 -4.44
CA VAL B 423 19.16 82.34 -5.76
C VAL B 423 20.68 82.18 -5.75
N ASP B 424 21.20 81.44 -6.74
CA ASP B 424 22.64 81.25 -6.93
C ASP B 424 23.04 82.12 -8.13
N GLU B 425 23.49 83.35 -7.87
CA GLU B 425 23.82 84.28 -8.96
C GLU B 425 25.02 83.81 -9.71
N GLU B 426 25.90 83.04 -9.06
CA GLU B 426 27.16 82.71 -9.69
C GLU B 426 26.99 81.59 -10.72
N PHE B 427 26.30 80.50 -10.39
CA PHE B 427 26.14 79.40 -11.36
C PHE B 427 24.72 78.98 -11.62
N HIS B 428 23.75 79.74 -11.10
CA HIS B 428 22.32 79.57 -11.42
C HIS B 428 21.78 78.21 -11.15
N ARG B 429 22.34 77.56 -10.13
CA ARG B 429 21.76 76.29 -9.66
C ARG B 429 20.34 76.50 -9.17
N GLY B 430 19.50 75.51 -9.40
CA GLY B 430 18.12 75.56 -8.97
C GLY B 430 17.26 76.48 -9.83
N GLU B 431 17.54 76.56 -11.12
CA GLU B 431 16.71 77.32 -12.07
C GLU B 431 16.35 76.41 -13.24
N ASP B 432 15.98 75.15 -12.99
CA ASP B 432 15.76 74.18 -14.05
C ASP B 432 15.03 72.98 -13.44
N PRO B 433 14.09 72.38 -14.17
CA PRO B 433 13.38 71.22 -13.65
C PRO B 433 14.26 70.03 -13.26
N TYR B 434 15.40 69.87 -13.94
CA TYR B 434 16.29 68.76 -13.60
C TYR B 434 16.89 68.99 -12.20
N ASP B 435 17.33 70.21 -11.95
CA ASP B 435 17.85 70.57 -10.62
C ASP B 435 16.84 70.27 -9.50
N ALA B 436 15.56 70.57 -9.77
CA ALA B 436 14.48 70.45 -8.76
C ALA B 436 14.06 69.04 -8.56
N PHE B 437 14.17 68.26 -9.62
CA PHE B 437 13.59 66.91 -9.62
C PHE B 437 14.04 66.03 -8.47
N PHE B 438 15.28 66.17 -8.02
CA PHE B 438 15.86 65.23 -7.03
C PHE B 438 15.77 65.70 -5.60
N CYS B 439 15.26 66.92 -5.38
CA CYS B 439 15.23 67.58 -4.09
C CYS B 439 13.73 67.64 -3.51
N PRO B 440 13.54 67.17 -2.25
CA PRO B 440 12.16 67.19 -1.73
C PRO B 440 11.59 68.58 -1.41
N GLY B 444 13.02 75.88 2.52
CA GLY B 444 13.61 77.18 2.17
C GLY B 444 13.17 77.68 0.81
N ALA B 445 13.70 78.80 0.38
CA ALA B 445 13.26 79.44 -0.84
C ALA B 445 13.49 78.58 -2.11
N ASN B 446 14.64 77.92 -2.19
CA ASN B 446 14.96 77.06 -3.33
C ASN B 446 15.38 75.68 -2.85
N ALA B 447 14.59 74.68 -3.21
CA ALA B 447 14.84 73.32 -2.79
C ALA B 447 16.24 72.77 -3.20
N ALA B 448 16.83 73.32 -4.25
CA ALA B 448 18.16 72.85 -4.71
C ALA B 448 19.35 73.50 -3.97
N LEU B 449 19.05 74.56 -3.20
CA LEU B 449 20.06 75.30 -2.50
C LEU B 449 19.83 75.16 -0.99
N THR B 450 20.68 74.38 -0.34
CA THR B 450 20.56 74.09 1.08
C THR B 450 21.86 74.42 1.76
N ALA B 451 21.77 75.16 2.86
CA ALA B 451 22.96 75.66 3.54
C ALA B 451 23.78 74.54 4.11
N ILE B 452 25.10 74.70 4.04
CA ILE B 452 26.02 73.70 4.54
C ILE B 452 26.51 74.26 5.86
N GLU B 453 26.02 73.70 6.95
CA GLU B 453 26.16 74.41 8.24
C GLU B 453 26.08 73.54 9.49
N ASN B 454 25.64 72.30 9.38
CA ASN B 454 25.58 71.42 10.56
C ASN B 454 26.64 70.34 10.54
N GLY B 455 27.72 70.60 11.27
CA GLY B 455 28.90 69.75 11.25
C GLY B 455 28.62 68.43 11.92
N PRO B 456 29.56 67.47 11.81
CA PRO B 456 30.81 67.55 11.04
C PRO B 456 30.59 67.77 9.54
N PHE B 457 31.62 68.32 8.91
CA PHE B 457 31.65 68.62 7.50
C PHE B 457 32.52 67.59 6.80
N TYR B 458 32.19 67.30 5.53
CA TYR B 458 32.89 66.28 4.76
C TYR B 458 33.29 66.78 3.39
N ALA B 459 34.39 66.21 2.88
CA ALA B 459 34.86 66.45 1.51
C ALA B 459 35.12 65.09 0.87
N ALA B 460 34.44 64.82 -0.25
CA ALA B 460 34.57 63.60 -1.01
C ALA B 460 35.22 63.91 -2.36
N ARG B 461 36.18 63.10 -2.76
CA ARG B 461 36.85 63.31 -4.05
C ARG B 461 35.96 62.84 -5.16
N ILE B 462 35.83 63.70 -6.16
CA ILE B 462 35.02 63.45 -7.34
C ILE B 462 35.94 63.43 -8.56
N VAL B 463 35.85 62.37 -9.35
CA VAL B 463 36.62 62.20 -10.58
C VAL B 463 35.70 62.21 -11.85
N LEU B 464 36.32 62.13 -13.02
CA LEU B 464 35.59 62.17 -14.30
C LEU B 464 35.35 60.78 -14.81
N SER B 465 34.20 60.24 -14.44
CA SER B 465 33.85 58.88 -14.77
C SER B 465 33.12 58.90 -16.14
N ASP B 466 32.65 57.75 -16.58
CA ASP B 466 31.85 57.63 -17.79
C ASP B 466 30.93 56.45 -17.69
N LEU B 467 29.89 56.46 -18.53
CA LEU B 467 28.96 55.38 -18.67
C LEU B 467 29.16 54.68 -20.02
N GLY B 468 30.42 54.60 -20.45
CA GLY B 468 30.78 54.15 -21.79
C GLY B 468 31.24 55.34 -22.61
N THR B 469 32.08 55.08 -23.61
CA THR B 469 32.46 56.11 -24.57
C THR B 469 31.38 56.11 -25.67
N LYS B 470 31.41 57.10 -26.54
CA LYS B 470 30.40 57.25 -27.57
C LYS B 470 30.99 57.52 -28.97
N GLY B 471 32.30 57.36 -29.11
CA GLY B 471 32.97 57.45 -30.42
C GLY B 471 33.09 56.07 -31.01
N GLY B 472 33.24 55.99 -32.33
CA GLY B 472 33.44 54.70 -32.94
C GLY B 472 33.25 54.71 -34.44
N LEU B 473 32.79 53.59 -34.96
CA LEU B 473 32.63 53.43 -36.38
C LEU B 473 31.53 54.35 -36.90
N VAL B 474 31.82 55.00 -38.03
CA VAL B 474 30.80 55.77 -38.75
C VAL B 474 29.76 54.83 -39.34
N THR B 475 28.47 55.15 -39.19
CA THR B 475 27.38 54.36 -39.74
C THR B 475 26.31 55.20 -40.38
N ASP B 476 25.50 54.58 -41.23
CA ASP B 476 24.39 55.30 -41.87
C ASP B 476 23.10 55.04 -41.09
N VAL B 477 21.97 55.44 -41.67
CA VAL B 477 20.68 55.30 -40.99
C VAL B 477 20.28 53.87 -40.77
N ASN B 478 20.93 52.93 -41.44
CA ASN B 478 20.59 51.51 -41.24
C ASN B 478 21.65 50.72 -40.50
N GLY B 479 22.57 51.46 -39.89
CA GLY B 479 23.65 50.85 -39.11
C GLY B 479 24.81 50.33 -39.90
N ARG B 480 24.86 50.59 -41.20
CA ARG B 480 25.97 50.06 -42.05
C ARG B 480 27.21 50.82 -41.76
N VAL B 481 28.31 50.10 -41.59
CA VAL B 481 29.62 50.74 -41.35
C VAL B 481 30.13 51.34 -42.66
N LEU B 482 30.53 52.61 -42.60
CA LEU B 482 31.00 53.35 -43.73
C LEU B 482 32.51 53.53 -43.72
N ARG B 483 33.05 53.65 -44.94
CA ARG B 483 34.46 53.99 -45.13
C ARG B 483 34.58 55.50 -45.11
N ALA B 484 35.81 55.97 -45.16
CA ALA B 484 36.12 57.41 -45.14
C ALA B 484 35.43 58.18 -46.24
N ASP B 485 35.17 57.55 -47.38
CA ASP B 485 34.45 58.25 -48.49
C ASP B 485 32.94 58.17 -48.35
N GLY B 486 32.46 57.48 -47.35
CA GLY B 486 31.01 57.41 -47.15
C GLY B 486 30.40 56.18 -47.75
N SER B 487 31.20 55.35 -48.40
CA SER B 487 30.66 54.11 -48.99
C SER B 487 30.48 53.06 -47.89
N ALA B 488 29.52 52.18 -48.09
CA ALA B 488 29.16 51.15 -47.10
C ALA B 488 29.92 49.88 -47.27
N ILE B 489 30.40 49.31 -46.16
CA ILE B 489 31.08 48.05 -46.18
C ILE B 489 30.01 46.99 -46.13
N ASP B 490 29.86 46.28 -47.24
CA ASP B 490 28.81 45.31 -47.37
C ASP B 490 28.89 44.26 -46.27
N GLY B 491 27.74 43.89 -45.69
CA GLY B 491 27.68 42.83 -44.66
C GLY B 491 28.03 43.27 -43.24
N LEU B 492 28.41 44.53 -43.05
CA LEU B 492 28.89 44.98 -41.74
C LEU B 492 28.06 46.08 -41.16
N TYR B 493 27.59 45.84 -39.94
CA TYR B 493 26.80 46.84 -39.20
C TYR B 493 27.34 47.06 -37.80
N ALA B 494 27.10 48.26 -37.28
CA ALA B 494 27.46 48.63 -35.92
C ALA B 494 26.38 49.48 -35.25
N ALA B 495 26.22 49.30 -33.95
CA ALA B 495 25.25 50.09 -33.16
C ALA B 495 25.69 50.11 -31.70
N GLY B 496 25.04 50.99 -30.93
CA GLY B 496 25.49 51.25 -29.57
C GLY B 496 26.84 51.91 -29.59
N ASN B 497 27.64 51.70 -28.56
CA ASN B 497 28.88 52.43 -28.44
C ASN B 497 30.06 51.89 -29.30
N THR B 498 29.85 50.81 -30.02
CA THR B 498 30.74 50.43 -31.12
C THR B 498 30.65 51.47 -32.24
N SER B 499 29.50 52.17 -32.33
CA SER B 499 29.28 53.20 -33.34
C SER B 499 29.43 54.59 -32.78
N ALA B 500 29.89 55.54 -33.62
CA ALA B 500 29.91 56.93 -33.27
C ALA B 500 28.48 57.45 -33.10
N SER B 501 28.19 58.05 -31.95
CA SER B 501 26.81 58.42 -31.64
C SER B 501 26.32 59.59 -32.48
N LEU B 502 25.07 59.51 -32.94
CA LEU B 502 24.44 60.67 -33.57
C LEU B 502 24.34 61.88 -32.67
N SER B 503 24.40 61.66 -31.36
CA SER B 503 24.30 62.78 -30.40
C SER B 503 25.51 63.66 -30.25
N GLY B 504 26.63 63.31 -30.89
CA GLY B 504 27.81 64.21 -30.82
C GLY B 504 28.24 64.50 -29.38
N ARG B 505 28.39 65.79 -29.07
CA ARG B 505 28.87 66.23 -27.75
C ARG B 505 27.71 66.43 -26.74
N PHE B 506 26.56 65.83 -27.00
CA PHE B 506 25.36 66.05 -26.16
C PHE B 506 24.77 64.73 -25.63
N TYR B 507 24.23 64.79 -24.41
CA TYR B 507 23.45 63.70 -23.82
C TYR B 507 22.01 64.26 -23.63
N PRO B 508 21.12 64.08 -24.63
CA PRO B 508 19.90 64.91 -24.65
C PRO B 508 18.95 64.66 -23.52
N GLY B 509 18.87 63.43 -23.08
CA GLY B 509 17.98 63.09 -22.02
C GLY B 509 18.23 61.66 -21.59
N PRO B 510 17.48 61.21 -20.58
CA PRO B 510 17.64 59.86 -20.10
C PRO B 510 17.33 58.80 -21.15
N GLY B 511 18.20 57.80 -21.29
CA GLY B 511 17.92 56.70 -22.18
C GLY B 511 18.37 56.86 -23.63
N VAL B 512 19.05 57.95 -23.95
CA VAL B 512 19.61 58.09 -25.29
C VAL B 512 20.63 56.99 -25.68
N PRO B 513 21.56 56.60 -24.77
CA PRO B 513 22.51 55.57 -25.14
C PRO B 513 21.85 54.27 -25.50
N LEU B 514 20.88 53.84 -24.68
CA LEU B 514 20.18 52.58 -24.95
C LEU B 514 19.22 52.71 -26.15
N GLY B 515 18.56 53.86 -26.23
CA GLY B 515 17.56 54.10 -27.27
C GLY B 515 18.22 54.10 -28.67
N THR B 516 19.32 54.83 -28.83
CA THR B 516 20.05 54.82 -30.10
C THR B 516 20.58 53.42 -30.41
N ALA B 517 21.13 52.75 -29.42
CA ALA B 517 21.62 51.39 -29.60
C ALA B 517 20.53 50.50 -30.14
N MET B 518 19.36 50.59 -29.50
CA MET B 518 18.26 49.67 -29.86
C MET B 518 17.67 49.98 -31.23
N VAL B 519 17.53 51.25 -31.56
CA VAL B 519 16.90 51.62 -32.84
C VAL B 519 17.81 51.17 -33.99
N PHE B 520 19.12 51.46 -33.89
CA PHE B 520 20.01 51.12 -34.99
C PHE B 520 20.35 49.66 -35.08
N SER B 521 20.29 48.95 -33.96
CA SER B 521 20.37 47.47 -34.04
C SER B 521 19.17 46.89 -34.78
N TYR B 522 17.97 47.38 -34.47
CA TYR B 522 16.78 46.97 -35.16
C TYR B 522 16.89 47.29 -36.66
N ARG B 523 17.23 48.52 -36.99
CA ARG B 523 17.33 48.93 -38.40
C ARG B 523 18.36 48.09 -39.14
N ALA B 524 19.49 47.78 -38.50
CA ALA B 524 20.49 46.91 -39.10
C ALA B 524 19.87 45.58 -39.42
N ALA B 525 19.16 45.00 -38.46
CA ALA B 525 18.60 43.64 -38.66
C ALA B 525 17.55 43.68 -39.79
N GLN B 526 16.81 44.78 -39.88
CA GLN B 526 15.81 44.95 -40.93
C GLN B 526 16.50 45.03 -42.30
N ASP B 527 17.61 45.75 -42.36
CA ASP B 527 18.38 45.88 -43.59
C ASP B 527 18.92 44.53 -44.05
N MET B 528 19.44 43.77 -43.10
CA MET B 528 19.88 42.40 -43.40
C MET B 528 18.78 41.49 -43.88
N ALA B 529 17.55 41.78 -43.48
CA ALA B 529 16.44 40.93 -43.87
C ALA B 529 15.91 41.21 -45.30
N LYS B 530 16.20 42.38 -45.87
CA LYS B 530 15.68 42.78 -47.21
C LYS B 530 15.88 41.71 -48.31
N ASP C 23 -37.18 59.13 22.44
CA ASP C 23 -37.04 60.29 21.51
C ASP C 23 -36.09 59.97 20.34
N TRP C 24 -34.77 60.00 20.56
CA TRP C 24 -33.79 59.58 19.55
C TRP C 24 -33.63 58.09 19.51
N THR C 25 -33.66 57.50 18.32
CA THR C 25 -33.50 56.06 18.15
C THR C 25 -32.04 55.68 18.17
N SER C 26 -31.21 56.50 17.54
CA SER C 26 -29.77 56.34 17.64
C SER C 26 -29.09 57.68 17.45
N GLU C 27 -27.79 57.67 17.65
CA GLU C 27 -27.01 58.86 17.70
C GLU C 27 -25.68 58.60 17.00
N CYS C 28 -25.17 59.61 16.31
CA CYS C 28 -23.86 59.54 15.72
C CYS C 28 -23.32 60.94 15.63
N ASP C 29 -22.04 61.05 15.32
CA ASP C 29 -21.43 62.32 15.03
C ASP C 29 -21.80 62.88 13.67
N VAL C 30 -21.69 62.05 12.63
CA VAL C 30 -21.93 62.49 11.25
C VAL C 30 -22.93 61.56 10.60
N LEU C 31 -24.04 62.13 10.16
CA LEU C 31 -25.05 61.36 9.49
C LEU C 31 -24.93 61.67 8.00
N VAL C 32 -24.75 60.60 7.22
CA VAL C 32 -24.62 60.74 5.77
C VAL C 32 -25.82 60.15 5.08
N VAL C 33 -26.45 60.95 4.23
CA VAL C 33 -27.63 60.47 3.49
C VAL C 33 -27.23 60.22 2.04
N GLY C 34 -27.38 58.99 1.59
CA GLY C 34 -26.90 58.57 0.26
C GLY C 34 -25.64 57.71 0.38
N SER C 35 -25.27 57.05 -0.73
CA SER C 35 -24.13 56.17 -0.78
C SER C 35 -23.37 56.15 -2.13
N GLY C 36 -23.39 57.28 -2.85
CA GLY C 36 -22.62 57.42 -4.06
C GLY C 36 -21.21 57.75 -3.69
N GLY C 37 -20.40 58.10 -4.67
CA GLY C 37 -18.98 58.36 -4.44
C GLY C 37 -18.76 59.48 -3.42
N GLY C 38 -19.45 60.59 -3.60
CA GLY C 38 -19.41 61.70 -2.65
C GLY C 38 -19.79 61.28 -1.24
N ALA C 39 -20.98 60.74 -1.07
CA ALA C 39 -21.42 60.30 0.27
C ALA C 39 -20.38 59.41 0.94
N LEU C 40 -19.88 58.41 0.24
CA LEU C 40 -18.99 57.45 0.87
C LEU C 40 -17.64 58.11 1.19
N THR C 41 -17.23 59.09 0.39
CA THR C 41 -16.00 59.81 0.61
C THR C 41 -16.15 60.69 1.86
N GLY C 42 -17.32 61.31 2.02
CA GLY C 42 -17.65 62.08 3.22
C GLY C 42 -17.66 61.20 4.43
N ALA C 43 -18.34 60.07 4.32
CA ALA C 43 -18.39 59.10 5.41
C ALA C 43 -17.00 58.61 5.81
N TYR C 44 -16.17 58.31 4.81
CA TYR C 44 -14.82 57.86 5.09
C TYR C 44 -14.02 58.94 5.82
N THR C 45 -14.08 60.16 5.32
CA THR C 45 -13.35 61.26 5.88
C THR C 45 -13.68 61.46 7.37
N ALA C 46 -14.96 61.37 7.69
CA ALA C 46 -15.42 61.51 9.06
C ALA C 46 -14.98 60.32 9.89
N ALA C 47 -15.31 59.12 9.44
CA ALA C 47 -15.04 57.93 10.19
C ALA C 47 -13.54 57.66 10.40
N ALA C 48 -12.71 58.02 9.42
CA ALA C 48 -11.29 57.73 9.52
C ALA C 48 -10.59 58.59 10.57
N GLN C 49 -11.19 59.74 10.94
CA GLN C 49 -10.62 60.57 11.99
C GLN C 49 -11.38 60.41 13.30
N GLY C 50 -12.08 59.29 13.48
CA GLY C 50 -12.67 58.96 14.75
C GLY C 50 -14.13 59.36 14.96
N LEU C 51 -14.76 60.07 14.02
CA LEU C 51 -16.16 60.46 14.21
C LEU C 51 -17.09 59.29 13.87
N THR C 52 -17.99 58.95 14.77
CA THR C 52 -18.97 57.90 14.49
C THR C 52 -19.91 58.35 13.36
N THR C 53 -20.13 57.46 12.40
CA THR C 53 -20.78 57.80 11.16
C THR C 53 -21.84 56.78 10.84
N ILE C 54 -23.00 57.28 10.40
CA ILE C 54 -24.06 56.41 9.88
C ILE C 54 -24.36 56.84 8.43
N VAL C 55 -24.37 55.84 7.55
CA VAL C 55 -24.67 56.03 6.13
C VAL C 55 -26.03 55.41 5.86
N LEU C 56 -26.91 56.22 5.34
CA LEU C 56 -28.29 55.78 5.00
C LEU C 56 -28.45 55.72 3.48
N GLU C 57 -28.66 54.52 2.97
CA GLU C 57 -29.01 54.33 1.57
C GLU C 57 -30.47 53.92 1.47
N LYS C 58 -31.20 54.65 0.64
CA LYS C 58 -32.64 54.39 0.36
C LYS C 58 -32.94 53.01 -0.15
N THR C 59 -32.15 52.54 -1.14
CA THR C 59 -32.47 51.28 -1.84
C THR C 59 -31.81 50.12 -1.18
N ASP C 60 -31.95 48.94 -1.76
CA ASP C 60 -31.26 47.77 -1.22
C ASP C 60 -29.80 47.62 -1.70
N ARG C 61 -29.26 48.60 -2.44
CA ARG C 61 -27.85 48.58 -2.89
C ARG C 61 -27.18 49.91 -2.74
N PHE C 62 -25.90 49.87 -2.40
CA PHE C 62 -25.10 51.05 -2.31
C PHE C 62 -24.62 51.50 -3.68
N GLY C 63 -24.53 52.80 -3.88
CA GLY C 63 -23.72 53.35 -4.95
C GLY C 63 -24.44 54.27 -5.88
N GLY C 64 -25.75 54.08 -6.04
CA GLY C 64 -26.51 54.90 -6.94
C GLY C 64 -25.97 54.95 -8.36
N THR C 65 -26.09 56.12 -8.98
CA THR C 65 -25.59 56.35 -10.31
C THR C 65 -24.06 56.24 -10.33
N SER C 66 -23.43 56.58 -9.21
CA SER C 66 -21.99 56.45 -9.10
C SER C 66 -21.57 55.04 -9.44
N ALA C 67 -22.33 54.05 -8.96
CA ALA C 67 -22.03 52.67 -9.26
C ALA C 67 -22.13 52.40 -10.76
N TYR C 68 -23.13 52.99 -11.42
CA TYR C 68 -23.29 52.84 -12.87
C TYR C 68 -22.15 53.47 -13.68
N SER C 69 -21.46 54.43 -13.07
CA SER C 69 -20.57 55.31 -13.80
C SER C 69 -19.32 54.58 -14.28
N GLY C 70 -18.57 55.22 -15.14
CA GLY C 70 -17.25 54.72 -15.56
C GLY C 70 -16.17 55.01 -14.49
N ALA C 71 -16.55 55.77 -13.45
CA ALA C 71 -15.63 56.15 -12.36
C ALA C 71 -14.37 56.88 -12.82
N SER C 72 -14.51 57.65 -13.88
CA SER C 72 -13.53 58.64 -14.15
C SER C 72 -13.77 59.76 -13.15
N ILE C 73 -12.68 60.33 -12.61
CA ILE C 73 -12.79 61.35 -11.57
C ILE C 73 -11.86 62.51 -11.85
N TRP C 74 -12.43 63.69 -11.94
CA TRP C 74 -11.66 64.87 -12.26
C TRP C 74 -11.18 65.50 -10.99
N LEU C 75 -10.03 65.00 -10.56
CA LEU C 75 -9.31 65.47 -9.38
C LEU C 75 -7.88 65.74 -9.83
N PRO C 76 -7.63 66.95 -10.35
CA PRO C 76 -6.36 67.24 -10.99
C PRO C 76 -5.22 67.53 -10.03
N GLY C 77 -4.00 67.36 -10.54
CA GLY C 77 -2.79 67.82 -9.85
C GLY C 77 -2.50 67.06 -8.60
N THR C 78 -2.78 65.77 -8.58
CA THR C 78 -2.61 64.97 -7.39
C THR C 78 -1.44 64.02 -7.55
N GLN C 79 -1.16 63.28 -6.48
CA GLN C 79 -0.10 62.31 -6.49
C GLN C 79 -0.32 61.21 -7.56
N VAL C 80 -1.57 60.99 -7.96
CA VAL C 80 -1.88 59.96 -8.95
C VAL C 80 -1.30 60.35 -10.29
N GLN C 81 -1.57 61.58 -10.74
CA GLN C 81 -1.05 62.03 -12.02
C GLN C 81 0.45 62.24 -11.99
N GLU C 82 0.99 62.62 -10.84
CA GLU C 82 2.46 62.67 -10.65
C GLU C 82 3.11 61.33 -10.92
N ARG C 83 2.54 60.24 -10.40
CA ARG C 83 3.04 58.89 -10.73
C ARG C 83 3.09 58.65 -12.26
N ALA C 84 2.15 59.20 -13.01
CA ALA C 84 2.08 58.95 -14.45
C ALA C 84 2.92 59.95 -15.23
N GLY C 85 3.61 60.84 -14.52
CA GLY C 85 4.44 61.86 -15.16
C GLY C 85 3.68 62.84 -16.03
N LEU C 86 2.42 63.07 -15.68
CA LEU C 86 1.56 63.91 -16.47
C LEU C 86 1.96 65.37 -16.30
N PRO C 87 2.21 66.08 -17.38
CA PRO C 87 2.51 67.49 -17.29
C PRO C 87 1.29 68.38 -17.11
N ASP C 88 0.90 68.56 -15.86
CA ASP C 88 -0.29 69.31 -15.53
C ASP C 88 -0.11 69.80 -14.10
N SER C 89 -0.98 70.71 -13.65
CA SER C 89 -0.89 71.20 -12.31
C SER C 89 -2.21 71.80 -11.87
N THR C 90 -2.31 72.03 -10.56
CA THR C 90 -3.42 72.73 -9.97
C THR C 90 -3.70 74.04 -10.70
N GLU C 91 -2.68 74.84 -10.98
CA GLU C 91 -2.93 76.10 -11.68
C GLU C 91 -3.46 75.92 -13.10
N ASN C 92 -2.96 74.90 -13.80
CA ASN C 92 -3.37 74.67 -15.18
C ASN C 92 -4.86 74.31 -15.17
N ALA C 93 -5.27 73.48 -14.21
CA ALA C 93 -6.64 73.07 -14.04
C ALA C 93 -7.53 74.25 -13.65
N ARG C 94 -7.04 75.08 -12.74
CA ARG C 94 -7.74 76.29 -12.37
C ARG C 94 -7.98 77.19 -13.57
N THR C 95 -6.97 77.32 -14.40
CA THR C 95 -7.08 78.14 -15.61
C THR C 95 -8.17 77.63 -16.55
N TYR C 96 -8.27 76.31 -16.66
CA TYR C 96 -9.23 75.69 -17.54
C TYR C 96 -10.65 76.00 -17.04
N LEU C 97 -10.92 75.74 -15.77
CA LEU C 97 -12.23 76.05 -15.19
C LEU C 97 -12.57 77.50 -15.36
N ARG C 98 -11.63 78.38 -15.05
CA ARG C 98 -11.88 79.82 -15.17
C ARG C 98 -12.23 80.19 -16.60
N ALA C 99 -11.52 79.60 -17.56
CA ALA C 99 -11.75 79.89 -18.96
C ALA C 99 -13.15 79.48 -19.40
N LEU C 100 -13.65 78.36 -18.89
CA LEU C 100 -14.99 77.89 -19.25
C LEU C 100 -16.12 78.52 -18.48
N LEU C 101 -15.93 78.60 -17.17
CA LEU C 101 -16.99 78.95 -16.24
C LEU C 101 -17.05 80.45 -15.93
N GLY C 102 -15.96 81.16 -16.18
CA GLY C 102 -15.87 82.56 -15.75
C GLY C 102 -15.77 82.67 -14.25
N ASP C 103 -16.16 83.82 -13.71
CA ASP C 103 -16.01 84.12 -12.29
C ASP C 103 -17.13 83.63 -11.42
N ALA C 104 -18.23 83.24 -12.05
CA ALA C 104 -19.34 82.64 -11.32
C ALA C 104 -18.84 81.41 -10.59
N GLU C 105 -18.95 81.48 -9.26
CA GLU C 105 -18.55 80.40 -8.37
C GLU C 105 -17.03 80.23 -8.29
N SER C 106 -16.30 81.30 -8.53
CA SER C 106 -14.83 81.18 -8.53
C SER C 106 -14.25 80.64 -7.21
N GLU C 107 -14.89 80.95 -6.09
CA GLU C 107 -14.38 80.47 -4.80
C GLU C 107 -14.52 78.98 -4.67
N ARG C 108 -15.64 78.46 -5.17
CA ARG C 108 -15.85 77.03 -5.17
C ARG C 108 -14.96 76.35 -6.21
N GLN C 109 -14.74 76.98 -7.36
CA GLN C 109 -13.77 76.48 -8.35
C GLN C 109 -12.39 76.32 -7.71
N ASP C 110 -12.00 77.33 -6.94
CA ASP C 110 -10.72 77.31 -6.27
C ASP C 110 -10.67 76.19 -5.25
N ALA C 111 -11.71 76.06 -4.45
CA ALA C 111 -11.72 75.01 -3.43
C ALA C 111 -11.65 73.61 -4.08
N TYR C 112 -12.28 73.49 -5.24
CA TYR C 112 -12.40 72.21 -5.93
C TYR C 112 -10.99 71.79 -6.35
N VAL C 113 -10.30 72.63 -7.11
CA VAL C 113 -8.97 72.24 -7.59
C VAL C 113 -7.95 72.17 -6.45
N GLU C 114 -8.04 73.08 -5.48
CA GLU C 114 -7.03 73.15 -4.40
C GLU C 114 -7.13 71.99 -3.48
N THR C 115 -8.31 71.41 -3.34
CA THR C 115 -8.52 70.34 -2.37
C THR C 115 -8.37 68.94 -2.94
N ALA C 116 -8.36 68.84 -4.27
CA ALA C 116 -8.24 67.53 -4.93
C ALA C 116 -7.06 66.70 -4.41
N PRO C 117 -5.87 67.30 -4.32
CA PRO C 117 -4.73 66.47 -3.85
C PRO C 117 -4.94 65.85 -2.46
N ALA C 118 -5.48 66.63 -1.52
CA ALA C 118 -5.68 66.12 -0.17
C ALA C 118 -6.70 65.01 -0.13
N VAL C 119 -7.75 65.13 -0.96
CA VAL C 119 -8.76 64.08 -0.98
C VAL C 119 -8.14 62.78 -1.47
N VAL C 120 -7.43 62.88 -2.58
CA VAL C 120 -6.79 61.69 -3.16
C VAL C 120 -5.79 61.09 -2.19
N ALA C 121 -5.00 61.95 -1.56
CA ALA C 121 -4.00 61.47 -0.57
C ALA C 121 -4.64 60.71 0.58
N LEU C 122 -5.72 61.28 1.13
CA LEU C 122 -6.43 60.60 2.21
C LEU C 122 -6.94 59.24 1.75
N LEU C 123 -7.57 59.22 0.59
CA LEU C 123 -8.23 57.99 0.14
C LEU C 123 -7.21 56.92 -0.14
N GLU C 124 -6.14 57.29 -0.84
CA GLU C 124 -5.12 56.28 -1.18
C GLU C 124 -4.30 55.81 0.03
N GLN C 125 -4.44 56.50 1.16
CA GLN C 125 -3.83 56.01 2.39
C GLN C 125 -4.58 54.80 2.91
N ASN C 126 -5.81 54.58 2.46
CA ASN C 126 -6.49 53.37 2.81
C ASN C 126 -6.04 52.20 1.93
N PRO C 127 -5.74 51.05 2.53
CA PRO C 127 -5.32 49.91 1.74
C PRO C 127 -6.31 49.46 0.66
N ASN C 128 -7.60 49.76 0.81
CA ASN C 128 -8.62 49.32 -0.15
C ASN C 128 -8.77 50.23 -1.36
N ILE C 129 -8.07 51.35 -1.38
CA ILE C 129 -8.24 52.34 -2.42
C ILE C 129 -6.94 52.65 -3.14
N GLU C 130 -6.98 52.55 -4.47
CA GLU C 130 -5.92 53.01 -5.33
C GLU C 130 -6.55 53.44 -6.67
N PHE C 131 -6.02 54.54 -7.21
CA PHE C 131 -6.42 55.08 -8.48
C PHE C 131 -5.24 55.03 -9.48
N GLU C 132 -5.55 55.25 -10.75
CA GLU C 132 -4.54 55.52 -11.77
C GLU C 132 -5.07 56.53 -12.78
N PHE C 133 -4.16 57.27 -13.41
CA PHE C 133 -4.53 58.15 -14.53
C PHE C 133 -5.00 57.31 -15.73
N ARG C 134 -6.05 57.75 -16.42
CA ARG C 134 -6.50 57.09 -17.65
C ARG C 134 -6.86 58.16 -18.66
N ALA C 135 -6.27 58.04 -19.85
CA ALA C 135 -6.43 59.04 -20.88
C ALA C 135 -7.88 59.10 -21.34
N PHE C 136 -8.39 60.31 -21.45
CA PHE C 136 -9.75 60.59 -21.89
C PHE C 136 -9.76 62.10 -21.92
N PRO C 137 -9.97 62.69 -23.11
CA PRO C 137 -9.80 64.14 -23.22
C PRO C 137 -10.78 65.00 -22.44
N ASP C 138 -10.31 66.13 -21.95
CA ASP C 138 -11.21 67.20 -21.51
C ASP C 138 -12.10 67.63 -22.68
N TYR C 139 -13.23 68.28 -22.36
CA TYR C 139 -14.35 68.37 -23.31
C TYR C 139 -14.45 69.68 -24.10
N TYR C 140 -13.73 70.71 -23.71
CA TYR C 140 -13.73 71.99 -24.42
C TYR C 140 -12.33 72.46 -24.82
N LYS C 141 -12.26 73.13 -25.96
CA LYS C 141 -11.07 73.79 -26.41
C LYS C 141 -10.96 75.07 -25.60
N ALA C 142 -9.93 75.15 -24.78
CA ALA C 142 -9.72 76.32 -23.93
C ALA C 142 -8.35 76.21 -23.28
N GLU C 143 -7.83 77.34 -22.82
CA GLU C 143 -6.55 77.36 -22.13
C GLU C 143 -6.64 76.44 -20.91
N GLY C 144 -5.68 75.56 -20.76
CA GLY C 144 -5.69 74.60 -19.66
C GLY C 144 -6.26 73.23 -19.95
N ARG C 145 -6.89 73.06 -21.10
CA ARG C 145 -7.40 71.78 -21.52
C ARG C 145 -6.26 70.76 -21.60
N MET C 146 -6.52 69.54 -21.17
CA MET C 146 -5.63 68.45 -21.46
C MET C 146 -6.25 67.63 -22.59
N ASP C 147 -5.58 67.59 -23.72
CA ASP C 147 -6.07 66.86 -24.89
C ASP C 147 -6.14 65.36 -24.66
N THR C 148 -5.28 64.86 -23.77
CA THR C 148 -5.28 63.46 -23.35
C THR C 148 -6.01 63.24 -22.03
N GLY C 149 -6.37 64.33 -21.38
CA GLY C 149 -7.07 64.27 -20.10
C GLY C 149 -6.15 64.34 -18.89
N ARG C 150 -6.78 64.44 -17.72
CA ARG C 150 -6.10 64.46 -16.41
C ARG C 150 -6.89 63.67 -15.38
N SER C 151 -7.87 62.86 -15.78
CA SER C 151 -8.74 62.23 -14.82
C SER C 151 -8.20 60.89 -14.41
N ILE C 152 -8.71 60.39 -13.29
CA ILE C 152 -8.24 59.18 -12.69
C ILE C 152 -9.35 58.25 -12.40
N ASN C 153 -9.01 56.98 -12.25
CA ASN C 153 -9.99 55.92 -12.10
C ASN C 153 -9.53 54.95 -11.03
N PRO C 154 -10.49 54.35 -10.30
CA PRO C 154 -10.10 53.32 -9.37
C PRO C 154 -9.64 52.07 -10.11
N LEU C 155 -8.68 51.35 -9.54
CA LEU C 155 -8.26 50.09 -10.12
C LEU C 155 -9.35 49.04 -10.05
N ASP C 156 -9.36 48.13 -11.03
CA ASP C 156 -10.31 47.03 -11.06
C ASP C 156 -10.20 46.30 -9.73
N LEU C 157 -11.31 45.74 -9.28
CA LEU C 157 -11.37 45.10 -7.99
C LEU C 157 -11.90 43.70 -8.13
N ASP C 158 -11.17 42.73 -7.61
CA ASP C 158 -11.71 41.38 -7.54
C ASP C 158 -12.77 41.37 -6.42
N PRO C 159 -14.03 41.01 -6.75
CA PRO C 159 -15.09 41.03 -5.74
C PRO C 159 -14.82 40.17 -4.52
N ALA C 160 -14.05 39.10 -4.71
CA ALA C 160 -13.61 38.27 -3.58
C ALA C 160 -12.80 39.05 -2.54
N ASP C 161 -12.21 40.19 -2.92
CA ASP C 161 -11.32 40.92 -2.02
C ASP C 161 -12.03 41.88 -1.05
N ILE C 162 -13.34 42.03 -1.15
CA ILE C 162 -14.11 42.86 -0.21
C ILE C 162 -15.25 42.07 0.44
N GLY C 163 -15.18 40.74 0.33
CA GLY C 163 -16.07 39.87 1.06
C GLY C 163 -17.52 40.10 0.73
N ASP C 164 -18.33 40.21 1.78
CA ASP C 164 -19.77 40.30 1.62
C ASP C 164 -20.20 41.69 1.07
N LEU C 165 -19.27 42.64 0.95
CA LEU C 165 -19.65 43.98 0.45
C LEU C 165 -19.97 43.96 -1.05
N ALA C 166 -19.41 43.02 -1.80
CA ALA C 166 -19.54 43.05 -3.26
C ALA C 166 -21.02 42.93 -3.65
N GLY C 167 -21.73 42.07 -2.94
CA GLY C 167 -23.13 41.83 -3.15
C GLY C 167 -24.04 42.93 -2.69
N LYS C 168 -23.50 43.97 -2.07
CA LYS C 168 -24.27 45.13 -1.67
C LYS C 168 -24.05 46.31 -2.58
N VAL C 169 -23.17 46.16 -3.59
CA VAL C 169 -22.89 47.22 -4.55
C VAL C 169 -23.86 47.07 -5.73
N ARG C 170 -24.42 48.18 -6.15
CA ARG C 170 -25.38 48.17 -7.24
C ARG C 170 -24.64 47.69 -8.50
N PRO C 171 -25.24 46.78 -9.25
CA PRO C 171 -24.60 46.35 -10.50
C PRO C 171 -24.68 47.32 -11.65
N GLU C 172 -23.85 47.10 -12.65
CA GLU C 172 -23.79 47.94 -13.83
C GLU C 172 -25.15 47.93 -14.56
N LEU C 173 -25.38 48.97 -15.33
CA LEU C 173 -26.64 49.14 -16.09
C LEU C 173 -27.00 47.94 -16.92
N ASP C 174 -26.01 47.33 -17.57
CA ASP C 174 -26.26 46.17 -18.43
C ASP C 174 -26.78 44.95 -17.66
N GLN C 175 -26.66 44.99 -16.33
CA GLN C 175 -27.20 43.93 -15.47
C GLN C 175 -28.43 44.44 -14.72
N ASP C 176 -28.35 45.67 -14.26
CA ASP C 176 -29.30 46.16 -13.24
C ASP C 176 -30.71 46.34 -13.85
N ARG C 177 -30.81 46.68 -15.12
CA ARG C 177 -32.11 46.88 -15.77
C ARG C 177 -32.67 45.66 -16.48
N THR C 178 -32.09 44.50 -16.27
CA THR C 178 -32.53 43.22 -16.85
C THR C 178 -32.65 42.19 -15.76
N GLY C 179 -32.79 42.64 -14.51
CA GLY C 179 -33.08 41.72 -13.41
C GLY C 179 -31.94 40.83 -13.04
N GLN C 180 -30.72 41.42 -13.10
CA GLN C 180 -29.49 40.67 -12.89
C GLN C 180 -28.59 41.30 -11.87
N ASP C 181 -27.78 40.48 -11.25
CA ASP C 181 -26.73 40.94 -10.34
C ASP C 181 -25.42 40.94 -11.12
N HIS C 182 -24.27 41.12 -10.44
CA HIS C 182 -23.00 41.30 -11.14
C HIS C 182 -22.66 40.15 -12.06
N ALA C 183 -22.18 40.49 -13.25
CA ALA C 183 -21.63 39.54 -14.20
C ALA C 183 -20.26 39.06 -13.72
N PRO C 184 -19.74 37.98 -14.33
CA PRO C 184 -18.58 37.28 -13.77
C PRO C 184 -17.20 37.97 -13.74
N GLY C 185 -16.96 39.03 -14.45
CA GLY C 185 -15.57 39.58 -14.30
C GLY C 185 -15.22 40.30 -12.99
N PRO C 186 -14.13 41.05 -13.01
CA PRO C 186 -13.88 41.94 -11.89
C PRO C 186 -14.89 43.05 -11.79
N MET C 187 -14.90 43.75 -10.66
CA MET C 187 -15.69 44.97 -10.52
C MET C 187 -14.86 46.05 -11.15
N ILE C 188 -15.45 46.77 -12.08
CA ILE C 188 -14.77 47.83 -12.74
C ILE C 188 -15.60 49.10 -12.71
N GLY C 189 -14.97 50.20 -13.08
CA GLY C 189 -15.66 51.46 -13.13
C GLY C 189 -16.33 51.77 -11.78
N GLY C 190 -17.58 52.19 -11.83
CA GLY C 190 -18.29 52.59 -10.67
C GLY C 190 -18.43 51.48 -9.66
N ARG C 191 -18.46 50.23 -10.10
CA ARG C 191 -18.58 49.12 -9.14
C ARG C 191 -17.27 49.01 -8.32
N ALA C 192 -16.13 49.29 -8.97
CA ALA C 192 -14.84 49.30 -8.26
C ALA C 192 -14.78 50.49 -7.34
N LEU C 193 -15.21 51.64 -7.81
CA LEU C 193 -15.19 52.82 -6.98
C LEU C 193 -15.98 52.58 -5.68
N ILE C 194 -17.22 52.13 -5.81
CA ILE C 194 -18.10 51.98 -4.69
C ILE C 194 -17.67 50.82 -3.81
N GLY C 195 -17.28 49.70 -4.41
CA GLY C 195 -16.79 48.56 -3.64
C GLY C 195 -15.56 48.93 -2.80
N ARG C 196 -14.64 49.71 -3.37
CA ARG C 196 -13.42 50.13 -2.65
C ARG C 196 -13.76 51.14 -1.55
N LEU C 197 -14.59 52.15 -1.87
CA LEU C 197 -15.05 53.11 -0.86
C LEU C 197 -15.76 52.44 0.32
N LEU C 198 -16.63 51.51 0.04
CA LEU C 198 -17.35 50.77 1.09
C LEU C 198 -16.39 50.00 1.97
N ALA C 199 -15.45 49.28 1.37
CA ALA C 199 -14.44 48.56 2.12
C ALA C 199 -13.64 49.51 3.02
N ALA C 200 -13.25 50.63 2.47
CA ALA C 200 -12.56 51.66 3.24
C ALA C 200 -13.42 52.15 4.45
N VAL C 201 -14.68 52.49 4.19
CA VAL C 201 -15.57 53.01 5.22
C VAL C 201 -15.74 51.93 6.32
N GLN C 202 -15.96 50.69 5.91
CA GLN C 202 -16.11 49.60 6.86
C GLN C 202 -14.86 49.38 7.71
N SER C 203 -13.70 49.48 7.08
CA SER C 203 -12.44 49.23 7.75
C SER C 203 -12.18 50.18 8.93
N THR C 204 -12.75 51.38 8.93
CA THR C 204 -12.52 52.34 10.01
C THR C 204 -13.04 51.82 11.35
N GLY C 205 -14.03 50.95 11.33
CA GLY C 205 -14.69 50.51 12.53
C GLY C 205 -15.54 51.60 13.18
N LYS C 206 -15.71 52.75 12.52
CA LYS C 206 -16.46 53.88 13.05
C LYS C 206 -17.75 54.16 12.30
N ALA C 207 -18.13 53.28 11.39
CA ALA C 207 -19.20 53.59 10.46
C ALA C 207 -20.19 52.46 10.42
N GLU C 208 -21.45 52.85 10.30
CA GLU C 208 -22.52 51.92 10.15
C GLU C 208 -23.14 52.18 8.77
N LEU C 209 -23.21 51.15 7.95
CA LEU C 209 -23.70 51.26 6.56
C LEU C 209 -25.10 50.65 6.51
N ARG C 210 -26.12 51.45 6.22
CA ARG C 210 -27.48 50.93 6.18
C ARG C 210 -28.12 51.03 4.82
N THR C 211 -28.79 49.95 4.40
CA THR C 211 -29.62 49.98 3.21
C THR C 211 -31.09 50.06 3.60
N GLU C 212 -31.93 50.33 2.61
CA GLU C 212 -33.37 50.48 2.82
C GLU C 212 -33.70 51.42 3.97
N SER C 213 -33.00 52.56 3.99
CA SER C 213 -33.18 53.55 5.01
C SER C 213 -33.28 54.87 4.32
N VAL C 214 -34.45 55.48 4.45
CA VAL C 214 -34.81 56.62 3.64
C VAL C 214 -34.96 57.86 4.48
N LEU C 215 -34.17 58.89 4.18
CA LEU C 215 -34.40 60.20 4.77
C LEU C 215 -35.80 60.70 4.40
N THR C 216 -36.59 61.13 5.39
CA THR C 216 -37.88 61.77 5.12
C THR C 216 -37.87 63.24 5.49
N SER C 217 -37.30 63.62 6.63
CA SER C 217 -37.15 65.05 6.93
C SER C 217 -36.00 65.31 7.91
N LEU C 218 -35.54 66.54 7.89
CA LEU C 218 -34.50 66.97 8.81
C LEU C 218 -35.14 67.45 10.13
N ILE C 219 -34.42 67.26 11.23
CA ILE C 219 -34.88 67.71 12.55
C ILE C 219 -34.05 68.92 12.94
N VAL C 220 -34.74 70.01 13.25
CA VAL C 220 -34.13 71.30 13.56
C VAL C 220 -34.44 71.69 15.02
N GLU C 221 -33.42 72.09 15.78
CA GLU C 221 -33.60 72.61 17.14
C GLU C 221 -32.81 73.88 17.28
N ASP C 222 -33.50 74.94 17.71
CA ASP C 222 -32.93 76.27 17.84
C ASP C 222 -32.24 76.69 16.56
N GLY C 223 -32.87 76.41 15.43
CA GLY C 223 -32.30 76.80 14.14
C GLY C 223 -31.16 75.95 13.60
N ARG C 224 -30.78 74.90 14.32
CA ARG C 224 -29.68 74.03 13.92
C ARG C 224 -30.22 72.66 13.52
N VAL C 225 -29.73 72.14 12.39
CA VAL C 225 -30.08 70.77 12.02
C VAL C 225 -29.32 69.85 12.98
N VAL C 226 -30.08 69.06 13.74
CA VAL C 226 -29.49 68.20 14.76
C VAL C 226 -29.68 66.71 14.51
N GLY C 227 -30.32 66.36 13.41
CA GLY C 227 -30.57 64.95 13.11
C GLY C 227 -31.59 64.85 12.00
N ALA C 228 -32.12 63.66 11.84
CA ALA C 228 -33.07 63.42 10.78
C ALA C 228 -34.06 62.38 11.15
N GLU C 229 -35.22 62.48 10.52
CA GLU C 229 -36.20 61.45 10.58
C GLU C 229 -36.05 60.52 9.37
N VAL C 230 -36.15 59.21 9.61
CA VAL C 230 -35.78 58.19 8.65
C VAL C 230 -36.76 57.04 8.68
N GLU C 231 -37.15 56.54 7.52
CA GLU C 231 -37.96 55.30 7.44
C GLU C 231 -37.08 54.11 7.12
N SER C 232 -37.17 53.08 7.94
CA SER C 232 -36.72 51.73 7.57
C SER C 232 -37.52 50.68 8.33
N GLY C 233 -37.75 49.56 7.68
CA GLY C 233 -38.45 48.43 8.29
C GLY C 233 -39.90 48.76 8.59
N GLY C 234 -40.49 49.65 7.80
CA GLY C 234 -41.83 50.16 8.08
C GLY C 234 -41.91 51.11 9.27
N GLU C 235 -40.88 51.13 10.12
CA GLU C 235 -40.88 52.01 11.28
C GLU C 235 -40.13 53.33 10.99
N THR C 236 -40.53 54.39 11.67
CA THR C 236 -39.83 55.64 11.49
C THR C 236 -38.85 55.86 12.64
N GLN C 237 -37.66 56.35 12.33
CA GLN C 237 -36.62 56.55 13.30
C GLN C 237 -36.18 57.97 13.33
N ARG C 238 -35.54 58.34 14.43
CA ARG C 238 -34.99 59.68 14.61
C ARG C 238 -33.53 59.51 14.99
N ILE C 239 -32.66 60.02 14.14
CA ILE C 239 -31.23 59.77 14.30
C ILE C 239 -30.58 61.09 14.57
N LYS C 240 -29.86 61.15 15.68
CA LYS C 240 -29.21 62.35 16.13
C LYS C 240 -27.87 62.44 15.47
N ALA C 241 -27.54 63.63 15.00
CA ALA C 241 -26.26 63.92 14.40
C ALA C 241 -25.57 65.05 15.16
N ASN C 242 -24.58 64.68 15.97
CA ASN C 242 -23.93 65.67 16.83
C ASN C 242 -23.19 66.73 16.05
N ARG C 243 -22.43 66.35 15.01
CA ARG C 243 -21.68 67.33 14.25
C ARG C 243 -22.41 67.82 13.01
N GLY C 244 -23.21 66.96 12.39
CA GLY C 244 -23.93 67.40 11.20
C GLY C 244 -24.45 66.29 10.31
N VAL C 245 -25.21 66.72 9.32
CA VAL C 245 -25.82 65.85 8.35
C VAL C 245 -25.29 66.25 6.98
N LEU C 246 -24.69 65.26 6.31
CA LEU C 246 -24.25 65.44 4.92
C LEU C 246 -25.27 64.78 4.00
N MET C 247 -25.88 65.59 3.15
CA MET C 247 -26.86 65.05 2.22
C MET C 247 -26.22 64.95 0.86
N ALA C 248 -25.93 63.73 0.44
CA ALA C 248 -25.38 63.45 -0.88
C ALA C 248 -26.19 62.33 -1.47
N ALA C 249 -27.44 62.66 -1.76
CA ALA C 249 -28.45 61.67 -2.07
C ALA C 249 -28.96 61.84 -3.49
N GLY C 250 -28.13 62.44 -4.34
CA GLY C 250 -28.48 62.60 -5.72
C GLY C 250 -29.40 63.78 -5.96
N GLY C 251 -29.87 63.86 -7.21
CA GLY C 251 -30.60 65.04 -7.69
C GLY C 251 -32.09 64.75 -7.78
N ILE C 252 -32.74 65.48 -8.69
CA ILE C 252 -34.19 65.33 -8.97
C ILE C 252 -34.51 64.49 -10.20
N GLU C 253 -33.49 63.85 -10.78
CA GLU C 253 -33.61 63.24 -12.09
C GLU C 253 -34.76 62.24 -12.23
N GLY C 254 -35.05 61.50 -11.16
CA GLY C 254 -36.13 60.52 -11.17
C GLY C 254 -37.52 61.08 -10.83
N ASN C 255 -37.63 62.38 -10.65
CA ASN C 255 -38.88 62.99 -10.19
C ASN C 255 -39.43 63.88 -11.28
N ALA C 256 -40.36 63.34 -12.05
CA ALA C 256 -40.96 64.08 -13.18
C ALA C 256 -41.64 65.37 -12.78
N GLU C 257 -42.30 65.36 -11.62
CA GLU C 257 -43.00 66.55 -11.10
C GLU C 257 -42.00 67.67 -10.81
N MET C 258 -40.94 67.38 -10.04
CA MET C 258 -39.94 68.42 -9.75
C MET C 258 -39.30 68.92 -11.01
N ARG C 259 -38.98 68.01 -11.93
CA ARG C 259 -38.33 68.43 -13.17
C ARG C 259 -39.21 69.36 -13.99
N GLU C 260 -40.47 68.97 -14.12
CA GLU C 260 -41.42 69.80 -14.85
C GLU C 260 -41.61 71.15 -14.17
N GLN C 261 -41.75 71.18 -12.85
CA GLN C 261 -41.81 72.46 -12.14
C GLN C 261 -40.57 73.30 -12.36
N ALA C 262 -39.39 72.68 -12.36
CA ALA C 262 -38.15 73.44 -12.56
C ALA C 262 -37.89 73.82 -14.00
N GLY C 263 -38.56 73.19 -14.96
CA GLY C 263 -38.27 73.44 -16.37
C GLY C 263 -37.07 72.63 -16.88
N THR C 264 -36.72 71.56 -16.18
CA THR C 264 -35.61 70.74 -16.60
C THR C 264 -35.97 70.04 -17.91
N PRO C 265 -35.09 70.12 -18.93
CA PRO C 265 -35.32 69.32 -20.14
C PRO C 265 -35.11 67.83 -19.87
N GLY C 266 -35.41 67.02 -20.85
CA GLY C 266 -35.33 65.59 -20.70
C GLY C 266 -36.51 65.04 -19.94
N LYS C 267 -36.40 63.80 -19.49
CA LYS C 267 -37.49 63.14 -18.79
C LYS C 267 -36.92 62.19 -17.80
N ALA C 268 -37.59 62.05 -16.67
CA ALA C 268 -37.25 61.01 -15.73
C ALA C 268 -37.08 59.65 -16.37
N ILE C 269 -37.99 59.24 -17.25
CA ILE C 269 -37.95 57.90 -17.85
C ILE C 269 -36.68 57.73 -18.72
N TRP C 270 -36.12 58.82 -19.20
CA TRP C 270 -34.87 58.78 -19.99
C TRP C 270 -33.60 58.92 -19.15
N SER C 271 -33.73 59.29 -17.87
CA SER C 271 -32.57 59.42 -17.01
C SER C 271 -31.87 58.08 -16.82
N MET C 272 -30.52 58.14 -16.74
CA MET C 272 -29.74 56.94 -16.52
C MET C 272 -29.53 56.64 -15.02
N GLY C 273 -30.09 57.45 -14.13
CA GLY C 273 -30.10 57.13 -12.68
C GLY C 273 -30.88 55.84 -12.42
N PRO C 274 -30.61 55.20 -11.28
CA PRO C 274 -31.32 53.99 -11.03
C PRO C 274 -32.81 54.29 -10.87
N PHE C 275 -33.66 53.50 -11.52
CA PHE C 275 -35.10 53.82 -11.55
C PHE C 275 -35.63 54.00 -10.12
N GLY C 276 -36.21 55.16 -9.85
CA GLY C 276 -36.90 55.38 -8.59
C GLY C 276 -36.01 55.73 -7.41
N ALA C 277 -34.70 55.81 -7.60
CA ALA C 277 -33.78 56.15 -6.50
C ALA C 277 -33.66 57.63 -6.18
N ASN C 278 -33.35 58.44 -7.18
CA ASN C 278 -33.08 59.84 -6.97
C ASN C 278 -34.30 60.70 -7.34
N THR C 279 -35.17 60.91 -6.36
CA THR C 279 -36.43 61.60 -6.55
C THR C 279 -36.41 62.95 -5.83
N GLY C 280 -35.21 63.49 -5.58
CA GLY C 280 -35.07 64.84 -5.01
C GLY C 280 -35.41 64.98 -3.54
N ASP C 281 -35.45 63.88 -2.82
CA ASP C 281 -35.85 63.86 -1.43
C ASP C 281 -34.99 64.79 -0.56
N ALA C 282 -33.66 64.78 -0.76
CA ALA C 282 -32.78 65.58 0.08
C ALA C 282 -32.86 67.02 -0.28
N ILE C 283 -33.03 67.33 -1.56
CA ILE C 283 -33.25 68.69 -1.98
C ILE C 283 -34.54 69.24 -1.34
N SER C 284 -35.62 68.46 -1.39
CA SER C 284 -36.87 68.89 -0.75
C SER C 284 -36.73 69.07 0.76
N ALA C 285 -36.10 68.10 1.43
CA ALA C 285 -35.86 68.21 2.86
C ALA C 285 -35.06 69.47 3.20
N GLY C 286 -34.12 69.84 2.34
CA GLY C 286 -33.32 71.06 2.52
C GLY C 286 -34.13 72.33 2.32
N ILE C 287 -34.95 72.34 1.28
CA ILE C 287 -35.84 73.46 1.04
C ILE C 287 -36.76 73.69 2.27
N ALA C 288 -37.25 72.61 2.83
CA ALA C 288 -38.16 72.66 3.95
C ALA C 288 -37.57 73.32 5.19
N VAL C 289 -36.24 73.31 5.34
CA VAL C 289 -35.63 73.99 6.49
C VAL C 289 -35.01 75.32 6.10
N GLY C 290 -35.32 75.83 4.91
CA GLY C 290 -34.86 77.15 4.50
C GLY C 290 -33.72 77.21 3.48
N GLY C 291 -33.29 76.06 2.96
CA GLY C 291 -32.18 76.06 1.99
C GLY C 291 -32.58 76.68 0.67
N ALA C 292 -31.73 77.53 0.12
CA ALA C 292 -31.97 78.07 -1.20
C ALA C 292 -31.54 77.03 -2.24
N THR C 293 -32.03 77.18 -3.47
CA THR C 293 -31.68 76.28 -4.55
C THR C 293 -31.29 77.09 -5.76
N ALA C 294 -30.61 76.43 -6.69
CA ALA C 294 -30.16 77.06 -7.93
C ALA C 294 -29.96 76.00 -9.02
N LEU C 295 -30.04 76.45 -10.26
CA LEU C 295 -29.73 75.63 -11.45
C LEU C 295 -30.66 74.41 -11.63
N LEU C 296 -31.87 74.46 -11.09
CA LEU C 296 -32.76 73.31 -11.11
C LEU C 296 -33.21 72.89 -12.52
N ASP C 297 -33.12 73.81 -13.47
CA ASP C 297 -33.38 73.44 -14.86
C ASP C 297 -32.19 72.82 -15.59
N GLN C 298 -31.09 72.59 -14.88
CA GLN C 298 -29.87 72.04 -15.48
C GLN C 298 -29.63 70.58 -15.14
N ALA C 299 -29.00 69.88 -16.08
CA ALA C 299 -28.62 68.50 -15.86
C ALA C 299 -27.26 68.19 -16.47
N TRP C 300 -26.77 67.01 -16.13
CA TRP C 300 -25.64 66.41 -16.85
C TRP C 300 -26.26 65.65 -17.99
N PHE C 301 -26.30 66.28 -19.13
CA PHE C 301 -27.03 65.78 -20.28
C PHE C 301 -26.23 64.79 -21.10
N CYS C 302 -26.96 63.93 -21.83
CA CYS C 302 -26.37 63.07 -22.81
C CYS C 302 -27.43 62.64 -23.82
N PRO C 303 -27.02 62.29 -25.05
CA PRO C 303 -27.97 61.67 -25.96
C PRO C 303 -28.23 60.28 -25.46
N GLY C 304 -29.45 59.81 -25.64
CA GLY C 304 -29.84 58.48 -25.22
C GLY C 304 -30.47 57.74 -26.37
N VAL C 305 -30.13 56.47 -26.51
CA VAL C 305 -30.72 55.64 -27.51
C VAL C 305 -32.02 55.14 -26.91
N GLU C 306 -33.15 55.50 -27.50
CA GLU C 306 -34.44 55.12 -26.96
C GLU C 306 -34.58 53.63 -26.96
N GLN C 307 -35.09 53.09 -25.86
CA GLN C 307 -35.26 51.66 -25.68
C GLN C 307 -36.73 51.24 -25.98
N PRO C 308 -36.96 49.95 -26.26
CA PRO C 308 -38.29 49.37 -26.42
C PRO C 308 -39.25 49.72 -25.29
N ASP C 309 -38.76 49.76 -24.03
CA ASP C 309 -39.64 50.07 -22.92
C ASP C 309 -39.83 51.54 -22.63
N GLY C 310 -39.35 52.43 -23.48
CA GLY C 310 -39.49 53.87 -23.27
C GLY C 310 -38.31 54.53 -22.54
N SER C 311 -37.47 53.72 -21.91
CA SER C 311 -36.22 54.26 -21.26
C SER C 311 -35.15 54.57 -22.29
N ALA C 312 -33.95 54.90 -21.82
CA ALA C 312 -32.88 55.29 -22.70
C ALA C 312 -31.58 54.59 -22.35
N ALA C 313 -30.64 54.66 -23.28
CA ALA C 313 -29.27 54.18 -23.05
C ALA C 313 -28.29 55.29 -23.37
N PHE C 314 -27.32 55.49 -22.46
CA PHE C 314 -26.26 56.51 -22.65
C PHE C 314 -25.54 56.18 -23.94
N MET C 315 -25.48 57.15 -24.84
CA MET C 315 -24.73 57.02 -26.10
C MET C 315 -23.47 57.86 -26.04
N VAL C 316 -22.35 57.17 -26.07
CA VAL C 316 -21.05 57.84 -25.89
C VAL C 316 -20.08 57.26 -26.91
N GLY C 317 -19.08 58.04 -27.30
CA GLY C 317 -18.02 57.52 -28.18
C GLY C 317 -18.59 57.23 -29.57
N VAL C 318 -19.30 58.21 -30.10
CA VAL C 318 -19.81 58.13 -31.47
C VAL C 318 -18.60 57.99 -32.41
N ARG C 319 -18.68 57.07 -33.35
CA ARG C 319 -17.60 56.83 -34.30
C ARG C 319 -18.05 56.69 -35.75
N GLY C 320 -19.30 57.03 -36.04
CA GLY C 320 -19.83 56.94 -37.39
C GLY C 320 -21.27 57.43 -37.43
N GLY C 321 -21.92 57.27 -38.58
CA GLY C 321 -23.28 57.74 -38.79
C GLY C 321 -23.34 59.26 -38.80
N LEU C 322 -24.58 59.76 -38.84
CA LEU C 322 -24.87 61.16 -38.70
C LEU C 322 -26.24 61.25 -38.00
N VAL C 323 -26.61 62.44 -37.61
CA VAL C 323 -27.83 62.65 -36.87
C VAL C 323 -28.65 63.73 -37.56
N VAL C 324 -29.96 63.47 -37.69
CA VAL C 324 -30.87 64.48 -38.23
C VAL C 324 -32.02 64.81 -37.29
N ASP C 325 -32.50 66.03 -37.44
CA ASP C 325 -33.74 66.47 -36.84
C ASP C 325 -34.92 65.91 -37.62
N SER C 326 -36.13 66.25 -37.23
CA SER C 326 -37.32 65.66 -37.87
C SER C 326 -37.49 66.18 -39.29
N ALA C 327 -36.83 67.28 -39.62
CA ALA C 327 -36.78 67.79 -41.01
C ALA C 327 -35.74 67.06 -41.88
N GLY C 328 -35.10 66.02 -41.35
CA GLY C 328 -34.10 65.27 -42.14
C GLY C 328 -32.77 65.99 -42.38
N GLU C 329 -32.48 67.00 -41.57
CA GLU C 329 -31.24 67.74 -41.67
C GLU C 329 -30.30 67.59 -40.47
N ARG C 330 -29.00 67.61 -40.77
CA ARG C 330 -27.98 67.70 -39.73
C ARG C 330 -28.07 69.06 -39.06
N TYR C 331 -27.86 69.09 -37.76
CA TYR C 331 -27.88 70.34 -37.02
C TYR C 331 -26.78 70.46 -35.95
N LEU C 332 -25.96 69.43 -35.79
CA LEU C 332 -24.85 69.47 -34.82
C LEU C 332 -23.70 68.57 -35.22
N ASN C 333 -22.55 68.80 -34.59
CA ASN C 333 -21.45 67.89 -34.65
C ASN C 333 -21.75 66.67 -33.77
N GLU C 334 -21.94 65.54 -34.40
CA GLU C 334 -22.37 64.34 -33.73
C GLU C 334 -21.32 63.76 -32.78
N SER C 335 -20.08 64.18 -32.98
CA SER C 335 -18.95 63.73 -32.17
C SER C 335 -18.73 64.57 -30.92
N LEU C 336 -19.55 65.59 -30.71
CA LEU C 336 -19.47 66.42 -29.49
C LEU C 336 -19.53 65.60 -28.21
N PRO C 337 -18.82 66.08 -27.18
CA PRO C 337 -19.00 65.47 -25.87
C PRO C 337 -20.50 65.46 -25.54
N TYR C 338 -20.92 64.42 -24.83
CA TYR C 338 -22.32 64.11 -24.60
C TYR C 338 -23.16 65.25 -24.03
N ASP C 339 -22.61 66.04 -23.11
CA ASP C 339 -23.37 67.16 -22.55
C ASP C 339 -23.60 68.24 -23.58
N GLN C 340 -22.60 68.49 -24.39
CA GLN C 340 -22.74 69.50 -25.45
C GLN C 340 -23.70 68.99 -26.54
N PHE C 341 -23.67 67.69 -26.81
CA PHE C 341 -24.55 67.05 -27.79
C PHE C 341 -25.98 67.29 -27.28
N GLY C 342 -26.24 66.91 -26.03
CA GLY C 342 -27.55 67.05 -25.41
C GLY C 342 -28.05 68.48 -25.40
N ARG C 343 -27.19 69.39 -25.03
CA ARG C 343 -27.57 70.79 -25.03
C ARG C 343 -27.87 71.32 -26.42
N ALA C 344 -27.20 70.79 -27.43
CA ALA C 344 -27.53 71.18 -28.80
C ALA C 344 -28.91 70.63 -29.22
N MET C 345 -29.28 69.42 -28.77
CA MET C 345 -30.58 68.85 -29.04
C MET C 345 -31.64 69.78 -28.46
N ASP C 346 -31.46 70.14 -27.20
CA ASP C 346 -32.39 71.01 -26.53
C ASP C 346 -32.49 72.38 -27.19
N ALA C 347 -31.37 72.97 -27.56
CA ALA C 347 -31.39 74.27 -28.21
C ALA C 347 -32.08 74.23 -29.56
N HIS C 348 -31.97 73.13 -30.28
CA HIS C 348 -32.55 73.02 -31.61
C HIS C 348 -34.01 72.65 -31.55
N ASP C 349 -34.45 72.08 -30.42
CA ASP C 349 -35.77 71.49 -30.33
C ASP C 349 -36.87 72.53 -30.37
N ASP C 350 -37.83 72.32 -31.26
CA ASP C 350 -39.01 73.16 -31.30
C ASP C 350 -40.23 72.28 -31.29
N ASN C 351 -40.79 72.09 -30.11
CA ASN C 351 -41.96 71.24 -29.93
C ASN C 351 -41.76 69.86 -30.50
N GLY C 352 -40.58 69.30 -30.26
CA GLY C 352 -40.26 67.91 -30.67
C GLY C 352 -39.56 67.70 -31.98
N SER C 353 -39.13 68.76 -32.64
CA SER C 353 -38.37 68.64 -33.88
C SER C 353 -36.97 68.06 -33.72
N ALA C 354 -36.38 68.18 -32.52
CA ALA C 354 -35.07 67.60 -32.27
C ALA C 354 -35.05 66.54 -31.16
N VAL C 355 -36.17 66.35 -30.48
CA VAL C 355 -36.29 65.32 -29.47
C VAL C 355 -37.59 64.58 -29.73
N PRO C 356 -37.52 63.41 -30.34
CA PRO C 356 -36.31 62.67 -30.76
C PRO C 356 -35.55 63.27 -31.96
N SER C 357 -34.25 62.91 -32.06
CA SER C 357 -33.53 63.03 -33.30
C SER C 357 -33.29 61.62 -33.81
N PHE C 358 -32.72 61.52 -35.00
CA PHE C 358 -32.55 60.23 -35.64
C PHE C 358 -31.12 60.03 -36.05
N MET C 359 -30.53 58.96 -35.54
CA MET C 359 -29.21 58.60 -35.95
C MET C 359 -29.28 57.64 -37.11
N ILE C 360 -28.70 58.07 -38.22
CA ILE C 360 -28.70 57.38 -39.50
C ILE C 360 -27.36 56.68 -39.71
N PHE C 361 -27.40 55.38 -39.97
CA PHE C 361 -26.19 54.63 -40.19
C PHE C 361 -26.42 53.48 -41.14
N ASP C 362 -25.34 52.89 -41.64
CA ASP C 362 -25.46 51.82 -42.62
C ASP C 362 -25.02 50.54 -42.01
N SER C 363 -24.80 49.52 -42.84
CA SER C 363 -24.51 48.19 -42.34
C SER C 363 -23.00 47.92 -42.20
N ARG C 364 -22.19 48.96 -42.21
CA ARG C 364 -20.77 48.79 -41.99
C ARG C 364 -20.45 47.92 -40.75
N GLU C 365 -21.17 48.11 -39.65
CA GLU C 365 -20.91 47.30 -38.46
C GLU C 365 -21.94 46.19 -38.30
N GLY C 366 -22.38 45.64 -39.43
CA GLY C 366 -23.29 44.52 -39.42
C GLY C 366 -24.66 44.80 -38.81
N GLY C 367 -25.06 46.05 -38.79
CA GLY C 367 -26.34 46.42 -38.18
C GLY C 367 -26.19 47.10 -36.82
N GLY C 368 -24.99 47.03 -36.25
CA GLY C 368 -24.68 47.72 -35.00
C GLY C 368 -24.61 49.22 -35.18
N LEU C 369 -25.01 49.93 -34.15
CA LEU C 369 -24.96 51.37 -34.18
C LEU C 369 -23.53 51.79 -33.86
N PRO C 370 -23.00 52.80 -34.58
CA PRO C 370 -21.57 53.12 -34.40
C PRO C 370 -21.32 54.08 -33.23
N ALA C 371 -21.46 53.53 -32.03
CA ALA C 371 -21.25 54.24 -30.78
C ALA C 371 -21.35 53.23 -29.66
N ILE C 372 -20.98 53.66 -28.46
CA ILE C 372 -21.08 52.82 -27.26
C ILE C 372 -22.41 53.21 -26.61
N CYS C 373 -23.24 52.20 -26.38
CA CYS C 373 -24.59 52.39 -25.82
C CYS C 373 -24.63 51.64 -24.51
N ILE C 374 -25.04 52.33 -23.46
CA ILE C 374 -25.08 51.71 -22.14
C ILE C 374 -26.45 51.90 -21.49
N PRO C 375 -27.21 50.80 -21.30
CA PRO C 375 -26.95 49.42 -21.65
C PRO C 375 -27.08 49.11 -23.14
N ASN C 376 -26.59 47.95 -23.54
CA ASN C 376 -26.32 47.66 -24.95
C ASN C 376 -27.31 46.66 -25.51
N THR C 377 -28.51 47.14 -25.77
CA THR C 377 -29.60 46.34 -26.26
C THR C 377 -29.36 45.91 -27.72
N ALA C 378 -29.53 44.63 -28.00
CA ALA C 378 -29.23 44.13 -29.35
C ALA C 378 -30.09 44.83 -30.40
N PRO C 379 -29.49 45.12 -31.57
CA PRO C 379 -30.24 45.68 -32.69
C PRO C 379 -31.58 44.98 -32.99
N ALA C 380 -31.62 43.67 -32.92
CA ALA C 380 -32.85 42.93 -33.23
C ALA C 380 -34.02 43.30 -32.32
N LYS C 381 -33.74 43.59 -31.03
CA LYS C 381 -34.82 44.00 -30.13
C LYS C 381 -35.34 45.37 -30.49
N HIS C 382 -34.43 46.27 -30.82
CA HIS C 382 -34.82 47.61 -31.26
C HIS C 382 -35.66 47.55 -32.51
N LEU C 383 -35.29 46.67 -33.46
CA LEU C 383 -36.00 46.60 -34.75
C LEU C 383 -37.38 45.98 -34.56
N GLU C 384 -37.47 44.97 -33.71
CA GLU C 384 -38.71 44.32 -33.31
C GLU C 384 -39.68 45.34 -32.64
N ALA C 385 -39.14 46.20 -31.80
CA ALA C 385 -39.94 47.17 -31.10
C ALA C 385 -40.21 48.40 -31.92
N GLY C 386 -39.38 48.67 -32.92
CA GLY C 386 -39.57 49.89 -33.72
C GLY C 386 -38.88 51.14 -33.23
N THR C 387 -38.06 51.02 -32.19
CA THR C 387 -37.18 52.12 -31.82
C THR C 387 -36.13 52.40 -32.91
N TRP C 388 -35.66 51.34 -33.54
CA TRP C 388 -34.92 51.46 -34.78
C TRP C 388 -35.75 50.94 -35.91
N VAL C 389 -35.53 51.52 -37.09
CA VAL C 389 -36.08 50.99 -38.33
C VAL C 389 -34.97 50.82 -39.34
N GLY C 390 -35.13 49.80 -40.17
CA GLY C 390 -34.21 49.50 -41.25
C GLY C 390 -34.92 49.53 -42.59
N ALA C 391 -34.16 49.83 -43.64
CA ALA C 391 -34.69 49.81 -45.00
C ALA C 391 -33.56 49.67 -46.03
N ASP C 392 -33.88 49.13 -47.19
CA ASP C 392 -32.89 48.95 -48.25
C ASP C 392 -32.55 50.27 -48.93
N THR C 393 -33.42 51.26 -48.84
CA THR C 393 -33.11 52.57 -49.40
C THR C 393 -33.42 53.68 -48.42
N LEU C 394 -32.86 54.85 -48.69
CA LEU C 394 -33.11 56.02 -47.87
C LEU C 394 -34.51 56.54 -48.01
N GLU C 395 -35.13 56.36 -49.17
CA GLU C 395 -36.50 56.83 -49.42
C GLU C 395 -37.47 56.06 -48.53
N GLU C 396 -37.29 54.75 -48.47
CA GLU C 396 -38.06 53.90 -47.62
C GLU C 396 -37.78 54.16 -46.12
N LEU C 397 -36.51 54.39 -45.78
CA LEU C 397 -36.16 54.72 -44.39
C LEU C 397 -36.89 55.95 -43.98
N ALA C 398 -36.94 56.94 -44.87
CA ALA C 398 -37.59 58.21 -44.58
C ALA C 398 -39.12 58.02 -44.32
N ALA C 399 -39.75 57.18 -45.14
CA ALA C 399 -41.18 56.92 -44.99
C ALA C 399 -41.44 56.29 -43.61
N LYS C 400 -40.57 55.37 -43.20
CA LYS C 400 -40.77 54.65 -41.98
C LYS C 400 -40.53 55.51 -40.75
N THR C 401 -39.84 56.62 -40.90
CA THR C 401 -39.45 57.44 -39.76
C THR C 401 -40.17 58.75 -39.75
N GLY C 402 -40.87 59.08 -40.81
CA GLY C 402 -41.47 60.39 -40.88
C GLY C 402 -40.51 61.51 -41.25
N LEU C 403 -39.33 61.17 -41.76
CA LEU C 403 -38.43 62.15 -42.33
C LEU C 403 -38.73 62.43 -43.82
N PRO C 404 -38.50 63.66 -44.30
CA PRO C 404 -38.68 63.94 -45.73
C PRO C 404 -37.63 63.21 -46.52
N ALA C 405 -38.05 62.47 -47.54
CA ALA C 405 -37.16 61.61 -48.28
C ALA C 405 -36.09 62.43 -49.02
N ASP C 406 -36.49 63.53 -49.63
CA ASP C 406 -35.53 64.31 -50.38
C ASP C 406 -34.46 64.94 -49.50
N ALA C 407 -34.91 65.52 -48.38
CA ALA C 407 -33.98 66.09 -47.41
C ALA C 407 -33.02 65.04 -46.88
N LEU C 408 -33.55 63.87 -46.51
CA LEU C 408 -32.71 62.84 -45.96
C LEU C 408 -31.64 62.41 -46.98
N ARG C 409 -32.08 62.08 -48.20
CA ARG C 409 -31.16 61.68 -49.28
C ARG C 409 -30.07 62.75 -49.52
N SER C 410 -30.52 63.99 -49.57
CA SER C 410 -29.66 65.09 -49.82
C SER C 410 -28.63 65.31 -48.66
N THR C 411 -29.12 65.16 -47.43
CA THR C 411 -28.29 65.21 -46.25
C THR C 411 -27.19 64.15 -46.29
N VAL C 412 -27.55 62.92 -46.60
CA VAL C 412 -26.59 61.84 -46.66
C VAL C 412 -25.56 62.07 -47.78
N GLU C 413 -26.02 62.51 -48.94
CA GLU C 413 -25.10 62.74 -50.06
C GLU C 413 -24.08 63.80 -49.71
N LYS C 414 -24.56 64.88 -49.11
CA LYS C 414 -23.68 65.94 -48.69
C LYS C 414 -22.69 65.47 -47.63
N PHE C 415 -23.16 64.72 -46.65
CA PHE C 415 -22.24 64.18 -45.64
C PHE C 415 -21.22 63.25 -46.26
N ASN C 416 -21.67 62.38 -47.17
CA ASN C 416 -20.73 61.52 -47.87
C ASN C 416 -19.67 62.27 -48.70
N ASP C 417 -20.02 63.40 -49.29
CA ASP C 417 -19.02 64.25 -49.93
C ASP C 417 -18.01 64.77 -48.91
N ALA C 418 -18.51 65.22 -47.77
CA ALA C 418 -17.64 65.68 -46.68
C ALA C 418 -16.68 64.56 -46.25
N ALA C 419 -17.19 63.35 -46.12
CA ALA C 419 -16.35 62.22 -45.74
C ALA C 419 -15.24 61.99 -46.79
N LYS C 420 -15.60 62.12 -48.07
CA LYS C 420 -14.66 61.96 -49.17
C LYS C 420 -13.53 62.99 -49.06
N LEU C 421 -13.87 64.26 -48.89
CA LEU C 421 -12.90 65.32 -48.69
C LEU C 421 -12.20 65.27 -47.35
N GLY C 422 -12.81 64.65 -46.35
CA GLY C 422 -12.24 64.60 -45.01
C GLY C 422 -12.46 65.87 -44.24
N VAL C 423 -13.40 66.68 -44.67
CA VAL C 423 -13.74 67.91 -43.97
C VAL C 423 -15.26 68.09 -43.94
N ASP C 424 -15.78 68.41 -42.75
CA ASP C 424 -17.20 68.74 -42.54
C ASP C 424 -17.30 70.23 -42.37
N GLU C 425 -17.55 70.95 -43.48
CA GLU C 425 -17.58 72.42 -43.43
C GLU C 425 -18.77 72.92 -42.66
N GLU C 426 -19.83 72.11 -42.58
CA GLU C 426 -21.06 72.60 -41.96
C GLU C 426 -20.96 72.57 -40.43
N PHE C 427 -20.53 71.47 -39.84
CA PHE C 427 -20.47 71.39 -38.38
C PHE C 427 -19.10 71.03 -37.80
N HIS C 428 -18.08 70.97 -38.66
CA HIS C 428 -16.69 70.81 -38.23
C HIS C 428 -16.40 69.59 -37.42
N ARG C 429 -17.18 68.55 -37.64
CA ARG C 429 -16.92 67.28 -37.01
C ARG C 429 -15.52 66.77 -37.41
N GLY C 430 -14.82 66.16 -36.46
CA GLY C 430 -13.50 65.60 -36.71
C GLY C 430 -12.39 66.63 -36.72
N GLU C 431 -12.53 67.71 -35.94
CA GLU C 431 -11.51 68.76 -35.84
C GLU C 431 -11.19 69.01 -34.36
N ASP C 432 -11.10 67.96 -33.56
CA ASP C 432 -10.97 68.10 -32.09
C ASP C 432 -10.52 66.76 -31.55
N PRO C 433 -9.64 66.76 -30.52
CA PRO C 433 -9.13 65.49 -30.02
C PRO C 433 -10.18 64.58 -29.45
N TYR C 434 -11.28 65.16 -28.94
CA TYR C 434 -12.37 64.35 -28.45
C TYR C 434 -13.01 63.56 -29.62
N ASP C 435 -13.27 64.22 -30.72
CA ASP C 435 -13.87 63.56 -31.91
C ASP C 435 -13.02 62.38 -32.38
N ALA C 436 -11.69 62.58 -32.38
CA ALA C 436 -10.74 61.59 -32.91
C ALA C 436 -10.55 60.42 -31.97
N PHE C 437 -10.73 60.69 -30.67
CA PHE C 437 -10.40 59.73 -29.64
C PHE C 437 -11.09 58.40 -29.78
N PHE C 438 -12.32 58.39 -30.30
CA PHE C 438 -13.13 57.15 -30.36
C PHE C 438 -13.14 56.39 -31.68
N CYS C 439 -12.46 56.94 -32.69
CA CYS C 439 -12.43 56.39 -34.05
C CYS C 439 -11.02 55.72 -34.39
N PRO C 440 -11.04 54.46 -34.88
CA PRO C 440 -9.72 53.82 -35.14
C PRO C 440 -8.95 54.37 -36.36
N GLY C 444 -10.12 56.41 -44.32
CA GLY C 444 -10.26 57.62 -45.13
C GLY C 444 -9.54 58.85 -44.61
N ALA C 445 -9.81 60.02 -45.20
CA ALA C 445 -9.09 61.25 -44.86
C ALA C 445 -9.30 61.68 -43.42
N ASN C 446 -10.52 61.55 -42.93
CA ASN C 446 -10.84 61.89 -41.55
C ASN C 446 -11.54 60.73 -40.85
N ALA C 447 -10.91 60.24 -39.80
CA ALA C 447 -11.39 59.04 -39.13
C ALA C 447 -12.82 59.22 -38.58
N ALA C 448 -13.21 60.45 -38.30
CA ALA C 448 -14.52 60.73 -37.69
C ALA C 448 -15.65 60.83 -38.73
N LEU C 449 -15.27 60.88 -40.01
CA LEU C 449 -16.22 61.08 -41.11
C LEU C 449 -16.20 59.88 -42.04
N THR C 450 -17.23 59.05 -41.98
CA THR C 450 -17.30 57.82 -42.74
C THR C 450 -18.61 57.78 -43.53
N ALA C 451 -18.51 57.47 -44.82
CA ALA C 451 -19.64 57.55 -45.71
C ALA C 451 -20.68 56.55 -45.33
N ILE C 452 -21.92 56.97 -45.45
CA ILE C 452 -23.06 56.12 -45.16
C ILE C 452 -23.59 55.62 -46.51
N GLU C 453 -23.35 54.37 -46.85
CA GLU C 453 -23.54 53.96 -48.23
C GLU C 453 -23.76 52.49 -48.46
N ASN C 454 -23.52 51.63 -47.48
CA ASN C 454 -23.70 50.20 -47.68
C ASN C 454 -24.92 49.71 -46.92
N GLY C 455 -26.03 49.56 -47.64
CA GLY C 455 -27.29 49.21 -47.07
C GLY C 455 -27.32 47.78 -46.61
N PRO C 456 -28.37 47.38 -45.86
CA PRO C 456 -29.47 48.25 -45.41
C PRO C 456 -29.04 49.42 -44.55
N PHE C 457 -29.89 50.44 -44.54
CA PHE C 457 -29.69 51.64 -43.78
C PHE C 457 -30.61 51.60 -42.55
N TYR C 458 -30.17 52.26 -41.47
CA TYR C 458 -30.93 52.28 -40.22
C TYR C 458 -31.09 53.68 -39.65
N ALA C 459 -32.20 53.87 -38.95
CA ALA C 459 -32.46 55.08 -38.18
C ALA C 459 -32.82 54.65 -36.74
N ALA C 460 -32.07 55.16 -35.78
CA ALA C 460 -32.31 54.93 -34.35
C ALA C 460 -32.80 56.23 -33.73
N ARG C 461 -33.86 56.15 -32.91
CA ARG C 461 -34.37 57.33 -32.21
C ARG C 461 -33.42 57.68 -31.05
N ILE C 462 -33.04 58.95 -31.01
CA ILE C 462 -32.18 59.51 -30.00
C ILE C 462 -32.95 60.52 -29.19
N VAL C 463 -32.96 60.34 -27.87
CA VAL C 463 -33.65 61.27 -26.98
C VAL C 463 -32.66 62.04 -26.10
N LEU C 464 -33.18 62.94 -25.27
CA LEU C 464 -32.36 63.74 -24.40
C LEU C 464 -32.30 63.12 -23.01
N SER C 465 -31.28 62.29 -22.82
CA SER C 465 -31.11 61.56 -21.57
C SER C 465 -30.30 62.45 -20.61
N ASP C 466 -30.00 61.89 -19.43
CA ASP C 466 -29.16 62.57 -18.45
C ASP C 466 -28.44 61.54 -17.58
N LEU C 467 -27.34 62.00 -16.99
CA LEU C 467 -26.55 61.21 -16.06
C LEU C 467 -26.74 61.77 -14.64
N GLY C 468 -27.97 62.20 -14.36
CA GLY C 468 -28.31 62.93 -13.17
C GLY C 468 -28.54 64.40 -13.51
N THR C 469 -29.31 65.09 -12.68
CA THR C 469 -29.44 66.54 -12.77
C THR C 469 -28.31 67.16 -11.96
N LYS C 470 -28.12 68.47 -12.08
CA LYS C 470 -27.05 69.16 -11.41
C LYS C 470 -27.50 70.45 -10.68
N GLY C 471 -28.81 70.65 -10.54
CA GLY C 471 -29.36 71.76 -9.76
C GLY C 471 -29.70 71.30 -8.38
N GLY C 472 -29.75 72.22 -7.44
CA GLY C 472 -30.07 71.82 -6.07
C GLY C 472 -29.76 72.87 -5.04
N LEU C 473 -29.44 72.42 -3.84
CA LEU C 473 -29.20 73.32 -2.72
C LEU C 473 -27.95 74.14 -2.94
N VAL C 474 -28.04 75.43 -2.62
CA VAL C 474 -26.90 76.32 -2.67
C VAL C 474 -25.98 75.98 -1.50
N THR C 475 -24.67 75.91 -1.77
CA THR C 475 -23.69 75.58 -0.74
C THR C 475 -22.48 76.46 -0.85
N ASP C 476 -21.70 76.51 0.22
CA ASP C 476 -20.44 77.26 0.21
C ASP C 476 -19.27 76.31 -0.01
N VAL C 477 -18.05 76.83 0.13
CA VAL C 477 -16.85 76.03 -0.16
C VAL C 477 -16.67 74.85 0.76
N ASN C 478 -17.40 74.80 1.87
CA ASN C 478 -17.33 73.66 2.76
C ASN C 478 -18.55 72.80 2.77
N GLY C 479 -19.39 72.99 1.76
CA GLY C 479 -20.57 72.15 1.59
C GLY C 479 -21.75 72.54 2.45
N ARG C 480 -21.67 73.67 3.15
CA ARG C 480 -22.78 74.07 4.02
C ARG C 480 -23.92 74.59 3.18
N VAL C 481 -25.12 74.17 3.54
CA VAL C 481 -26.32 74.62 2.83
C VAL C 481 -26.64 76.06 3.26
N LEU C 482 -26.83 76.93 2.28
CA LEU C 482 -27.11 78.34 2.51
C LEU C 482 -28.59 78.70 2.26
N ARG C 483 -29.05 79.71 2.99
CA ARG C 483 -30.37 80.29 2.79
C ARG C 483 -30.26 81.30 1.68
N ALA C 484 -31.41 81.85 1.28
CA ALA C 484 -31.50 82.84 0.24
C ALA C 484 -30.65 84.07 0.52
N ASP C 485 -30.43 84.42 1.79
CA ASP C 485 -29.56 85.56 2.13
C ASP C 485 -28.08 85.19 2.24
N GLY C 486 -27.73 83.94 2.03
CA GLY C 486 -26.31 83.56 2.01
C GLY C 486 -25.82 83.05 3.35
N SER C 487 -26.69 83.08 4.36
CA SER C 487 -26.35 82.57 5.67
C SER C 487 -26.42 81.05 5.67
N ALA C 488 -25.58 80.43 6.50
CA ALA C 488 -25.44 78.97 6.54
C ALA C 488 -26.38 78.34 7.52
N ILE C 489 -27.00 77.24 7.14
CA ILE C 489 -27.86 76.50 8.02
C ILE C 489 -26.99 75.55 8.81
N ASP C 490 -26.84 75.85 10.10
CA ASP C 490 -25.89 75.12 10.92
C ASP C 490 -26.26 73.66 10.93
N GLY C 491 -25.24 72.82 10.84
CA GLY C 491 -25.43 71.38 10.93
C GLY C 491 -25.77 70.69 9.61
N LEU C 492 -25.98 71.47 8.55
CA LEU C 492 -26.49 70.91 7.29
C LEU C 492 -25.54 71.12 6.12
N TYR C 493 -25.19 70.00 5.50
CA TYR C 493 -24.30 70.00 4.34
C TYR C 493 -24.89 69.21 3.17
N ALA C 494 -24.50 69.62 1.97
CA ALA C 494 -24.89 68.92 0.76
C ALA C 494 -23.72 68.86 -0.24
N ALA C 495 -23.68 67.75 -0.98
CA ALA C 495 -22.69 67.57 -2.04
C ALA C 495 -23.22 66.63 -3.10
N GLY C 496 -22.51 66.56 -4.22
CA GLY C 496 -22.98 65.79 -5.36
C GLY C 496 -24.22 66.47 -5.91
N ASN C 497 -25.10 65.70 -6.51
CA ASN C 497 -26.22 66.33 -7.23
C ASN C 497 -27.38 66.80 -6.33
N THR C 498 -27.27 66.56 -5.01
CA THR C 498 -28.16 67.21 -4.04
C THR C 498 -27.83 68.70 -4.00
N SER C 499 -26.61 69.06 -4.38
CA SER C 499 -26.17 70.46 -4.44
C SER C 499 -26.17 71.00 -5.84
N ALA C 500 -26.38 72.29 -5.96
CA ALA C 500 -26.21 72.98 -7.23
C ALA C 500 -24.73 72.98 -7.62
N SER C 501 -24.43 72.49 -8.82
CA SER C 501 -23.04 72.32 -9.22
C SER C 501 -22.33 73.62 -9.45
N LEU C 502 -21.09 73.72 -9.00
CA LEU C 502 -20.27 74.88 -9.37
C LEU C 502 -20.05 75.02 -10.89
N SER C 503 -20.23 73.93 -11.61
CA SER C 503 -20.01 73.91 -13.07
C SER C 503 -21.09 74.56 -13.91
N GLY C 504 -22.18 75.00 -13.30
CA GLY C 504 -23.19 75.77 -14.05
C GLY C 504 -23.66 74.99 -15.26
N ARG C 505 -23.58 75.61 -16.43
CA ARG C 505 -24.08 75.02 -17.68
C ARG C 505 -23.01 74.23 -18.44
N PHE C 506 -21.94 73.82 -17.77
CA PHE C 506 -20.78 73.17 -18.43
C PHE C 506 -20.43 71.84 -17.81
N TYR C 507 -19.98 70.89 -18.64
CA TYR C 507 -19.44 69.62 -18.23
C TYR C 507 -17.97 69.64 -18.69
N PRO C 508 -17.06 70.13 -17.85
CA PRO C 508 -15.70 70.46 -18.32
C PRO C 508 -14.86 69.31 -18.83
N GLY C 509 -15.01 68.14 -18.25
CA GLY C 509 -14.27 66.98 -18.69
C GLY C 509 -14.75 65.77 -17.94
N PRO C 510 -14.15 64.63 -18.24
CA PRO C 510 -14.58 63.39 -17.64
C PRO C 510 -14.36 63.39 -16.12
N GLY C 511 -15.37 63.02 -15.37
CA GLY C 511 -15.19 62.88 -13.92
C GLY C 511 -15.52 64.09 -13.09
N VAL C 512 -16.04 65.15 -13.70
CA VAL C 512 -16.44 66.33 -12.91
C VAL C 512 -17.58 66.03 -11.91
N PRO C 513 -18.62 65.29 -12.34
CA PRO C 513 -19.70 65.02 -11.37
C PRO C 513 -19.23 64.27 -10.12
N LEU C 514 -18.43 63.22 -10.30
CA LEU C 514 -17.89 62.50 -9.18
C LEU C 514 -16.81 63.32 -8.41
N GLY C 515 -15.98 64.06 -9.13
CA GLY C 515 -14.90 64.80 -8.55
C GLY C 515 -15.45 65.89 -7.63
N THR C 516 -16.41 66.66 -8.12
CA THR C 516 -17.03 67.69 -7.28
C THR C 516 -17.73 67.06 -6.07
N ALA C 517 -18.44 65.97 -6.30
CA ALA C 517 -19.14 65.29 -5.22
C ALA C 517 -18.16 64.89 -4.12
N MET C 518 -17.04 64.32 -4.54
CA MET C 518 -16.05 63.79 -3.61
C MET C 518 -15.32 64.92 -2.84
N VAL C 519 -14.95 65.99 -3.53
CA VAL C 519 -14.23 67.07 -2.89
C VAL C 519 -15.10 67.77 -1.85
N PHE C 520 -16.34 68.10 -2.21
CA PHE C 520 -17.20 68.79 -1.24
C PHE C 520 -17.76 67.91 -0.13
N SER C 521 -17.89 66.61 -0.36
CA SER C 521 -18.22 65.72 0.72
C SER C 521 -17.07 65.63 1.74
N TYR C 522 -15.84 65.61 1.23
CA TYR C 522 -14.64 65.63 2.07
C TYR C 522 -14.58 66.94 2.87
N ARG C 523 -14.74 68.07 2.20
CA ARG C 523 -14.69 69.35 2.87
C ARG C 523 -15.81 69.51 3.93
N ALA C 524 -17.01 68.99 3.65
CA ALA C 524 -18.10 68.99 4.64
C ALA C 524 -17.70 68.21 5.87
N ALA C 525 -17.17 67.02 5.68
CA ALA C 525 -16.74 66.20 6.81
C ALA C 525 -15.61 66.87 7.61
N GLN C 526 -14.70 67.54 6.91
CA GLN C 526 -13.63 68.27 7.59
C GLN C 526 -14.20 69.42 8.43
N ASP C 527 -15.18 70.12 7.89
CA ASP C 527 -15.83 71.22 8.59
C ASP C 527 -16.52 70.72 9.86
N MET C 528 -17.20 69.60 9.73
CA MET C 528 -17.85 68.98 10.87
C MET C 528 -16.86 68.53 11.95
N ALA C 529 -15.64 68.25 11.55
CA ALA C 529 -14.64 67.79 12.48
C ALA C 529 -13.99 68.93 13.29
N LYS C 530 -14.06 70.18 12.82
CA LYS C 530 -13.41 71.34 13.50
C LYS C 530 -13.74 71.48 14.98
N ASP D 23 -21.98 22.99 -60.39
CA ASP D 23 -21.28 22.15 -59.39
C ASP D 23 -20.70 23.03 -58.31
N TRP D 24 -19.41 23.38 -58.27
CA TRP D 24 -18.84 24.13 -57.10
C TRP D 24 -19.07 25.61 -57.06
N THR D 25 -19.52 26.14 -55.92
CA THR D 25 -19.73 27.58 -55.77
C THR D 25 -18.46 28.29 -55.40
N SER D 26 -17.67 27.66 -54.53
CA SER D 26 -16.32 28.17 -54.23
C SER D 26 -15.44 27.04 -53.79
N GLU D 27 -14.17 27.38 -53.62
CA GLU D 27 -13.16 26.39 -53.43
C GLU D 27 -12.19 26.92 -52.39
N CYS D 28 -11.67 26.03 -51.57
CA CYS D 28 -10.58 26.39 -50.66
C CYS D 28 -9.76 25.14 -50.39
N ASP D 29 -8.62 25.33 -49.75
CA ASP D 29 -7.81 24.19 -49.27
C ASP D 29 -8.40 23.52 -48.05
N VAL D 30 -8.77 24.33 -47.06
CA VAL D 30 -9.28 23.80 -45.78
C VAL D 30 -10.62 24.44 -45.47
N LEU D 31 -11.63 23.61 -45.34
CA LEU D 31 -12.95 24.11 -44.99
C LEU D 31 -13.18 23.78 -43.52
N VAL D 32 -13.48 24.82 -42.75
CA VAL D 32 -13.72 24.65 -41.32
C VAL D 32 -15.18 24.94 -41.03
N VAL D 33 -15.82 23.97 -40.40
CA VAL D 33 -17.20 24.14 -39.97
C VAL D 33 -17.23 24.44 -38.46
N GLY D 34 -17.77 25.59 -38.09
CA GLY D 34 -17.84 26.05 -36.72
C GLY D 34 -16.87 27.20 -36.52
N SER D 35 -16.99 27.89 -35.38
CA SER D 35 -16.12 29.00 -35.07
C SER D 35 -15.81 29.15 -33.56
N GLY D 36 -15.81 28.04 -32.83
CA GLY D 36 -15.36 28.02 -31.45
C GLY D 36 -13.84 28.07 -31.41
N GLY D 37 -13.26 27.90 -30.23
CA GLY D 37 -11.80 27.98 -30.09
C GLY D 37 -11.08 26.98 -30.97
N GLY D 38 -11.50 25.73 -30.92
CA GLY D 38 -10.94 24.68 -31.77
C GLY D 38 -10.99 25.05 -33.25
N ALA D 39 -12.19 25.29 -33.78
CA ALA D 39 -12.31 25.66 -35.16
C ALA D 39 -11.40 26.79 -35.56
N LEU D 40 -11.36 27.85 -34.79
CA LEU D 40 -10.58 29.01 -35.22
C LEU D 40 -9.06 28.68 -35.13
N THR D 41 -8.69 27.81 -34.19
CA THR D 41 -7.28 27.41 -34.05
C THR D 41 -6.88 26.57 -35.28
N GLY D 42 -7.77 25.69 -35.71
CA GLY D 42 -7.58 24.90 -36.91
C GLY D 42 -7.46 25.80 -38.14
N ALA D 43 -8.37 26.75 -38.24
CA ALA D 43 -8.33 27.71 -39.33
C ALA D 43 -7.04 28.50 -39.35
N TYR D 44 -6.60 28.96 -38.18
CA TYR D 44 -5.37 29.74 -38.09
C TYR D 44 -4.17 28.90 -38.52
N THR D 45 -4.10 27.68 -38.04
CA THR D 45 -3.01 26.79 -38.33
C THR D 45 -2.87 26.57 -39.84
N ALA D 46 -3.99 26.36 -40.51
CA ALA D 46 -4.01 26.16 -41.96
C ALA D 46 -3.64 27.46 -42.68
N ALA D 47 -4.33 28.54 -42.35
CA ALA D 47 -4.15 29.79 -43.06
C ALA D 47 -2.78 30.41 -42.85
N ALA D 48 -2.21 30.22 -41.68
CA ALA D 48 -0.90 30.84 -41.38
C ALA D 48 0.24 30.19 -42.16
N GLN D 49 0.06 28.96 -42.61
CA GLN D 49 1.07 28.31 -43.47
C GLN D 49 0.66 28.31 -44.95
N GLY D 50 -0.21 29.25 -45.35
CA GLY D 50 -0.50 29.48 -46.75
C GLY D 50 -1.70 28.77 -47.35
N LEU D 51 -2.37 27.89 -46.60
CA LEU D 51 -3.54 27.21 -47.13
C LEU D 51 -4.77 28.12 -47.09
N THR D 52 -5.47 28.24 -48.21
CA THR D 52 -6.71 29.04 -48.22
C THR D 52 -7.75 28.34 -47.36
N THR D 53 -8.43 29.14 -46.55
CA THR D 53 -9.33 28.61 -45.54
C THR D 53 -10.65 29.36 -45.56
N ILE D 54 -11.73 28.60 -45.46
CA ILE D 54 -13.05 29.17 -45.25
C ILE D 54 -13.62 28.65 -43.92
N VAL D 55 -14.11 29.60 -43.12
CA VAL D 55 -14.76 29.27 -41.84
C VAL D 55 -16.26 29.53 -41.98
N LEU D 56 -17.05 28.51 -41.72
CA LEU D 56 -18.50 28.59 -41.75
C LEU D 56 -19.10 28.57 -40.34
N GLU D 57 -19.72 29.68 -39.93
CA GLU D 57 -20.48 29.71 -38.68
C GLU D 57 -21.99 29.75 -38.98
N LYS D 58 -22.72 28.83 -38.39
CA LYS D 58 -24.18 28.73 -38.49
C LYS D 58 -24.94 29.99 -38.13
N THR D 59 -24.59 30.60 -37.00
CA THR D 59 -25.37 31.69 -36.46
C THR D 59 -24.84 33.02 -36.96
N ASP D 60 -25.37 34.11 -36.46
CA ASP D 60 -24.86 35.44 -36.83
C ASP D 60 -23.67 35.91 -35.97
N ARG D 61 -23.18 35.07 -35.06
CA ARG D 61 -21.99 35.42 -34.27
C ARG D 61 -21.00 34.29 -34.18
N PHE D 62 -19.72 34.66 -34.17
CA PHE D 62 -18.66 33.67 -34.01
C PHE D 62 -18.47 33.31 -32.54
N GLY D 63 -18.16 32.06 -32.29
CA GLY D 63 -17.56 31.67 -31.02
C GLY D 63 -18.29 30.59 -30.29
N GLY D 64 -19.60 30.47 -30.49
CA GLY D 64 -20.34 29.43 -29.81
C GLY D 64 -20.22 29.46 -28.30
N THR D 65 -20.28 28.28 -27.70
CA THR D 65 -20.08 28.12 -26.28
C THR D 65 -18.68 28.58 -25.86
N SER D 66 -17.71 28.42 -26.75
CA SER D 66 -16.34 28.88 -26.47
C SER D 66 -16.37 30.36 -26.11
N ALA D 67 -17.20 31.13 -26.80
CA ALA D 67 -17.31 32.58 -26.47
C ALA D 67 -17.89 32.80 -25.05
N TYR D 68 -18.85 31.94 -24.67
CA TYR D 68 -19.43 31.99 -23.31
C TYR D 68 -18.42 31.62 -22.20
N SER D 69 -17.39 30.88 -22.57
CA SER D 69 -16.55 30.21 -21.60
C SER D 69 -15.71 31.21 -20.84
N GLY D 70 -15.07 30.71 -19.77
CA GLY D 70 -14.09 31.51 -19.06
C GLY D 70 -12.74 31.52 -19.77
N ALA D 71 -12.61 30.72 -20.82
CA ALA D 71 -11.38 30.63 -21.60
C ALA D 71 -10.15 30.20 -20.79
N SER D 72 -10.38 29.33 -19.80
CA SER D 72 -9.33 28.58 -19.22
C SER D 72 -9.02 27.46 -20.20
N ILE D 73 -7.71 27.19 -20.42
CA ILE D 73 -7.29 26.23 -21.41
C ILE D 73 -6.23 25.31 -20.86
N TRP D 74 -6.51 24.02 -20.90
CA TRP D 74 -5.59 23.05 -20.34
C TRP D 74 -4.63 22.61 -21.41
N LEU D 75 -3.58 23.39 -21.52
CA LEU D 75 -2.46 23.17 -22.44
C LEU D 75 -1.17 23.22 -21.59
N PRO D 76 -0.82 22.11 -20.97
CA PRO D 76 0.27 22.09 -20.02
C PRO D 76 1.67 22.13 -20.62
N GLY D 77 2.62 22.58 -19.79
CA GLY D 77 4.04 22.46 -20.09
C GLY D 77 4.48 23.30 -21.26
N THR D 78 3.93 24.49 -21.39
CA THR D 78 4.23 25.34 -22.51
C THR D 78 5.01 26.55 -22.05
N GLN D 79 5.36 27.39 -23.01
CA GLN D 79 6.09 28.59 -22.74
C GLN D 79 5.35 29.54 -21.82
N VAL D 80 4.01 29.44 -21.81
CA VAL D 80 3.22 30.32 -20.98
C VAL D 80 3.45 30.03 -19.49
N GLN D 81 3.37 28.78 -19.11
CA GLN D 81 3.61 28.40 -17.72
C GLN D 81 5.09 28.59 -17.31
N GLU D 82 6.01 28.45 -18.27
CA GLU D 82 7.42 28.78 -18.03
C GLU D 82 7.56 30.21 -17.60
N ARG D 83 6.84 31.12 -18.26
CA ARG D 83 6.89 32.54 -17.90
C ARG D 83 6.29 32.86 -16.54
N ALA D 84 5.57 31.92 -15.94
CA ALA D 84 5.07 32.05 -14.57
C ALA D 84 5.87 31.25 -13.57
N GLY D 85 6.92 30.57 -14.02
CA GLY D 85 7.78 29.79 -13.14
C GLY D 85 7.06 28.62 -12.51
N LEU D 86 6.06 28.10 -13.20
CA LEU D 86 5.28 27.04 -12.66
C LEU D 86 6.03 25.73 -12.67
N PRO D 87 6.08 25.04 -11.52
CA PRO D 87 6.79 23.76 -11.46
C PRO D 87 5.96 22.60 -11.96
N ASP D 88 5.98 22.41 -13.26
CA ASP D 88 5.16 21.40 -13.90
C ASP D 88 5.84 21.04 -15.21
N SER D 89 5.37 19.97 -15.85
CA SER D 89 5.93 19.55 -17.11
C SER D 89 4.97 18.68 -17.87
N THR D 90 5.30 18.47 -19.13
CA THR D 90 4.61 17.54 -19.97
C THR D 90 4.45 16.19 -19.30
N GLU D 91 5.52 15.67 -18.69
CA GLU D 91 5.41 14.32 -18.09
C GLU D 91 4.53 14.31 -16.87
N ASN D 92 4.53 15.39 -16.11
CA ASN D 92 3.69 15.48 -14.92
C ASN D 92 2.20 15.47 -15.35
N ALA D 93 1.90 16.20 -16.42
CA ALA D 93 0.56 16.26 -16.99
C ALA D 93 0.14 14.94 -17.56
N ARG D 94 1.05 14.28 -18.28
CA ARG D 94 0.77 12.97 -18.81
C ARG D 94 0.41 12.01 -17.70
N THR D 95 1.16 12.08 -16.59
CA THR D 95 0.94 11.20 -15.44
C THR D 95 -0.45 11.39 -14.86
N TYR D 96 -0.87 12.63 -14.80
CA TYR D 96 -2.20 12.97 -14.25
C TYR D 96 -3.30 12.35 -15.11
N LEU D 97 -3.25 12.58 -16.43
CA LEU D 97 -4.24 11.98 -17.33
C LEU D 97 -4.25 10.47 -17.20
N ARG D 98 -3.07 9.87 -17.19
CA ARG D 98 -3.00 8.42 -17.12
C ARG D 98 -3.61 7.91 -15.83
N ALA D 99 -3.35 8.60 -14.74
CA ALA D 99 -3.87 8.21 -13.45
C ALA D 99 -5.39 8.28 -13.41
N LEU D 100 -5.99 9.25 -14.07
CA LEU D 100 -7.47 9.37 -14.13
C LEU D 100 -8.14 8.49 -15.15
N LEU D 101 -7.57 8.51 -16.36
CA LEU D 101 -8.23 7.94 -17.54
C LEU D 101 -7.84 6.51 -17.82
N GLY D 102 -6.72 6.06 -17.25
CA GLY D 102 -6.18 4.75 -17.58
C GLY D 102 -5.65 4.73 -18.99
N ASP D 103 -5.59 3.55 -19.59
CA ASP D 103 -4.98 3.35 -20.91
C ASP D 103 -5.92 3.57 -22.05
N ALA D 104 -7.22 3.65 -21.77
CA ALA D 104 -8.19 4.00 -22.79
C ALA D 104 -7.83 5.35 -23.40
N GLU D 105 -7.54 5.31 -24.69
CA GLU D 105 -7.20 6.50 -25.48
C GLU D 105 -5.81 7.05 -25.14
N SER D 106 -4.91 6.18 -24.67
CA SER D 106 -3.56 6.63 -24.27
C SER D 106 -2.77 7.30 -25.39
N GLU D 107 -2.98 6.89 -26.63
CA GLU D 107 -2.31 7.53 -27.75
C GLU D 107 -2.79 8.96 -27.95
N ARG D 108 -4.08 9.18 -27.78
CA ARG D 108 -4.63 10.54 -27.89
C ARG D 108 -4.29 11.39 -26.66
N GLN D 109 -4.26 10.78 -25.47
CA GLN D 109 -3.70 11.45 -24.29
C GLN D 109 -2.29 11.96 -24.55
N ASP D 110 -1.45 11.10 -25.14
CA ASP D 110 -0.06 11.46 -25.44
C ASP D 110 0.00 12.59 -26.43
N ALA D 111 -0.80 12.52 -27.49
CA ALA D 111 -0.80 13.57 -28.51
C ALA D 111 -1.25 14.89 -27.94
N TYR D 112 -2.20 14.83 -27.00
CA TYR D 112 -2.76 16.03 -26.39
C TYR D 112 -1.68 16.76 -25.61
N VAL D 113 -1.06 16.09 -24.66
CA VAL D 113 -0.03 16.75 -23.85
C VAL D 113 1.24 17.08 -24.64
N GLU D 114 1.63 16.21 -25.56
CA GLU D 114 2.87 16.42 -26.33
C GLU D 114 2.75 17.56 -27.31
N THR D 115 1.54 17.83 -27.81
CA THR D 115 1.35 18.88 -28.82
C THR D 115 1.03 20.25 -28.26
N ALA D 116 0.64 20.32 -27.00
CA ALA D 116 0.27 21.59 -26.40
C ALA D 116 1.29 22.70 -26.59
N PRO D 117 2.58 22.44 -26.28
CA PRO D 117 3.57 23.50 -26.44
C PRO D 117 3.62 24.10 -27.85
N ALA D 118 3.56 23.25 -28.86
CA ALA D 118 3.63 23.74 -30.27
C ALA D 118 2.39 24.55 -30.63
N VAL D 119 1.22 24.14 -30.14
CA VAL D 119 0.01 24.95 -30.39
C VAL D 119 0.17 26.33 -29.80
N VAL D 120 0.59 26.38 -28.53
CA VAL D 120 0.71 27.68 -27.85
C VAL D 120 1.74 28.54 -28.55
N ALA D 121 2.88 27.93 -28.90
CA ALA D 121 3.96 28.66 -29.55
C ALA D 121 3.49 29.25 -30.86
N LEU D 122 2.80 28.46 -31.66
CA LEU D 122 2.26 28.99 -32.94
C LEU D 122 1.32 30.16 -32.70
N LEU D 123 0.40 29.99 -31.76
CA LEU D 123 -0.61 31.03 -31.54
C LEU D 123 -0.01 32.30 -30.99
N GLU D 124 0.88 32.17 -29.99
CA GLU D 124 1.50 33.38 -29.42
C GLU D 124 2.45 34.10 -30.36
N GLN D 125 2.87 33.43 -31.43
CA GLN D 125 3.65 34.12 -32.44
C GLN D 125 2.83 35.23 -33.08
N ASN D 126 1.51 35.07 -33.12
CA ASN D 126 0.69 36.08 -33.74
C ASN D 126 0.55 37.27 -32.83
N PRO D 127 0.71 38.48 -33.38
CA PRO D 127 0.58 39.67 -32.57
C PRO D 127 -0.74 39.84 -31.85
N ASN D 128 -1.82 39.22 -32.33
CA ASN D 128 -3.13 39.37 -31.70
C ASN D 128 -3.36 38.40 -30.52
N ILE D 129 -2.44 37.48 -30.27
CA ILE D 129 -2.67 36.45 -29.28
C ILE D 129 -1.59 36.45 -28.20
N GLU D 130 -2.01 36.47 -26.94
CA GLU D 130 -1.13 36.22 -25.79
C GLU D 130 -1.99 35.61 -24.66
N PHE D 131 -1.42 34.64 -23.96
CA PHE D 131 -2.02 33.97 -22.82
C PHE D 131 -1.22 34.28 -21.54
N GLU D 132 -1.82 33.93 -20.39
CA GLU D 132 -1.08 33.87 -19.11
C GLU D 132 -1.64 32.76 -18.24
N PHE D 133 -0.81 32.20 -17.38
CA PHE D 133 -1.26 31.21 -16.40
C PHE D 133 -2.25 31.88 -15.45
N ARG D 134 -3.28 31.17 -15.05
CA ARG D 134 -4.20 31.65 -14.01
C ARG D 134 -4.55 30.49 -13.13
N ALA D 135 -4.35 30.69 -11.84
CA ALA D 135 -4.55 29.65 -10.87
C ALA D 135 -6.03 29.21 -10.85
N PHE D 136 -6.24 27.91 -10.87
CA PHE D 136 -7.54 27.28 -10.76
C PHE D 136 -7.22 25.80 -10.68
N PRO D 137 -7.65 25.11 -9.60
CA PRO D 137 -7.10 23.78 -9.34
C PRO D 137 -7.56 22.73 -10.33
N ASP D 138 -6.70 21.77 -10.64
CA ASP D 138 -7.15 20.55 -11.27
C ASP D 138 -8.21 19.84 -10.37
N TYR D 139 -9.00 18.94 -10.95
CA TYR D 139 -10.26 18.57 -10.34
C TYR D 139 -10.28 17.25 -9.56
N TYR D 140 -9.23 16.44 -9.71
CA TYR D 140 -9.16 15.17 -9.01
C TYR D 140 -7.84 14.98 -8.24
N LYS D 141 -7.93 14.32 -7.10
CA LYS D 141 -6.79 13.97 -6.29
C LYS D 141 -6.15 12.81 -6.99
N ALA D 142 -4.95 13.01 -7.51
CA ALA D 142 -4.26 11.96 -8.22
C ALA D 142 -2.83 12.42 -8.48
N GLU D 143 -1.97 11.47 -8.77
CA GLU D 143 -0.57 11.78 -9.07
C GLU D 143 -0.58 12.73 -10.28
N GLY D 144 0.19 13.80 -10.19
CA GLY D 144 0.24 14.79 -11.29
C GLY D 144 -0.72 15.95 -11.22
N ARG D 145 -1.65 15.91 -10.26
CA ARG D 145 -2.55 17.03 -10.06
C ARG D 145 -1.75 18.27 -9.72
N MET D 146 -2.15 19.43 -10.26
CA MET D 146 -1.66 20.69 -9.76
C MET D 146 -2.75 21.29 -8.87
N ASP D 147 -2.43 21.46 -7.57
CA ASP D 147 -3.40 21.99 -6.62
C ASP D 147 -3.76 23.42 -6.92
N THR D 148 -2.86 24.15 -7.54
CA THR D 148 -3.08 25.55 -7.97
C THR D 148 -3.51 25.61 -9.45
N GLY D 149 -3.47 24.48 -10.13
CA GLY D 149 -3.68 24.43 -11.58
C GLY D 149 -2.46 24.64 -12.46
N ARG D 150 -2.67 24.44 -13.75
CA ARG D 150 -1.67 24.65 -14.82
C ARG D 150 -2.31 25.27 -16.08
N SER D 151 -3.54 25.79 -15.98
CA SER D 151 -4.24 26.24 -17.17
C SER D 151 -3.96 27.68 -17.44
N ILE D 152 -4.20 28.07 -18.69
CA ILE D 152 -3.88 29.38 -19.18
C ILE D 152 -5.09 30.05 -19.84
N ASN D 153 -5.02 31.36 -19.95
CA ASN D 153 -6.12 32.17 -20.35
C ASN D 153 -5.63 33.26 -21.28
N PRO D 154 -6.48 33.68 -22.22
CA PRO D 154 -6.09 34.80 -23.08
C PRO D 154 -6.16 36.08 -22.32
N LEU D 155 -5.27 37.02 -22.62
CA LEU D 155 -5.34 38.33 -21.96
C LEU D 155 -6.59 39.08 -22.36
N ASP D 156 -7.06 39.95 -21.44
CA ASP D 156 -8.20 40.82 -21.73
C ASP D 156 -7.89 41.57 -23.02
N LEU D 157 -8.91 41.88 -23.80
CA LEU D 157 -8.74 42.51 -25.11
C LEU D 157 -9.58 43.74 -25.24
N ASP D 158 -8.94 44.84 -25.61
CA ASP D 158 -9.68 46.06 -25.87
C ASP D 158 -10.36 45.85 -27.21
N PRO D 159 -11.70 45.93 -27.25
CA PRO D 159 -12.40 45.67 -28.49
C PRO D 159 -11.95 46.56 -29.63
N ALA D 160 -11.50 47.78 -29.32
CA ALA D 160 -11.01 48.70 -30.32
C ALA D 160 -9.81 48.14 -31.06
N ASP D 161 -9.09 47.19 -30.48
CA ASP D 161 -7.89 46.66 -31.12
C ASP D 161 -8.13 45.62 -32.19
N ILE D 162 -9.37 45.20 -32.40
CA ILE D 162 -9.66 44.24 -33.47
C ILE D 162 -10.74 44.77 -34.43
N GLY D 163 -11.01 46.06 -34.35
CA GLY D 163 -11.88 46.72 -35.30
C GLY D 163 -13.27 46.14 -35.34
N ASP D 164 -13.74 45.87 -36.55
CA ASP D 164 -15.11 45.44 -36.78
C ASP D 164 -15.34 43.98 -36.34
N LEU D 165 -14.28 43.26 -35.97
CA LEU D 165 -14.46 41.88 -35.52
C LEU D 165 -15.12 41.77 -34.15
N ALA D 166 -14.99 42.79 -33.32
CA ALA D 166 -15.53 42.69 -31.96
C ALA D 166 -17.04 42.44 -31.99
N GLY D 167 -17.72 43.16 -32.86
CA GLY D 167 -19.17 43.08 -32.98
C GLY D 167 -19.64 41.79 -33.61
N LYS D 168 -18.72 40.95 -34.09
CA LYS D 168 -19.07 39.64 -34.62
C LYS D 168 -18.84 38.50 -33.63
N VAL D 169 -18.30 38.83 -32.45
CA VAL D 169 -18.11 37.85 -31.41
C VAL D 169 -19.39 37.72 -30.56
N ARG D 170 -19.77 36.49 -30.26
CA ARG D 170 -20.95 36.22 -29.43
C ARG D 170 -20.72 36.78 -28.04
N PRO D 171 -21.71 37.50 -27.49
CA PRO D 171 -21.51 38.06 -26.15
C PRO D 171 -21.67 37.04 -25.03
N GLU D 172 -21.19 37.43 -23.85
CA GLU D 172 -21.29 36.58 -22.65
C GLU D 172 -22.74 36.22 -22.32
N LEU D 173 -22.93 35.12 -21.59
CA LEU D 173 -24.25 34.62 -21.21
C LEU D 173 -25.10 35.70 -20.53
N ASP D 174 -24.47 36.51 -19.68
CA ASP D 174 -25.19 37.56 -18.93
C ASP D 174 -25.75 38.65 -19.84
N GLN D 175 -25.28 38.68 -21.09
CA GLN D 175 -25.81 39.60 -22.13
C GLN D 175 -26.64 38.86 -23.18
N ASP D 176 -26.18 37.66 -23.56
CA ASP D 176 -26.69 37.01 -24.75
C ASP D 176 -28.11 36.49 -24.53
N ARG D 177 -28.47 36.11 -23.32
CA ARG D 177 -29.79 35.59 -23.01
C ARG D 177 -30.78 36.62 -22.49
N THR D 178 -30.43 37.89 -22.57
CA THR D 178 -31.30 39.00 -22.18
C THR D 178 -31.40 40.01 -23.30
N GLY D 179 -31.13 39.59 -24.54
CA GLY D 179 -31.32 40.50 -25.68
C GLY D 179 -30.35 41.64 -25.77
N GLN D 180 -29.09 41.36 -25.38
CA GLN D 180 -28.07 42.37 -25.30
C GLN D 180 -26.79 41.96 -26.03
N ASP D 181 -26.04 42.97 -26.44
CA ASP D 181 -24.75 42.78 -27.02
C ASP D 181 -23.70 43.02 -25.91
N HIS D 182 -22.41 43.14 -26.27
CA HIS D 182 -21.37 43.30 -25.26
C HIS D 182 -21.57 44.44 -24.31
N ALA D 183 -21.33 44.18 -23.04
CA ALA D 183 -21.27 45.23 -22.02
C ALA D 183 -19.93 46.04 -22.14
N PRO D 184 -19.85 47.21 -21.47
CA PRO D 184 -18.84 48.20 -21.76
C PRO D 184 -17.37 47.90 -21.42
N GLY D 185 -17.05 46.92 -20.63
CA GLY D 185 -15.60 46.76 -20.41
C GLY D 185 -14.74 46.19 -21.56
N PRO D 186 -13.54 45.74 -21.24
CA PRO D 186 -12.81 44.95 -22.20
C PRO D 186 -13.50 43.62 -22.51
N MET D 187 -13.06 42.96 -23.58
CA MET D 187 -13.47 41.61 -23.85
C MET D 187 -12.62 40.70 -22.98
N ILE D 188 -13.27 39.79 -22.25
CA ILE D 188 -12.56 38.89 -21.36
C ILE D 188 -13.04 37.49 -21.57
N GLY D 189 -12.30 36.54 -21.01
CA GLY D 189 -12.68 35.11 -21.08
C GLY D 189 -12.85 34.68 -22.53
N GLY D 190 -13.93 33.95 -22.80
CA GLY D 190 -14.23 33.48 -24.13
C GLY D 190 -14.33 34.57 -25.17
N ARG D 191 -14.77 35.77 -24.80
CA ARG D 191 -14.85 36.86 -25.77
C ARG D 191 -13.46 37.31 -26.21
N ALA D 192 -12.51 37.31 -25.27
CA ALA D 192 -11.13 37.59 -25.61
C ALA D 192 -10.53 36.47 -26.43
N LEU D 193 -10.81 35.23 -26.07
CA LEU D 193 -10.29 34.11 -26.82
C LEU D 193 -10.72 34.17 -28.27
N ILE D 194 -12.04 34.32 -28.50
CA ILE D 194 -12.59 34.32 -29.83
C ILE D 194 -12.19 35.59 -30.59
N GLY D 195 -12.24 36.74 -29.94
CA GLY D 195 -11.83 37.99 -30.58
C GLY D 195 -10.38 37.97 -31.06
N ARG D 196 -9.50 37.45 -30.22
CA ARG D 196 -8.07 37.33 -30.58
C ARG D 196 -7.86 36.29 -31.69
N LEU D 197 -8.49 35.13 -31.58
CA LEU D 197 -8.39 34.11 -32.63
C LEU D 197 -8.89 34.61 -33.99
N LEU D 198 -10.02 35.31 -34.00
CA LEU D 198 -10.55 35.88 -35.20
C LEU D 198 -9.58 36.89 -35.82
N ALA D 199 -9.02 37.77 -35.02
CA ALA D 199 -8.07 38.73 -35.50
C ALA D 199 -6.84 38.02 -36.08
N ALA D 200 -6.37 36.98 -35.41
CA ALA D 200 -5.26 36.18 -35.91
C ALA D 200 -5.58 35.55 -37.28
N VAL D 201 -6.75 34.92 -37.37
CA VAL D 201 -7.19 34.28 -38.60
C VAL D 201 -7.29 35.30 -39.74
N GLN D 202 -7.92 36.43 -39.48
CA GLN D 202 -8.03 37.49 -40.46
C GLN D 202 -6.67 38.01 -40.92
N SER D 203 -5.73 38.15 -39.98
CA SER D 203 -4.42 38.75 -40.29
C SER D 203 -3.60 37.92 -41.28
N THR D 204 -3.86 36.62 -41.40
CA THR D 204 -3.15 35.81 -42.34
C THR D 204 -3.38 36.23 -43.81
N GLY D 205 -4.52 36.85 -44.09
CA GLY D 205 -4.88 37.17 -45.47
C GLY D 205 -5.20 35.94 -46.29
N LYS D 206 -5.32 34.77 -45.65
CA LYS D 206 -5.65 33.52 -46.34
C LYS D 206 -7.00 32.93 -45.96
N ALA D 207 -7.82 33.67 -45.21
CA ALA D 207 -9.01 33.07 -44.63
C ALA D 207 -10.22 33.92 -44.90
N GLU D 208 -11.34 33.25 -45.06
CA GLU D 208 -12.60 33.89 -45.23
C GLU D 208 -13.48 33.44 -44.08
N LEU D 209 -14.02 34.41 -43.36
CA LEU D 209 -14.85 34.12 -42.19
C LEU D 209 -16.30 34.38 -42.53
N ARG D 210 -17.14 33.36 -42.46
CA ARG D 210 -18.58 33.55 -42.80
C ARG D 210 -19.52 33.25 -41.66
N THR D 211 -20.53 34.10 -41.50
CA THR D 211 -21.62 33.83 -40.57
C THR D 211 -22.87 33.41 -41.34
N GLU D 212 -23.87 32.92 -40.62
CA GLU D 212 -25.12 32.45 -41.19
C GLU D 212 -24.89 31.49 -42.36
N SER D 213 -23.93 30.58 -42.18
CA SER D 213 -23.59 29.59 -43.16
C SER D 213 -23.57 28.27 -42.48
N VAL D 214 -24.48 27.39 -42.89
CA VAL D 214 -24.81 26.19 -42.18
C VAL D 214 -24.44 24.95 -42.96
N LEU D 215 -23.55 24.12 -42.42
CA LEU D 215 -23.28 22.83 -43.02
C LEU D 215 -24.56 22.03 -43.03
N THR D 216 -24.90 21.46 -44.19
CA THR D 216 -26.01 20.51 -44.26
C THR D 216 -25.55 19.11 -44.57
N SER D 217 -24.63 18.91 -45.52
CA SER D 217 -24.09 17.58 -45.72
C SER D 217 -22.72 17.62 -46.36
N LEU D 218 -22.00 16.51 -46.19
CA LEU D 218 -20.65 16.40 -46.74
C LEU D 218 -20.76 15.85 -48.16
N ILE D 219 -19.83 16.23 -49.02
CA ILE D 219 -19.79 15.76 -50.41
C ILE D 219 -18.62 14.80 -50.53
N VAL D 220 -18.93 13.58 -50.97
CA VAL D 220 -17.98 12.48 -51.07
C VAL D 220 -17.79 12.10 -52.55
N GLU D 221 -16.54 11.99 -53.00
CA GLU D 221 -16.22 11.49 -54.35
C GLU D 221 -15.17 10.42 -54.22
N ASP D 222 -15.46 9.26 -54.79
CA ASP D 222 -14.59 8.10 -54.73
C ASP D 222 -14.17 7.82 -53.29
N GLY D 223 -15.11 7.91 -52.37
CA GLY D 223 -14.83 7.60 -50.97
C GLY D 223 -14.11 8.68 -50.17
N ARG D 224 -13.81 9.82 -50.78
CA ARG D 224 -13.10 10.90 -50.14
C ARG D 224 -14.02 12.08 -49.94
N VAL D 225 -13.99 12.67 -48.74
CA VAL D 225 -14.73 13.90 -48.51
C VAL D 225 -14.01 15.02 -49.22
N VAL D 226 -14.68 15.63 -50.19
CA VAL D 226 -14.06 16.63 -51.06
C VAL D 226 -14.64 18.01 -50.92
N GLY D 227 -15.64 18.15 -50.04
CA GLY D 227 -16.28 19.43 -49.86
C GLY D 227 -17.55 19.27 -49.07
N ALA D 228 -18.37 20.30 -49.10
CA ALA D 228 -19.60 20.26 -48.33
C ALA D 228 -20.68 21.08 -48.99
N GLU D 229 -21.91 20.67 -48.72
CA GLU D 229 -23.07 21.44 -49.07
C GLU D 229 -23.47 22.33 -47.88
N VAL D 230 -23.77 23.60 -48.18
CA VAL D 230 -23.92 24.64 -47.19
C VAL D 230 -25.11 25.55 -47.52
N GLU D 231 -25.93 25.87 -46.54
CA GLU D 231 -26.99 26.86 -46.72
C GLU D 231 -26.55 28.20 -46.21
N SER D 232 -26.65 29.22 -47.07
CA SER D 232 -26.64 30.62 -46.63
C SER D 232 -27.43 31.48 -47.61
N GLY D 233 -28.09 32.50 -47.08
CA GLY D 233 -28.85 33.45 -47.88
C GLY D 233 -30.04 32.79 -48.55
N GLY D 234 -30.59 31.74 -47.92
CA GLY D 234 -31.65 30.94 -48.54
C GLY D 234 -31.19 30.05 -49.68
N GLU D 235 -30.00 30.32 -50.22
CA GLU D 235 -29.46 29.51 -51.32
C GLU D 235 -28.54 28.41 -50.79
N THR D 236 -28.47 27.32 -51.52
CA THR D 236 -27.56 26.27 -51.13
C THR D 236 -26.29 26.34 -51.95
N GLN D 237 -25.15 26.13 -51.30
CA GLN D 237 -23.85 26.21 -51.93
C GLN D 237 -23.10 24.93 -51.81
N ARG D 238 -22.11 24.76 -52.68
CA ARG D 238 -21.24 23.61 -52.65
C ARG D 238 -19.84 24.15 -52.61
N ILE D 239 -19.13 23.81 -51.54
CA ILE D 239 -17.81 24.37 -51.32
C ILE D 239 -16.80 23.26 -51.37
N LYS D 240 -15.83 23.44 -52.22
CA LYS D 240 -14.80 22.43 -52.45
C LYS D 240 -13.68 22.63 -51.43
N ALA D 241 -13.24 21.54 -50.84
CA ALA D 241 -12.13 21.53 -49.91
C ALA D 241 -11.01 20.62 -50.41
N ASN D 242 -9.96 21.22 -50.94
CA ASN D 242 -8.90 20.44 -51.59
C ASN D 242 -8.17 19.56 -50.60
N ARG D 243 -7.83 20.08 -49.42
CA ARG D 243 -7.11 19.27 -48.44
C ARG D 243 -8.00 18.58 -47.44
N GLY D 244 -9.11 19.22 -47.06
CA GLY D 244 -10.01 18.58 -46.13
C GLY D 244 -11.00 19.49 -45.46
N VAL D 245 -11.89 18.85 -44.72
CA VAL D 245 -12.93 19.52 -43.97
C VAL D 245 -12.73 19.22 -42.49
N LEU D 246 -12.57 20.29 -41.71
CA LEU D 246 -12.50 20.16 -40.24
C LEU D 246 -13.85 20.55 -39.65
N MET D 247 -14.49 19.58 -39.00
CA MET D 247 -15.78 19.82 -38.39
C MET D 247 -15.52 20.02 -36.89
N ALA D 248 -15.61 21.27 -36.46
CA ALA D 248 -15.56 21.61 -35.05
C ALA D 248 -16.77 22.50 -34.76
N ALA D 249 -17.94 21.86 -34.83
CA ALA D 249 -19.22 22.59 -34.82
C ALA D 249 -20.04 22.23 -33.59
N GLY D 250 -19.37 21.79 -32.54
CA GLY D 250 -20.04 21.51 -31.28
C GLY D 250 -20.69 20.16 -31.27
N GLY D 251 -21.45 19.92 -30.21
CA GLY D 251 -21.97 18.60 -29.88
C GLY D 251 -23.47 18.51 -30.19
N ILE D 252 -24.14 17.59 -29.49
CA ILE D 252 -25.58 17.36 -29.64
C ILE D 252 -26.43 18.03 -28.54
N GLU D 253 -25.79 18.88 -27.74
CA GLU D 253 -26.42 19.44 -26.54
C GLU D 253 -27.79 20.11 -26.77
N GLY D 254 -27.95 20.79 -27.90
CA GLY D 254 -29.16 21.47 -28.25
C GLY D 254 -30.20 20.62 -28.95
N ASN D 255 -29.95 19.32 -29.08
CA ASN D 255 -30.84 18.42 -29.82
C ASN D 255 -31.44 17.39 -28.92
N ALA D 256 -32.69 17.63 -28.50
CA ALA D 256 -33.32 16.78 -27.50
C ALA D 256 -33.48 15.38 -28.02
N GLU D 257 -33.80 15.27 -29.30
CA GLU D 257 -33.98 13.95 -29.87
C GLU D 257 -32.71 13.11 -29.85
N MET D 258 -31.62 13.66 -30.36
CA MET D 258 -30.35 12.92 -30.37
C MET D 258 -29.94 12.58 -28.95
N ARG D 259 -30.16 13.51 -28.01
CA ARG D 259 -29.85 13.22 -26.62
C ARG D 259 -30.66 12.09 -26.07
N GLU D 260 -31.98 12.12 -26.31
CA GLU D 260 -32.83 11.04 -25.85
C GLU D 260 -32.47 9.71 -26.48
N GLN D 261 -32.24 9.69 -27.78
CA GLN D 261 -31.81 8.43 -28.48
C GLN D 261 -30.51 7.95 -27.82
N ALA D 262 -29.59 8.87 -27.49
CA ALA D 262 -28.30 8.44 -26.92
C ALA D 262 -28.35 8.11 -25.43
N GLY D 263 -29.41 8.51 -24.73
CA GLY D 263 -29.46 8.29 -23.31
C GLY D 263 -28.71 9.36 -22.53
N THR D 264 -28.45 10.51 -23.13
CA THR D 264 -27.73 11.56 -22.46
C THR D 264 -28.61 12.15 -21.34
N PRO D 265 -28.07 12.25 -20.10
CA PRO D 265 -28.82 12.92 -19.06
C PRO D 265 -28.91 14.41 -19.32
N GLY D 266 -29.65 15.11 -18.47
CA GLY D 266 -29.87 16.52 -18.64
C GLY D 266 -30.89 16.82 -19.73
N LYS D 267 -30.95 18.06 -20.19
CA LYS D 267 -31.93 18.48 -21.18
C LYS D 267 -31.35 19.58 -21.99
N ALA D 268 -31.70 19.60 -23.26
CA ALA D 268 -31.30 20.68 -24.13
C ALA D 268 -31.57 22.06 -23.58
N ILE D 269 -32.76 22.29 -23.04
CA ILE D 269 -33.03 23.65 -22.51
C ILE D 269 -32.14 24.03 -21.30
N TRP D 270 -31.64 23.05 -20.57
CA TRP D 270 -30.76 23.28 -19.43
C TRP D 270 -29.32 23.43 -19.84
N SER D 271 -28.99 23.04 -21.08
CA SER D 271 -27.64 23.24 -21.60
C SER D 271 -27.25 24.71 -21.65
N MET D 272 -25.98 24.98 -21.34
CA MET D 272 -25.47 26.34 -21.38
C MET D 272 -24.95 26.74 -22.76
N GLY D 273 -25.03 25.83 -23.74
CA GLY D 273 -24.71 26.21 -25.14
C GLY D 273 -25.68 27.25 -25.68
N PRO D 274 -25.31 27.96 -26.73
CA PRO D 274 -26.21 29.00 -27.19
C PRO D 274 -27.47 28.34 -27.72
N PHE D 275 -28.63 28.87 -27.36
CA PHE D 275 -29.90 28.19 -27.65
C PHE D 275 -29.98 27.94 -29.15
N GLY D 276 -30.17 26.69 -29.53
CA GLY D 276 -30.38 26.33 -30.95
C GLY D 276 -29.14 26.23 -31.83
N ALA D 277 -27.95 26.50 -31.29
CA ALA D 277 -26.74 26.49 -32.12
C ALA D 277 -26.21 25.08 -32.39
N ASN D 278 -26.02 24.30 -31.33
CA ASN D 278 -25.36 23.02 -31.43
C ASN D 278 -26.35 21.89 -31.37
N THR D 279 -26.85 21.53 -32.56
CA THR D 279 -27.91 20.54 -32.67
C THR D 279 -27.40 19.24 -33.30
N GLY D 280 -26.09 19.01 -33.18
CA GLY D 280 -25.50 17.76 -33.66
C GLY D 280 -25.38 17.62 -35.18
N ASP D 281 -25.43 18.72 -35.90
CA ASP D 281 -25.41 18.71 -37.37
C ASP D 281 -24.16 18.06 -37.94
N ALA D 282 -22.98 18.39 -37.38
CA ALA D 282 -21.73 17.85 -37.92
C ALA D 282 -21.56 16.38 -37.55
N ILE D 283 -21.99 16.01 -36.36
CA ILE D 283 -22.01 14.62 -35.98
C ILE D 283 -22.92 13.80 -36.92
N SER D 284 -24.12 14.30 -37.20
CA SER D 284 -25.01 13.61 -38.14
C SER D 284 -24.41 13.52 -39.54
N ALA D 285 -23.88 14.63 -40.05
CA ALA D 285 -23.23 14.63 -41.35
C ALA D 285 -22.11 13.61 -41.42
N GLY D 286 -21.38 13.44 -40.32
CA GLY D 286 -20.30 12.47 -40.24
C GLY D 286 -20.80 11.04 -40.22
N ILE D 287 -21.83 10.79 -39.46
CA ILE D 287 -22.47 9.48 -39.43
C ILE D 287 -22.95 9.09 -40.83
N ALA D 288 -23.49 10.06 -41.56
CA ALA D 288 -24.04 9.83 -42.89
C ALA D 288 -23.00 9.36 -43.90
N VAL D 289 -21.72 9.69 -43.69
CA VAL D 289 -20.67 9.23 -44.60
C VAL D 289 -19.87 8.08 -44.03
N GLY D 290 -20.36 7.47 -42.94
CA GLY D 290 -19.73 6.27 -42.38
C GLY D 290 -18.94 6.45 -41.09
N GLY D 291 -18.95 7.64 -40.50
CA GLY D 291 -18.19 7.88 -39.27
C GLY D 291 -18.79 7.13 -38.11
N ALA D 292 -17.93 6.48 -37.33
CA ALA D 292 -18.37 5.84 -36.08
C ALA D 292 -18.50 6.93 -35.00
N THR D 293 -19.23 6.60 -33.93
CA THR D 293 -19.45 7.53 -32.82
C THR D 293 -19.25 6.78 -31.51
N ALA D 294 -19.04 7.55 -30.45
CA ALA D 294 -18.81 6.99 -29.13
C ALA D 294 -19.16 8.03 -28.07
N LEU D 295 -19.42 7.53 -26.87
CA LEU D 295 -19.67 8.37 -25.67
C LEU D 295 -20.88 9.32 -25.77
N LEU D 296 -21.85 9.01 -26.61
CA LEU D 296 -22.95 9.94 -26.87
C LEU D 296 -23.87 10.18 -25.66
N ASP D 297 -23.85 9.27 -24.68
CA ASP D 297 -24.54 9.51 -23.43
C ASP D 297 -23.77 10.39 -22.44
N GLN D 298 -22.60 10.89 -22.83
CA GLN D 298 -21.76 11.70 -21.96
C GLN D 298 -21.82 13.16 -22.27
N ALA D 299 -21.61 13.96 -21.23
CA ALA D 299 -21.53 15.39 -21.36
C ALA D 299 -20.49 15.98 -20.42
N TRP D 300 -20.20 17.25 -20.63
CA TRP D 300 -19.53 18.07 -19.66
C TRP D 300 -20.60 18.64 -18.72
N PHE D 301 -20.81 17.96 -17.60
CA PHE D 301 -21.94 18.22 -16.73
C PHE D 301 -21.65 19.30 -15.76
N CYS D 302 -22.71 19.93 -15.29
CA CYS D 302 -22.63 20.89 -14.22
C CYS D 302 -24.00 21.02 -13.55
N PRO D 303 -24.01 21.42 -12.27
CA PRO D 303 -25.30 21.78 -11.67
C PRO D 303 -25.72 23.08 -12.27
N GLY D 304 -27.04 23.24 -12.44
CA GLY D 304 -27.57 24.47 -12.96
C GLY D 304 -28.64 25.01 -12.00
N VAL D 305 -28.65 26.31 -11.82
CA VAL D 305 -29.67 26.98 -11.05
C VAL D 305 -30.86 27.17 -12.00
N GLU D 306 -31.96 26.50 -11.72
CA GLU D 306 -33.15 26.62 -12.60
C GLU D 306 -33.62 28.06 -12.70
N GLN D 307 -33.90 28.49 -13.91
CA GLN D 307 -34.33 29.84 -14.20
C GLN D 307 -35.86 29.92 -14.37
N PRO D 308 -36.43 31.12 -14.21
CA PRO D 308 -37.86 31.33 -14.40
C PRO D 308 -38.39 30.82 -15.74
N ASP D 309 -37.60 30.91 -16.80
CA ASP D 309 -38.03 30.46 -18.12
C ASP D 309 -37.76 29.00 -18.41
N GLY D 310 -37.36 28.22 -17.42
CA GLY D 310 -37.14 26.79 -17.60
C GLY D 310 -35.70 26.45 -18.02
N SER D 311 -34.91 27.44 -18.36
CA SER D 311 -33.46 27.24 -18.63
C SER D 311 -32.66 27.09 -17.34
N ALA D 312 -31.33 27.10 -17.46
CA ALA D 312 -30.47 26.96 -16.29
C ALA D 312 -29.32 27.96 -16.31
N ALA D 313 -28.66 28.08 -15.15
CA ALA D 313 -27.45 28.91 -15.03
C ALA D 313 -26.34 28.04 -14.42
N PHE D 314 -25.17 28.07 -15.03
CA PHE D 314 -24.00 27.33 -14.53
C PHE D 314 -23.77 27.78 -13.11
N MET D 315 -23.79 26.82 -12.21
CA MET D 315 -23.41 27.05 -10.79
C MET D 315 -21.99 26.52 -10.53
N VAL D 316 -21.09 27.44 -10.24
CA VAL D 316 -19.71 27.11 -10.01
C VAL D 316 -19.19 27.88 -8.79
N GLY D 317 -18.18 27.35 -8.14
CA GLY D 317 -17.55 28.09 -7.03
C GLY D 317 -18.54 28.20 -5.86
N VAL D 318 -19.07 27.05 -5.47
CA VAL D 318 -19.93 26.96 -4.31
C VAL D 318 -19.08 27.31 -3.09
N ARG D 319 -19.63 28.16 -2.24
CA ARG D 319 -18.92 28.64 -1.06
C ARG D 319 -19.78 28.66 0.22
N GLY D 320 -20.95 28.06 0.17
CA GLY D 320 -21.81 27.97 1.33
C GLY D 320 -23.02 27.14 1.01
N GLY D 321 -23.97 27.11 1.95
CA GLY D 321 -25.19 26.34 1.79
C GLY D 321 -24.91 24.86 1.83
N LEU D 322 -25.96 24.10 1.56
CA LEU D 322 -25.89 22.65 1.40
C LEU D 322 -26.95 22.27 0.38
N VAL D 323 -26.94 21.03 -0.05
CA VAL D 323 -27.87 20.55 -1.06
C VAL D 323 -28.58 19.30 -0.57
N VAL D 324 -29.89 19.26 -0.78
CA VAL D 324 -30.65 18.07 -0.44
C VAL D 324 -31.43 17.52 -1.63
N ASP D 325 -31.63 16.20 -1.57
CA ASP D 325 -32.51 15.51 -2.46
C ASP D 325 -33.96 15.73 -1.97
N SER D 326 -34.92 15.12 -2.66
CA SER D 326 -36.33 15.40 -2.36
C SER D 326 -36.76 14.78 -1.02
N ALA D 327 -35.93 13.90 -0.47
CA ALA D 327 -36.11 13.42 0.90
C ALA D 327 -35.51 14.34 1.98
N GLY D 328 -35.02 15.51 1.60
CA GLY D 328 -34.48 16.46 2.59
C GLY D 328 -33.14 16.05 3.17
N GLU D 329 -32.43 15.17 2.48
CA GLU D 329 -31.12 14.74 2.94
C GLU D 329 -29.98 15.11 2.01
N ARG D 330 -28.82 15.36 2.62
CA ARG D 330 -27.60 15.55 1.86
C ARG D 330 -27.22 14.24 1.22
N TYR D 331 -26.68 14.29 0.00
CA TYR D 331 -26.23 13.08 -0.66
C TYR D 331 -24.89 13.24 -1.41
N LEU D 332 -24.32 14.45 -1.40
CA LEU D 332 -23.01 14.67 -2.04
C LEU D 332 -22.24 15.79 -1.37
N ASN D 333 -20.94 15.82 -1.65
CA ASN D 333 -20.13 16.97 -1.35
C ASN D 333 -20.44 18.10 -2.32
N GLU D 334 -21.05 19.14 -1.79
CA GLU D 334 -21.54 20.25 -2.59
C GLU D 334 -20.45 21.09 -3.23
N SER D 335 -19.23 20.93 -2.72
CA SER D 335 -18.06 21.66 -3.21
C SER D 335 -17.35 20.93 -4.33
N LEU D 336 -17.83 19.77 -4.72
CA LEU D 336 -17.23 19.04 -5.84
C LEU D 336 -17.11 19.87 -7.11
N PRO D 337 -16.03 19.66 -7.87
CA PRO D 337 -16.01 20.20 -9.23
C PRO D 337 -17.30 19.86 -9.98
N TYR D 338 -17.72 20.76 -10.83
CA TYR D 338 -19.10 20.76 -11.42
C TYR D 338 -19.47 19.49 -12.13
N ASP D 339 -18.53 18.87 -12.86
CA ASP D 339 -18.80 17.66 -13.56
C ASP D 339 -19.05 16.51 -12.57
N GLN D 340 -18.27 16.46 -11.50
CA GLN D 340 -18.46 15.42 -10.51
C GLN D 340 -19.78 15.66 -9.73
N PHE D 341 -20.11 16.92 -9.49
CA PHE D 341 -21.35 17.27 -8.82
C PHE D 341 -22.51 16.76 -9.68
N GLY D 342 -22.50 17.11 -10.97
CA GLY D 342 -23.54 16.69 -11.90
C GLY D 342 -23.69 15.19 -11.97
N ARG D 343 -22.57 14.50 -12.06
CA ARG D 343 -22.60 13.07 -12.16
C ARG D 343 -23.14 12.44 -10.89
N ALA D 344 -22.89 13.05 -9.76
CA ALA D 344 -23.48 12.56 -8.49
C ALA D 344 -25.01 12.79 -8.46
N MET D 345 -25.49 13.87 -9.05
CA MET D 345 -26.95 14.11 -9.15
C MET D 345 -27.58 13.00 -9.95
N ASP D 346 -27.01 12.75 -11.12
CA ASP D 346 -27.51 11.71 -12.02
C ASP D 346 -27.47 10.35 -11.35
N ALA D 347 -26.38 10.03 -10.68
CA ALA D 347 -26.27 8.72 -10.01
C ALA D 347 -27.28 8.57 -8.88
N HIS D 348 -27.60 9.66 -8.18
CA HIS D 348 -28.51 9.57 -7.06
C HIS D 348 -29.95 9.60 -7.52
N ASP D 349 -30.20 10.07 -8.73
CA ASP D 349 -31.56 10.35 -9.16
C ASP D 349 -32.34 9.08 -9.37
N ASP D 350 -33.52 9.01 -8.74
CA ASP D 350 -34.42 7.90 -8.97
C ASP D 350 -35.80 8.45 -9.28
N ASN D 351 -36.13 8.54 -10.54
CA ASN D 351 -37.43 9.11 -10.89
C ASN D 351 -37.63 10.55 -10.38
N GLY D 352 -36.57 11.36 -10.39
CA GLY D 352 -36.68 12.77 -10.05
C GLY D 352 -36.39 13.10 -8.59
N SER D 353 -35.90 12.13 -7.83
CA SER D 353 -35.54 12.38 -6.43
C SER D 353 -34.31 13.29 -6.25
N ALA D 354 -33.45 13.35 -7.28
CA ALA D 354 -32.27 14.25 -7.21
C ALA D 354 -32.20 15.29 -8.32
N VAL D 355 -33.11 15.21 -9.30
CA VAL D 355 -33.19 16.22 -10.33
C VAL D 355 -34.68 16.61 -10.40
N PRO D 356 -35.06 17.74 -9.78
CA PRO D 356 -34.22 18.76 -9.15
C PRO D 356 -33.71 18.37 -7.77
N SER D 357 -32.60 18.98 -7.37
CA SER D 357 -32.21 19.00 -5.97
C SER D 357 -32.48 20.39 -5.45
N PHE D 358 -32.29 20.57 -4.14
CA PHE D 358 -32.57 21.85 -3.52
C PHE D 358 -31.35 22.38 -2.79
N MET D 359 -30.90 23.57 -3.19
CA MET D 359 -29.83 24.21 -2.44
C MET D 359 -30.44 25.09 -1.36
N ILE D 360 -30.02 24.81 -0.13
CA ILE D 360 -30.51 25.44 1.09
C ILE D 360 -29.49 26.40 1.60
N PHE D 361 -29.89 27.65 1.78
CA PHE D 361 -28.98 28.66 2.29
C PHE D 361 -29.67 29.69 3.14
N ASP D 362 -28.90 30.49 3.86
CA ASP D 362 -29.48 31.51 4.71
C ASP D 362 -29.20 32.90 4.16
N SER D 363 -29.40 33.92 4.99
CA SER D 363 -29.31 35.28 4.55
C SER D 363 -27.93 35.90 4.78
N ARG D 364 -26.93 35.08 5.03
CA ARG D 364 -25.56 35.60 5.19
C ARG D 364 -25.15 36.55 4.07
N GLU D 365 -25.50 36.24 2.82
CA GLU D 365 -25.17 37.13 1.72
C GLU D 365 -26.37 37.96 1.27
N GLY D 366 -27.22 38.35 2.22
CA GLY D 366 -28.34 39.21 1.94
C GLY D 366 -29.40 38.63 1.02
N GLY D 367 -29.50 37.32 0.93
CA GLY D 367 -30.43 36.69 0.01
C GLY D 367 -29.78 36.10 -1.24
N GLY D 368 -28.51 36.45 -1.48
CA GLY D 368 -27.73 35.86 -2.55
C GLY D 368 -27.43 34.40 -2.31
N LEU D 369 -27.36 33.64 -3.38
CA LEU D 369 -27.00 32.24 -3.30
C LEU D 369 -25.45 32.18 -3.23
N PRO D 370 -24.90 31.35 -2.36
CA PRO D 370 -23.47 31.36 -2.13
C PRO D 370 -22.70 30.51 -3.14
N ALA D 371 -22.64 31.05 -4.35
CA ALA D 371 -21.96 30.41 -5.47
C ALA D 371 -21.97 31.43 -6.58
N ILE D 372 -21.23 31.13 -7.65
CA ILE D 372 -21.21 31.96 -8.86
C ILE D 372 -22.17 31.32 -9.86
N CYS D 373 -23.12 32.10 -10.32
CA CYS D 373 -24.21 31.61 -11.17
C CYS D 373 -24.12 32.36 -12.49
N ILE D 374 -24.05 31.63 -13.60
CA ILE D 374 -23.85 32.26 -14.89
C ILE D 374 -24.92 31.79 -15.86
N PRO D 375 -25.87 32.68 -16.23
CA PRO D 375 -25.98 34.08 -15.92
C PRO D 375 -26.52 34.31 -14.52
N ASN D 376 -26.39 35.54 -14.05
CA ASN D 376 -26.62 35.85 -12.63
C ASN D 376 -27.93 36.55 -12.38
N THR D 377 -28.98 35.77 -12.45
CA THR D 377 -30.34 36.30 -12.30
C THR D 377 -30.55 36.75 -10.84
N ALA D 378 -31.06 37.96 -10.65
CA ALA D 378 -31.34 38.46 -9.30
C ALA D 378 -32.28 37.57 -8.49
N PRO D 379 -31.97 37.40 -7.19
CA PRO D 379 -32.84 36.63 -6.30
C PRO D 379 -34.32 37.00 -6.39
N ALA D 380 -34.64 38.28 -6.55
CA ALA D 380 -36.04 38.72 -6.60
C ALA D 380 -36.82 38.10 -7.76
N LYS D 381 -36.14 37.88 -8.91
CA LYS D 381 -36.79 37.26 -10.04
C LYS D 381 -37.06 35.80 -9.79
N HIS D 382 -36.10 35.13 -9.17
CA HIS D 382 -36.29 33.75 -8.79
C HIS D 382 -37.43 33.57 -7.81
N LEU D 383 -37.49 34.47 -6.82
CA LEU D 383 -38.51 34.35 -5.77
C LEU D 383 -39.91 34.63 -6.35
N GLU D 384 -40.00 35.63 -7.21
CA GLU D 384 -41.24 35.91 -7.93
C GLU D 384 -41.71 34.74 -8.80
N ALA D 385 -40.79 34.10 -9.51
CA ALA D 385 -41.13 32.98 -10.35
C ALA D 385 -41.29 31.69 -9.58
N GLY D 386 -40.76 31.62 -8.35
CA GLY D 386 -40.90 30.40 -7.58
C GLY D 386 -39.83 29.34 -7.81
N THR D 387 -38.82 29.66 -8.62
CA THR D 387 -37.66 28.81 -8.69
C THR D 387 -36.91 28.75 -7.37
N TRP D 388 -36.87 29.88 -6.67
CA TRP D 388 -36.48 29.91 -5.26
C TRP D 388 -37.69 30.19 -4.40
N VAL D 389 -37.67 29.64 -3.18
CA VAL D 389 -38.62 30.01 -2.12
C VAL D 389 -37.82 30.44 -0.88
N GLY D 390 -38.42 31.36 -0.13
CA GLY D 390 -37.89 31.83 1.12
C GLY D 390 -38.89 31.64 2.25
N ALA D 391 -38.36 31.50 3.46
CA ALA D 391 -39.19 31.37 4.66
C ALA D 391 -38.41 31.74 5.92
N ASP D 392 -39.13 32.16 6.95
CA ASP D 392 -38.50 32.54 8.21
C ASP D 392 -38.04 31.36 9.02
N THR D 393 -38.60 30.19 8.78
CA THR D 393 -38.15 28.98 9.43
C THR D 393 -37.95 27.84 8.45
N LEU D 394 -37.22 26.83 8.89
CA LEU D 394 -37.02 25.64 8.08
C LEU D 394 -38.28 24.82 7.88
N GLU D 395 -39.18 24.85 8.86
CA GLU D 395 -40.41 24.06 8.80
C GLU D 395 -41.23 24.61 7.65
N GLU D 396 -41.33 25.94 7.60
CA GLU D 396 -42.04 26.59 6.57
C GLU D 396 -41.37 26.42 5.20
N LEU D 397 -40.04 26.48 5.18
CA LEU D 397 -39.30 26.26 3.93
C LEU D 397 -39.60 24.87 3.39
N ALA D 398 -39.65 23.88 4.28
CA ALA D 398 -39.98 22.51 3.91
C ALA D 398 -41.39 22.41 3.29
N ALA D 399 -42.35 23.08 3.92
CA ALA D 399 -43.73 23.07 3.43
C ALA D 399 -43.83 23.67 2.03
N LYS D 400 -43.10 24.75 1.80
CA LYS D 400 -43.11 25.41 0.49
C LYS D 400 -42.35 24.67 -0.62
N THR D 401 -41.50 23.73 -0.25
CA THR D 401 -40.74 22.99 -1.24
C THR D 401 -41.20 21.54 -1.37
N GLY D 402 -42.07 21.08 -0.46
CA GLY D 402 -42.40 19.66 -0.39
C GLY D 402 -41.47 18.77 0.41
N LEU D 403 -40.40 19.33 0.96
CA LEU D 403 -39.38 18.51 1.64
C LEU D 403 -39.96 18.12 2.99
N PRO D 404 -39.62 16.94 3.52
CA PRO D 404 -40.02 16.62 4.89
C PRO D 404 -39.36 17.55 5.93
N ALA D 405 -40.17 18.15 6.79
CA ALA D 405 -39.70 19.18 7.71
C ALA D 405 -38.71 18.63 8.71
N ASP D 406 -39.00 17.45 9.27
CA ASP D 406 -38.14 16.82 10.27
C ASP D 406 -36.76 16.48 9.67
N ALA D 407 -36.75 15.86 8.49
CA ALA D 407 -35.51 15.55 7.79
C ALA D 407 -34.71 16.81 7.47
N LEU D 408 -35.38 17.83 6.91
CA LEU D 408 -34.67 19.05 6.55
C LEU D 408 -34.02 19.66 7.79
N ARG D 409 -34.81 19.86 8.85
CA ARG D 409 -34.31 20.47 10.07
C ARG D 409 -33.11 19.69 10.59
N SER D 410 -33.27 18.38 10.60
CA SER D 410 -32.25 17.51 11.12
C SER D 410 -30.95 17.57 10.26
N THR D 411 -31.14 17.61 8.96
CA THR D 411 -30.05 17.77 8.00
C THR D 411 -29.27 19.06 8.26
N VAL D 412 -29.97 20.16 8.46
CA VAL D 412 -29.32 21.44 8.69
C VAL D 412 -28.59 21.45 10.04
N GLU D 413 -29.22 20.90 11.08
CA GLU D 413 -28.58 20.86 12.40
C GLU D 413 -27.29 20.06 12.33
N LYS D 414 -27.33 18.92 11.65
CA LYS D 414 -26.17 18.07 11.54
C LYS D 414 -25.07 18.76 10.74
N PHE D 415 -25.43 19.42 9.64
CA PHE D 415 -24.47 20.19 8.87
C PHE D 415 -23.89 21.32 9.71
N ASN D 416 -24.72 22.02 10.45
CA ASN D 416 -24.22 23.08 11.31
C ASN D 416 -23.25 22.57 12.40
N ASP D 417 -23.47 21.36 12.92
CA ASP D 417 -22.53 20.76 13.85
C ASP D 417 -21.20 20.51 13.16
N ALA D 418 -21.27 19.99 11.95
CA ALA D 418 -20.07 19.75 11.14
C ALA D 418 -19.32 21.07 10.91
N ALA D 419 -20.05 22.14 10.61
CA ALA D 419 -19.40 23.46 10.44
C ALA D 419 -18.69 23.91 11.72
N LYS D 420 -19.34 23.70 12.86
CA LYS D 420 -18.75 24.03 14.16
C LYS D 420 -17.44 23.27 14.39
N LEU D 421 -17.45 21.96 14.21
CA LEU D 421 -16.24 21.16 14.31
C LEU D 421 -15.24 21.39 13.18
N GLY D 422 -15.69 21.88 12.03
CA GLY D 422 -14.82 22.07 10.87
C GLY D 422 -14.58 20.80 10.11
N VAL D 423 -15.39 19.77 10.34
CA VAL D 423 -15.26 18.50 9.63
C VAL D 423 -16.63 17.98 9.22
N ASP D 424 -16.74 17.57 7.96
CA ASP D 424 -17.95 16.94 7.40
C ASP D 424 -17.66 15.47 7.28
N GLU D 425 -18.00 14.70 8.31
CA GLU D 425 -17.73 13.26 8.31
C GLU D 425 -18.55 12.51 7.29
N GLU D 426 -19.73 13.03 6.94
CA GLU D 426 -20.58 12.31 6.02
C GLU D 426 -20.11 12.38 4.56
N PHE D 427 -19.84 13.57 4.04
CA PHE D 427 -19.40 13.67 2.63
C PHE D 427 -18.03 14.34 2.41
N HIS D 428 -17.31 14.63 3.50
CA HIS D 428 -15.91 15.08 3.44
C HIS D 428 -15.73 16.34 2.68
N ARG D 429 -16.75 17.19 2.67
CA ARG D 429 -16.61 18.53 2.09
C ARG D 429 -15.52 19.32 2.82
N GLY D 430 -14.78 20.11 2.07
CA GLY D 430 -13.73 20.95 2.62
C GLY D 430 -12.48 20.17 2.97
N GLU D 431 -12.19 19.10 2.23
CA GLU D 431 -10.97 18.32 2.39
C GLU D 431 -10.24 18.22 1.04
N ASP D 432 -10.15 19.31 0.31
CA ASP D 432 -9.59 19.28 -1.05
C ASP D 432 -9.33 20.72 -1.43
N PRO D 433 -8.21 20.98 -2.13
CA PRO D 433 -7.93 22.35 -2.54
C PRO D 433 -9.02 22.98 -3.40
N TYR D 434 -9.72 22.18 -4.17
CA TYR D 434 -10.82 22.75 -5.00
C TYR D 434 -11.92 23.31 -4.10
N ASP D 435 -12.28 22.57 -3.07
CA ASP D 435 -13.34 23.02 -2.13
C ASP D 435 -12.98 24.32 -1.46
N ALA D 436 -11.70 24.47 -1.09
CA ALA D 436 -11.22 25.68 -0.39
C ALA D 436 -11.12 26.89 -1.30
N PHE D 437 -10.82 26.63 -2.57
CA PHE D 437 -10.39 27.66 -3.48
C PHE D 437 -11.35 28.81 -3.61
N PHE D 438 -12.64 28.51 -3.51
CA PHE D 438 -13.68 29.54 -3.74
C PHE D 438 -14.23 30.22 -2.50
N CYS D 439 -13.75 29.81 -1.33
CA CYS D 439 -14.29 30.30 -0.07
C CYS D 439 -13.69 31.59 0.44
N PRO D 440 -14.53 32.45 1.03
CA PRO D 440 -14.03 33.72 1.51
C PRO D 440 -13.39 33.55 2.87
N PRO D 441 -12.70 34.60 3.32
CA PRO D 441 -12.01 34.58 4.60
C PRO D 441 -12.93 34.60 5.77
N ASN D 442 -12.32 34.36 6.93
CA ASN D 442 -12.94 34.62 8.23
C ASN D 442 -14.12 33.71 8.46
N GLY D 443 -14.19 32.62 7.69
CA GLY D 443 -15.08 31.52 8.03
C GLY D 443 -14.67 30.88 9.35
N GLY D 444 -14.91 29.59 9.45
CA GLY D 444 -14.73 28.91 10.71
C GLY D 444 -13.44 28.14 10.67
N ALA D 445 -13.51 27.03 11.36
CA ALA D 445 -12.47 26.04 11.33
C ALA D 445 -12.22 25.63 9.90
N ASN D 446 -13.30 25.48 9.12
CA ASN D 446 -13.20 25.04 7.73
C ASN D 446 -13.94 26.01 6.82
N ALA D 447 -13.19 26.65 5.94
CA ALA D 447 -13.72 27.76 5.17
C ALA D 447 -14.86 27.30 4.22
N ALA D 448 -14.91 26.00 3.91
CA ALA D 448 -15.98 25.43 3.08
C ALA D 448 -17.28 25.06 3.83
N LEU D 449 -17.24 25.07 5.16
CA LEU D 449 -18.36 24.66 5.99
C LEU D 449 -18.83 25.82 6.84
N THR D 450 -19.97 26.41 6.47
CA THR D 450 -20.51 27.58 7.14
C THR D 450 -21.94 27.32 7.53
N ALA D 451 -22.26 27.61 8.79
CA ALA D 451 -23.53 27.24 9.36
C ALA D 451 -24.64 27.97 8.66
N ILE D 452 -25.76 27.27 8.50
CA ILE D 452 -26.95 27.85 7.91
C ILE D 452 -27.90 28.18 9.06
N GLU D 453 -28.01 29.46 9.42
CA GLU D 453 -28.60 29.81 10.70
C GLU D 453 -29.17 31.20 10.83
N ASN D 454 -28.89 32.11 9.90
CA ASN D 454 -29.45 33.45 9.98
C ASN D 454 -30.52 33.69 8.93
N GLY D 455 -31.78 33.59 9.36
CA GLY D 455 -32.90 33.62 8.44
C GLY D 455 -33.11 35.00 7.90
N PRO D 456 -33.96 35.15 6.88
CA PRO D 456 -34.73 34.08 6.23
C PRO D 456 -33.86 33.03 5.53
N PHE D 457 -34.43 31.83 5.37
CA PHE D 457 -33.81 30.72 4.74
C PHE D 457 -34.36 30.57 3.35
N TYR D 458 -33.54 30.04 2.44
CA TYR D 458 -33.93 29.88 1.02
C TYR D 458 -33.63 28.50 0.50
N ALA D 459 -34.45 28.08 -0.48
CA ALA D 459 -34.24 26.86 -1.23
C ALA D 459 -34.34 27.17 -2.72
N ALA D 460 -33.26 26.86 -3.45
CA ALA D 460 -33.16 27.07 -4.89
C ALA D 460 -33.16 25.73 -5.57
N ARG D 461 -33.95 25.59 -6.64
CA ARG D 461 -33.94 24.36 -7.41
C ARG D 461 -32.70 24.27 -8.29
N ILE D 462 -32.08 23.11 -8.23
CA ILE D 462 -30.87 22.82 -8.97
C ILE D 462 -31.16 21.68 -9.91
N VAL D 463 -30.81 21.89 -11.18
CA VAL D 463 -31.01 20.86 -12.20
C VAL D 463 -29.66 20.37 -12.78
N LEU D 464 -29.72 19.41 -13.70
CA LEU D 464 -28.52 18.84 -14.31
C LEU D 464 -28.25 19.52 -15.65
N SER D 465 -27.45 20.55 -15.61
CA SER D 465 -27.09 21.34 -16.77
C SER D 465 -25.83 20.71 -17.43
N ASP D 466 -25.33 21.35 -18.49
CA ASP D 466 -24.13 20.93 -19.19
C ASP D 466 -23.48 22.12 -19.84
N LEU D 467 -22.19 21.96 -20.13
CA LEU D 467 -21.40 22.94 -20.82
C LEU D 467 -21.06 22.42 -22.23
N GLY D 468 -22.00 21.68 -22.79
CA GLY D 468 -21.81 20.93 -24.04
C GLY D 468 -21.76 19.46 -23.74
N THR D 469 -22.09 18.64 -24.73
CA THR D 469 -21.93 17.21 -24.64
C THR D 469 -20.52 16.90 -25.13
N LYS D 470 -20.07 15.67 -24.93
CA LYS D 470 -18.68 15.29 -25.24
C LYS D 470 -18.59 13.96 -26.00
N GLY D 471 -19.74 13.43 -26.42
CA GLY D 471 -19.78 12.27 -27.31
C GLY D 471 -19.82 12.71 -28.75
N GLY D 472 -19.36 11.83 -29.66
CA GLY D 472 -19.40 12.21 -31.07
C GLY D 472 -18.57 11.30 -31.94
N LEU D 473 -18.09 11.84 -33.03
CA LEU D 473 -17.36 11.04 -34.02
C LEU D 473 -16.04 10.54 -33.44
N VAL D 474 -15.74 9.27 -33.71
CA VAL D 474 -14.47 8.67 -33.34
C VAL D 474 -13.37 9.26 -34.21
N THR D 475 -12.25 9.63 -33.60
CA THR D 475 -11.12 10.23 -34.33
C THR D 475 -9.79 9.66 -33.87
N ASP D 476 -8.76 9.85 -34.70
CA ASP D 476 -7.41 9.42 -34.32
C ASP D 476 -6.61 10.61 -33.81
N VAL D 477 -5.31 10.41 -33.58
CA VAL D 477 -4.46 11.44 -33.00
C VAL D 477 -4.35 12.67 -33.86
N ASN D 478 -4.73 12.58 -35.14
CA ASN D 478 -4.65 13.74 -36.02
C ASN D 478 -6.03 14.27 -36.41
N GLY D 479 -7.04 13.86 -35.65
CA GLY D 479 -8.39 14.38 -35.82
C GLY D 479 -9.16 13.75 -36.96
N ARG D 480 -8.61 12.71 -37.58
CA ARG D 480 -9.33 12.10 -38.71
C ARG D 480 -10.50 11.30 -38.20
N VAL D 481 -11.63 11.43 -38.89
CA VAL D 481 -12.81 10.69 -38.52
C VAL D 481 -12.66 9.26 -38.98
N LEU D 482 -12.93 8.33 -38.06
CA LEU D 482 -12.79 6.91 -38.34
C LEU D 482 -14.15 6.21 -38.49
N ARG D 483 -14.15 5.14 -39.29
CA ARG D 483 -15.28 4.23 -39.42
C ARG D 483 -15.23 3.22 -38.30
N ALA D 484 -16.26 2.39 -38.24
CA ALA D 484 -16.39 1.38 -37.21
C ALA D 484 -15.22 0.42 -37.18
N ASP D 485 -14.59 0.18 -38.34
CA ASP D 485 -13.43 -0.73 -38.40
C ASP D 485 -12.11 -0.01 -38.12
N GLY D 486 -12.14 1.28 -37.87
CA GLY D 486 -10.95 2.00 -37.48
C GLY D 486 -10.25 2.66 -38.64
N SER D 487 -10.78 2.47 -39.85
CA SER D 487 -10.21 3.08 -41.03
C SER D 487 -10.62 4.54 -41.10
N ALA D 488 -9.77 5.38 -41.68
CA ALA D 488 -9.98 6.81 -41.73
C ALA D 488 -10.74 7.23 -42.95
N ILE D 489 -11.67 8.16 -42.77
CA ILE D 489 -12.42 8.69 -43.89
C ILE D 489 -11.62 9.84 -44.44
N ASP D 490 -11.08 9.64 -45.64
CA ASP D 490 -10.13 10.60 -46.18
C ASP D 490 -10.80 11.93 -46.35
N GLY D 491 -10.08 12.97 -45.99
CA GLY D 491 -10.55 14.34 -46.17
C GLY D 491 -11.42 14.88 -45.03
N LEU D 492 -11.73 14.02 -44.06
CA LEU D 492 -12.64 14.42 -42.98
C LEU D 492 -11.99 14.40 -41.60
N TYR D 493 -12.10 15.56 -40.93
CA TYR D 493 -11.61 15.70 -39.57
C TYR D 493 -12.69 16.28 -38.63
N ALA D 494 -12.55 15.94 -37.34
CA ALA D 494 -13.41 16.48 -36.30
C ALA D 494 -12.61 16.77 -35.03
N ALA D 495 -13.01 17.83 -34.35
CA ALA D 495 -12.41 18.20 -33.07
C ALA D 495 -13.41 18.97 -32.23
N GLY D 496 -13.07 19.18 -30.97
CA GLY D 496 -14.04 19.75 -30.01
C GLY D 496 -15.19 18.78 -29.80
N ASN D 497 -16.37 19.31 -29.48
CA ASN D 497 -17.46 18.44 -29.09
C ASN D 497 -18.19 17.75 -30.26
N THR D 498 -17.78 18.02 -31.48
CA THR D 498 -18.18 17.20 -32.62
C THR D 498 -17.52 15.83 -32.51
N SER D 499 -16.37 15.77 -31.82
CA SER D 499 -15.64 14.52 -31.61
C SER D 499 -15.90 13.93 -30.25
N ALA D 500 -15.86 12.60 -30.15
CA ALA D 500 -15.85 11.90 -28.85
C ALA D 500 -14.57 12.22 -28.07
N SER D 501 -14.72 12.72 -26.84
CA SER D 501 -13.59 13.23 -26.10
C SER D 501 -12.68 12.12 -25.62
N LEU D 502 -11.37 12.36 -25.72
CA LEU D 502 -10.42 11.41 -25.13
C LEU D 502 -10.60 11.27 -23.61
N SER D 503 -11.21 12.28 -22.99
CA SER D 503 -11.44 12.26 -21.54
C SER D 503 -12.51 11.31 -21.01
N GLY D 504 -13.26 10.65 -21.89
CA GLY D 504 -14.25 9.66 -21.41
C GLY D 504 -15.23 10.26 -20.40
N ARG D 505 -15.34 9.65 -19.22
CA ARG D 505 -16.26 10.07 -18.17
C ARG D 505 -15.66 11.04 -17.19
N PHE D 506 -14.55 11.69 -17.55
CA PHE D 506 -13.82 12.56 -16.62
C PHE D 506 -13.65 13.96 -17.19
N TYR D 507 -13.68 14.95 -16.30
CA TYR D 507 -13.36 16.34 -16.59
C TYR D 507 -12.09 16.68 -15.74
N PRO D 508 -10.88 16.51 -16.30
CA PRO D 508 -9.69 16.44 -15.44
C PRO D 508 -9.33 17.71 -14.75
N GLY D 509 -9.58 18.83 -15.40
CA GLY D 509 -9.28 20.10 -14.83
C GLY D 509 -9.85 21.19 -15.69
N PRO D 510 -9.61 22.43 -15.30
CA PRO D 510 -10.14 23.56 -16.04
C PRO D 510 -9.54 23.68 -17.43
N GLY D 511 -10.36 23.86 -18.44
CA GLY D 511 -9.84 24.06 -19.79
C GLY D 511 -9.64 22.85 -20.63
N VAL D 512 -10.04 21.67 -20.16
CA VAL D 512 -9.89 20.47 -20.97
C VAL D 512 -10.76 20.48 -22.25
N PRO D 513 -12.03 20.93 -22.15
CA PRO D 513 -12.81 21.00 -23.38
C PRO D 513 -12.20 21.91 -24.47
N LEU D 514 -11.77 23.11 -24.11
CA LEU D 514 -11.13 23.99 -25.07
C LEU D 514 -9.74 23.49 -25.48
N GLY D 515 -8.99 22.96 -24.53
CA GLY D 515 -7.61 22.51 -24.79
C GLY D 515 -7.60 21.35 -25.79
N THR D 516 -8.43 20.35 -25.55
CA THR D 516 -8.54 19.23 -26.49
C THR D 516 -9.02 19.74 -27.87
N ALA D 517 -9.98 20.64 -27.88
CA ALA D 517 -10.52 21.15 -29.12
C ALA D 517 -9.43 21.82 -29.92
N MET D 518 -8.64 22.63 -29.22
CA MET D 518 -7.58 23.39 -29.87
C MET D 518 -6.43 22.51 -30.37
N VAL D 519 -6.02 21.52 -29.60
CA VAL D 519 -4.88 20.67 -29.99
C VAL D 519 -5.25 19.82 -31.20
N PHE D 520 -6.41 19.18 -31.16
CA PHE D 520 -6.79 18.34 -32.29
C PHE D 520 -7.21 19.09 -33.55
N SER D 521 -7.68 20.33 -33.41
CA SER D 521 -7.92 21.18 -34.57
C SER D 521 -6.59 21.54 -35.23
N TYR D 522 -5.59 21.87 -34.41
CA TYR D 522 -4.25 22.15 -34.89
C TYR D 522 -3.68 20.91 -35.60
N ARG D 523 -3.78 19.74 -34.98
CA ARG D 523 -3.23 18.54 -35.55
C ARG D 523 -3.92 18.15 -36.85
N ALA D 524 -5.24 18.34 -36.92
CA ALA D 524 -5.97 18.15 -38.16
C ALA D 524 -5.44 19.05 -39.27
N ALA D 525 -5.25 20.33 -38.99
CA ALA D 525 -4.77 21.26 -39.98
C ALA D 525 -3.34 20.90 -40.44
N GLN D 526 -2.50 20.45 -39.48
CA GLN D 526 -1.15 20.01 -39.81
C GLN D 526 -1.17 18.78 -40.74
N ASP D 527 -2.06 17.84 -40.45
CA ASP D 527 -2.23 16.67 -41.28
C ASP D 527 -2.65 17.04 -42.71
N MET D 528 -3.60 17.96 -42.82
CA MET D 528 -4.05 18.43 -44.11
C MET D 528 -2.95 19.13 -44.89
N ALA D 529 -1.98 19.69 -44.17
CA ALA D 529 -0.89 20.41 -44.81
C ALA D 529 0.21 19.50 -45.36
N LYS D 530 0.32 18.24 -44.89
CA LYS D 530 1.38 17.30 -45.34
C LYS D 530 1.53 17.20 -46.86
N ASP E 23 -37.47 -23.30 49.32
CA ASP E 23 -37.08 -22.17 48.43
C ASP E 23 -36.16 -22.68 47.29
N TRP E 24 -34.92 -23.00 47.62
CA TRP E 24 -33.99 -23.61 46.69
C TRP E 24 -34.22 -25.07 46.57
N THR E 25 -34.25 -25.60 45.35
CA THR E 25 -34.43 -27.04 45.12
C THR E 25 -33.11 -27.78 45.25
N SER E 26 -32.04 -27.17 44.74
CA SER E 26 -30.70 -27.68 44.98
C SER E 26 -29.70 -26.55 44.92
N GLU E 27 -28.48 -26.89 45.23
CA GLU E 27 -27.44 -25.94 45.41
C GLU E 27 -26.17 -26.49 44.80
N CYS E 28 -25.36 -25.61 44.22
CA CYS E 28 -24.02 -25.98 43.79
C CYS E 28 -23.15 -24.76 43.85
N ASP E 29 -21.84 -24.97 43.66
CA ASP E 29 -20.92 -23.86 43.51
C ASP E 29 -21.04 -23.18 42.15
N VAL E 30 -21.01 -23.99 41.07
CA VAL E 30 -20.98 -23.47 39.70
C VAL E 30 -22.11 -24.10 38.91
N LEU E 31 -22.99 -23.26 38.40
CA LEU E 31 -24.11 -23.72 37.59
C LEU E 31 -23.78 -23.40 36.13
N VAL E 32 -23.76 -24.46 35.32
CA VAL E 32 -23.44 -24.30 33.92
C VAL E 32 -24.68 -24.56 33.09
N VAL E 33 -25.01 -23.60 32.24
CA VAL E 33 -26.18 -23.75 31.37
C VAL E 33 -25.67 -24.04 29.94
N GLY E 34 -26.10 -25.18 29.40
CA GLY E 34 -25.61 -25.65 28.10
C GLY E 34 -24.64 -26.82 28.26
N SER E 35 -24.33 -27.49 27.15
CA SER E 35 -23.44 -28.64 27.17
C SER E 35 -22.61 -28.80 25.88
N GLY E 36 -22.32 -27.69 25.21
CA GLY E 36 -21.38 -27.68 24.09
C GLY E 36 -19.95 -27.74 24.62
N GLY E 37 -18.97 -27.61 23.72
CA GLY E 37 -17.58 -27.68 24.10
C GLY E 37 -17.20 -26.69 25.19
N GLY E 38 -17.61 -25.44 25.02
CA GLY E 38 -17.38 -24.40 26.03
C GLY E 38 -17.96 -24.77 27.38
N ALA E 39 -19.26 -24.99 27.43
CA ALA E 39 -19.92 -25.36 28.69
C ALA E 39 -19.24 -26.51 29.41
N LEU E 40 -18.91 -27.59 28.69
CA LEU E 40 -18.33 -28.73 29.34
C LEU E 40 -16.87 -28.47 29.81
N THR E 41 -16.16 -27.59 29.10
CA THR E 41 -14.83 -27.19 29.48
C THR E 41 -14.89 -26.31 30.77
N GLY E 42 -15.88 -25.43 30.86
CA GLY E 42 -16.14 -24.65 32.06
C GLY E 42 -16.49 -25.56 33.23
N ALA E 43 -17.41 -26.48 32.99
CA ALA E 43 -17.80 -27.43 34.01
C ALA E 43 -16.62 -28.25 34.51
N TYR E 44 -15.77 -28.70 33.59
CA TYR E 44 -14.63 -29.49 33.96
C TYR E 44 -13.65 -28.67 34.81
N THR E 45 -13.35 -27.47 34.36
CA THR E 45 -12.45 -26.60 35.05
C THR E 45 -12.88 -26.35 36.52
N ALA E 46 -14.17 -26.15 36.72
CA ALA E 46 -14.73 -25.95 38.06
C ALA E 46 -14.67 -27.23 38.88
N ALA E 47 -15.22 -28.29 38.32
CA ALA E 47 -15.32 -29.56 39.03
C ALA E 47 -13.97 -30.23 39.32
N ALA E 48 -13.00 -30.07 38.44
CA ALA E 48 -11.69 -30.68 38.66
C ALA E 48 -10.91 -30.04 39.81
N GLN E 49 -11.22 -28.79 40.18
CA GLN E 49 -10.58 -28.16 41.33
C GLN E 49 -11.49 -28.16 42.56
N GLY E 50 -12.45 -29.06 42.62
CA GLY E 50 -13.25 -29.27 43.82
C GLY E 50 -14.57 -28.52 43.94
N LEU E 51 -14.92 -27.66 42.98
CA LEU E 51 -16.19 -26.95 43.06
C LEU E 51 -17.33 -27.85 42.58
N THR E 52 -18.39 -27.96 43.37
CA THR E 52 -19.57 -28.73 42.93
C THR E 52 -20.24 -28.03 41.74
N THR E 53 -20.59 -28.82 40.73
CA THR E 53 -21.01 -28.27 39.45
C THR E 53 -22.24 -29.00 38.98
N ILE E 54 -23.20 -28.24 38.50
CA ILE E 54 -24.37 -28.80 37.82
C ILE E 54 -24.37 -28.27 36.39
N VAL E 55 -24.52 -29.21 35.43
CA VAL E 55 -24.65 -28.88 34.01
C VAL E 55 -26.11 -29.11 33.59
N LEU E 56 -26.70 -28.08 33.02
CA LEU E 56 -28.10 -28.16 32.52
C LEU E 56 -28.13 -28.14 30.99
N GLU E 57 -28.57 -29.23 30.39
CA GLU E 57 -28.81 -29.27 28.96
C GLU E 57 -30.31 -29.29 28.69
N LYS E 58 -30.75 -28.34 27.88
CA LYS E 58 -32.15 -28.25 27.45
C LYS E 58 -32.71 -29.52 26.86
N THR E 59 -31.97 -30.13 25.91
CA THR E 59 -32.56 -31.23 25.08
C THR E 59 -32.28 -32.56 25.76
N ASP E 60 -32.63 -33.66 25.08
CA ASP E 60 -32.31 -34.95 25.60
C ASP E 60 -30.87 -35.44 25.23
N ARG E 61 -30.07 -34.61 24.57
CA ARG E 61 -28.66 -34.99 24.25
C ARG E 61 -27.72 -33.88 24.56
N PHE E 62 -26.53 -34.26 25.01
CA PHE E 62 -25.48 -33.29 25.25
C PHE E 62 -24.74 -32.94 23.98
N GLY E 63 -24.30 -31.69 23.88
CA GLY E 63 -23.31 -31.30 22.89
C GLY E 63 -23.69 -30.20 21.95
N GLY E 64 -24.98 -30.05 21.65
CA GLY E 64 -25.41 -29.04 20.74
C GLY E 64 -24.74 -29.08 19.39
N THR E 65 -24.56 -27.89 18.83
CA THR E 65 -23.86 -27.73 17.56
C THR E 65 -22.40 -28.23 17.68
N SER E 66 -21.81 -28.11 18.88
CA SER E 66 -20.45 -28.57 19.11
C SER E 66 -20.38 -30.06 18.75
N ALA E 67 -21.42 -30.82 19.06
CA ALA E 67 -21.45 -32.24 18.71
C ALA E 67 -21.45 -32.45 17.19
N TYR E 68 -22.20 -31.61 16.47
CA TYR E 68 -22.22 -31.63 15.00
C TYR E 68 -20.87 -31.29 14.36
N SER E 69 -20.03 -30.55 15.08
CA SER E 69 -18.90 -29.92 14.49
C SER E 69 -17.84 -30.94 14.08
N GLY E 70 -16.89 -30.48 13.31
CA GLY E 70 -15.70 -31.30 12.98
C GLY E 70 -14.70 -31.30 14.15
N ALA E 71 -14.95 -30.48 15.18
CA ALA E 71 -14.09 -30.38 16.37
C ALA E 71 -12.67 -30.00 16.07
N SER E 72 -12.51 -29.16 15.05
CA SER E 72 -11.30 -28.39 14.91
C SER E 72 -11.35 -27.29 15.96
N ILE E 73 -10.21 -27.04 16.64
CA ILE E 73 -10.17 -26.07 17.72
C ILE E 73 -8.97 -25.17 17.56
N TRP E 74 -9.22 -23.86 17.47
CA TRP E 74 -8.15 -22.92 17.32
C TRP E 74 -7.63 -22.49 18.68
N LEU E 75 -6.71 -23.29 19.18
CA LEU E 75 -6.01 -23.06 20.45
C LEU E 75 -4.53 -23.15 20.14
N PRO E 76 -3.93 -22.04 19.73
CA PRO E 76 -2.58 -22.06 19.22
C PRO E 76 -1.51 -22.13 20.31
N GLY E 77 -0.31 -22.58 19.88
CA GLY E 77 0.89 -22.47 20.71
C GLY E 77 0.87 -23.32 21.96
N THR E 78 0.29 -24.49 21.89
CA THR E 78 0.12 -25.35 23.03
C THR E 78 0.98 -26.58 22.90
N GLN E 79 0.93 -27.42 23.91
CA GLN E 79 1.72 -28.63 23.92
C GLN E 79 1.36 -29.58 22.79
N VAL E 80 0.12 -29.45 22.29
CA VAL E 80 -0.33 -30.30 21.22
C VAL E 80 0.43 -30.02 19.92
N GLN E 81 0.56 -28.75 19.55
CA GLN E 81 1.30 -28.40 18.33
C GLN E 81 2.79 -28.62 18.51
N GLU E 82 3.29 -28.48 19.74
CA GLU E 82 4.69 -28.82 20.04
C GLU E 82 4.97 -30.26 19.70
N ARG E 83 4.06 -31.16 20.05
CA ARG E 83 4.20 -32.58 19.72
C ARG E 83 4.12 -32.90 18.23
N ALA E 84 3.69 -31.95 17.41
CA ALA E 84 3.75 -32.07 15.95
C ALA E 84 4.85 -31.26 15.33
N GLY E 85 5.67 -30.60 16.14
CA GLY E 85 6.82 -29.84 15.65
C GLY E 85 6.43 -28.66 14.80
N LEU E 86 5.24 -28.11 15.06
CA LEU E 86 4.72 -27.05 14.24
C LEU E 86 5.42 -25.76 14.51
N PRO E 87 5.91 -25.09 13.44
CA PRO E 87 6.60 -23.84 13.65
C PRO E 87 5.66 -22.68 13.81
N ASP E 88 5.22 -22.45 15.03
CA ASP E 88 4.22 -21.44 15.33
C ASP E 88 4.37 -21.09 16.79
N SER E 89 3.73 -20.03 17.21
CA SER E 89 3.79 -19.62 18.59
C SER E 89 2.62 -18.73 18.95
N THR E 90 2.46 -18.53 20.25
CA THR E 90 1.52 -17.57 20.78
C THR E 90 1.66 -16.21 20.09
N GLU E 91 2.86 -15.71 19.93
CA GLU E 91 3.02 -14.36 19.34
C GLU E 91 2.63 -14.35 17.87
N ASN E 92 2.90 -15.43 17.16
CA ASN E 92 2.57 -15.51 15.75
C ASN E 92 1.05 -15.47 15.60
N ALA E 93 0.36 -16.20 16.47
CA ALA E 93 -1.09 -16.24 16.49
C ALA E 93 -1.66 -14.90 16.87
N ARG E 94 -1.07 -14.26 17.87
CA ARG E 94 -1.50 -12.91 18.27
C ARG E 94 -1.39 -11.93 17.11
N THR E 95 -0.30 -12.03 16.37
CA THR E 95 -0.08 -11.17 15.20
C THR E 95 -1.16 -11.37 14.14
N TYR E 96 -1.57 -12.61 13.93
CA TYR E 96 -2.60 -12.94 12.96
C TYR E 96 -3.95 -12.31 13.35
N LEU E 97 -4.38 -12.52 14.59
CA LEU E 97 -5.63 -11.90 15.07
C LEU E 97 -5.58 -10.37 14.98
N ARG E 98 -4.46 -9.80 15.40
CA ARG E 98 -4.32 -8.34 15.34
C ARG E 98 -4.42 -7.83 13.91
N ALA E 99 -3.79 -8.56 12.99
CA ALA E 99 -3.79 -8.15 11.59
C ALA E 99 -5.20 -8.17 11.00
N LEU E 100 -6.01 -9.13 11.40
CA LEU E 100 -7.38 -9.22 10.91
C LEU E 100 -8.38 -8.32 11.63
N LEU E 101 -8.30 -8.33 12.95
CA LEU E 101 -9.34 -7.77 13.80
C LEU E 101 -9.06 -6.34 14.20
N GLY E 102 -7.82 -5.91 14.08
CA GLY E 102 -7.41 -4.62 14.60
C GLY E 102 -7.45 -4.61 16.11
N ASP E 103 -7.57 -3.41 16.69
CA ASP E 103 -7.48 -3.23 18.14
C ASP E 103 -8.76 -3.41 18.86
N ALA E 104 -9.86 -3.47 18.13
CA ALA E 104 -11.14 -3.79 18.71
C ALA E 104 -11.02 -5.16 19.41
N GLU E 105 -11.22 -5.14 20.73
CA GLU E 105 -11.24 -6.32 21.58
C GLU E 105 -9.85 -6.88 21.78
N SER E 106 -8.84 -6.03 21.66
CA SER E 106 -7.46 -6.51 21.77
C SER E 106 -7.16 -7.21 23.11
N GLU E 107 -7.79 -6.77 24.20
CA GLU E 107 -7.56 -7.41 25.47
C GLU E 107 -8.11 -8.84 25.48
N ARG E 108 -9.26 -9.04 24.86
CA ARG E 108 -9.84 -10.38 24.75
C ARG E 108 -9.07 -11.24 23.74
N GLN E 109 -8.56 -10.64 22.66
CA GLN E 109 -7.65 -11.33 21.74
C GLN E 109 -6.43 -11.85 22.49
N ASP E 110 -5.87 -11.00 23.35
CA ASP E 110 -4.69 -11.39 24.15
C ASP E 110 -5.03 -12.50 25.10
N ALA E 111 -6.17 -12.41 25.79
CA ALA E 111 -6.56 -13.44 26.74
C ALA E 111 -6.79 -14.78 26.03
N TYR E 112 -7.33 -14.71 24.81
CA TYR E 112 -7.65 -15.89 24.04
C TYR E 112 -6.37 -16.65 23.70
N VAL E 113 -5.44 -15.99 23.04
CA VAL E 113 -4.18 -16.69 22.67
C VAL E 113 -3.30 -17.03 23.87
N GLU E 114 -3.25 -16.16 24.88
CA GLU E 114 -2.38 -16.40 26.03
C GLU E 114 -2.86 -17.54 26.87
N THR E 115 -4.18 -17.77 26.91
CA THR E 115 -4.74 -18.80 27.81
C THR E 115 -4.86 -20.16 27.17
N ALA E 116 -4.76 -20.23 25.84
CA ALA E 116 -4.91 -21.51 25.13
C ALA E 116 -4.05 -22.64 25.68
N PRO E 117 -2.75 -22.38 25.93
CA PRO E 117 -1.91 -23.45 26.44
C PRO E 117 -2.39 -24.04 27.77
N ALA E 118 -2.82 -23.18 28.70
CA ALA E 118 -3.29 -23.67 30.01
C ALA E 118 -4.58 -24.48 29.88
N VAL E 119 -5.46 -24.08 28.98
CA VAL E 119 -6.70 -24.84 28.78
C VAL E 119 -6.39 -26.22 28.27
N VAL E 120 -5.56 -26.28 27.22
CA VAL E 120 -5.18 -27.57 26.67
C VAL E 120 -4.48 -28.44 27.72
N ALA E 121 -3.57 -27.84 28.48
CA ALA E 121 -2.80 -28.61 29.45
C ALA E 121 -3.72 -29.21 30.47
N LEU E 122 -4.66 -28.42 30.94
CA LEU E 122 -5.60 -28.91 31.95
C LEU E 122 -6.39 -30.07 31.40
N LEU E 123 -6.91 -29.89 30.19
CA LEU E 123 -7.79 -30.89 29.62
C LEU E 123 -7.04 -32.18 29.34
N GLU E 124 -5.86 -32.08 28.74
CA GLU E 124 -5.10 -33.30 28.42
C GLU E 124 -4.58 -34.03 29.64
N GLN E 125 -4.61 -33.37 30.78
CA GLN E 125 -4.19 -34.00 31.98
C GLN E 125 -5.24 -35.05 32.39
N ASN E 126 -6.47 -34.90 31.91
CA ASN E 126 -7.46 -35.90 32.15
C ASN E 126 -7.27 -37.13 31.25
N PRO E 127 -7.38 -38.33 31.82
CA PRO E 127 -7.17 -39.52 31.04
C PRO E 127 -8.12 -39.68 29.87
N ASN E 128 -9.28 -39.03 29.90
CA ASN E 128 -10.25 -39.17 28.82
C ASN E 128 -10.02 -38.23 27.63
N ILE E 129 -9.07 -37.32 27.74
CA ILE E 129 -8.91 -36.29 26.72
C ILE E 129 -7.50 -36.33 26.13
N GLU E 130 -7.44 -36.37 24.79
CA GLU E 130 -6.22 -36.14 24.04
C GLU E 130 -6.58 -35.49 22.68
N PHE E 131 -5.78 -34.51 22.26
CA PHE E 131 -5.92 -33.84 20.97
C PHE E 131 -4.70 -34.16 20.08
N GLU E 132 -4.81 -33.82 18.79
CA GLU E 132 -3.69 -33.79 17.90
C GLU E 132 -3.86 -32.66 16.89
N PHE E 133 -2.77 -32.13 16.41
CA PHE E 133 -2.82 -31.18 15.31
C PHE E 133 -3.40 -31.82 14.06
N ARG E 134 -4.21 -31.10 13.31
CA ARG E 134 -4.67 -31.56 11.99
C ARG E 134 -4.66 -30.41 11.01
N ALA E 135 -3.98 -30.64 9.90
CA ALA E 135 -3.78 -29.60 8.92
C ALA E 135 -5.15 -29.13 8.34
N PHE E 136 -5.31 -27.82 8.24
CA PHE E 136 -6.47 -27.18 7.67
C PHE E 136 -6.09 -25.73 7.71
N PRO E 137 -6.00 -25.07 6.54
CA PRO E 137 -5.48 -23.71 6.53
C PRO E 137 -6.28 -22.65 7.28
N ASP E 138 -5.58 -21.70 7.88
CA ASP E 138 -6.22 -20.45 8.31
C ASP E 138 -6.89 -19.79 7.10
N TYR E 139 -7.83 -18.89 7.36
CA TYR E 139 -8.76 -18.44 6.31
C TYR E 139 -8.44 -17.12 5.60
N TYR E 140 -7.52 -16.33 6.12
CA TYR E 140 -7.17 -15.06 5.50
C TYR E 140 -5.66 -14.95 5.25
N LYS E 141 -5.32 -14.28 4.15
CA LYS E 141 -3.97 -13.94 3.84
C LYS E 141 -3.59 -12.77 4.72
N ALA E 142 -2.67 -12.99 5.66
CA ALA E 142 -2.28 -11.93 6.60
C ALA E 142 -1.05 -12.41 7.35
N GLU E 143 -0.31 -11.46 7.91
CA GLU E 143 0.86 -11.80 8.72
C GLU E 143 0.41 -12.72 9.86
N GLY E 144 1.12 -13.81 10.07
CA GLY E 144 0.75 -14.79 11.09
C GLY E 144 -0.12 -15.95 10.66
N ARG E 145 -0.64 -15.91 9.44
CA ARG E 145 -1.42 -17.01 8.90
C ARG E 145 -0.59 -18.26 8.86
N MET E 146 -1.17 -19.39 9.19
CA MET E 146 -0.55 -20.68 8.92
C MET E 146 -1.25 -21.26 7.69
N ASP E 147 -0.50 -21.43 6.61
CA ASP E 147 -1.03 -21.96 5.37
C ASP E 147 -1.50 -23.41 5.51
N THR E 148 -0.91 -24.15 6.45
CA THR E 148 -1.30 -25.53 6.77
C THR E 148 -2.20 -25.60 8.02
N GLY E 149 -2.37 -24.47 8.68
CA GLY E 149 -3.16 -24.40 9.90
C GLY E 149 -2.36 -24.64 11.18
N ARG E 150 -3.04 -24.43 12.30
CA ARG E 150 -2.50 -24.63 13.65
C ARG E 150 -3.54 -25.24 14.59
N SER E 151 -4.65 -25.74 14.05
CA SER E 151 -5.75 -26.15 14.89
C SER E 151 -5.63 -27.60 15.24
N ILE E 152 -6.31 -27.97 16.33
CA ILE E 152 -6.23 -29.28 16.90
C ILE E 152 -7.59 -29.92 17.04
N ASN E 153 -7.60 -31.25 17.17
CA ASN E 153 -8.80 -32.03 17.15
C ASN E 153 -8.68 -33.13 18.17
N PRO E 154 -9.81 -33.51 18.77
CA PRO E 154 -9.78 -34.62 19.70
C PRO E 154 -9.59 -35.92 18.94
N LEU E 155 -8.88 -36.87 19.55
CA LEU E 155 -8.71 -38.18 18.91
C LEU E 155 -10.05 -38.91 18.83
N ASP E 156 -10.17 -39.76 17.80
CA ASP E 156 -11.32 -40.61 17.65
C ASP E 156 -11.52 -41.41 18.94
N LEU E 157 -12.76 -41.73 19.29
CA LEU E 157 -13.09 -42.31 20.57
C LEU E 157 -13.92 -43.53 20.37
N ASP E 158 -13.49 -44.64 20.95
CA ASP E 158 -14.27 -45.83 20.95
C ASP E 158 -15.39 -45.62 21.96
N PRO E 159 -16.64 -45.69 21.50
CA PRO E 159 -17.74 -45.40 22.40
C PRO E 159 -17.76 -46.28 23.64
N ALA E 160 -17.24 -47.51 23.51
CA ALA E 160 -17.16 -48.42 24.62
C ALA E 160 -16.32 -47.85 25.75
N ASP E 161 -15.44 -46.91 25.45
CA ASP E 161 -14.54 -46.38 26.48
C ASP E 161 -15.13 -45.34 27.40
N ILE E 162 -16.37 -44.92 27.16
CA ILE E 162 -17.02 -43.95 28.05
C ILE E 162 -18.37 -44.46 28.56
N GLY E 163 -18.61 -45.76 28.38
CA GLY E 163 -19.79 -46.40 28.92
C GLY E 163 -21.09 -45.79 28.44
N ASP E 164 -21.97 -45.51 29.41
CA ASP E 164 -23.32 -45.09 29.12
C ASP E 164 -23.36 -43.63 28.61
N LEU E 165 -22.23 -42.92 28.64
CA LEU E 165 -22.22 -41.53 28.18
C LEU E 165 -22.32 -41.42 26.65
N ALA E 166 -21.90 -42.46 25.93
CA ALA E 166 -21.90 -42.37 24.47
C ALA E 166 -23.31 -42.12 23.92
N GLY E 167 -24.27 -42.84 24.47
CA GLY E 167 -25.68 -42.70 24.07
C GLY E 167 -26.33 -41.40 24.47
N LYS E 168 -25.63 -40.56 25.26
CA LYS E 168 -26.15 -39.25 25.64
C LYS E 168 -25.56 -38.12 24.83
N VAL E 169 -24.64 -38.45 23.91
CA VAL E 169 -24.03 -37.48 23.00
C VAL E 169 -24.89 -37.34 21.74
N ARG E 170 -25.14 -36.11 21.32
CA ARG E 170 -25.95 -35.82 20.14
C ARG E 170 -25.23 -36.40 18.92
N PRO E 171 -25.95 -37.11 18.05
CA PRO E 171 -25.28 -37.67 16.86
C PRO E 171 -25.00 -36.64 15.77
N GLU E 172 -24.14 -37.01 14.85
CA GLU E 172 -23.78 -36.18 13.72
C GLU E 172 -25.02 -35.80 12.90
N LEU E 173 -24.91 -34.70 12.18
CA LEU E 173 -25.98 -34.22 11.31
C LEU E 173 -26.51 -35.26 10.37
N ASP E 174 -25.62 -36.06 9.80
CA ASP E 174 -26.05 -37.11 8.84
C ASP E 174 -26.91 -38.19 9.46
N GLN E 175 -26.92 -38.25 10.77
CA GLN E 175 -27.81 -39.14 11.53
C GLN E 175 -28.96 -38.39 12.19
N ASP E 176 -28.64 -37.22 12.73
CA ASP E 176 -29.55 -36.57 13.66
C ASP E 176 -30.80 -36.04 12.93
N ARG E 177 -30.68 -35.64 11.64
CA ARG E 177 -31.82 -35.09 10.90
C ARG E 177 -32.59 -36.11 10.08
N THR E 178 -32.30 -37.40 10.27
CA THR E 178 -32.92 -38.48 9.56
C THR E 178 -33.42 -39.53 10.56
N GLY E 179 -33.62 -39.13 11.81
CA GLY E 179 -34.23 -40.02 12.78
C GLY E 179 -33.37 -41.19 13.18
N GLN E 180 -32.05 -40.90 13.29
CA GLN E 180 -31.07 -41.91 13.59
C GLN E 180 -30.17 -41.53 14.75
N ASP E 181 -29.68 -42.55 15.42
CA ASP E 181 -28.68 -42.38 16.44
C ASP E 181 -27.30 -42.64 15.82
N HIS E 182 -26.24 -42.74 16.62
CA HIS E 182 -24.87 -42.90 16.06
C HIS E 182 -24.71 -44.06 15.12
N ALA E 183 -24.04 -43.81 14.01
CA ALA E 183 -23.64 -44.85 13.07
C ALA E 183 -22.46 -45.69 13.64
N PRO E 184 -22.11 -46.82 13.00
CA PRO E 184 -21.29 -47.84 13.65
C PRO E 184 -19.82 -47.56 13.89
N GLY E 185 -19.23 -46.56 13.29
CA GLY E 185 -17.80 -46.38 13.64
C GLY E 185 -17.42 -45.84 15.03
N PRO E 186 -16.17 -45.41 15.18
CA PRO E 186 -15.81 -44.64 16.36
C PRO E 186 -16.54 -43.28 16.39
N MET E 187 -16.55 -42.64 17.56
CA MET E 187 -17.03 -41.29 17.67
C MET E 187 -15.92 -40.40 17.18
N ILE E 188 -16.22 -39.53 16.24
CA ILE E 188 -15.23 -38.64 15.70
C ILE E 188 -15.72 -37.22 15.72
N GLY E 189 -14.82 -36.29 15.47
CA GLY E 189 -15.16 -34.87 15.40
C GLY E 189 -15.87 -34.45 16.69
N GLY E 190 -16.98 -33.72 16.54
CA GLY E 190 -17.72 -33.23 17.67
C GLY E 190 -18.24 -34.30 18.61
N ARG E 191 -18.52 -35.49 18.10
CA ARG E 191 -18.96 -36.56 18.97
C ARG E 191 -17.81 -36.98 19.90
N ALA E 192 -16.59 -37.03 19.37
CA ALA E 192 -15.41 -37.36 20.19
C ALA E 192 -15.13 -36.25 21.17
N LEU E 193 -15.22 -34.99 20.74
CA LEU E 193 -15.03 -33.89 21.64
C LEU E 193 -15.96 -33.96 22.84
N ILE E 194 -17.26 -34.09 22.58
CA ILE E 194 -18.23 -34.04 23.60
C ILE E 194 -18.18 -35.32 24.44
N GLY E 195 -17.99 -36.48 23.82
CA GLY E 195 -17.90 -37.73 24.57
C GLY E 195 -16.72 -37.72 25.55
N ARG E 196 -15.60 -37.20 25.08
CA ARG E 196 -14.41 -37.09 25.94
C ARG E 196 -14.62 -36.05 27.06
N LEU E 197 -15.13 -34.85 26.72
CA LEU E 197 -15.41 -33.84 27.74
C LEU E 197 -16.40 -34.35 28.82
N LEU E 198 -17.47 -35.02 28.42
CA LEU E 198 -18.41 -35.58 29.34
C LEU E 198 -17.77 -36.59 30.27
N ALA E 199 -16.97 -37.49 29.72
CA ALA E 199 -16.27 -38.48 30.54
C ALA E 199 -15.35 -37.77 31.53
N ALA E 200 -14.65 -36.76 31.07
CA ALA E 200 -13.78 -35.97 31.96
C ALA E 200 -14.58 -35.32 33.11
N VAL E 201 -15.68 -34.66 32.76
CA VAL E 201 -16.53 -34.00 33.75
C VAL E 201 -17.05 -35.03 34.77
N GLN E 202 -17.54 -36.17 34.27
CA GLN E 202 -18.03 -37.21 35.15
C GLN E 202 -16.95 -37.72 36.09
N SER E 203 -15.72 -37.87 35.57
CA SER E 203 -14.63 -38.47 36.34
C SER E 203 -14.23 -37.67 37.56
N THR E 204 -14.50 -36.38 37.59
CA THR E 204 -14.19 -35.56 38.74
C THR E 204 -14.97 -35.98 40.00
N GLY E 205 -16.14 -36.58 39.84
CA GLY E 205 -17.00 -36.88 40.97
C GLY E 205 -17.62 -35.64 41.61
N LYS E 206 -17.46 -34.47 40.99
CA LYS E 206 -17.97 -33.21 41.51
C LYS E 206 -19.05 -32.60 40.65
N ALA E 207 -19.54 -33.34 39.66
CA ALA E 207 -20.43 -32.74 38.68
C ALA E 207 -21.65 -33.59 38.50
N GLU E 208 -22.76 -32.90 38.26
CA GLU E 208 -24.01 -33.53 37.95
C GLU E 208 -24.37 -33.08 36.54
N LEU E 209 -24.58 -34.03 35.65
CA LEU E 209 -24.94 -33.76 34.26
C LEU E 209 -26.44 -33.98 34.04
N ARG E 210 -27.20 -32.95 33.67
CA ARG E 210 -28.62 -33.12 33.48
C ARG E 210 -29.08 -32.82 32.08
N THR E 211 -29.96 -33.68 31.55
CA THR E 211 -30.63 -33.37 30.29
C THR E 211 -32.08 -32.93 30.54
N GLU E 212 -32.73 -32.46 29.50
CA GLU E 212 -34.10 -31.96 29.59
C GLU E 212 -34.30 -30.99 30.76
N SER E 213 -33.34 -30.10 30.94
CA SER E 213 -33.37 -29.11 31.98
C SER E 213 -33.08 -27.79 31.35
N VAL E 214 -34.09 -26.91 31.39
CA VAL E 214 -34.11 -25.68 30.62
C VAL E 214 -34.00 -24.46 31.51
N LEU E 215 -32.97 -23.65 31.35
CA LEU E 215 -32.92 -22.34 31.98
C LEU E 215 -34.09 -21.49 31.51
N THR E 216 -34.83 -20.92 32.46
CA THR E 216 -35.90 -19.97 32.11
C THR E 216 -35.59 -18.57 32.57
N SER E 217 -35.07 -18.40 33.77
CA SER E 217 -34.61 -17.05 34.17
C SER E 217 -33.55 -17.11 35.25
N LEU E 218 -32.80 -16.04 35.35
CA LEU E 218 -31.78 -15.91 36.38
C LEU E 218 -32.40 -15.34 37.66
N ILE E 219 -31.86 -15.73 38.81
CA ILE E 219 -32.33 -15.25 40.10
C ILE E 219 -31.27 -14.29 40.65
N VAL E 220 -31.71 -13.07 40.95
CA VAL E 220 -30.84 -11.99 41.39
C VAL E 220 -31.20 -11.58 42.83
N GLU E 221 -30.20 -11.47 43.71
CA GLU E 221 -30.40 -10.98 45.08
C GLU E 221 -29.35 -9.95 45.37
N ASP E 222 -29.80 -8.79 45.82
CA ASP E 222 -28.89 -7.66 46.11
C ASP E 222 -28.03 -7.37 44.87
N GLY E 223 -28.59 -7.45 43.67
CA GLY E 223 -27.81 -7.14 42.45
C GLY E 223 -26.86 -8.24 41.97
N ARG E 224 -26.81 -9.37 42.66
CA ARG E 224 -25.93 -10.47 42.31
C ARG E 224 -26.74 -11.65 41.79
N VAL E 225 -26.30 -12.24 40.68
CA VAL E 225 -26.92 -13.47 40.20
C VAL E 225 -26.53 -14.59 41.14
N VAL E 226 -27.52 -15.19 41.79
CA VAL E 226 -27.26 -16.17 42.81
C VAL E 226 -27.80 -17.56 42.47
N GLY E 227 -28.38 -17.70 41.30
CA GLY E 227 -28.92 -18.99 40.91
C GLY E 227 -29.82 -18.80 39.72
N ALA E 228 -30.60 -19.82 39.44
CA ALA E 228 -31.46 -19.77 38.28
C ALA E 228 -32.71 -20.56 38.48
N GLU E 229 -33.74 -20.14 37.77
CA GLU E 229 -34.95 -20.91 37.68
C GLU E 229 -34.90 -21.81 36.43
N VAL E 230 -35.31 -23.07 36.60
CA VAL E 230 -35.10 -24.12 35.62
C VAL E 230 -36.34 -24.99 35.48
N GLU E 231 -36.74 -25.31 34.25
CA GLU E 231 -37.81 -26.30 34.03
C GLU E 231 -37.23 -27.66 33.73
N SER E 232 -37.66 -28.67 34.47
CA SER E 232 -37.51 -30.07 34.07
C SER E 232 -38.60 -30.92 34.70
N GLY E 233 -39.03 -31.95 33.97
CA GLY E 233 -40.05 -32.86 34.45
C GLY E 233 -41.39 -32.19 34.61
N GLY E 234 -41.66 -31.15 33.82
CA GLY E 234 -42.86 -30.34 34.00
C GLY E 234 -42.83 -29.44 35.23
N GLU E 235 -41.92 -29.70 36.17
CA GLU E 235 -41.83 -28.90 37.38
C GLU E 235 -40.76 -27.81 37.23
N THR E 236 -40.96 -26.70 37.93
CA THR E 236 -39.97 -25.67 37.90
C THR E 236 -39.08 -25.74 39.15
N GLN E 237 -37.78 -25.54 38.97
CA GLN E 237 -36.82 -25.63 40.07
C GLN E 237 -36.05 -24.36 40.22
N ARG E 238 -35.45 -24.19 41.41
CA ARG E 238 -34.62 -23.04 41.68
C ARG E 238 -33.30 -23.59 42.19
N ILE E 239 -32.24 -23.29 41.45
CA ILE E 239 -30.94 -23.89 41.71
C ILE E 239 -30.02 -22.78 42.12
N LYS E 240 -29.42 -22.97 43.29
CA LYS E 240 -28.55 -21.97 43.86
C LYS E 240 -27.14 -22.19 43.33
N ALA E 241 -26.49 -21.10 42.94
CA ALA E 241 -25.11 -21.11 42.50
C ALA E 241 -24.25 -20.22 43.38
N ASN E 242 -23.48 -20.84 44.27
CA ASN E 242 -22.71 -20.07 45.24
C ASN E 242 -21.67 -19.20 44.59
N ARG E 243 -20.92 -19.72 43.61
CA ARG E 243 -19.87 -18.92 42.98
C ARG E 243 -20.34 -18.24 41.72
N GLY E 244 -21.25 -18.85 40.98
CA GLY E 244 -21.71 -18.22 39.75
C GLY E 244 -22.38 -19.15 38.76
N VAL E 245 -22.92 -18.50 37.74
CA VAL E 245 -23.62 -19.14 36.66
C VAL E 245 -22.87 -18.86 35.37
N LEU E 246 -22.47 -19.93 34.70
CA LEU E 246 -21.87 -19.82 33.37
C LEU E 246 -22.92 -20.16 32.35
N MET E 247 -23.24 -19.20 31.49
CA MET E 247 -24.20 -19.43 30.42
C MET E 247 -23.46 -19.64 29.10
N ALA E 248 -23.42 -20.89 28.67
CA ALA E 248 -22.83 -21.25 27.37
C ALA E 248 -23.83 -22.13 26.64
N ALA E 249 -24.94 -21.49 26.28
CA ALA E 249 -26.12 -22.18 25.82
C ALA E 249 -26.41 -21.83 24.38
N GLY E 250 -25.38 -21.43 23.66
CA GLY E 250 -25.54 -21.14 22.24
C GLY E 250 -26.14 -19.78 21.98
N GLY E 251 -26.44 -19.53 20.70
CA GLY E 251 -26.81 -18.18 20.22
C GLY E 251 -28.32 -18.08 19.98
N ILE E 252 -28.68 -17.18 19.06
CA ILE E 252 -30.08 -16.93 18.65
C ILE E 252 -30.45 -17.59 17.34
N GLU E 253 -29.58 -18.46 16.83
CA GLU E 253 -29.73 -18.99 15.49
C GLU E 253 -31.07 -19.67 15.18
N GLY E 254 -31.62 -20.35 16.17
CA GLY E 254 -32.90 -21.03 16.02
C GLY E 254 -34.12 -20.16 16.27
N ASN E 255 -33.92 -18.87 16.53
CA ASN E 255 -35.03 -17.98 16.88
C ASN E 255 -35.23 -16.95 15.80
N ALA E 256 -36.21 -17.20 14.93
CA ALA E 256 -36.47 -16.30 13.79
C ALA E 256 -36.85 -14.88 14.23
N GLU E 257 -37.60 -14.78 15.32
CA GLU E 257 -38.05 -13.48 15.86
C GLU E 257 -36.87 -12.65 16.32
N MET E 258 -36.01 -13.23 17.16
CA MET E 258 -34.79 -12.49 17.59
C MET E 258 -33.92 -12.10 16.41
N ARG E 259 -33.75 -13.03 15.47
CA ARG E 259 -32.89 -12.75 14.31
C ARG E 259 -33.44 -11.60 13.48
N GLU E 260 -34.75 -11.64 13.22
CA GLU E 260 -35.41 -10.59 12.46
C GLU E 260 -35.34 -9.25 13.18
N GLN E 261 -35.58 -9.24 14.48
CA GLN E 261 -35.37 -8.01 15.26
C GLN E 261 -33.95 -7.49 15.18
N ALA E 262 -32.96 -8.38 15.28
CA ALA E 262 -31.57 -7.94 15.25
C ALA E 262 -31.09 -7.55 13.86
N GLY E 263 -31.81 -7.96 12.83
CA GLY E 263 -31.30 -7.75 11.47
C GLY E 263 -30.30 -8.84 11.02
N THR E 264 -30.29 -9.99 11.68
CA THR E 264 -29.38 -11.06 11.28
C THR E 264 -29.76 -11.58 9.90
N PRO E 265 -28.81 -11.61 8.95
CA PRO E 265 -29.09 -12.32 7.71
C PRO E 265 -29.28 -13.85 7.91
N GLY E 266 -29.65 -14.53 6.83
CA GLY E 266 -29.95 -15.94 6.88
C GLY E 266 -31.30 -16.22 7.49
N LYS E 267 -31.53 -17.45 7.91
CA LYS E 267 -32.83 -17.84 8.47
C LYS E 267 -32.61 -18.97 9.44
N ALA E 268 -33.40 -18.99 10.49
CA ALA E 268 -33.40 -20.11 11.42
C ALA E 268 -33.53 -21.46 10.74
N ILE E 269 -34.44 -21.59 9.78
CA ILE E 269 -34.64 -22.84 9.05
C ILE E 269 -33.36 -23.30 8.30
N TRP E 270 -32.47 -22.37 7.95
CA TRP E 270 -31.22 -22.69 7.26
C TRP E 270 -30.05 -22.86 8.19
N SER E 271 -30.21 -22.50 9.47
CA SER E 271 -29.16 -22.74 10.46
C SER E 271 -28.82 -24.24 10.64
N MET E 272 -27.53 -24.50 10.84
CA MET E 272 -27.09 -25.88 11.06
C MET E 272 -27.12 -26.30 12.53
N GLY E 273 -27.54 -25.42 13.41
CA GLY E 273 -27.76 -25.77 14.82
C GLY E 273 -28.83 -26.84 14.95
N PRO E 274 -28.85 -27.57 16.06
CA PRO E 274 -29.87 -28.58 16.19
C PRO E 274 -31.26 -27.94 16.27
N PHE E 275 -32.21 -28.46 15.50
CA PHE E 275 -33.49 -27.78 15.35
C PHE E 275 -34.10 -27.53 16.72
N GLY E 276 -34.42 -26.27 17.00
CA GLY E 276 -35.14 -25.92 18.22
C GLY E 276 -34.28 -25.79 19.48
N ALA E 277 -32.97 -26.02 19.40
CA ALA E 277 -32.13 -26.00 20.60
C ALA E 277 -31.68 -24.64 21.03
N ASN E 278 -31.11 -23.89 20.10
CA ASN E 278 -30.55 -22.60 20.42
C ASN E 278 -31.45 -21.47 20.00
N THR E 279 -32.30 -21.07 20.94
CA THR E 279 -33.36 -20.08 20.64
C THR E 279 -33.10 -18.80 21.42
N GLY E 280 -31.85 -18.58 21.81
CA GLY E 280 -31.45 -17.34 22.47
C GLY E 280 -31.91 -17.19 23.91
N ASP E 281 -32.24 -18.29 24.56
CA ASP E 281 -32.78 -18.25 25.92
C ASP E 281 -31.81 -17.59 26.90
N ALA E 282 -30.52 -17.92 26.82
CA ALA E 282 -29.57 -17.39 27.78
C ALA E 282 -29.26 -15.95 27.51
N ILE E 283 -29.22 -15.57 26.24
CA ILE E 283 -29.05 -14.16 25.88
C ILE E 283 -30.25 -13.30 26.40
N SER E 284 -31.48 -13.79 26.20
CA SER E 284 -32.65 -13.12 26.77
C SER E 284 -32.60 -13.05 28.30
N ALA E 285 -32.30 -14.16 28.95
CA ALA E 285 -32.16 -14.16 30.42
C ALA E 285 -31.12 -13.15 30.90
N GLY E 286 -30.04 -12.99 30.15
CA GLY E 286 -28.98 -12.05 30.47
C GLY E 286 -29.43 -10.61 30.27
N ILE E 287 -30.11 -10.34 29.16
CA ILE E 287 -30.68 -9.02 28.90
C ILE E 287 -31.65 -8.61 30.04
N ALA E 288 -32.44 -9.57 30.51
CA ALA E 288 -33.42 -9.33 31.56
C ALA E 288 -32.82 -8.88 32.87
N VAL E 289 -31.56 -9.22 33.14
CA VAL E 289 -30.92 -8.77 34.37
C VAL E 289 -29.95 -7.62 34.14
N GLY E 290 -29.99 -7.02 32.95
CA GLY E 290 -29.18 -5.84 32.66
C GLY E 290 -27.98 -6.02 31.74
N GLY E 291 -27.78 -7.21 31.20
CA GLY E 291 -26.61 -7.47 30.34
C GLY E 291 -26.72 -6.75 29.03
N ALA E 292 -25.64 -6.10 28.64
CA ALA E 292 -25.58 -5.47 27.31
C ALA E 292 -25.32 -6.55 26.27
N THR E 293 -25.60 -6.23 25.02
CA THR E 293 -25.39 -7.15 23.92
C THR E 293 -24.71 -6.41 22.80
N ALA E 294 -24.16 -7.16 21.86
CA ALA E 294 -23.44 -6.62 20.73
C ALA E 294 -23.39 -7.67 19.62
N LEU E 295 -23.18 -7.18 18.41
CA LEU E 295 -23.00 -8.02 17.22
C LEU E 295 -24.16 -8.94 16.88
N LEU E 296 -25.38 -8.59 17.31
CA LEU E 296 -26.52 -9.51 17.14
C LEU E 296 -26.92 -9.72 15.67
N ASP E 297 -26.51 -8.84 14.78
CA ASP E 297 -26.72 -9.07 13.37
C ASP E 297 -25.64 -9.93 12.70
N GLN E 298 -24.70 -10.44 13.48
CA GLN E 298 -23.62 -11.27 12.96
C GLN E 298 -23.82 -12.75 13.24
N ALA E 299 -23.28 -13.54 12.33
CA ALA E 299 -23.25 -15.00 12.50
C ALA E 299 -21.93 -15.60 12.00
N TRP E 300 -21.75 -16.89 12.32
CA TRP E 300 -20.77 -17.73 11.65
C TRP E 300 -21.43 -18.26 10.42
N PHE E 301 -21.23 -17.57 9.31
CA PHE E 301 -21.94 -17.84 8.08
C PHE E 301 -21.32 -18.97 7.25
N CYS E 302 -22.14 -19.55 6.41
CA CYS E 302 -21.70 -20.53 5.44
C CYS E 302 -22.74 -20.66 4.34
N PRO E 303 -22.30 -20.98 3.11
CA PRO E 303 -23.27 -21.33 2.09
C PRO E 303 -23.89 -22.66 2.47
N GLY E 304 -25.17 -22.80 2.18
CA GLY E 304 -25.89 -23.99 2.46
C GLY E 304 -26.54 -24.50 1.21
N VAL E 305 -26.50 -25.82 1.01
CA VAL E 305 -27.19 -26.46 -0.06
C VAL E 305 -28.64 -26.63 0.41
N GLU E 306 -29.56 -25.97 -0.25
CA GLU E 306 -30.97 -26.06 0.14
C GLU E 306 -31.47 -27.47 0.04
N GLN E 307 -32.19 -27.91 1.07
CA GLN E 307 -32.74 -29.25 1.15
C GLN E 307 -34.22 -29.29 0.69
N PRO E 308 -34.71 -30.47 0.29
CA PRO E 308 -36.13 -30.69 0.02
C PRO E 308 -37.08 -30.16 1.09
N ASP E 309 -36.74 -30.29 2.38
CA ASP E 309 -37.62 -29.80 3.43
C ASP E 309 -37.48 -28.34 3.76
N GLY E 310 -36.70 -27.58 3.00
CA GLY E 310 -36.52 -26.15 3.25
C GLY E 310 -35.30 -25.85 4.13
N SER E 311 -34.75 -26.87 4.78
CA SER E 311 -33.52 -26.65 5.60
C SER E 311 -32.30 -26.55 4.70
N ALA E 312 -31.11 -26.55 5.30
CA ALA E 312 -29.87 -26.45 4.52
C ALA E 312 -28.84 -27.48 4.94
N ALA E 313 -27.80 -27.59 4.11
CA ALA E 313 -26.64 -28.40 4.45
C ALA E 313 -25.38 -27.53 4.30
N PHE E 314 -24.47 -27.63 5.27
CA PHE E 314 -23.19 -26.91 5.22
C PHE E 314 -22.43 -27.34 3.99
N MET E 315 -22.07 -26.37 3.15
CA MET E 315 -21.27 -26.63 1.95
C MET E 315 -19.85 -26.14 2.20
N VAL E 316 -18.94 -27.08 2.23
CA VAL E 316 -17.55 -26.77 2.55
C VAL E 316 -16.65 -27.52 1.57
N GLY E 317 -15.46 -27.03 1.34
CA GLY E 317 -14.50 -27.76 0.51
C GLY E 317 -14.98 -27.85 -0.94
N VAL E 318 -15.34 -26.70 -1.48
CA VAL E 318 -15.72 -26.58 -2.90
C VAL E 318 -14.49 -26.97 -3.73
N ARG E 319 -14.70 -27.83 -4.73
CA ARG E 319 -13.60 -28.31 -5.57
C ARG E 319 -13.91 -28.27 -7.08
N GLY E 320 -15.00 -27.62 -7.46
CA GLY E 320 -15.40 -27.51 -8.85
C GLY E 320 -16.64 -26.65 -8.98
N GLY E 321 -17.20 -26.61 -10.19
CA GLY E 321 -18.40 -25.82 -10.48
C GLY E 321 -18.11 -24.36 -10.43
N LEU E 322 -19.17 -23.57 -10.55
CA LEU E 322 -19.14 -22.14 -10.34
C LEU E 322 -20.49 -21.73 -9.74
N VAL E 323 -20.59 -20.48 -9.30
CA VAL E 323 -21.79 -19.98 -8.68
C VAL E 323 -22.26 -18.73 -9.37
N VAL E 324 -23.58 -18.67 -9.63
CA VAL E 324 -24.16 -17.44 -10.19
C VAL E 324 -25.26 -16.86 -9.33
N ASP E 325 -25.43 -15.55 -9.46
CA ASP E 325 -26.57 -14.84 -8.93
C ASP E 325 -27.77 -15.06 -9.86
N SER E 326 -28.92 -14.44 -9.55
CA SER E 326 -30.14 -14.68 -10.34
C SER E 326 -30.03 -14.07 -11.74
N ALA E 327 -29.06 -13.19 -11.96
CA ALA E 327 -28.75 -12.68 -13.29
C ALA E 327 -27.83 -13.58 -14.10
N GLY E 328 -27.50 -14.76 -13.58
CA GLY E 328 -26.67 -15.70 -14.33
C GLY E 328 -25.18 -15.33 -14.40
N GLU E 329 -24.74 -14.47 -13.50
CA GLU E 329 -23.35 -14.04 -13.46
C GLU E 329 -22.60 -14.47 -12.21
N ARG E 330 -21.31 -14.75 -12.36
CA ARG E 330 -20.41 -14.98 -11.24
C ARG E 330 -20.27 -13.68 -10.50
N TYR E 331 -20.23 -13.77 -9.18
CA TYR E 331 -20.00 -12.56 -8.38
C TYR E 331 -19.00 -12.75 -7.23
N LEU E 332 -18.46 -13.96 -7.04
CA LEU E 332 -17.48 -14.23 -5.97
C LEU E 332 -16.54 -15.36 -6.35
N ASN E 333 -15.43 -15.46 -5.62
CA ASN E 333 -14.58 -16.63 -5.61
C ASN E 333 -15.24 -17.76 -4.82
N GLU E 334 -15.65 -18.79 -5.55
CA GLU E 334 -16.45 -19.89 -4.99
C GLU E 334 -15.67 -20.76 -4.03
N SER E 335 -14.35 -20.63 -4.06
CA SER E 335 -13.45 -21.37 -3.19
C SER E 335 -13.19 -20.66 -1.85
N LEU E 336 -13.77 -19.49 -1.65
CA LEU E 336 -13.59 -18.74 -0.39
C LEU E 336 -13.97 -19.55 0.84
N PRO E 337 -13.23 -19.35 1.94
CA PRO E 337 -13.69 -19.93 3.18
C PRO E 337 -15.17 -19.58 3.41
N TYR E 338 -15.90 -20.49 4.01
CA TYR E 338 -17.38 -20.45 4.09
C TYR E 338 -17.96 -19.15 4.64
N ASP E 339 -17.30 -18.55 5.64
CA ASP E 339 -17.84 -17.32 6.23
C ASP E 339 -17.69 -16.16 5.25
N GLN E 340 -16.58 -16.15 4.53
CA GLN E 340 -16.38 -15.11 3.51
C GLN E 340 -17.33 -15.31 2.34
N PHE E 341 -17.59 -16.58 2.00
CA PHE E 341 -18.49 -16.92 0.91
C PHE E 341 -19.88 -16.37 1.29
N GLY E 342 -20.34 -16.71 2.50
CA GLY E 342 -21.63 -16.28 3.02
C GLY E 342 -21.77 -14.78 3.07
N ARG E 343 -20.74 -14.10 3.57
CA ARG E 343 -20.78 -12.67 3.63
C ARG E 343 -20.81 -12.02 2.24
N ALA E 344 -20.16 -12.65 1.26
CA ALA E 344 -20.24 -12.14 -0.08
C ALA E 344 -21.68 -12.31 -0.64
N MET E 345 -22.34 -13.40 -0.30
CA MET E 345 -23.74 -13.61 -0.74
C MET E 345 -24.62 -12.48 -0.21
N ASP E 346 -24.50 -12.23 1.10
CA ASP E 346 -25.25 -11.20 1.75
C ASP E 346 -24.95 -9.81 1.17
N ALA E 347 -23.69 -9.51 0.92
CA ALA E 347 -23.35 -8.21 0.36
C ALA E 347 -23.92 -8.03 -1.05
N HIS E 348 -24.00 -9.09 -1.83
CA HIS E 348 -24.44 -9.00 -3.22
C HIS E 348 -25.94 -8.99 -3.30
N ASP E 349 -26.60 -9.47 -2.25
CA ASP E 349 -28.01 -9.74 -2.34
C ASP E 349 -28.81 -8.47 -2.40
N ASP E 350 -29.72 -8.43 -3.36
CA ASP E 350 -30.67 -7.33 -3.44
C ASP E 350 -32.06 -7.90 -3.57
N ASN E 351 -32.77 -8.00 -2.45
CA ASN E 351 -34.12 -8.55 -2.40
C ASN E 351 -34.22 -9.92 -3.04
N GLY E 352 -33.21 -10.75 -2.77
CA GLY E 352 -33.17 -12.13 -3.25
C GLY E 352 -32.40 -12.45 -4.51
N SER E 353 -31.70 -11.48 -5.08
CA SER E 353 -30.86 -11.73 -6.26
C SER E 353 -29.65 -12.64 -6.02
N ALA E 354 -29.20 -12.74 -4.76
CA ALA E 354 -28.07 -13.63 -4.44
C ALA E 354 -28.40 -14.66 -3.37
N VAL E 355 -29.60 -14.58 -2.81
CA VAL E 355 -30.06 -15.61 -1.86
C VAL E 355 -31.46 -15.99 -2.33
N PRO E 356 -31.60 -17.11 -3.01
CA PRO E 356 -30.60 -18.11 -3.35
C PRO E 356 -29.61 -17.72 -4.45
N SER E 357 -28.46 -18.38 -4.45
CA SER E 357 -27.60 -18.40 -5.61
C SER E 357 -27.66 -19.76 -6.18
N PHE E 358 -27.02 -19.94 -7.32
CA PHE E 358 -27.06 -21.21 -8.00
C PHE E 358 -25.69 -21.75 -8.30
N MET E 359 -25.41 -22.95 -7.78
CA MET E 359 -24.21 -23.62 -8.10
C MET E 359 -24.39 -24.49 -9.32
N ILE E 360 -23.60 -24.18 -10.35
CA ILE E 360 -23.63 -24.80 -11.68
C ILE E 360 -22.50 -25.79 -11.80
N PHE E 361 -22.83 -27.04 -12.16
CA PHE E 361 -21.82 -28.07 -12.33
C PHE E 361 -22.25 -29.11 -13.36
N ASP E 362 -21.31 -29.92 -13.79
CA ASP E 362 -21.58 -30.89 -14.83
C ASP E 362 -21.56 -32.28 -14.26
N SER E 363 -21.50 -33.29 -15.13
CA SER E 363 -21.57 -34.67 -14.69
C SER E 363 -20.18 -35.31 -14.44
N ARG E 364 -19.14 -34.50 -14.33
CA ARG E 364 -17.82 -35.04 -13.98
C ARG E 364 -17.83 -36.01 -12.78
N GLU E 365 -18.59 -35.70 -11.73
CA GLU E 365 -18.68 -36.61 -10.58
C GLU E 365 -19.98 -37.40 -10.60
N GLY E 366 -20.44 -37.78 -11.80
CA GLY E 366 -21.60 -38.63 -11.92
C GLY E 366 -22.90 -38.02 -11.41
N GLY E 367 -23.00 -36.71 -11.35
CA GLY E 367 -24.19 -36.07 -10.82
C GLY E 367 -23.99 -35.48 -9.41
N GLY E 368 -22.90 -35.87 -8.74
CA GLY E 368 -22.55 -35.31 -7.45
C GLY E 368 -22.10 -33.87 -7.53
N LEU E 369 -22.39 -33.12 -6.48
CA LEU E 369 -22.01 -31.71 -6.42
C LEU E 369 -20.55 -31.67 -5.96
N PRO E 370 -19.71 -30.82 -6.57
CA PRO E 370 -18.27 -30.89 -6.28
C PRO E 370 -17.91 -30.08 -5.02
N ALA E 371 -18.33 -30.59 -3.88
CA ALA E 371 -18.10 -29.99 -2.56
C ALA E 371 -18.52 -31.00 -1.52
N ILE E 372 -18.18 -30.73 -0.27
CA ILE E 372 -18.61 -31.55 0.87
C ILE E 372 -19.87 -30.88 1.42
N CYS E 373 -20.94 -31.65 1.52
CA CYS E 373 -22.25 -31.16 1.96
C CYS E 373 -22.60 -31.93 3.21
N ILE E 374 -22.91 -31.21 4.28
CA ILE E 374 -23.23 -31.86 5.56
C ILE E 374 -24.58 -31.38 6.10
N PRO E 375 -25.57 -32.26 6.13
CA PRO E 375 -25.58 -33.67 5.73
C PRO E 375 -25.59 -33.86 4.21
N ASN E 376 -25.36 -35.08 3.77
CA ASN E 376 -25.04 -35.37 2.39
C ASN E 376 -26.18 -36.04 1.65
N THR E 377 -27.21 -35.25 1.38
CA THR E 377 -28.42 -35.73 0.73
C THR E 377 -28.14 -36.16 -0.68
N ALA E 378 -28.58 -37.35 -1.05
CA ALA E 378 -28.35 -37.86 -2.42
C ALA E 378 -28.91 -36.91 -3.50
N PRO E 379 -28.15 -36.72 -4.59
CA PRO E 379 -28.64 -35.95 -5.75
C PRO E 379 -30.07 -36.30 -6.17
N ALA E 380 -30.42 -37.58 -6.19
CA ALA E 380 -31.77 -37.98 -6.63
C ALA E 380 -32.89 -37.35 -5.81
N LYS E 381 -32.67 -37.16 -4.51
CA LYS E 381 -33.69 -36.56 -3.67
C LYS E 381 -33.82 -35.09 -3.98
N HIS E 382 -32.70 -34.42 -4.20
CA HIS E 382 -32.72 -33.02 -4.60
C HIS E 382 -33.42 -32.83 -5.94
N LEU E 383 -33.15 -33.70 -6.89
CA LEU E 383 -33.75 -33.58 -8.24
C LEU E 383 -35.25 -33.84 -8.19
N GLU E 384 -35.67 -34.85 -7.40
CA GLU E 384 -37.08 -35.20 -7.17
C GLU E 384 -37.83 -34.02 -6.53
N ALA E 385 -37.18 -33.35 -5.58
CA ALA E 385 -37.81 -32.23 -4.90
C ALA E 385 -37.71 -30.92 -5.67
N GLY E 386 -36.74 -30.82 -6.59
CA GLY E 386 -36.54 -29.56 -7.32
C GLY E 386 -35.61 -28.56 -6.71
N THR E 387 -34.95 -28.91 -5.63
CA THR E 387 -33.86 -28.07 -5.12
C THR E 387 -32.70 -28.02 -6.09
N TRP E 388 -32.44 -29.14 -6.75
CA TRP E 388 -31.57 -29.15 -7.90
C TRP E 388 -32.39 -29.40 -9.13
N VAL E 389 -31.95 -28.83 -10.26
CA VAL E 389 -32.47 -29.17 -11.58
C VAL E 389 -31.32 -29.59 -12.50
N GLY E 390 -31.63 -30.50 -13.40
CA GLY E 390 -30.70 -31.00 -14.39
C GLY E 390 -31.25 -30.78 -15.79
N ALA E 391 -30.35 -30.65 -16.75
CA ALA E 391 -30.71 -30.45 -18.14
C ALA E 391 -29.55 -30.79 -19.07
N ASP E 392 -29.87 -31.17 -20.29
CA ASP E 392 -28.86 -31.58 -21.25
C ASP E 392 -28.13 -30.38 -21.81
N THR E 393 -28.72 -29.19 -21.73
CA THR E 393 -28.08 -27.97 -22.20
C THR E 393 -28.22 -26.86 -21.21
N LEU E 394 -27.34 -25.89 -21.33
CA LEU E 394 -27.36 -24.72 -20.47
C LEU E 394 -28.60 -23.86 -20.71
N GLU E 395 -29.11 -23.84 -21.94
CA GLU E 395 -30.31 -23.04 -22.27
C GLU E 395 -31.48 -23.56 -21.50
N GLU E 396 -31.61 -24.87 -21.49
CA GLU E 396 -32.67 -25.52 -20.76
C GLU E 396 -32.50 -25.36 -19.26
N LEU E 397 -31.26 -25.45 -18.79
CA LEU E 397 -30.99 -25.31 -17.37
C LEU E 397 -31.41 -23.95 -16.94
N ALA E 398 -31.13 -22.95 -17.76
CA ALA E 398 -31.52 -21.57 -17.49
C ALA E 398 -33.05 -21.39 -17.38
N ALA E 399 -33.78 -22.00 -18.29
CA ALA E 399 -35.24 -21.95 -18.28
C ALA E 399 -35.79 -22.54 -16.97
N LYS E 400 -35.22 -23.65 -16.53
CA LYS E 400 -35.71 -24.36 -15.35
C LYS E 400 -35.36 -23.66 -14.06
N THR E 401 -34.41 -22.74 -14.09
CA THR E 401 -33.97 -22.07 -12.87
C THR E 401 -34.34 -20.60 -12.84
N GLY E 402 -34.83 -20.07 -13.93
CA GLY E 402 -35.09 -18.65 -13.98
C GLY E 402 -33.88 -17.79 -14.24
N LEU E 403 -32.77 -18.40 -14.66
CA LEU E 403 -31.59 -17.66 -15.10
C LEU E 403 -31.67 -17.26 -16.57
N PRO E 404 -31.06 -16.12 -16.94
CA PRO E 404 -31.02 -15.76 -18.36
C PRO E 404 -30.11 -16.70 -19.11
N ALA E 405 -30.60 -17.26 -20.19
CA ALA E 405 -29.88 -18.28 -20.91
C ALA E 405 -28.57 -17.75 -21.51
N ASP E 406 -28.61 -16.56 -22.10
CA ASP E 406 -27.42 -16.02 -22.73
C ASP E 406 -26.32 -15.69 -21.72
N ALA E 407 -26.72 -15.06 -20.61
CA ALA E 407 -25.80 -14.76 -19.53
C ALA E 407 -25.19 -16.05 -18.98
N LEU E 408 -26.02 -17.06 -18.74
CA LEU E 408 -25.51 -18.30 -18.17
C LEU E 408 -24.50 -18.94 -19.10
N ARG E 409 -24.86 -19.10 -20.37
CA ARG E 409 -23.96 -19.68 -21.36
C ARG E 409 -22.63 -18.92 -21.41
N SER E 410 -22.73 -17.61 -21.44
CA SER E 410 -21.61 -16.77 -21.55
C SER E 410 -20.71 -16.85 -20.29
N THR E 411 -21.35 -16.88 -19.13
CA THR E 411 -20.65 -17.09 -17.88
C THR E 411 -19.86 -18.39 -17.90
N VAL E 412 -20.48 -19.48 -18.31
CA VAL E 412 -19.80 -20.78 -18.32
C VAL E 412 -18.64 -20.79 -19.33
N GLU E 413 -18.85 -20.22 -20.52
CA GLU E 413 -17.79 -20.19 -21.53
C GLU E 413 -16.58 -19.42 -21.03
N LYS E 414 -16.84 -18.27 -20.40
CA LYS E 414 -15.79 -17.47 -19.85
C LYS E 414 -15.02 -18.21 -18.73
N PHE E 415 -15.77 -18.87 -17.85
CA PHE E 415 -15.14 -19.65 -16.80
C PHE E 415 -14.32 -20.78 -17.39
N ASN E 416 -14.85 -21.46 -18.39
CA ASN E 416 -14.10 -22.52 -19.02
C ASN E 416 -12.78 -22.04 -19.67
N ASP E 417 -12.79 -20.84 -20.25
CA ASP E 417 -11.56 -20.26 -20.78
C ASP E 417 -10.56 -20.04 -19.65
N ALA E 418 -11.04 -19.51 -18.53
CA ALA E 418 -10.20 -19.32 -17.34
C ALA E 418 -9.61 -20.64 -16.89
N ALA E 419 -10.41 -21.69 -16.87
CA ALA E 419 -9.91 -23.01 -16.48
C ALA E 419 -8.80 -23.48 -17.42
N LYS E 420 -9.00 -23.26 -18.72
CA LYS E 420 -8.01 -23.63 -19.73
C LYS E 420 -6.67 -22.91 -19.46
N LEU E 421 -6.72 -21.60 -19.26
CA LEU E 421 -5.54 -20.82 -18.92
C LEU E 421 -5.00 -21.07 -17.52
N GLY E 422 -5.83 -21.56 -16.62
CA GLY E 422 -5.43 -21.77 -15.25
C GLY E 422 -5.46 -20.51 -14.42
N VAL E 423 -6.11 -19.48 -14.91
CA VAL E 423 -6.20 -18.21 -14.19
C VAL E 423 -7.62 -17.65 -14.28
N ASP E 424 -8.16 -17.25 -13.13
CA ASP E 424 -9.48 -16.60 -13.02
C ASP E 424 -9.25 -15.13 -12.76
N GLU E 425 -9.21 -14.32 -13.85
CA GLU E 425 -8.88 -12.91 -13.74
C GLU E 425 -9.98 -12.14 -13.06
N GLU E 426 -11.20 -12.64 -13.11
CA GLU E 426 -12.32 -11.90 -12.56
C GLU E 426 -12.39 -11.99 -11.04
N PHE E 427 -12.31 -13.19 -10.48
CA PHE E 427 -12.42 -13.32 -8.99
C PHE E 427 -11.24 -14.03 -8.33
N HIS E 428 -10.18 -14.32 -9.10
CA HIS E 428 -8.91 -14.87 -8.57
C HIS E 428 -9.01 -16.15 -7.81
N ARG E 429 -9.99 -16.96 -8.17
CA ARG E 429 -10.12 -18.27 -7.58
C ARG E 429 -8.87 -19.09 -7.90
N GLY E 430 -8.43 -19.88 -6.92
CA GLY E 430 -7.28 -20.74 -7.09
C GLY E 430 -5.95 -20.01 -6.95
N GLU E 431 -5.89 -18.99 -6.13
CA GLU E 431 -4.70 -18.25 -5.83
C GLU E 431 -4.45 -18.16 -4.31
N ASP E 432 -4.68 -19.25 -3.59
CA ASP E 432 -4.67 -19.22 -2.12
C ASP E 432 -4.63 -20.66 -1.64
N PRO E 433 -3.90 -20.93 -0.55
CA PRO E 433 -3.77 -22.30 -0.09
C PRO E 433 -5.09 -22.91 0.32
N TYR E 434 -6.04 -22.10 0.77
CA TYR E 434 -7.37 -22.62 1.12
C TYR E 434 -8.07 -23.15 -0.13
N ASP E 435 -8.06 -22.37 -1.20
CA ASP E 435 -8.66 -22.83 -2.46
C ASP E 435 -8.09 -24.18 -2.94
N ALA E 436 -6.74 -24.34 -2.83
CA ALA E 436 -6.08 -25.52 -3.35
C ALA E 436 -6.32 -26.73 -2.47
N PHE E 437 -6.51 -26.48 -1.17
CA PHE E 437 -6.48 -27.53 -0.16
C PHE E 437 -7.47 -28.65 -0.45
N PHE E 438 -8.60 -28.34 -1.06
CA PHE E 438 -9.68 -29.31 -1.24
C PHE E 438 -9.75 -29.99 -2.60
N CYS E 439 -8.87 -29.60 -3.49
CA CYS E 439 -8.93 -30.06 -4.86
C CYS E 439 -8.11 -31.29 -5.14
N PRO E 440 -8.70 -32.21 -5.87
CA PRO E 440 -7.94 -33.34 -6.31
C PRO E 440 -7.01 -32.97 -7.49
N PRO E 441 -6.09 -33.87 -7.84
CA PRO E 441 -5.37 -33.76 -9.11
C PRO E 441 -6.39 -33.64 -10.30
N ASN E 442 -6.46 -32.50 -10.99
CA ASN E 442 -7.33 -32.42 -12.24
C ASN E 442 -6.48 -32.53 -13.56
N GLY E 443 -5.19 -32.90 -13.40
CA GLY E 443 -4.16 -32.81 -14.45
C GLY E 443 -4.05 -31.51 -15.28
N GLY E 444 -4.71 -30.47 -14.80
CA GLY E 444 -4.76 -29.15 -15.47
C GLY E 444 -3.88 -28.08 -14.86
N ALA E 445 -3.97 -26.86 -15.38
CA ALA E 445 -3.10 -25.79 -14.93
C ALA E 445 -3.39 -25.40 -13.49
N ASN E 446 -4.67 -25.26 -13.14
CA ASN E 446 -5.07 -24.87 -11.79
C ASN E 446 -6.10 -25.84 -11.27
N ALA E 447 -5.73 -26.52 -10.19
CA ALA E 447 -6.55 -27.57 -9.62
C ALA E 447 -7.93 -27.06 -9.15
N ALA E 448 -8.04 -25.77 -8.85
CA ALA E 448 -9.31 -25.18 -8.41
C ALA E 448 -10.27 -24.79 -9.54
N LEU E 449 -9.78 -24.80 -10.78
CA LEU E 449 -10.54 -24.33 -11.95
C LEU E 449 -10.69 -25.45 -12.94
N THR E 450 -11.91 -25.98 -13.04
CA THR E 450 -12.19 -27.11 -13.86
C THR E 450 -13.39 -26.81 -14.75
N ALA E 451 -13.23 -27.08 -16.05
CA ALA E 451 -14.22 -26.68 -17.03
C ALA E 451 -15.53 -27.41 -16.79
N ILE E 452 -16.60 -26.70 -17.02
CA ILE E 452 -17.95 -27.26 -16.89
C ILE E 452 -18.44 -27.55 -18.29
N GLU E 453 -18.46 -28.82 -18.67
CA GLU E 453 -18.58 -29.15 -20.09
C GLU E 453 -19.08 -30.52 -20.44
N ASN E 454 -19.16 -31.45 -19.51
CA ASN E 454 -19.71 -32.77 -19.78
C ASN E 454 -21.10 -32.97 -19.19
N GLY E 455 -22.12 -32.81 -20.02
CA GLY E 455 -23.50 -32.81 -19.59
C GLY E 455 -23.95 -34.20 -19.20
N PRO E 456 -25.13 -34.33 -18.56
CA PRO E 456 -26.02 -33.26 -18.16
C PRO E 456 -25.40 -32.25 -17.19
N PHE E 457 -25.98 -31.06 -17.18
CA PHE E 457 -25.60 -29.97 -16.34
C PHE E 457 -26.62 -29.80 -15.22
N TYR E 458 -26.14 -29.33 -14.07
CA TYR E 458 -26.98 -29.16 -12.90
C TYR E 458 -26.85 -27.77 -12.30
N ALA E 459 -27.94 -27.33 -11.67
CA ALA E 459 -27.97 -26.15 -10.84
C ALA E 459 -28.56 -26.51 -9.48
N ALA E 460 -27.79 -26.25 -8.42
CA ALA E 460 -28.21 -26.46 -7.04
C ALA E 460 -28.46 -25.12 -6.38
N ARG E 461 -29.57 -24.99 -5.64
CA ARG E 461 -29.83 -23.75 -4.93
C ARG E 461 -28.95 -23.68 -3.70
N ILE E 462 -28.32 -22.54 -3.52
CA ILE E 462 -27.45 -22.26 -2.39
C ILE E 462 -28.03 -21.11 -1.62
N VAL E 463 -28.21 -21.33 -0.33
CA VAL E 463 -28.75 -20.32 0.57
C VAL E 463 -27.70 -19.87 1.61
N LEU E 464 -28.06 -18.88 2.45
CA LEU E 464 -27.14 -18.32 3.43
C LEU E 464 -27.39 -19.00 4.76
N SER E 465 -26.65 -20.08 4.99
CA SER E 465 -26.78 -20.87 6.20
C SER E 465 -25.88 -20.27 7.27
N ASP E 466 -25.82 -20.91 8.42
CA ASP E 466 -24.93 -20.52 9.48
C ASP E 466 -24.59 -21.71 10.35
N LEU E 467 -23.51 -21.56 11.10
CA LEU E 467 -23.01 -22.57 12.04
C LEU E 467 -23.20 -22.03 13.47
N GLY E 468 -24.29 -21.29 13.65
CA GLY E 468 -24.56 -20.55 14.88
C GLY E 468 -24.38 -19.06 14.62
N THR E 469 -25.05 -18.23 15.42
CA THR E 469 -24.84 -16.79 15.39
C THR E 469 -23.66 -16.52 16.34
N LYS E 470 -23.14 -15.28 16.31
CA LYS E 470 -21.99 -14.90 17.11
C LYS E 470 -22.18 -13.58 17.86
N GLY E 471 -23.41 -13.06 17.88
CA GLY E 471 -23.75 -11.89 18.69
C GLY E 471 -24.34 -12.31 20.01
N GLY E 472 -24.25 -11.45 21.00
CA GLY E 472 -24.79 -11.82 22.29
C GLY E 472 -24.32 -10.91 23.40
N LEU E 473 -24.26 -11.46 24.59
CA LEU E 473 -23.93 -10.67 25.78
C LEU E 473 -22.49 -10.20 25.71
N VAL E 474 -22.29 -8.93 26.10
CA VAL E 474 -20.97 -8.35 26.23
C VAL E 474 -20.29 -8.94 27.44
N THR E 475 -19.01 -9.32 27.29
CA THR E 475 -18.25 -9.94 28.37
C THR E 475 -16.85 -9.41 28.42
N ASP E 476 -16.20 -9.58 29.55
CA ASP E 476 -14.80 -9.16 29.70
C ASP E 476 -13.87 -10.36 29.51
N VAL E 477 -12.56 -10.17 29.77
CA VAL E 477 -11.58 -11.25 29.56
C VAL E 477 -11.80 -12.48 30.42
N ASN E 478 -12.63 -12.38 31.45
CA ASN E 478 -12.93 -13.54 32.30
C ASN E 478 -14.35 -14.05 32.17
N GLY E 479 -15.00 -13.62 31.10
CA GLY E 479 -16.31 -14.12 30.76
C GLY E 479 -17.45 -13.48 31.54
N ARG E 480 -17.15 -12.44 32.32
CA ARG E 480 -18.23 -11.81 33.09
C ARG E 480 -19.13 -11.01 32.19
N VAL E 481 -20.43 -11.14 32.40
CA VAL E 481 -21.39 -10.37 31.64
C VAL E 481 -21.39 -8.92 32.12
N LEU E 482 -21.29 -7.99 31.19
CA LEU E 482 -21.24 -6.57 31.48
C LEU E 482 -22.55 -5.87 31.13
N ARG E 483 -22.81 -4.78 31.87
CA ARG E 483 -23.91 -3.85 31.58
C ARG E 483 -23.45 -2.85 30.55
N ALA E 484 -24.37 -2.02 30.11
CA ALA E 484 -24.10 -1.01 29.10
C ALA E 484 -23.00 -0.05 29.51
N ASP E 485 -22.82 0.18 30.81
CA ASP E 485 -21.76 1.07 31.29
C ASP E 485 -20.43 0.34 31.51
N GLY E 486 -20.40 -0.96 31.25
CA GLY E 486 -19.14 -1.70 31.35
C GLY E 486 -18.93 -2.35 32.68
N SER E 487 -19.86 -2.15 33.61
CA SER E 487 -19.77 -2.76 34.90
C SER E 487 -20.19 -4.22 34.82
N ALA E 488 -19.62 -5.06 35.68
CA ALA E 488 -19.87 -6.50 35.65
C ALA E 488 -21.05 -6.88 36.50
N ILE E 489 -21.89 -7.77 35.99
CA ILE E 489 -22.97 -8.32 36.75
C ILE E 489 -22.44 -9.48 37.58
N ASP E 490 -22.38 -9.27 38.88
CA ASP E 490 -21.71 -10.25 39.74
C ASP E 490 -22.42 -11.57 39.65
N GLY E 491 -21.63 -12.63 39.61
CA GLY E 491 -22.16 -14.00 39.58
C GLY E 491 -22.53 -14.54 38.21
N LEU E 492 -22.44 -13.69 37.18
CA LEU E 492 -22.94 -14.06 35.84
C LEU E 492 -21.85 -14.07 34.78
N TYR E 493 -21.72 -15.22 34.11
CA TYR E 493 -20.75 -15.39 33.04
C TYR E 493 -21.39 -15.94 31.78
N ALA E 494 -20.80 -15.60 30.65
CA ALA E 494 -21.21 -16.14 29.37
C ALA E 494 -19.99 -16.46 28.48
N ALA E 495 -20.12 -17.50 27.66
CA ALA E 495 -19.10 -17.88 26.70
C ALA E 495 -19.74 -18.63 25.53
N GLY E 496 -18.97 -18.83 24.48
CA GLY E 496 -19.50 -19.42 23.26
C GLY E 496 -20.50 -18.44 22.67
N ASN E 497 -21.46 -18.95 21.92
CA ASN E 497 -22.32 -18.06 21.14
C ASN E 497 -23.42 -17.35 21.96
N THR E 498 -23.49 -17.63 23.26
CA THR E 498 -24.28 -16.81 24.19
C THR E 498 -23.61 -15.45 24.34
N SER E 499 -22.28 -15.40 24.11
CA SER E 499 -21.51 -14.17 24.19
C SER E 499 -21.24 -13.58 22.81
N ALA E 500 -21.15 -12.25 22.75
CA ALA E 500 -20.67 -11.59 21.55
C ALA E 500 -19.20 -11.95 21.29
N SER E 501 -18.90 -12.43 20.10
CA SER E 501 -17.55 -12.92 19.80
C SER E 501 -16.52 -11.84 19.70
N LEU E 502 -15.34 -12.08 20.26
CA LEU E 502 -14.23 -11.17 20.06
C LEU E 502 -13.83 -11.02 18.59
N SER E 503 -14.19 -12.01 17.78
CA SER E 503 -13.84 -12.02 16.37
C SER E 503 -14.65 -11.07 15.47
N GLY E 504 -15.68 -10.40 16.01
CA GLY E 504 -16.40 -9.41 15.22
C GLY E 504 -16.94 -9.97 13.92
N ARG E 505 -16.62 -9.33 12.79
CA ARG E 505 -17.09 -9.74 11.48
C ARG E 505 -16.18 -10.75 10.78
N PHE E 506 -15.28 -11.42 11.52
CA PHE E 506 -14.28 -12.31 10.92
C PHE E 506 -14.34 -13.72 11.49
N TYR E 507 -14.05 -14.71 10.64
CA TYR E 507 -13.89 -16.13 11.03
C TYR E 507 -12.41 -16.47 10.70
N PRO E 508 -11.49 -16.22 11.64
CA PRO E 508 -10.06 -16.23 11.29
C PRO E 508 -9.53 -17.53 10.74
N GLY E 509 -10.03 -18.64 11.26
CA GLY E 509 -9.53 -19.94 10.85
C GLY E 509 -10.39 -21.01 11.44
N PRO E 510 -10.04 -22.27 11.14
CA PRO E 510 -10.81 -23.38 11.65
C PRO E 510 -10.74 -23.49 13.17
N GLY E 511 -11.89 -23.67 13.81
CA GLY E 511 -11.89 -23.88 15.27
C GLY E 511 -11.97 -22.65 16.14
N VAL E 512 -12.14 -21.47 15.57
CA VAL E 512 -12.33 -20.27 16.38
C VAL E 512 -13.60 -20.29 17.24
N PRO E 513 -14.76 -20.76 16.69
CA PRO E 513 -15.96 -20.78 17.55
C PRO E 513 -15.82 -21.67 18.75
N LEU E 514 -15.29 -22.87 18.57
CA LEU E 514 -15.03 -23.76 19.70
C LEU E 514 -13.88 -23.26 20.62
N GLY E 515 -12.82 -22.73 20.01
CA GLY E 515 -11.65 -22.30 20.76
C GLY E 515 -11.98 -21.14 21.69
N THR E 516 -12.66 -20.14 21.16
CA THR E 516 -13.09 -19.02 22.00
C THR E 516 -14.04 -19.51 23.09
N ALA E 517 -14.97 -20.38 22.74
CA ALA E 517 -15.94 -20.89 23.71
C ALA E 517 -15.19 -21.56 24.87
N MET E 518 -14.21 -22.36 24.52
CA MET E 518 -13.49 -23.16 25.52
C MET E 518 -12.58 -22.32 26.39
N VAL E 519 -11.89 -21.36 25.81
CA VAL E 519 -11.00 -20.50 26.59
C VAL E 519 -11.80 -19.66 27.57
N PHE E 520 -12.86 -19.02 27.12
CA PHE E 520 -13.61 -18.14 28.05
C PHE E 520 -14.48 -18.88 29.04
N SER E 521 -14.89 -20.10 28.73
CA SER E 521 -15.54 -20.93 29.74
C SER E 521 -14.54 -21.33 30.85
N TYR E 522 -13.32 -21.67 30.46
CA TYR E 522 -12.26 -21.93 31.41
C TYR E 522 -11.98 -20.73 32.28
N ARG E 523 -11.79 -19.58 31.65
CA ARG E 523 -11.48 -18.37 32.39
C ARG E 523 -12.62 -18.00 33.37
N ALA E 524 -13.87 -18.17 32.95
CA ALA E 524 -15.00 -17.94 33.84
C ALA E 524 -14.94 -18.82 35.06
N ALA E 525 -14.70 -20.12 34.85
CA ALA E 525 -14.62 -21.05 35.95
C ALA E 525 -13.44 -20.72 36.89
N GLN E 526 -12.34 -20.26 36.32
CA GLN E 526 -11.19 -19.84 37.13
C GLN E 526 -11.54 -18.61 37.98
N ASP E 527 -12.26 -17.66 37.39
CA ASP E 527 -12.69 -16.46 38.09
C ASP E 527 -13.61 -16.82 39.25
N MET E 528 -14.55 -17.72 39.01
CA MET E 528 -15.43 -18.21 40.05
C MET E 528 -14.70 -18.92 41.19
N ALA E 529 -13.54 -19.48 40.89
CA ALA E 529 -12.78 -20.21 41.88
C ALA E 529 -11.96 -19.29 42.78
N LYS E 530 -11.70 -18.05 42.36
CA LYS E 530 -11.06 -17.10 43.22
C LYS E 530 -12.12 -16.44 44.01
N ASP F 23 -22.70 -58.61 -34.24
CA ASP F 23 -22.32 -59.57 -33.19
C ASP F 23 -21.65 -58.91 -31.95
N TRP F 24 -20.32 -58.83 -31.78
CA TRP F 24 -19.74 -58.41 -30.46
C TRP F 24 -19.59 -56.93 -30.32
N THR F 25 -20.01 -56.38 -29.20
CA THR F 25 -19.89 -54.95 -28.94
C THR F 25 -18.53 -54.59 -28.38
N SER F 26 -18.00 -55.44 -27.51
CA SER F 26 -16.62 -55.31 -27.07
C SER F 26 -16.09 -56.66 -26.64
N GLU F 27 -14.81 -56.67 -26.31
CA GLU F 27 -14.09 -57.89 -26.09
C GLU F 27 -13.13 -57.67 -24.93
N CYS F 28 -12.92 -58.71 -24.13
CA CYS F 28 -11.91 -58.67 -23.11
C CYS F 28 -11.47 -60.10 -22.85
N ASP F 29 -10.40 -60.25 -22.07
CA ASP F 29 -9.95 -61.56 -21.63
C ASP F 29 -10.81 -62.12 -20.53
N VAL F 30 -11.06 -61.29 -19.52
CA VAL F 30 -11.82 -61.76 -18.33
C VAL F 30 -12.99 -60.81 -18.09
N LEU F 31 -14.19 -61.37 -18.12
CA LEU F 31 -15.39 -60.56 -17.86
C LEU F 31 -15.85 -60.90 -16.45
N VAL F 32 -15.94 -59.86 -15.64
CA VAL F 32 -16.38 -60.04 -14.25
C VAL F 32 -17.76 -59.41 -14.08
N VAL F 33 -18.67 -60.21 -13.57
CA VAL F 33 -20.00 -59.72 -13.28
C VAL F 33 -20.17 -59.51 -11.78
N GLY F 34 -20.49 -58.27 -11.39
CA GLY F 34 -20.55 -57.87 -9.98
C GLY F 34 -19.32 -57.04 -9.59
N SER F 35 -19.38 -56.42 -8.39
CA SER F 35 -18.32 -55.54 -7.93
C SER F 35 -18.15 -55.54 -6.41
N GLY F 36 -18.47 -56.68 -5.78
CA GLY F 36 -18.22 -56.87 -4.35
C GLY F 36 -16.75 -57.18 -4.16
N GLY F 37 -16.36 -57.52 -2.94
CA GLY F 37 -14.96 -57.87 -2.64
C GLY F 37 -14.40 -58.98 -3.55
N GLY F 38 -15.15 -60.07 -3.68
CA GLY F 38 -14.76 -61.20 -4.54
C GLY F 38 -14.56 -60.79 -5.99
N ALA F 39 -15.59 -60.19 -6.59
CA ALA F 39 -15.48 -59.69 -7.96
C ALA F 39 -14.28 -58.81 -8.20
N LEU F 40 -14.08 -57.82 -7.34
CA LEU F 40 -12.97 -56.90 -7.56
C LEU F 40 -11.60 -57.59 -7.35
N THR F 41 -11.55 -58.59 -6.46
CA THR F 41 -10.33 -59.34 -6.23
C THR F 41 -10.01 -60.18 -7.48
N GLY F 42 -11.05 -60.79 -8.06
CA GLY F 42 -10.90 -61.54 -9.31
C GLY F 42 -10.44 -60.65 -10.42
N ALA F 43 -11.07 -59.48 -10.54
CA ALA F 43 -10.70 -58.52 -11.54
C ALA F 43 -9.26 -58.08 -11.40
N TYR F 44 -8.85 -57.81 -10.17
CA TYR F 44 -7.51 -57.37 -9.91
C TYR F 44 -6.49 -58.45 -10.28
N THR F 45 -6.77 -59.69 -9.86
CA THR F 45 -5.89 -60.81 -10.12
C THR F 45 -5.66 -61.01 -11.61
N ALA F 46 -6.73 -60.90 -12.40
CA ALA F 46 -6.62 -60.98 -13.83
C ALA F 46 -5.85 -59.79 -14.40
N ALA F 47 -6.30 -58.59 -14.07
CA ALA F 47 -5.75 -57.38 -14.71
C ALA F 47 -4.29 -57.13 -14.32
N ALA F 48 -3.90 -57.52 -13.13
CA ALA F 48 -2.54 -57.27 -12.66
C ALA F 48 -1.51 -58.15 -13.39
N GLN F 49 -1.94 -59.28 -13.95
CA GLN F 49 -1.04 -60.10 -14.73
C GLN F 49 -1.28 -59.93 -16.24
N GLY F 50 -1.82 -58.80 -16.65
CA GLY F 50 -1.89 -58.42 -18.06
C GLY F 50 -3.16 -58.78 -18.82
N LEU F 51 -4.12 -59.46 -18.19
CA LEU F 51 -5.35 -59.81 -18.87
C LEU F 51 -6.30 -58.64 -18.89
N THR F 52 -6.81 -58.27 -20.05
CA THR F 52 -7.80 -57.21 -20.12
C THR F 52 -9.08 -57.66 -19.41
N THR F 53 -9.63 -56.75 -18.61
CA THR F 53 -10.76 -57.09 -17.71
C THR F 53 -11.84 -56.04 -17.81
N ILE F 54 -13.09 -56.51 -17.86
CA ILE F 54 -14.25 -55.64 -17.75
C ILE F 54 -15.06 -56.06 -16.55
N VAL F 55 -15.37 -55.08 -15.71
CA VAL F 55 -16.21 -55.29 -14.52
C VAL F 55 -17.58 -54.66 -14.78
N LEU F 56 -18.61 -55.48 -14.64
CA LEU F 56 -20.00 -55.01 -14.83
C LEU F 56 -20.74 -54.94 -13.52
N GLU F 57 -21.12 -53.73 -13.10
CA GLU F 57 -21.96 -53.56 -11.89
C GLU F 57 -23.36 -53.10 -12.32
N LYS F 58 -24.36 -53.84 -11.86
CA LYS F 58 -25.78 -53.56 -12.15
C LYS F 58 -26.23 -52.18 -11.76
N THR F 59 -25.86 -51.73 -10.56
CA THR F 59 -26.40 -50.49 -10.01
C THR F 59 -25.51 -49.33 -10.35
N ASP F 60 -25.83 -48.14 -9.81
CA ASP F 60 -24.97 -47.00 -10.07
C ASP F 60 -23.78 -46.89 -9.08
N ARG F 61 -23.62 -47.86 -8.18
CA ARG F 61 -22.49 -47.87 -7.24
C ARG F 61 -21.82 -49.21 -7.14
N PHE F 62 -20.49 -49.18 -6.98
CA PHE F 62 -19.73 -50.41 -6.80
C PHE F 62 -19.80 -50.87 -5.36
N GLY F 63 -19.80 -52.20 -5.17
CA GLY F 63 -19.49 -52.77 -3.88
C GLY F 63 -20.52 -53.68 -3.29
N GLY F 64 -21.80 -53.46 -3.61
CA GLY F 64 -22.84 -54.28 -3.09
C GLY F 64 -22.88 -54.36 -1.60
N THR F 65 -23.24 -55.54 -1.09
CA THR F 65 -23.26 -55.79 0.34
C THR F 65 -21.86 -55.70 0.92
N SER F 66 -20.86 -56.05 0.11
CA SER F 66 -19.47 -55.97 0.55
C SER F 66 -19.18 -54.56 1.03
N ALA F 67 -19.70 -53.56 0.33
CA ALA F 67 -19.53 -52.17 0.75
C ALA F 67 -20.16 -51.91 2.12
N TYR F 68 -21.37 -52.46 2.33
CA TYR F 68 -22.06 -52.34 3.63
C TYR F 68 -21.30 -53.02 4.81
N SER F 69 -20.47 -54.00 4.49
CA SER F 69 -19.92 -54.88 5.48
C SER F 69 -18.93 -54.16 6.41
N GLY F 70 -18.54 -54.84 7.47
CA GLY F 70 -17.47 -54.36 8.34
C GLY F 70 -16.08 -54.66 7.77
N ALA F 71 -16.04 -55.40 6.66
CA ALA F 71 -14.80 -55.80 6.00
C ALA F 71 -13.82 -56.54 6.90
N SER F 72 -14.35 -57.33 7.80
CA SER F 72 -13.59 -58.37 8.41
C SER F 72 -13.44 -59.49 7.36
N ILE F 73 -12.24 -60.02 7.23
CA ILE F 73 -11.95 -61.04 6.22
C ILE F 73 -11.21 -62.24 6.80
N TRP F 74 -11.79 -63.42 6.68
CA TRP F 74 -11.21 -64.63 7.26
C TRP F 74 -10.27 -65.27 6.29
N LEU F 75 -9.04 -64.77 6.32
CA LEU F 75 -7.95 -65.21 5.48
C LEU F 75 -6.81 -65.51 6.42
N PRO F 76 -6.77 -66.73 6.97
CA PRO F 76 -5.84 -67.06 8.03
C PRO F 76 -4.44 -67.37 7.56
N GLY F 77 -3.51 -67.21 8.48
CA GLY F 77 -2.14 -67.66 8.30
C GLY F 77 -1.37 -66.90 7.27
N THR F 78 -1.59 -65.60 7.18
CA THR F 78 -0.96 -64.81 6.14
C THR F 78 0.06 -63.89 6.74
N GLN F 79 0.70 -63.12 5.86
CA GLN F 79 1.70 -62.16 6.28
C GLN F 79 1.13 -61.10 7.22
N VAL F 80 -0.18 -60.88 7.13
CA VAL F 80 -0.82 -59.84 7.94
C VAL F 80 -0.83 -60.24 9.39
N GLN F 81 -1.27 -61.45 9.69
CA GLN F 81 -1.27 -61.93 11.07
C GLN F 81 0.14 -62.19 11.60
N GLU F 82 1.08 -62.54 10.72
CA GLU F 82 2.49 -62.62 11.10
C GLU F 82 3.01 -61.29 11.62
N ARG F 83 2.68 -60.20 10.95
CA ARG F 83 3.06 -58.86 11.45
C ARG F 83 2.53 -58.62 12.88
N ALA F 84 1.36 -59.13 13.20
CA ALA F 84 0.78 -58.88 14.52
C ALA F 84 1.28 -59.87 15.56
N GLY F 85 2.16 -60.80 15.15
CA GLY F 85 2.64 -61.85 16.04
C GLY F 85 1.59 -62.81 16.54
N LEU F 86 0.55 -63.01 15.74
CA LEU F 86 -0.54 -63.86 16.13
C LEU F 86 -0.10 -65.31 16.09
N PRO F 87 -0.26 -66.03 17.21
CA PRO F 87 0.02 -67.47 17.20
C PRO F 87 -1.07 -68.32 16.57
N ASP F 88 -0.96 -68.50 15.26
CA ASP F 88 -1.96 -69.24 14.48
C ASP F 88 -1.27 -69.71 13.22
N SER F 89 -1.91 -70.59 12.48
CA SER F 89 -1.32 -71.08 11.24
C SER F 89 -2.40 -71.65 10.33
N THR F 90 -1.99 -71.87 9.08
CA THR F 90 -2.82 -72.56 8.09
C THR F 90 -3.37 -73.87 8.64
N GLU F 91 -2.55 -74.67 9.31
CA GLU F 91 -3.05 -75.96 9.83
C GLU F 91 -4.03 -75.79 10.96
N ASN F 92 -3.80 -74.80 11.82
CA ASN F 92 -4.73 -74.55 12.91
C ASN F 92 -6.12 -74.18 12.35
N ALA F 93 -6.12 -73.33 11.32
CA ALA F 93 -7.35 -72.89 10.66
C ALA F 93 -8.03 -74.04 9.95
N ARG F 94 -7.23 -74.87 9.29
CA ARG F 94 -7.77 -76.08 8.63
C ARG F 94 -8.45 -76.97 9.63
N THR F 95 -7.82 -77.13 10.79
CA THR F 95 -8.40 -77.96 11.86
C THR F 95 -9.75 -77.42 12.33
N TYR F 96 -9.85 -76.09 12.45
CA TYR F 96 -11.10 -75.46 12.87
C TYR F 96 -12.22 -75.74 11.87
N LEU F 97 -11.98 -75.47 10.60
CA LEU F 97 -12.98 -75.76 9.59
C LEU F 97 -13.39 -77.24 9.59
N ARG F 98 -12.40 -78.12 9.64
CA ARG F 98 -12.69 -79.56 9.60
C ARG F 98 -13.53 -79.95 10.80
N ALA F 99 -13.23 -79.38 11.96
CA ALA F 99 -13.98 -79.69 13.16
C ALA F 99 -15.43 -79.28 13.05
N LEU F 100 -15.69 -78.15 12.39
CA LEU F 100 -17.08 -77.64 12.25
C LEU F 100 -17.84 -78.28 11.11
N LEU F 101 -17.17 -78.34 9.97
CA LEU F 101 -17.81 -78.65 8.70
C LEU F 101 -17.77 -80.12 8.36
N GLY F 102 -16.86 -80.86 8.98
CA GLY F 102 -16.64 -82.26 8.59
C GLY F 102 -15.99 -82.34 7.23
N ASP F 103 -16.15 -83.48 6.57
CA ASP F 103 -15.46 -83.76 5.30
C ASP F 103 -16.19 -83.24 4.08
N ALA F 104 -17.44 -82.85 4.25
CA ALA F 104 -18.19 -82.22 3.19
C ALA F 104 -17.43 -80.98 2.71
N GLU F 105 -17.02 -81.02 1.46
CA GLU F 105 -16.32 -79.93 0.79
C GLU F 105 -14.88 -79.79 1.29
N SER F 106 -14.29 -80.88 1.78
CA SER F 106 -12.92 -80.80 2.34
C SER F 106 -11.89 -80.28 1.34
N GLU F 107 -12.05 -80.57 0.06
CA GLU F 107 -11.10 -80.09 -0.94
C GLU F 107 -11.17 -78.57 -1.09
N ARG F 108 -12.39 -78.04 -1.03
CA ARG F 108 -12.57 -76.60 -1.08
C ARG F 108 -12.14 -75.93 0.24
N GLN F 109 -12.36 -76.58 1.37
CA GLN F 109 -11.83 -76.12 2.66
C GLN F 109 -10.32 -75.98 2.58
N ASP F 110 -9.69 -76.99 1.99
CA ASP F 110 -8.23 -76.98 1.85
C ASP F 110 -7.79 -75.85 0.94
N ALA F 111 -8.44 -75.69 -0.20
CA ALA F 111 -8.06 -74.63 -1.14
C ALA F 111 -8.24 -73.24 -0.50
N TYR F 112 -9.26 -73.12 0.34
CA TYR F 112 -9.58 -71.85 0.98
C TYR F 112 -8.44 -71.44 1.91
N VAL F 113 -8.11 -72.29 2.87
CA VAL F 113 -7.05 -71.95 3.82
C VAL F 113 -5.68 -71.92 3.17
N GLU F 114 -5.43 -72.82 2.23
CA GLU F 114 -4.10 -72.88 1.61
C GLU F 114 -3.82 -71.70 0.74
N THR F 115 -4.86 -71.11 0.15
CA THR F 115 -4.64 -70.03 -0.82
C THR F 115 -4.67 -68.64 -0.20
N ALA F 116 -5.18 -68.54 1.02
CA ALA F 116 -5.30 -67.23 1.68
C ALA F 116 -4.02 -66.42 1.67
N PRO F 117 -2.87 -67.03 2.05
CA PRO F 117 -1.63 -66.26 2.04
C PRO F 117 -1.27 -65.65 0.70
N ALA F 118 -1.42 -66.42 -0.39
CA ALA F 118 -1.12 -65.88 -1.72
C ALA F 118 -2.06 -64.73 -2.12
N VAL F 119 -3.34 -64.84 -1.77
CA VAL F 119 -4.27 -63.77 -2.09
C VAL F 119 -3.86 -62.50 -1.39
N VAL F 120 -3.59 -62.61 -0.10
CA VAL F 120 -3.20 -61.44 0.70
C VAL F 120 -1.90 -60.84 0.18
N ALA F 121 -0.93 -61.70 -0.12
CA ALA F 121 0.35 -61.25 -0.64
C ALA F 121 0.18 -60.49 -1.95
N LEU F 122 -0.63 -61.03 -2.86
CA LEU F 122 -0.85 -60.34 -4.13
C LEU F 122 -1.51 -58.97 -3.90
N LEU F 123 -2.52 -58.95 -3.05
CA LEU F 123 -3.28 -57.70 -2.84
C LEU F 123 -2.42 -56.65 -2.17
N GLU F 124 -1.72 -57.03 -1.11
CA GLU F 124 -0.85 -56.07 -0.42
C GLU F 124 0.39 -55.63 -1.20
N GLN F 125 0.68 -56.31 -2.31
CA GLN F 125 1.70 -55.82 -3.23
C GLN F 125 1.24 -54.60 -3.99
N ASN F 126 -0.08 -54.34 -4.02
CA ASN F 126 -0.56 -53.11 -4.60
C ASN F 126 -0.44 -51.98 -3.59
N PRO F 127 0.10 -50.85 -4.00
CA PRO F 127 0.18 -49.72 -3.07
C PRO F 127 -1.15 -49.25 -2.46
N ASN F 128 -2.29 -49.51 -3.11
CA ASN F 128 -3.59 -49.06 -2.60
C ASN F 128 -4.21 -49.97 -1.58
N ILE F 129 -3.60 -51.13 -1.33
CA ILE F 129 -4.17 -52.08 -0.42
C ILE F 129 -3.24 -52.39 0.75
N GLU F 130 -3.78 -52.29 1.95
CA GLU F 130 -3.13 -52.78 3.16
C GLU F 130 -4.19 -53.22 4.16
N PHE F 131 -3.92 -54.31 4.89
CA PHE F 131 -4.80 -54.85 5.89
C PHE F 131 -4.09 -54.87 7.24
N GLU F 132 -4.86 -55.11 8.29
CA GLU F 132 -4.31 -55.40 9.61
C GLU F 132 -5.20 -56.37 10.32
N PHE F 133 -4.61 -57.12 11.24
CA PHE F 133 -5.39 -57.99 12.11
C PHE F 133 -6.28 -57.13 13.01
N ARG F 134 -7.50 -57.58 13.28
CA ARG F 134 -8.37 -56.97 14.28
C ARG F 134 -9.09 -58.04 15.07
N ALA F 135 -9.00 -57.94 16.38
CA ALA F 135 -9.57 -58.93 17.28
C ALA F 135 -11.08 -58.99 17.15
N PHE F 136 -11.61 -60.19 17.05
CA PHE F 136 -13.01 -60.45 16.96
C PHE F 136 -13.07 -61.97 16.97
N PRO F 137 -13.72 -62.54 17.97
CA PRO F 137 -13.62 -64.01 18.11
C PRO F 137 -14.24 -64.82 16.99
N ASP F 138 -13.64 -65.95 16.67
CA ASP F 138 -14.32 -67.01 15.95
C ASP F 138 -15.59 -67.45 16.70
N TYR F 139 -16.52 -68.08 15.96
CA TYR F 139 -17.92 -68.18 16.43
C TYR F 139 -18.33 -69.49 17.10
N TYR F 140 -17.49 -70.52 17.00
CA TYR F 140 -17.81 -71.82 17.63
C TYR F 140 -16.67 -72.33 18.50
N LYS F 141 -17.04 -73.00 19.59
CA LYS F 141 -16.11 -73.69 20.45
C LYS F 141 -15.70 -74.96 19.73
N ALA F 142 -14.44 -75.05 19.35
CA ALA F 142 -13.95 -76.22 18.62
C ALA F 142 -12.45 -76.12 18.54
N GLU F 143 -11.80 -77.24 18.27
CA GLU F 143 -10.37 -77.26 18.10
C GLU F 143 -10.00 -76.31 16.95
N GLY F 144 -9.00 -75.46 17.18
CA GLY F 144 -8.58 -74.49 16.19
C GLY F 144 -9.23 -73.11 16.26
N ARG F 145 -10.23 -72.95 17.11
CA ARG F 145 -10.86 -71.66 17.33
C ARG F 145 -9.83 -70.67 17.84
N MET F 146 -9.87 -69.44 17.34
CA MET F 146 -9.12 -68.35 17.97
C MET F 146 -10.12 -67.56 18.79
N ASP F 147 -9.93 -67.58 20.11
CA ASP F 147 -10.82 -66.86 21.01
C ASP F 147 -10.78 -65.34 20.82
N THR F 148 -9.64 -64.83 20.33
CA THR F 148 -9.48 -63.41 19.97
C THR F 148 -9.67 -63.17 18.47
N GLY F 149 -9.80 -64.23 17.70
CA GLY F 149 -9.91 -64.15 16.25
C GLY F 149 -8.59 -64.21 15.49
N ARG F 150 -8.72 -64.31 14.17
CA ARG F 150 -7.60 -64.31 13.22
C ARG F 150 -7.94 -63.49 11.95
N SER F 151 -8.99 -62.68 11.98
CA SER F 151 -9.45 -62.00 10.78
C SER F 151 -8.79 -60.68 10.62
N ILE F 152 -8.78 -60.20 9.37
CA ILE F 152 -8.11 -58.99 8.99
C ILE F 152 -9.03 -58.01 8.32
N ASN F 153 -8.64 -56.75 8.33
CA ASN F 153 -9.48 -55.67 7.85
C ASN F 153 -8.67 -54.72 7.04
N PRO F 154 -9.27 -54.10 6.00
CA PRO F 154 -8.54 -53.05 5.31
C PRO F 154 -8.37 -51.81 6.17
N LEU F 155 -7.25 -51.11 6.02
CA LEU F 155 -7.07 -49.88 6.76
C LEU F 155 -8.07 -48.82 6.32
N ASP F 156 -8.39 -47.90 7.23
CA ASP F 156 -9.26 -46.75 6.91
C ASP F 156 -8.65 -46.07 5.73
N LEU F 157 -9.48 -45.49 4.90
CA LEU F 157 -9.01 -44.81 3.67
C LEU F 157 -9.52 -43.37 3.62
N ASP F 158 -8.64 -42.43 3.44
CA ASP F 158 -9.04 -41.06 3.15
C ASP F 158 -9.60 -41.04 1.74
N PRO F 159 -10.87 -40.65 1.58
CA PRO F 159 -11.49 -40.65 0.23
C PRO F 159 -10.73 -39.81 -0.79
N ALA F 160 -10.04 -38.80 -0.30
CA ALA F 160 -9.22 -37.95 -1.19
C ALA F 160 -8.11 -38.74 -1.85
N ASP F 161 -7.75 -39.88 -1.28
CA ASP F 161 -6.60 -40.64 -1.84
C ASP F 161 -6.92 -41.56 -3.01
N ILE F 162 -8.18 -41.68 -3.39
CA ILE F 162 -8.56 -42.49 -4.56
C ILE F 162 -9.36 -41.66 -5.58
N GLY F 163 -9.32 -40.36 -5.44
CA GLY F 163 -9.89 -39.46 -6.43
C GLY F 163 -11.36 -39.68 -6.66
N ASP F 164 -11.72 -39.80 -7.93
CA ASP F 164 -13.13 -39.89 -8.34
C ASP F 164 -13.76 -41.18 -7.92
N LEU F 165 -12.96 -42.16 -7.53
CA LEU F 165 -13.51 -43.47 -7.22
C LEU F 165 -14.35 -43.46 -5.95
N ALA F 166 -14.09 -42.53 -5.03
CA ALA F 166 -14.77 -42.58 -3.75
C ALA F 166 -16.28 -42.43 -3.94
N GLY F 167 -16.66 -41.51 -4.82
CA GLY F 167 -18.05 -41.24 -5.14
C GLY F 167 -18.75 -42.33 -5.91
N LYS F 168 -18.03 -43.36 -6.33
CA LYS F 168 -18.61 -44.50 -7.00
C LYS F 168 -18.79 -45.71 -6.09
N VAL F 169 -18.34 -45.59 -4.85
CA VAL F 169 -18.49 -46.63 -3.86
C VAL F 169 -19.85 -46.47 -3.17
N ARG F 170 -20.56 -47.58 -2.98
CA ARG F 170 -21.84 -47.59 -2.29
C ARG F 170 -21.63 -47.16 -0.83
N PRO F 171 -22.49 -46.27 -0.32
CA PRO F 171 -22.31 -45.82 1.06
C PRO F 171 -22.82 -46.81 2.06
N GLU F 172 -22.41 -46.61 3.31
CA GLU F 172 -22.84 -47.45 4.43
C GLU F 172 -24.36 -47.44 4.60
N LEU F 173 -24.89 -48.48 5.23
CA LEU F 173 -26.31 -48.64 5.44
C LEU F 173 -26.98 -47.44 6.10
N ASP F 174 -26.29 -46.83 7.05
CA ASP F 174 -26.84 -45.70 7.77
C ASP F 174 -26.99 -44.44 6.90
N GLN F 175 -26.37 -44.46 5.71
CA GLN F 175 -26.57 -43.41 4.72
C GLN F 175 -27.44 -43.91 3.55
N ASP F 176 -27.24 -45.16 3.15
CA ASP F 176 -27.71 -45.62 1.85
C ASP F 176 -29.24 -45.82 1.87
N ARG F 177 -29.82 -46.14 3.02
CA ARG F 177 -31.27 -46.34 3.11
C ARG F 177 -32.04 -45.11 3.59
N THR F 178 -31.37 -43.95 3.66
CA THR F 178 -31.99 -42.70 4.06
C THR F 178 -31.75 -41.64 3.00
N GLY F 179 -31.45 -42.07 1.78
CA GLY F 179 -31.29 -41.12 0.69
C GLY F 179 -30.10 -40.24 0.80
N GLN F 180 -28.99 -40.82 1.26
CA GLN F 180 -27.75 -40.10 1.51
C GLN F 180 -26.53 -40.77 0.88
N ASP F 181 -25.52 -39.97 0.64
CA ASP F 181 -24.23 -40.43 0.17
C ASP F 181 -23.29 -40.47 1.39
N HIS F 182 -21.98 -40.66 1.20
CA HIS F 182 -21.06 -40.84 2.31
C HIS F 182 -21.12 -39.71 3.29
N ALA F 183 -21.11 -40.05 4.56
CA ALA F 183 -20.89 -39.09 5.65
C ALA F 183 -19.40 -38.65 5.72
N PRO F 184 -19.10 -37.60 6.51
CA PRO F 184 -17.83 -36.90 6.43
C PRO F 184 -16.53 -37.61 6.88
N GLY F 185 -16.56 -38.66 7.64
CA GLY F 185 -15.24 -39.23 8.00
C GLY F 185 -14.45 -39.98 6.90
N PRO F 186 -13.44 -40.75 7.32
CA PRO F 186 -12.77 -41.62 6.36
C PRO F 186 -13.69 -42.72 5.87
N MET F 187 -13.30 -43.40 4.81
CA MET F 187 -13.98 -44.60 4.37
C MET F 187 -13.46 -45.73 5.25
N ILE F 188 -14.37 -46.44 5.88
CA ILE F 188 -13.98 -47.52 6.77
C ILE F 188 -14.76 -48.73 6.40
N GLY F 189 -14.34 -49.85 6.96
CA GLY F 189 -15.04 -51.12 6.72
C GLY F 189 -15.16 -51.44 5.24
N GLY F 190 -16.34 -51.84 4.82
CA GLY F 190 -16.57 -52.18 3.44
C GLY F 190 -16.29 -51.06 2.48
N ARG F 191 -16.47 -49.81 2.91
CA ARG F 191 -16.18 -48.71 1.99
C ARG F 191 -14.69 -48.63 1.71
N ALA F 192 -13.87 -48.88 2.75
CA ALA F 192 -12.43 -48.92 2.56
C ALA F 192 -12.06 -50.10 1.70
N LEU F 193 -12.67 -51.24 1.96
CA LEU F 193 -12.34 -52.42 1.19
C LEU F 193 -12.56 -52.17 -0.29
N ILE F 194 -13.75 -51.70 -0.62
CA ILE F 194 -14.14 -51.52 -2.01
C ILE F 194 -13.41 -50.34 -2.65
N GLY F 195 -13.21 -49.27 -1.90
CA GLY F 195 -12.47 -48.13 -2.42
C GLY F 195 -11.00 -48.50 -2.75
N ARG F 196 -10.38 -49.28 -1.87
CA ARG F 196 -9.01 -49.73 -2.11
C ARG F 196 -8.94 -50.73 -3.28
N LEU F 197 -9.84 -51.71 -3.32
CA LEU F 197 -9.87 -52.67 -4.42
C LEU F 197 -10.10 -52.00 -5.76
N LEU F 198 -11.02 -51.04 -5.81
CA LEU F 198 -11.25 -50.27 -7.04
C LEU F 198 -9.99 -49.53 -7.47
N ALA F 199 -9.31 -48.88 -6.53
CA ALA F 199 -8.12 -48.14 -6.86
C ALA F 199 -7.04 -49.10 -7.40
N ALA F 200 -6.92 -50.27 -6.77
CA ALA F 200 -6.00 -51.27 -7.26
C ALA F 200 -6.33 -51.71 -8.68
N VAL F 201 -7.60 -52.03 -8.92
CA VAL F 201 -8.03 -52.49 -10.23
C VAL F 201 -7.74 -51.40 -11.25
N GLN F 202 -8.09 -50.17 -10.95
CA GLN F 202 -7.87 -49.09 -11.88
C GLN F 202 -6.38 -48.89 -12.19
N SER F 203 -5.54 -49.03 -11.18
CA SER F 203 -4.12 -48.79 -11.33
C SER F 203 -3.45 -49.72 -12.33
N THR F 204 -3.99 -50.90 -12.57
CA THR F 204 -3.41 -51.84 -13.50
C THR F 204 -3.41 -51.31 -14.95
N GLY F 205 -4.32 -50.41 -15.28
CA GLY F 205 -4.46 -49.94 -16.64
C GLY F 205 -4.99 -51.00 -17.56
N LYS F 206 -5.43 -52.14 -17.02
CA LYS F 206 -5.96 -53.23 -17.83
C LYS F 206 -7.43 -53.48 -17.66
N ALA F 207 -8.12 -52.61 -16.93
CA ALA F 207 -9.47 -52.93 -16.47
C ALA F 207 -10.40 -51.79 -16.76
N GLU F 208 -11.63 -52.13 -17.09
CA GLU F 208 -12.67 -51.17 -17.34
C GLU F 208 -13.78 -51.44 -16.35
N LEU F 209 -14.12 -50.43 -15.57
CA LEU F 209 -15.09 -50.55 -14.48
C LEU F 209 -16.40 -49.91 -14.94
N ARG F 210 -17.46 -50.69 -15.05
CA ARG F 210 -18.73 -50.14 -15.54
C ARG F 210 -19.84 -50.24 -14.51
N THR F 211 -20.59 -49.16 -14.37
CA THR F 211 -21.84 -49.19 -13.58
C THR F 211 -23.06 -49.28 -14.50
N GLU F 212 -24.21 -49.51 -13.91
CA GLU F 212 -25.50 -49.61 -14.63
C GLU F 212 -25.39 -50.55 -15.83
N SER F 213 -24.72 -51.66 -15.63
CA SER F 213 -24.51 -52.66 -16.66
C SER F 213 -24.89 -53.97 -16.07
N VAL F 214 -25.95 -54.55 -16.62
CA VAL F 214 -26.61 -55.69 -16.04
C VAL F 214 -26.43 -56.94 -16.90
N LEU F 215 -25.82 -57.98 -16.37
CA LEU F 215 -25.82 -59.30 -17.03
C LEU F 215 -27.25 -59.78 -17.21
N THR F 216 -27.61 -60.17 -18.42
CA THR F 216 -28.93 -60.78 -18.67
C THR F 216 -28.80 -62.25 -19.04
N SER F 217 -27.85 -62.63 -19.89
CA SER F 217 -27.60 -64.05 -20.14
C SER F 217 -26.19 -64.31 -20.63
N LEU F 218 -25.76 -65.56 -20.46
CA LEU F 218 -24.48 -65.98 -20.92
C LEU F 218 -24.57 -66.41 -22.40
N ILE F 219 -23.50 -66.23 -23.14
CA ILE F 219 -23.40 -66.65 -24.54
C ILE F 219 -22.49 -67.87 -24.64
N VAL F 220 -23.02 -68.94 -25.20
CA VAL F 220 -22.36 -70.24 -25.28
C VAL F 220 -22.12 -70.58 -26.77
N GLU F 221 -20.89 -70.97 -27.10
CA GLU F 221 -20.56 -71.47 -28.44
C GLU F 221 -19.80 -72.77 -28.31
N ASP F 222 -20.29 -73.80 -28.99
CA ASP F 222 -19.73 -75.13 -28.93
C ASP F 222 -19.57 -75.60 -27.49
N GLY F 223 -20.57 -75.33 -26.66
CA GLY F 223 -20.54 -75.77 -25.27
C GLY F 223 -19.67 -74.96 -24.31
N ARG F 224 -19.02 -73.91 -24.82
CA ARG F 224 -18.18 -73.07 -24.00
C ARG F 224 -18.84 -71.69 -23.80
N VAL F 225 -18.81 -71.20 -22.56
CA VAL F 225 -19.21 -69.81 -22.30
C VAL F 225 -18.16 -68.86 -22.86
N VAL F 226 -18.54 -68.05 -23.84
CA VAL F 226 -17.60 -67.21 -24.56
C VAL F 226 -17.87 -65.73 -24.38
N GLY F 227 -18.88 -65.39 -23.59
CA GLY F 227 -19.20 -64.00 -23.37
C GLY F 227 -20.54 -63.89 -22.71
N ALA F 228 -21.07 -62.68 -22.73
CA ALA F 228 -22.35 -62.45 -22.11
C ALA F 228 -23.13 -61.37 -22.80
N GLU F 229 -24.43 -61.47 -22.68
CA GLU F 229 -25.31 -60.41 -23.10
C GLU F 229 -25.61 -59.49 -21.89
N VAL F 230 -25.57 -58.18 -22.12
CA VAL F 230 -25.58 -57.19 -21.08
C VAL F 230 -26.48 -56.02 -21.45
N GLU F 231 -27.30 -55.53 -20.52
CA GLU F 231 -28.06 -54.29 -20.72
C GLU F 231 -27.37 -53.12 -20.09
N SER F 232 -27.15 -52.07 -20.86
CA SER F 232 -26.81 -50.74 -20.32
C SER F 232 -27.25 -49.67 -21.29
N GLY F 233 -27.71 -48.54 -20.75
CA GLY F 233 -28.13 -47.41 -21.55
C GLY F 233 -29.37 -47.73 -22.38
N GLY F 234 -30.21 -48.63 -21.88
CA GLY F 234 -31.36 -49.10 -22.65
C GLY F 234 -30.99 -50.02 -23.82
N GLU F 235 -29.73 -50.04 -24.21
CA GLU F 235 -29.28 -50.89 -25.31
C GLU F 235 -28.71 -52.21 -24.79
N THR F 236 -28.84 -53.26 -25.58
CA THR F 236 -28.27 -54.51 -25.19
C THR F 236 -26.92 -54.71 -25.88
N GLN F 237 -25.94 -55.24 -25.15
CA GLN F 237 -24.59 -55.45 -25.65
C GLN F 237 -24.20 -56.88 -25.55
N ARG F 238 -23.20 -57.24 -26.34
CA ARG F 238 -22.65 -58.58 -26.31
C ARG F 238 -21.16 -58.41 -26.10
N ILE F 239 -20.67 -58.95 -24.99
CA ILE F 239 -19.30 -58.76 -24.59
C ILE F 239 -18.60 -60.08 -24.64
N LYS F 240 -17.52 -60.11 -25.40
CA LYS F 240 -16.75 -61.34 -25.59
C LYS F 240 -15.74 -61.48 -24.45
N ALA F 241 -15.64 -62.68 -23.91
CA ALA F 241 -14.68 -63.02 -22.87
C ALA F 241 -13.76 -64.16 -23.34
N ASN F 242 -12.55 -63.81 -23.72
CA ASN F 242 -11.63 -64.81 -24.32
C ASN F 242 -11.24 -65.89 -23.36
N ARG F 243 -10.94 -65.54 -22.11
CA ARG F 243 -10.56 -66.58 -21.13
C ARG F 243 -11.71 -67.05 -20.29
N GLY F 244 -12.65 -66.18 -19.98
CA GLY F 244 -13.78 -66.60 -19.16
C GLY F 244 -14.59 -65.49 -18.53
N VAL F 245 -15.68 -65.92 -17.91
CA VAL F 245 -16.59 -65.06 -17.21
C VAL F 245 -16.63 -65.49 -15.74
N LEU F 246 -16.29 -64.54 -14.87
CA LEU F 246 -16.43 -64.74 -13.42
C LEU F 246 -17.71 -64.07 -12.96
N MET F 247 -18.62 -64.87 -12.43
CA MET F 247 -19.87 -64.34 -11.91
C MET F 247 -19.76 -64.27 -10.39
N ALA F 248 -19.62 -63.05 -9.88
CA ALA F 248 -19.62 -62.80 -8.44
C ALA F 248 -20.57 -61.66 -8.17
N ALA F 249 -21.86 -61.98 -8.40
CA ALA F 249 -22.90 -60.97 -8.48
C ALA F 249 -23.92 -61.15 -7.36
N GLY F 250 -23.46 -61.76 -6.27
CA GLY F 250 -24.32 -61.95 -5.13
C GLY F 250 -25.28 -63.09 -5.29
N GLY F 251 -26.20 -63.19 -4.33
CA GLY F 251 -27.04 -64.35 -4.15
C GLY F 251 -28.46 -64.06 -4.63
N ILE F 252 -29.42 -64.77 -4.04
CA ILE F 252 -30.84 -64.63 -4.35
C ILE F 252 -31.62 -63.81 -3.31
N GLU F 253 -30.89 -63.18 -2.40
CA GLU F 253 -31.50 -62.57 -1.21
C GLU F 253 -32.64 -61.59 -1.53
N GLY F 254 -32.50 -60.86 -2.63
CA GLY F 254 -33.47 -59.88 -3.04
C GLY F 254 -34.62 -60.42 -3.88
N ASN F 255 -34.67 -61.72 -4.12
CA ASN F 255 -35.64 -62.34 -5.01
C ASN F 255 -36.59 -63.25 -4.24
N ALA F 256 -37.75 -62.73 -3.90
CA ALA F 256 -38.69 -63.44 -3.03
C ALA F 256 -39.14 -64.73 -3.68
N GLU F 257 -39.32 -64.72 -4.99
CA GLU F 257 -39.73 -65.92 -5.68
C GLU F 257 -38.71 -67.02 -5.61
N MET F 258 -37.45 -66.71 -5.95
CA MET F 258 -36.40 -67.75 -5.85
C MET F 258 -36.24 -68.25 -4.42
N ARG F 259 -36.30 -67.33 -3.44
CA ARG F 259 -36.23 -67.74 -2.05
C ARG F 259 -37.39 -68.65 -1.66
N GLU F 260 -38.61 -68.30 -2.06
CA GLU F 260 -39.75 -69.16 -1.77
C GLU F 260 -39.64 -70.53 -2.42
N GLN F 261 -39.27 -70.56 -3.69
CA GLN F 261 -39.08 -71.83 -4.37
C GLN F 261 -38.04 -72.66 -3.69
N ALA F 262 -36.96 -72.02 -3.24
CA ALA F 262 -35.90 -72.78 -2.57
C ALA F 262 -36.23 -73.18 -1.14
N GLY F 263 -37.20 -72.55 -0.50
CA GLY F 263 -37.45 -72.78 0.90
C GLY F 263 -36.56 -71.96 1.82
N THR F 264 -35.95 -70.89 1.33
CA THR F 264 -35.09 -70.05 2.16
C THR F 264 -35.91 -69.33 3.23
N PRO F 265 -35.49 -69.39 4.51
CA PRO F 265 -36.20 -68.63 5.52
C PRO F 265 -35.91 -67.14 5.36
N GLY F 266 -36.57 -66.31 6.16
CA GLY F 266 -36.39 -64.85 6.09
C GLY F 266 -37.19 -64.24 4.95
N LYS F 267 -36.89 -63.01 4.59
CA LYS F 267 -37.60 -62.32 3.53
C LYS F 267 -36.66 -61.38 2.84
N ALA F 268 -36.85 -61.24 1.54
CA ALA F 268 -36.14 -60.23 0.76
C ALA F 268 -36.15 -58.83 1.37
N ILE F 269 -37.29 -58.34 1.84
CA ILE F 269 -37.29 -57.02 2.49
C ILE F 269 -36.43 -56.92 3.79
N TRP F 270 -36.25 -58.04 4.48
CA TRP F 270 -35.47 -58.04 5.71
C TRP F 270 -34.01 -58.22 5.45
N SER F 271 -33.65 -58.65 4.24
CA SER F 271 -32.26 -58.82 3.87
C SER F 271 -31.51 -57.49 3.97
N MET F 272 -30.25 -57.57 4.41
CA MET F 272 -29.43 -56.39 4.52
C MET F 272 -28.67 -56.07 3.23
N GLY F 273 -28.86 -56.87 2.18
CA GLY F 273 -28.35 -56.54 0.85
C GLY F 273 -28.94 -55.25 0.35
N PRO F 274 -28.27 -54.60 -0.59
CA PRO F 274 -28.85 -53.36 -1.09
C PRO F 274 -30.20 -53.68 -1.78
N PHE F 275 -31.22 -52.92 -1.48
CA PHE F 275 -32.58 -53.25 -1.96
C PHE F 275 -32.57 -53.41 -3.48
N GLY F 276 -33.00 -54.56 -3.95
CA GLY F 276 -33.16 -54.78 -5.41
C GLY F 276 -31.91 -55.10 -6.19
N ALA F 277 -30.74 -55.13 -5.54
CA ALA F 277 -29.49 -55.41 -6.26
C ALA F 277 -29.29 -56.88 -6.56
N ASN F 278 -29.39 -57.72 -5.53
CA ASN F 278 -29.04 -59.12 -5.68
C ASN F 278 -30.29 -59.98 -5.82
N THR F 279 -30.72 -60.15 -7.05
CA THR F 279 -31.98 -60.83 -7.36
C THR F 279 -31.70 -62.18 -8.02
N GLY F 280 -30.52 -62.73 -7.80
CA GLY F 280 -30.18 -64.08 -8.30
C GLY F 280 -29.93 -64.18 -9.80
N ASP F 281 -29.66 -63.04 -10.45
CA ASP F 281 -29.51 -62.98 -11.91
C ASP F 281 -28.41 -63.91 -12.41
N ALA F 282 -27.27 -63.92 -11.72
CA ALA F 282 -26.15 -64.75 -12.18
C ALA F 282 -26.39 -66.23 -11.91
N ILE F 283 -27.01 -66.55 -10.78
CA ILE F 283 -27.37 -67.93 -10.49
C ILE F 283 -28.35 -68.43 -11.57
N SER F 284 -29.35 -67.62 -11.93
CA SER F 284 -30.27 -68.01 -13.02
C SER F 284 -29.57 -68.18 -14.35
N ALA F 285 -28.74 -67.22 -14.71
CA ALA F 285 -27.99 -67.32 -15.95
C ALA F 285 -27.13 -68.59 -15.99
N GLY F 286 -26.60 -69.00 -14.84
CA GLY F 286 -25.79 -70.21 -14.73
C GLY F 286 -26.64 -71.48 -14.88
N ILE F 287 -27.78 -71.51 -14.21
CA ILE F 287 -28.71 -72.61 -14.34
C ILE F 287 -29.11 -72.79 -15.82
N ALA F 288 -29.32 -71.67 -16.51
CA ALA F 288 -29.76 -71.69 -17.89
C ALA F 288 -28.75 -72.34 -18.83
N VAL F 289 -27.47 -72.35 -18.49
CA VAL F 289 -26.48 -73.01 -19.33
C VAL F 289 -26.06 -74.37 -18.77
N GLY F 290 -26.78 -74.87 -17.78
CA GLY F 290 -26.53 -76.22 -17.26
C GLY F 290 -25.89 -76.33 -15.89
N GLY F 291 -25.69 -75.20 -15.20
CA GLY F 291 -25.01 -75.23 -13.91
C GLY F 291 -25.90 -75.87 -12.87
N ALA F 292 -25.33 -76.74 -12.05
CA ALA F 292 -26.04 -77.28 -10.90
C ALA F 292 -26.02 -76.24 -9.77
N THR F 293 -26.92 -76.41 -8.80
CA THR F 293 -27.00 -75.55 -7.65
C THR F 293 -27.12 -76.37 -6.39
N ALA F 294 -26.85 -75.74 -5.25
CA ALA F 294 -26.89 -76.40 -3.94
C ALA F 294 -27.09 -75.35 -2.85
N LEU F 295 -27.60 -75.79 -1.71
CA LEU F 295 -27.75 -74.99 -0.49
C LEU F 295 -28.65 -73.76 -0.65
N LEU F 296 -29.58 -73.80 -1.59
CA LEU F 296 -30.41 -72.61 -1.88
C LEU F 296 -31.34 -72.21 -0.75
N ASP F 297 -31.63 -73.12 0.17
CA ASP F 297 -32.40 -72.76 1.34
C ASP F 297 -31.58 -72.14 2.47
N GLN F 298 -30.27 -71.95 2.23
CA GLN F 298 -29.37 -71.43 3.27
C GLN F 298 -29.02 -69.97 3.05
N ALA F 299 -28.79 -69.28 4.17
CA ALA F 299 -28.34 -67.92 4.14
C ALA F 299 -27.31 -67.65 5.23
N TRP F 300 -26.68 -66.49 5.12
CA TRP F 300 -25.90 -65.92 6.21
C TRP F 300 -26.89 -65.16 7.06
N PHE F 301 -27.41 -65.82 8.09
CA PHE F 301 -28.53 -65.30 8.87
C PHE F 301 -28.09 -64.35 9.97
N CYS F 302 -29.03 -63.52 10.39
CA CYS F 302 -28.83 -62.65 11.54
C CYS F 302 -30.18 -62.20 12.06
N PRO F 303 -30.27 -61.93 13.39
CA PRO F 303 -31.45 -61.27 13.87
C PRO F 303 -31.47 -59.84 13.30
N GLY F 304 -32.68 -59.34 13.03
CA GLY F 304 -32.85 -57.99 12.57
C GLY F 304 -33.83 -57.26 13.46
N VAL F 305 -33.52 -56.00 13.76
CA VAL F 305 -34.46 -55.15 14.45
C VAL F 305 -35.44 -54.61 13.40
N GLU F 306 -36.73 -54.94 13.53
CA GLU F 306 -37.70 -54.55 12.53
C GLU F 306 -37.81 -53.03 12.49
N GLN F 307 -37.85 -52.49 11.27
CA GLN F 307 -37.92 -51.05 11.06
C GLN F 307 -39.37 -50.59 10.78
N PRO F 308 -39.65 -49.30 11.03
CA PRO F 308 -40.96 -48.72 10.69
C PRO F 308 -41.44 -49.04 9.28
N ASP F 309 -40.52 -49.08 8.31
CA ASP F 309 -40.93 -49.36 6.93
C ASP F 309 -41.01 -50.82 6.56
N GLY F 310 -40.89 -51.72 7.51
CA GLY F 310 -40.99 -53.17 7.23
C GLY F 310 -39.65 -53.83 6.96
N SER F 311 -38.59 -53.04 6.74
CA SER F 311 -37.23 -53.61 6.57
C SER F 311 -36.63 -54.00 7.92
N ALA F 312 -35.34 -54.30 7.93
CA ALA F 312 -34.67 -54.69 9.16
C ALA F 312 -33.33 -54.02 9.33
N ALA F 313 -32.79 -54.14 10.53
CA ALA F 313 -31.43 -53.70 10.83
C ALA F 313 -30.66 -54.85 11.47
N PHE F 314 -29.45 -55.08 11.00
CA PHE F 314 -28.55 -56.10 11.56
C PHE F 314 -28.32 -55.79 13.04
N MET F 315 -28.63 -56.77 13.89
CA MET F 315 -28.42 -56.66 15.32
C MET F 315 -27.24 -57.54 15.73
N VAL F 316 -26.18 -56.89 16.19
CA VAL F 316 -24.93 -57.58 16.49
C VAL F 316 -24.39 -57.02 17.81
N GLY F 317 -23.63 -57.82 18.53
CA GLY F 317 -22.97 -57.34 19.77
C GLY F 317 -23.99 -57.06 20.85
N VAL F 318 -24.86 -58.05 21.07
CA VAL F 318 -25.85 -57.98 22.13
C VAL F 318 -25.06 -57.90 23.46
N ARG F 319 -25.46 -56.96 24.31
CA ARG F 319 -24.79 -56.75 25.59
C ARG F 319 -25.76 -56.61 26.75
N GLY F 320 -27.04 -56.92 26.54
CA GLY F 320 -28.04 -56.84 27.61
C GLY F 320 -29.39 -57.28 27.10
N GLY F 321 -30.41 -57.10 27.91
CA GLY F 321 -31.76 -57.55 27.58
C GLY F 321 -31.86 -59.06 27.55
N LEU F 322 -33.05 -59.53 27.14
CA LEU F 322 -33.34 -60.90 26.86
C LEU F 322 -34.34 -60.95 25.72
N VAL F 323 -34.56 -62.14 25.17
CA VAL F 323 -35.45 -62.30 24.04
C VAL F 323 -36.50 -63.34 24.36
N VAL F 324 -37.76 -63.04 24.02
CA VAL F 324 -38.84 -64.01 24.17
C VAL F 324 -39.55 -64.29 22.87
N ASP F 325 -40.08 -65.50 22.79
CA ASP F 325 -41.02 -65.88 21.76
C ASP F 325 -42.41 -65.30 22.10
N SER F 326 -43.40 -65.58 21.27
CA SER F 326 -44.73 -64.99 21.46
C SER F 326 -45.44 -65.53 22.69
N ALA F 327 -44.97 -66.65 23.24
CA ALA F 327 -45.43 -67.14 24.53
C ALA F 327 -44.78 -66.47 25.74
N GLY F 328 -43.96 -65.45 25.52
CA GLY F 328 -43.31 -64.76 26.63
C GLY F 328 -42.19 -65.55 27.32
N GLU F 329 -41.64 -66.55 26.64
CA GLU F 329 -40.52 -67.30 27.17
C GLU F 329 -39.21 -67.18 26.41
N ARG F 330 -38.11 -67.25 27.15
CA ARG F 330 -36.77 -67.34 26.55
C ARG F 330 -36.65 -68.68 25.84
N TYR F 331 -35.95 -68.69 24.71
CA TYR F 331 -35.73 -69.94 23.98
C TYR F 331 -34.33 -70.07 23.39
N LEU F 332 -33.47 -69.06 23.56
CA LEU F 332 -32.09 -69.15 23.07
C LEU F 332 -31.15 -68.30 23.91
N ASN F 333 -29.86 -68.57 23.76
CA ASN F 333 -28.82 -67.70 24.26
C ASN F 333 -28.71 -66.44 23.34
N GLU F 334 -29.13 -65.33 23.88
CA GLU F 334 -29.24 -64.07 23.14
C GLU F 334 -27.89 -63.50 22.70
N SER F 335 -26.81 -64.00 23.33
CA SER F 335 -25.46 -63.59 23.02
C SER F 335 -24.81 -64.41 21.90
N LEU F 336 -25.53 -65.39 21.35
CA LEU F 336 -25.00 -66.19 20.24
C LEU F 336 -24.53 -65.36 19.05
N PRO F 337 -23.48 -65.82 18.36
CA PRO F 337 -23.16 -65.22 17.10
C PRO F 337 -24.41 -65.18 16.22
N TYR F 338 -24.51 -64.13 15.41
CA TYR F 338 -25.73 -63.79 14.67
C TYR F 338 -26.34 -64.91 13.80
N ASP F 339 -25.50 -65.69 13.14
CA ASP F 339 -25.99 -66.77 12.31
C ASP F 339 -26.61 -67.88 13.17
N GLN F 340 -26.00 -68.15 14.32
CA GLN F 340 -26.57 -69.17 15.23
C GLN F 340 -27.85 -68.65 15.87
N PHE F 341 -27.90 -67.33 16.16
CA PHE F 341 -29.08 -66.71 16.73
C PHE F 341 -30.21 -66.90 15.74
N GLY F 342 -29.98 -66.50 14.49
CA GLY F 342 -30.98 -66.58 13.43
C GLY F 342 -31.49 -67.99 13.19
N ARG F 343 -30.56 -68.93 13.14
CA ARG F 343 -30.95 -70.32 12.96
C ARG F 343 -31.78 -70.81 14.12
N ALA F 344 -31.52 -70.32 15.33
CA ALA F 344 -32.36 -70.72 16.48
C ALA F 344 -33.76 -70.13 16.38
N MET F 345 -33.89 -68.93 15.81
CA MET F 345 -35.22 -68.34 15.59
C MET F 345 -36.01 -69.20 14.64
N ASP F 346 -35.38 -69.54 13.53
CA ASP F 346 -36.01 -70.38 12.52
C ASP F 346 -36.40 -71.74 13.08
N ALA F 347 -35.51 -72.37 13.85
CA ALA F 347 -35.81 -73.68 14.43
C ALA F 347 -36.96 -73.62 15.41
N HIS F 348 -37.11 -72.52 16.15
CA HIS F 348 -38.14 -72.42 17.17
C HIS F 348 -39.46 -72.00 16.57
N ASP F 349 -39.42 -71.43 15.36
CA ASP F 349 -40.61 -70.77 14.82
C ASP F 349 -41.69 -71.78 14.44
N ASP F 350 -42.89 -71.53 14.94
CA ASP F 350 -44.03 -72.31 14.54
C ASP F 350 -45.14 -71.37 14.12
N ASN F 351 -45.29 -71.16 12.83
CA ASN F 351 -46.34 -70.28 12.37
C ASN F 351 -46.24 -68.89 12.96
N GLY F 352 -45.02 -68.41 13.14
CA GLY F 352 -44.80 -67.04 13.60
C GLY F 352 -44.61 -66.87 15.09
N SER F 353 -44.46 -67.96 15.83
CA SER F 353 -44.24 -67.87 17.28
C SER F 353 -42.85 -67.32 17.65
N ALA F 354 -41.89 -67.45 16.75
CA ALA F 354 -40.55 -66.91 16.99
C ALA F 354 -40.10 -65.85 15.97
N VAL F 355 -40.89 -65.64 14.92
CA VAL F 355 -40.59 -64.63 13.91
C VAL F 355 -41.90 -63.87 13.74
N PRO F 356 -42.04 -62.73 14.42
CA PRO F 356 -41.06 -62.01 15.21
C PRO F 356 -40.82 -62.57 16.61
N SER F 357 -39.65 -62.26 17.17
CA SER F 357 -39.44 -62.43 18.61
C SER F 357 -39.43 -61.05 19.20
N PHE F 358 -39.40 -60.98 20.54
CA PHE F 358 -39.40 -59.70 21.22
C PHE F 358 -38.16 -59.55 22.11
N MET F 359 -37.37 -58.52 21.84
CA MET F 359 -36.26 -58.21 22.74
C MET F 359 -36.72 -57.27 23.82
N ILE F 360 -36.58 -57.73 25.07
CA ILE F 360 -37.05 -57.04 26.28
C ILE F 360 -35.89 -56.41 26.98
N PHE F 361 -36.00 -55.11 27.25
CA PHE F 361 -34.91 -54.38 27.90
C PHE F 361 -35.43 -53.23 28.76
N ASP F 362 -34.57 -52.69 29.61
CA ASP F 362 -35.00 -51.62 30.50
C ASP F 362 -34.33 -50.32 30.09
N SER F 363 -34.38 -49.32 30.97
CA SER F 363 -33.87 -48.01 30.64
C SER F 363 -32.42 -47.81 31.03
N ARG F 364 -31.70 -48.88 31.32
CA ARG F 364 -30.29 -48.76 31.66
C ARG F 364 -29.52 -47.87 30.66
N GLU F 365 -29.78 -48.03 29.36
CA GLU F 365 -29.12 -47.21 28.36
C GLU F 365 -30.01 -46.08 27.86
N GLY F 366 -30.82 -45.52 28.76
CA GLY F 366 -31.61 -44.36 28.43
C GLY F 366 -32.66 -44.60 27.37
N GLY F 367 -33.06 -45.84 27.17
CA GLY F 367 -34.06 -46.14 26.13
C GLY F 367 -33.45 -46.81 24.90
N GLY F 368 -32.13 -46.78 24.81
CA GLY F 368 -31.41 -47.49 23.75
C GLY F 368 -31.48 -48.99 23.90
N LEU F 369 -31.50 -49.69 22.78
CA LEU F 369 -31.50 -51.14 22.79
C LEU F 369 -30.05 -51.59 23.02
N PRO F 370 -29.82 -52.56 23.91
CA PRO F 370 -28.44 -52.94 24.28
C PRO F 370 -27.80 -53.89 23.26
N ALA F 371 -27.48 -53.33 22.10
CA ALA F 371 -26.84 -54.04 21.00
C ALA F 371 -26.47 -53.02 19.95
N ILE F 372 -25.71 -53.43 18.96
CA ILE F 372 -25.36 -52.57 17.82
C ILE F 372 -26.36 -52.90 16.71
N CYS F 373 -27.04 -51.89 16.21
CA CYS F 373 -28.09 -52.04 15.18
C CYS F 373 -27.66 -51.26 13.97
N ILE F 374 -27.63 -51.95 12.83
CA ILE F 374 -27.16 -51.32 11.60
C ILE F 374 -28.24 -51.48 10.50
N PRO F 375 -28.83 -50.38 10.04
CA PRO F 375 -28.69 -49.01 10.47
C PRO F 375 -29.34 -48.70 11.83
N ASN F 376 -29.00 -47.58 12.42
CA ASN F 376 -29.31 -47.29 13.80
C ASN F 376 -30.42 -46.27 13.95
N THR F 377 -31.62 -46.74 13.73
CA THR F 377 -32.80 -45.91 13.82
C THR F 377 -33.10 -45.50 15.28
N ALA F 378 -33.36 -44.23 15.52
CA ALA F 378 -33.58 -43.74 16.88
C ALA F 378 -34.77 -44.41 17.53
N PRO F 379 -34.66 -44.70 18.84
CA PRO F 379 -35.78 -45.26 19.63
C PRO F 379 -37.09 -44.52 19.45
N ALA F 380 -37.07 -43.19 19.37
CA ALA F 380 -38.30 -42.43 19.19
C ALA F 380 -39.06 -42.76 17.90
N LYS F 381 -38.33 -43.07 16.82
CA LYS F 381 -39.01 -43.45 15.56
C LYS F 381 -39.64 -44.80 15.70
N HIS F 382 -38.93 -45.71 16.34
CA HIS F 382 -39.48 -47.07 16.58
C HIS F 382 -40.72 -47.02 17.45
N LEU F 383 -40.70 -46.15 18.46
CA LEU F 383 -41.83 -46.06 19.40
C LEU F 383 -43.01 -45.43 18.72
N GLU F 384 -42.77 -44.40 17.91
CA GLU F 384 -43.82 -43.79 17.12
C GLU F 384 -44.47 -44.75 16.16
N ALA F 385 -43.64 -45.56 15.49
CA ALA F 385 -44.15 -46.51 14.51
C ALA F 385 -44.71 -47.75 15.16
N GLY F 386 -44.34 -48.03 16.40
CA GLY F 386 -44.86 -49.23 17.08
C GLY F 386 -44.07 -50.49 16.86
N THR F 387 -42.95 -50.40 16.17
CA THR F 387 -41.99 -51.52 16.14
C THR F 387 -41.43 -51.82 17.53
N TRP F 388 -41.22 -50.77 18.32
CA TRP F 388 -40.99 -50.91 19.75
C TRP F 388 -42.18 -50.40 20.50
N VAL F 389 -42.43 -50.97 21.69
CA VAL F 389 -43.36 -50.40 22.66
C VAL F 389 -42.66 -50.26 24.03
N GLY F 390 -43.07 -49.25 24.79
CA GLY F 390 -42.57 -48.98 26.10
C GLY F 390 -43.70 -48.98 27.12
N ALA F 391 -43.36 -49.28 28.37
CA ALA F 391 -44.33 -49.26 29.47
C ALA F 391 -43.62 -49.15 30.82
N ASP F 392 -44.33 -48.59 31.81
CA ASP F 392 -43.79 -48.48 33.15
C ASP F 392 -43.74 -49.82 33.90
N THR F 393 -44.54 -50.79 33.51
CA THR F 393 -44.49 -52.12 34.12
C THR F 393 -44.46 -53.22 33.08
N LEU F 394 -44.06 -54.41 33.51
CA LEU F 394 -44.07 -55.55 32.63
C LEU F 394 -45.47 -56.00 32.24
N GLU F 395 -46.44 -55.79 33.13
CA GLU F 395 -47.84 -56.24 32.86
C GLU F 395 -48.36 -55.44 31.70
N GLU F 396 -48.13 -54.14 31.76
CA GLU F 396 -48.51 -53.24 30.70
C GLU F 396 -47.74 -53.51 29.40
N LEU F 397 -46.45 -53.82 29.51
CA LEU F 397 -45.65 -54.15 28.33
C LEU F 397 -46.24 -55.35 27.65
N ALA F 398 -46.64 -56.34 28.46
CA ALA F 398 -47.22 -57.58 27.92
C ALA F 398 -48.52 -57.30 27.17
N ALA F 399 -49.35 -56.43 27.75
CA ALA F 399 -50.64 -56.06 27.13
C ALA F 399 -50.42 -55.37 25.78
N LYS F 400 -49.42 -54.50 25.72
CA LYS F 400 -49.11 -53.79 24.48
C LYS F 400 -48.44 -54.64 23.39
N THR F 401 -47.90 -55.79 23.75
CA THR F 401 -47.24 -56.64 22.80
C THR F 401 -48.00 -57.91 22.50
N GLY F 402 -49.03 -58.20 23.28
CA GLY F 402 -49.73 -59.48 23.16
C GLY F 402 -49.13 -60.62 23.94
N LEU F 403 -48.05 -60.37 24.67
CA LEU F 403 -47.36 -61.44 25.39
C LEU F 403 -48.19 -61.75 26.62
N PRO F 404 -48.22 -63.02 27.06
CA PRO F 404 -48.84 -63.30 28.36
C PRO F 404 -48.12 -62.64 29.54
N ALA F 405 -48.86 -61.90 30.36
CA ALA F 405 -48.24 -61.08 31.40
C ALA F 405 -47.54 -61.94 32.44
N ASP F 406 -48.18 -63.04 32.85
CA ASP F 406 -47.63 -63.95 33.90
C ASP F 406 -46.32 -64.59 33.41
N ALA F 407 -46.33 -65.09 32.18
CA ALA F 407 -45.14 -65.66 31.56
C ALA F 407 -43.99 -64.63 31.43
N LEU F 408 -44.31 -63.44 30.94
CA LEU F 408 -43.29 -62.43 30.77
C LEU F 408 -42.67 -62.07 32.11
N ARG F 409 -43.51 -61.75 33.10
CA ARG F 409 -43.02 -61.36 34.44
C ARG F 409 -42.15 -62.45 35.02
N SER F 410 -42.61 -63.67 34.88
CA SER F 410 -41.91 -64.82 35.38
C SER F 410 -40.54 -65.04 34.68
N THR F 411 -40.57 -64.87 33.35
CA THR F 411 -39.34 -64.94 32.55
C THR F 411 -38.30 -63.93 33.01
N VAL F 412 -38.71 -62.69 33.23
CA VAL F 412 -37.80 -61.64 33.63
C VAL F 412 -37.26 -61.89 35.04
N GLU F 413 -38.14 -62.31 35.96
CA GLU F 413 -37.70 -62.59 37.34
C GLU F 413 -36.66 -63.69 37.33
N LYS F 414 -36.92 -64.74 36.56
CA LYS F 414 -35.98 -65.86 36.47
C LYS F 414 -34.64 -65.41 35.87
N PHE F 415 -34.70 -64.60 34.81
CA PHE F 415 -33.48 -64.09 34.21
C PHE F 415 -32.74 -63.22 35.18
N ASN F 416 -33.46 -62.38 35.91
CA ASN F 416 -32.82 -61.53 36.91
C ASN F 416 -32.15 -62.32 38.03
N ASP F 417 -32.74 -63.45 38.43
CA ASP F 417 -32.08 -64.36 39.40
C ASP F 417 -30.79 -64.92 38.83
N ALA F 418 -30.83 -65.32 37.55
CA ALA F 418 -29.63 -65.78 36.86
C ALA F 418 -28.57 -64.70 36.85
N ALA F 419 -28.95 -63.47 36.56
CA ALA F 419 -27.99 -62.37 36.56
C ALA F 419 -27.37 -62.19 37.94
N LYS F 420 -28.18 -62.28 38.99
CA LYS F 420 -27.70 -62.19 40.38
C LYS F 420 -26.66 -63.27 40.66
N LEU F 421 -26.96 -64.52 40.35
CA LEU F 421 -26.00 -65.62 40.52
C LEU F 421 -24.85 -65.59 39.54
N GLY F 422 -25.02 -64.92 38.40
CA GLY F 422 -23.98 -64.88 37.35
C GLY F 422 -23.95 -66.13 36.51
N VAL F 423 -25.03 -66.91 36.54
CA VAL F 423 -25.13 -68.12 35.74
C VAL F 423 -26.52 -68.25 35.15
N ASP F 424 -26.57 -68.55 33.85
CA ASP F 424 -27.80 -68.80 33.12
C ASP F 424 -27.86 -70.30 32.89
N GLU F 425 -28.53 -71.02 33.79
CA GLU F 425 -28.60 -72.47 33.70
C GLU F 425 -29.42 -72.93 32.52
N GLU F 426 -30.37 -72.09 32.08
CA GLU F 426 -31.29 -72.51 31.04
C GLU F 426 -30.63 -72.47 29.66
N PHE F 427 -29.98 -71.37 29.29
CA PHE F 427 -29.38 -71.29 27.95
C PHE F 427 -27.90 -70.94 27.94
N HIS F 428 -27.28 -70.91 29.11
CA HIS F 428 -25.82 -70.83 29.23
C HIS F 428 -25.22 -69.62 28.61
N ARG F 429 -25.98 -68.54 28.58
CA ARG F 429 -25.46 -67.27 28.14
C ARG F 429 -24.32 -66.82 29.05
N GLY F 430 -23.30 -66.23 28.46
CA GLY F 430 -22.14 -65.72 29.20
C GLY F 430 -21.15 -66.79 29.59
N GLU F 431 -21.00 -67.82 28.77
CA GLU F 431 -20.06 -68.90 28.99
C GLU F 431 -19.23 -69.14 27.73
N ASP F 432 -18.80 -68.07 27.08
CA ASP F 432 -18.10 -68.15 25.80
C ASP F 432 -17.44 -66.82 25.54
N PRO F 433 -16.23 -66.83 24.96
CA PRO F 433 -15.55 -65.56 24.69
C PRO F 433 -16.35 -64.60 23.76
N TYR F 434 -17.18 -65.14 22.87
CA TYR F 434 -17.99 -64.30 22.02
C TYR F 434 -19.01 -63.52 22.86
N ASP F 435 -19.70 -64.21 23.77
CA ASP F 435 -20.68 -63.54 24.65
C ASP F 435 -20.05 -62.41 25.45
N ALA F 436 -18.82 -62.63 25.93
CA ALA F 436 -18.12 -61.67 26.81
C ALA F 436 -17.55 -60.49 26.03
N PHE F 437 -17.21 -60.74 24.77
CA PHE F 437 -16.49 -59.77 23.96
C PHE F 437 -17.17 -58.40 23.88
N PHE F 438 -18.50 -58.35 23.91
CA PHE F 438 -19.24 -57.12 23.67
C PHE F 438 -19.71 -56.38 24.90
N CYS F 439 -19.45 -56.95 26.07
CA CYS F 439 -19.94 -56.44 27.35
C CYS F 439 -18.77 -55.82 28.25
N PRO F 440 -18.97 -54.59 28.77
CA PRO F 440 -17.86 -53.97 29.55
C PRO F 440 -17.62 -54.56 30.95
N GLY F 444 -21.40 -56.77 38.09
CA GLY F 444 -21.95 -58.03 38.59
C GLY F 444 -21.13 -59.28 38.26
N ALA F 445 -21.64 -60.46 38.60
CA ALA F 445 -20.88 -61.69 38.50
C ALA F 445 -20.57 -62.06 37.07
N ASN F 446 -21.52 -61.88 36.17
CA ASN F 446 -21.32 -62.19 34.75
C ASN F 446 -21.67 -60.98 33.87
N ALA F 447 -20.69 -60.49 33.14
CA ALA F 447 -20.86 -59.28 32.35
C ALA F 447 -21.95 -59.41 31.29
N ALA F 448 -22.26 -60.63 30.86
CA ALA F 448 -23.28 -60.84 29.83
C ALA F 448 -24.71 -60.89 30.37
N LEU F 449 -24.83 -60.95 31.70
CA LEU F 449 -26.13 -61.14 32.36
C LEU F 449 -26.40 -59.96 33.25
N THR F 450 -27.32 -59.11 32.82
CA THR F 450 -27.63 -57.88 33.52
C THR F 450 -29.13 -57.82 33.76
N ALA F 451 -29.50 -57.54 35.01
CA ALA F 451 -30.89 -57.59 35.42
C ALA F 451 -31.70 -56.53 34.68
N ILE F 452 -32.92 -56.89 34.33
CA ILE F 452 -33.84 -56.01 33.64
C ILE F 452 -34.81 -55.50 34.70
N GLU F 453 -34.66 -54.26 35.14
CA GLU F 453 -35.29 -53.83 36.38
C GLU F 453 -35.52 -52.35 36.54
N ASN F 454 -34.90 -51.51 35.73
CA ASN F 454 -35.10 -50.05 35.87
C ASN F 454 -35.94 -49.48 34.74
N GLY F 455 -37.23 -49.29 35.03
CA GLY F 455 -38.18 -48.93 34.03
C GLY F 455 -37.99 -47.49 33.58
N PRO F 456 -38.67 -47.08 32.49
CA PRO F 456 -39.57 -47.88 31.69
C PRO F 456 -38.90 -49.08 31.00
N PHE F 457 -39.74 -50.06 30.66
CA PHE F 457 -39.33 -51.29 30.01
C PHE F 457 -39.76 -51.22 28.55
N TYR F 458 -39.00 -51.89 27.67
CA TYR F 458 -39.26 -51.88 26.24
C TYR F 458 -39.26 -53.28 25.67
N ALA F 459 -40.04 -53.43 24.59
CA ALA F 459 -40.03 -54.61 23.75
C ALA F 459 -39.88 -54.20 22.27
N ALA F 460 -38.83 -54.72 21.64
CA ALA F 460 -38.52 -54.45 20.23
C ALA F 460 -38.75 -55.72 19.43
N ARG F 461 -39.43 -55.61 18.29
CA ARG F 461 -39.64 -56.76 17.43
C ARG F 461 -38.36 -57.10 16.68
N ILE F 462 -38.04 -58.39 16.71
CA ILE F 462 -36.87 -58.95 16.06
C ILE F 462 -37.34 -59.92 15.00
N VAL F 463 -36.82 -59.75 13.78
CA VAL F 463 -37.12 -60.65 12.67
C VAL F 463 -35.89 -61.41 12.20
N LEU F 464 -36.07 -62.31 11.22
CA LEU F 464 -34.99 -63.13 10.72
C LEU F 464 -34.41 -62.49 9.46
N SER F 465 -33.35 -61.71 9.66
CA SER F 465 -32.72 -60.99 8.59
C SER F 465 -31.62 -61.87 8.00
N ASP F 466 -30.86 -61.34 7.04
CA ASP F 466 -29.72 -62.03 6.44
C ASP F 466 -28.73 -61.02 5.92
N LEU F 467 -27.50 -61.48 5.75
CA LEU F 467 -26.39 -60.72 5.23
C LEU F 467 -26.05 -61.24 3.81
N GLY F 468 -27.08 -61.63 3.07
CA GLY F 468 -26.95 -62.35 1.83
C GLY F 468 -27.27 -63.83 2.03
N THR F 469 -27.71 -64.49 0.96
CA THR F 469 -27.92 -65.94 0.97
C THR F 469 -26.56 -66.57 0.59
N LYS F 470 -26.43 -67.89 0.76
CA LYS F 470 -25.19 -68.59 0.55
C LYS F 470 -25.33 -69.86 -0.28
N GLY F 471 -26.52 -70.05 -0.88
CA GLY F 471 -26.72 -71.13 -1.85
C GLY F 471 -26.49 -70.64 -3.25
N GLY F 472 -26.21 -71.56 -4.18
CA GLY F 472 -26.02 -71.13 -5.55
C GLY F 472 -25.36 -72.18 -6.40
N LEU F 473 -24.63 -71.71 -7.40
CA LEU F 473 -24.01 -72.61 -8.36
C LEU F 473 -22.92 -73.47 -7.69
N VAL F 474 -22.88 -74.76 -8.06
CA VAL F 474 -21.85 -75.67 -7.61
C VAL F 474 -20.58 -75.34 -8.33
N THR F 475 -19.47 -75.29 -7.59
CA THR F 475 -18.17 -74.95 -8.15
C THR F 475 -17.10 -75.87 -7.61
N ASP F 476 -15.96 -75.92 -8.32
CA ASP F 476 -14.80 -76.70 -7.84
C ASP F 476 -13.79 -75.77 -7.17
N VAL F 477 -12.61 -76.29 -6.84
CA VAL F 477 -11.62 -75.54 -6.10
C VAL F 477 -11.11 -74.32 -6.85
N ASN F 478 -11.36 -74.27 -8.15
CA ASN F 478 -10.92 -73.11 -8.95
C ASN F 478 -12.05 -72.22 -9.41
N GLY F 479 -13.21 -72.41 -8.78
CA GLY F 479 -14.36 -71.57 -9.07
C GLY F 479 -15.13 -71.94 -10.33
N ARG F 480 -14.79 -73.06 -10.97
CA ARG F 480 -15.50 -73.43 -12.20
C ARG F 480 -16.88 -73.92 -11.88
N VAL F 481 -17.85 -73.46 -12.64
CA VAL F 481 -19.23 -73.90 -12.44
C VAL F 481 -19.36 -75.31 -12.99
N LEU F 482 -19.96 -76.19 -12.18
CA LEU F 482 -20.15 -77.58 -12.54
C LEU F 482 -21.62 -77.91 -12.86
N ARG F 483 -21.78 -78.89 -13.75
CA ARG F 483 -23.09 -79.47 -14.07
C ARG F 483 -23.42 -80.52 -13.01
N ALA F 484 -24.62 -81.04 -13.11
CA ALA F 484 -25.10 -82.05 -12.18
C ALA F 484 -24.21 -83.29 -12.13
N ASP F 485 -23.54 -83.61 -13.23
CA ASP F 485 -22.63 -84.78 -13.25
C ASP F 485 -21.23 -84.43 -12.81
N GLY F 486 -20.97 -83.19 -12.46
CA GLY F 486 -19.66 -82.82 -11.88
C GLY F 486 -18.71 -82.30 -12.92
N SER F 487 -19.14 -82.30 -14.17
CA SER F 487 -18.30 -81.77 -15.25
C SER F 487 -18.34 -80.25 -15.25
N ALA F 488 -17.26 -79.63 -15.68
CA ALA F 488 -17.10 -78.18 -15.64
C ALA F 488 -17.59 -77.54 -16.89
N ILE F 489 -18.31 -76.43 -16.74
CA ILE F 489 -18.75 -75.66 -17.88
C ILE F 489 -17.63 -74.72 -18.27
N ASP F 490 -17.02 -75.00 -19.43
CA ASP F 490 -15.82 -74.27 -19.81
C ASP F 490 -16.13 -72.81 -19.95
N GLY F 491 -15.21 -72.01 -19.46
CA GLY F 491 -15.33 -70.55 -19.55
C GLY F 491 -16.17 -69.87 -18.48
N LEU F 492 -16.76 -70.65 -17.59
CA LEU F 492 -17.67 -70.10 -16.59
C LEU F 492 -17.22 -70.35 -15.16
N TYR F 493 -17.13 -69.24 -14.41
CA TYR F 493 -16.75 -69.29 -13.01
C TYR F 493 -17.74 -68.52 -12.12
N ALA F 494 -17.85 -68.97 -10.88
CA ALA F 494 -18.64 -68.26 -9.88
C ALA F 494 -17.92 -68.23 -8.51
N ALA F 495 -18.11 -67.14 -7.78
CA ALA F 495 -17.60 -66.99 -6.43
C ALA F 495 -18.47 -66.02 -5.63
N GLY F 496 -18.24 -65.98 -4.32
CA GLY F 496 -19.10 -65.23 -3.42
C GLY F 496 -20.47 -65.90 -3.41
N ASN F 497 -21.51 -65.13 -3.16
CA ASN F 497 -22.82 -65.71 -2.95
C ASN F 497 -23.56 -66.15 -4.21
N THR F 498 -22.98 -65.89 -5.37
CA THR F 498 -23.44 -66.52 -6.62
C THR F 498 -23.14 -68.03 -6.57
N SER F 499 -22.12 -68.41 -5.77
CA SER F 499 -21.74 -69.81 -5.58
C SER F 499 -22.28 -70.38 -4.26
N ALA F 500 -22.56 -71.68 -4.26
CA ALA F 500 -22.89 -72.39 -3.02
C ALA F 500 -21.67 -72.40 -2.11
N SER F 501 -21.83 -71.92 -0.88
CA SER F 501 -20.70 -71.77 0.02
C SER F 501 -20.15 -73.12 0.50
N LEU F 502 -18.82 -73.23 0.57
CA LEU F 502 -18.19 -74.40 1.19
C LEU F 502 -18.56 -74.56 2.67
N SER F 503 -18.99 -73.48 3.30
CA SER F 503 -19.35 -73.49 4.72
C SER F 503 -20.69 -74.13 5.08
N GLY F 504 -21.49 -74.53 4.09
CA GLY F 504 -22.72 -75.27 4.38
C GLY F 504 -23.61 -74.50 5.34
N ARG F 505 -23.99 -75.14 6.44
CA ARG F 505 -24.90 -74.56 7.42
C ARG F 505 -24.19 -73.80 8.55
N PHE F 506 -22.93 -73.43 8.35
CA PHE F 506 -22.10 -72.82 9.40
C PHE F 506 -21.51 -71.47 8.96
N TYR F 507 -21.41 -70.56 9.92
CA TYR F 507 -20.73 -69.28 9.77
C TYR F 507 -19.55 -69.34 10.77
N PRO F 508 -18.38 -69.85 10.33
CA PRO F 508 -17.31 -70.20 11.25
C PRO F 508 -16.72 -69.07 12.07
N GLY F 509 -16.62 -67.90 11.48
CA GLY F 509 -16.10 -66.77 12.17
C GLY F 509 -16.26 -65.53 11.34
N PRO F 510 -15.76 -64.41 11.85
CA PRO F 510 -15.94 -63.15 11.14
C PRO F 510 -15.18 -63.14 9.84
N GLY F 511 -15.82 -62.70 8.76
CA GLY F 511 -15.10 -62.56 7.51
C GLY F 511 -15.10 -63.76 6.59
N VAL F 512 -15.84 -64.81 6.92
CA VAL F 512 -15.92 -65.98 6.03
C VAL F 512 -16.62 -65.69 4.68
N PRO F 513 -17.72 -64.89 4.67
CA PRO F 513 -18.36 -64.58 3.39
C PRO F 513 -17.46 -63.82 2.41
N LEU F 514 -16.74 -62.81 2.92
CA LEU F 514 -15.79 -62.08 2.10
C LEU F 514 -14.53 -62.90 1.78
N GLY F 515 -14.05 -63.66 2.76
CA GLY F 515 -12.82 -64.43 2.57
C GLY F 515 -13.00 -65.49 1.50
N THR F 516 -14.09 -66.23 1.56
CA THR F 516 -14.34 -67.27 0.55
C THR F 516 -14.52 -66.63 -0.79
N ALA F 517 -15.23 -65.50 -0.82
CA ALA F 517 -15.47 -64.81 -2.09
C ALA F 517 -14.16 -64.44 -2.74
N MET F 518 -13.27 -63.88 -1.93
CA MET F 518 -12.02 -63.36 -2.40
C MET F 518 -11.07 -64.47 -2.84
N VAL F 519 -11.00 -65.56 -2.08
CA VAL F 519 -10.10 -66.66 -2.45
C VAL F 519 -10.54 -67.28 -3.76
N PHE F 520 -11.84 -67.59 -3.90
CA PHE F 520 -12.26 -68.26 -5.11
C PHE F 520 -12.35 -67.40 -6.35
N SER F 521 -12.54 -66.09 -6.17
CA SER F 521 -12.41 -65.19 -7.27
C SER F 521 -10.97 -65.13 -7.77
N TYR F 522 -10.02 -65.12 -6.83
CA TYR F 522 -8.59 -65.17 -7.18
C TYR F 522 -8.27 -66.46 -7.93
N ARG F 523 -8.70 -67.60 -7.39
CA ARG F 523 -8.40 -68.89 -8.00
C ARG F 523 -9.04 -69.01 -9.40
N ALA F 524 -10.26 -68.49 -9.57
CA ALA F 524 -10.86 -68.42 -10.90
C ALA F 524 -10.02 -67.65 -11.87
N ALA F 525 -9.57 -66.47 -11.47
CA ALA F 525 -8.75 -65.65 -12.33
C ALA F 525 -7.42 -66.33 -12.67
N GLN F 526 -6.84 -67.03 -11.69
CA GLN F 526 -5.60 -67.77 -11.92
C GLN F 526 -5.82 -68.92 -12.92
N ASP F 527 -6.94 -69.61 -12.79
CA ASP F 527 -7.32 -70.66 -13.74
C ASP F 527 -7.47 -70.12 -15.16
N MET F 528 -8.14 -68.99 -15.30
CA MET F 528 -8.30 -68.36 -16.60
C MET F 528 -6.99 -67.93 -17.22
N ALA F 529 -5.99 -67.66 -16.38
CA ALA F 529 -4.71 -67.18 -16.85
C ALA F 529 -3.81 -68.33 -17.35
N LYS F 530 -4.05 -69.57 -16.94
CA LYS F 530 -3.22 -70.72 -17.37
C LYS F 530 -2.95 -70.74 -18.88
N ASP G 23 21.44 -24.71 54.55
CA ASP G 23 21.31 -26.16 54.75
C ASP G 23 20.83 -26.86 53.50
N TRP G 24 19.51 -26.85 53.21
CA TRP G 24 18.99 -27.46 51.97
C TRP G 24 19.10 -26.53 50.79
N THR G 25 19.59 -27.03 49.65
CA THR G 25 19.72 -26.21 48.46
C THR G 25 18.41 -26.16 47.71
N SER G 26 17.72 -27.29 47.65
CA SER G 26 16.38 -27.32 47.12
C SER G 26 15.59 -28.45 47.75
N GLU G 27 14.31 -28.49 47.41
CA GLU G 27 13.39 -29.37 48.06
C GLU G 27 12.43 -29.91 47.03
N CYS G 28 12.02 -31.16 47.19
CA CYS G 28 10.98 -31.73 46.34
C CYS G 28 10.30 -32.81 47.14
N ASP G 29 9.20 -33.31 46.60
CA ASP G 29 8.53 -34.45 47.17
C ASP G 29 9.28 -35.75 46.89
N VAL G 30 9.62 -35.99 45.63
CA VAL G 30 10.20 -37.25 45.19
C VAL G 30 11.50 -36.97 44.48
N LEU G 31 12.61 -37.48 45.00
CA LEU G 31 13.90 -37.32 44.37
C LEU G 31 14.23 -38.61 43.67
N VAL G 32 14.48 -38.52 42.36
CA VAL G 32 14.79 -39.71 41.56
C VAL G 32 16.23 -39.63 41.12
N VAL G 33 16.98 -40.68 41.39
CA VAL G 33 18.38 -40.73 40.99
C VAL G 33 18.49 -41.70 39.83
N GLY G 34 19.01 -41.19 38.71
CA GLY G 34 19.06 -41.94 37.46
C GLY G 34 17.99 -41.48 36.47
N SER G 35 18.11 -41.92 35.20
CA SER G 35 17.19 -41.51 34.15
C SER G 35 16.97 -42.59 33.09
N GLY G 36 17.07 -43.85 33.48
CA GLY G 36 16.71 -44.97 32.62
C GLY G 36 15.18 -45.11 32.58
N GLY G 37 14.70 -46.16 31.95
CA GLY G 37 13.25 -46.39 31.81
C GLY G 37 12.52 -46.47 33.16
N GLY G 38 13.08 -47.24 34.11
CA GLY G 38 12.58 -47.27 35.49
C GLY G 38 12.51 -45.91 36.15
N ALA G 39 13.65 -45.23 36.28
CA ALA G 39 13.69 -43.90 36.88
C ALA G 39 12.63 -42.99 36.31
N LEU G 40 12.53 -42.92 34.98
CA LEU G 40 11.64 -41.94 34.38
C LEU G 40 10.18 -42.33 34.57
N THR G 41 9.92 -43.61 34.65
CA THR G 41 8.60 -44.12 34.90
C THR G 41 8.17 -43.77 36.35
N GLY G 42 9.11 -43.90 37.29
CA GLY G 42 8.91 -43.51 38.68
C GLY G 42 8.68 -42.01 38.80
N ALA G 43 9.54 -41.25 38.14
CA ALA G 43 9.37 -39.81 38.09
C ALA G 43 8.01 -39.41 37.52
N TYR G 44 7.59 -40.06 36.43
CA TYR G 44 6.32 -39.73 35.80
C TYR G 44 5.17 -40.03 36.74
N THR G 45 5.20 -41.22 37.32
CA THR G 45 4.16 -41.65 38.23
C THR G 45 3.95 -40.65 39.36
N ALA G 46 5.04 -40.15 39.92
CA ALA G 46 5.00 -39.18 41.00
C ALA G 46 4.50 -37.83 40.50
N ALA G 47 5.16 -37.32 39.48
CA ALA G 47 4.83 -36.00 38.97
C ALA G 47 3.40 -35.89 38.37
N ALA G 48 2.90 -36.97 37.78
CA ALA G 48 1.57 -36.93 37.15
C ALA G 48 0.43 -36.87 38.16
N GLN G 49 0.67 -37.30 39.41
CA GLN G 49 -0.31 -37.14 40.47
C GLN G 49 0.01 -35.96 41.40
N GLY G 50 0.79 -34.99 40.93
CA GLY G 50 0.97 -33.73 41.65
C GLY G 50 2.19 -33.62 42.55
N LEU G 51 2.99 -34.68 42.70
CA LEU G 51 4.17 -34.59 43.57
C LEU G 51 5.34 -33.94 42.83
N THR G 52 5.93 -32.92 43.42
CA THR G 52 7.09 -32.29 42.80
C THR G 52 8.25 -33.31 42.75
N THR G 53 8.91 -33.39 41.59
CA THR G 53 9.91 -34.40 41.32
C THR G 53 11.15 -33.81 40.73
N ILE G 54 12.29 -34.25 41.21
CA ILE G 54 13.59 -33.91 40.64
C ILE G 54 14.26 -35.18 40.19
N VAL G 55 14.70 -35.20 38.93
CA VAL G 55 15.44 -36.29 38.34
C VAL G 55 16.88 -35.89 38.19
N LEU G 56 17.76 -36.69 38.77
CA LEU G 56 19.22 -36.44 38.72
C LEU G 56 19.92 -37.44 37.85
N GLU G 57 20.49 -36.97 36.73
CA GLU G 57 21.28 -37.86 35.86
C GLU G 57 22.75 -37.46 35.97
N LYS G 58 23.59 -38.44 36.23
CA LYS G 58 25.04 -38.24 36.39
C LYS G 58 25.72 -37.66 35.18
N THR G 59 25.42 -38.20 34.00
CA THR G 59 26.13 -37.83 32.77
C THR G 59 25.45 -36.67 32.07
N ASP G 60 25.94 -36.30 30.91
CA ASP G 60 25.31 -35.19 30.15
C ASP G 60 24.12 -35.64 29.28
N ARG G 61 23.74 -36.93 29.34
CA ARG G 61 22.60 -37.45 28.62
C ARG G 61 21.70 -38.34 29.45
N PHE G 62 20.39 -38.27 29.16
CA PHE G 62 19.44 -39.10 29.86
C PHE G 62 19.35 -40.45 29.22
N GLY G 63 19.12 -41.49 30.02
CA GLY G 63 18.66 -42.76 29.52
C GLY G 63 19.48 -43.96 29.84
N GLY G 64 20.79 -43.77 30.03
CA GLY G 64 21.67 -44.88 30.33
C GLY G 64 21.65 -46.01 29.35
N THR G 65 21.78 -47.23 29.87
CA THR G 65 21.69 -48.41 29.10
C THR G 65 20.28 -48.58 28.49
N SER G 66 19.25 -48.07 29.19
CA SER G 66 17.88 -48.13 28.70
C SER G 66 17.82 -47.47 27.34
N ALA G 67 18.55 -46.39 27.15
CA ALA G 67 18.60 -45.71 25.85
C ALA G 67 19.22 -46.63 24.78
N TYR G 68 20.28 -47.35 25.14
CA TYR G 68 20.92 -48.31 24.24
C TYR G 68 20.02 -49.46 23.83
N SER G 69 19.03 -49.75 24.66
CA SER G 69 18.33 -51.00 24.55
C SER G 69 17.44 -51.05 23.31
N GLY G 70 16.91 -52.22 23.02
CA GLY G 70 15.90 -52.39 21.99
C GLY G 70 14.48 -52.01 22.47
N ALA G 71 14.35 -51.70 23.76
CA ALA G 71 13.10 -51.26 24.37
C ALA G 71 11.98 -52.26 24.24
N SER G 72 12.34 -53.52 24.19
CA SER G 72 11.38 -54.56 24.41
C SER G 72 11.09 -54.52 25.93
N ILE G 73 9.81 -54.62 26.31
CA ILE G 73 9.39 -54.51 27.73
C ILE G 73 8.45 -55.64 28.11
N TRP G 74 8.83 -56.44 29.10
CA TRP G 74 8.05 -57.60 29.47
C TRP G 74 7.05 -57.16 30.54
N LEU G 75 5.94 -56.66 30.04
CA LEU G 75 4.79 -56.21 30.85
C LEU G 75 3.58 -56.92 30.30
N PRO G 76 3.30 -58.14 30.81
CA PRO G 76 2.32 -59.01 30.21
C PRO G 76 0.89 -58.68 30.60
N GLY G 77 -0.04 -59.14 29.75
CA GLY G 77 -1.47 -59.12 30.06
C GLY G 77 -2.05 -57.75 30.16
N THR G 78 -1.58 -56.82 29.33
CA THR G 78 -2.02 -55.44 29.40
C THR G 78 -2.92 -55.13 28.20
N GLN G 79 -3.38 -53.90 28.16
CA GLN G 79 -4.19 -53.43 27.06
C GLN G 79 -3.47 -53.48 25.70
N VAL G 80 -2.13 -53.45 25.74
CA VAL G 80 -1.36 -53.41 24.53
C VAL G 80 -1.43 -54.74 23.83
N GLN G 81 -1.25 -55.84 24.55
CA GLN G 81 -1.38 -57.16 23.97
C GLN G 81 -2.83 -57.54 23.64
N GLU G 82 -3.78 -57.03 24.39
CA GLU G 82 -5.20 -57.18 24.02
C GLU G 82 -5.46 -56.60 22.64
N ARG G 83 -4.95 -55.41 22.35
CA ARG G 83 -5.12 -54.81 21.01
C ARG G 83 -4.65 -55.80 19.92
N ALA G 84 -3.60 -56.54 20.20
CA ALA G 84 -2.98 -57.39 19.19
C ALA G 84 -3.63 -58.77 19.18
N GLY G 85 -4.64 -58.99 20.01
CA GLY G 85 -5.35 -60.27 20.05
C GLY G 85 -4.50 -61.41 20.51
N LEU G 86 -3.52 -61.11 21.36
CA LEU G 86 -2.60 -62.11 21.80
C LEU G 86 -3.26 -63.02 22.84
N PRO G 87 -3.19 -64.33 22.64
CA PRO G 87 -3.78 -65.25 23.60
C PRO G 87 -2.87 -65.49 24.81
N ASP G 88 -2.97 -64.63 25.80
CA ASP G 88 -2.11 -64.66 26.96
C ASP G 88 -2.86 -63.98 28.09
N SER G 89 -2.34 -64.08 29.29
CA SER G 89 -2.94 -63.42 30.45
C SER G 89 -1.97 -63.30 31.60
N THR G 90 -2.35 -62.49 32.57
CA THR G 90 -1.63 -62.36 33.81
C THR G 90 -1.32 -63.72 34.42
N GLU G 91 -2.31 -64.60 34.47
CA GLU G 91 -2.06 -65.91 35.08
C GLU G 91 -1.08 -66.76 34.27
N ASN G 92 -1.14 -66.66 32.94
CA ASN G 92 -0.25 -67.46 32.10
C ASN G 92 1.22 -67.00 32.34
N ALA G 93 1.40 -65.69 32.45
CA ALA G 93 2.68 -65.08 32.72
C ALA G 93 3.19 -65.44 34.10
N ARG G 94 2.29 -65.39 35.09
CA ARG G 94 2.63 -65.82 36.44
C ARG G 94 3.10 -67.27 36.47
N THR G 95 2.41 -68.13 35.73
CA THR G 95 2.77 -69.55 35.64
C THR G 95 4.16 -69.74 35.04
N TYR G 96 4.51 -68.92 34.05
CA TYR G 96 5.83 -69.01 33.41
C TYR G 96 6.91 -68.64 34.41
N LEU G 97 6.77 -67.48 35.07
CA LEU G 97 7.77 -67.08 36.08
C LEU G 97 7.92 -68.13 37.18
N ARG G 98 6.81 -68.65 37.67
CA ARG G 98 6.85 -69.65 38.75
C ARG G 98 7.56 -70.90 38.27
N ALA G 99 7.31 -71.30 37.04
CA ALA G 99 7.93 -72.48 36.48
C ALA G 99 9.46 -72.33 36.36
N LEU G 100 9.94 -71.14 36.02
CA LEU G 100 11.37 -70.87 35.92
C LEU G 100 12.07 -70.57 37.24
N LEU G 101 11.44 -69.69 38.03
CA LEU G 101 12.07 -69.10 39.19
C LEU G 101 11.80 -69.87 40.48
N GLY G 102 10.76 -70.69 40.49
CA GLY G 102 10.31 -71.30 41.74
C GLY G 102 9.70 -70.27 42.67
N ASP G 103 9.71 -70.59 43.97
CA ASP G 103 9.06 -69.75 44.99
C ASP G 103 9.90 -68.62 45.50
N ALA G 104 11.19 -68.66 45.21
CA ALA G 104 12.07 -67.57 45.57
C ALA G 104 11.54 -66.28 44.93
N GLU G 105 11.20 -65.34 45.79
CA GLU G 105 10.72 -64.02 45.42
C GLU G 105 9.30 -64.06 44.84
N SER G 106 8.52 -65.05 45.23
CA SER G 106 7.19 -65.20 44.65
C SER G 106 6.31 -63.98 44.86
N GLU G 107 6.47 -63.28 45.98
CA GLU G 107 5.63 -62.11 46.22
C GLU G 107 5.97 -60.98 45.23
N ARG G 108 7.26 -60.83 44.93
CA ARG G 108 7.69 -59.85 43.95
C ARG G 108 7.32 -60.31 42.52
N GLN G 109 7.40 -61.61 42.23
CA GLN G 109 6.90 -62.15 40.97
C GLN G 109 5.43 -61.80 40.77
N ASP G 110 4.65 -61.97 41.84
CA ASP G 110 3.21 -61.62 41.80
C ASP G 110 3.02 -60.13 41.58
N ALA G 111 3.71 -59.28 42.32
CA ALA G 111 3.58 -57.83 42.15
C ALA G 111 3.95 -57.38 40.74
N TYR G 112 4.96 -58.06 40.16
CA TYR G 112 5.47 -57.70 38.85
C TYR G 112 4.37 -57.93 37.80
N VAL G 113 3.85 -59.15 37.73
CA VAL G 113 2.83 -59.44 36.72
C VAL G 113 1.49 -58.75 37.01
N GLU G 114 1.13 -58.61 38.29
CA GLU G 114 -0.16 -58.03 38.64
C GLU G 114 -0.20 -56.54 38.36
N THR G 115 0.95 -55.88 38.45
CA THR G 115 0.97 -54.41 38.32
C THR G 115 1.20 -53.94 36.88
N ALA G 116 1.66 -54.84 36.01
CA ALA G 116 2.00 -54.47 34.61
C ALA G 116 0.88 -53.73 33.90
N PRO G 117 -0.36 -54.24 33.99
CA PRO G 117 -1.46 -53.54 33.31
C PRO G 117 -1.67 -52.08 33.74
N ALA G 118 -1.57 -51.82 35.04
CA ALA G 118 -1.73 -50.46 35.54
C ALA G 118 -0.63 -49.55 35.08
N VAL G 119 0.61 -50.06 35.07
CA VAL G 119 1.72 -49.21 34.62
C VAL G 119 1.51 -48.82 33.15
N VAL G 120 1.19 -49.80 32.32
CA VAL G 120 0.95 -49.55 30.89
C VAL G 120 -0.22 -48.60 30.67
N ALA G 121 -1.31 -48.81 31.42
CA ALA G 121 -2.47 -47.92 31.32
C ALA G 121 -2.11 -46.48 31.68
N LEU G 122 -1.39 -46.29 32.78
CA LEU G 122 -1.00 -44.95 33.18
C LEU G 122 -0.15 -44.27 32.11
N LEU G 123 0.86 -45.01 31.63
CA LEU G 123 1.80 -44.43 30.70
C LEU G 123 1.10 -44.08 29.37
N GLU G 124 0.29 -45.01 28.85
CA GLU G 124 -0.41 -44.75 27.57
C GLU G 124 -1.48 -43.68 27.68
N GLN G 125 -1.84 -43.29 28.89
CA GLN G 125 -2.74 -42.15 29.05
C GLN G 125 -2.02 -40.86 28.72
N ASN G 126 -0.70 -40.84 28.75
CA ASN G 126 0.03 -39.64 28.36
C ASN G 126 0.12 -39.54 26.83
N PRO G 127 -0.09 -38.35 26.28
CA PRO G 127 -0.10 -38.21 24.80
C PRO G 127 1.24 -38.54 24.19
N ASN G 128 2.33 -38.49 24.95
CA ASN G 128 3.65 -38.76 24.40
C ASN G 128 4.03 -40.21 24.36
N ILE G 129 3.17 -41.10 24.88
CA ILE G 129 3.52 -42.49 25.00
C ILE G 129 2.52 -43.40 24.35
N GLU G 130 3.03 -44.32 23.53
CA GLU G 130 2.26 -45.44 23.02
C GLU G 130 3.19 -46.62 22.75
N PHE G 131 2.71 -47.83 22.99
CA PHE G 131 3.45 -49.06 22.77
C PHE G 131 2.71 -49.94 21.76
N GLU G 132 3.39 -50.98 21.29
CA GLU G 132 2.75 -52.07 20.57
C GLU G 132 3.41 -53.39 20.89
N PHE G 133 2.68 -54.48 20.75
CA PHE G 133 3.27 -55.82 20.82
C PHE G 133 4.24 -56.03 19.66
N ARG G 134 5.39 -56.65 19.94
CA ARG G 134 6.31 -57.07 18.87
C ARG G 134 6.79 -58.47 19.18
N ALA G 135 6.66 -59.33 18.19
CA ALA G 135 7.03 -60.72 18.36
C ALA G 135 8.52 -60.84 18.67
N PHE G 136 8.82 -61.68 19.65
CA PHE G 136 10.20 -62.02 20.03
C PHE G 136 9.98 -63.08 21.10
N PRO G 137 10.45 -64.31 20.86
CA PRO G 137 10.10 -65.40 21.80
C PRO G 137 10.63 -65.22 23.23
N ASP G 138 9.84 -65.67 24.20
CA ASP G 138 10.36 -65.95 25.53
C ASP G 138 11.49 -67.00 25.45
N TYR G 139 12.33 -67.03 26.50
CA TYR G 139 13.67 -67.63 26.38
C TYR G 139 13.81 -69.06 26.86
N TYR G 140 12.84 -69.56 27.60
CA TYR G 140 12.88 -70.93 28.10
C TYR G 140 11.64 -71.75 27.76
N LYS G 141 11.85 -73.04 27.54
CA LYS G 141 10.80 -73.99 27.34
C LYS G 141 10.19 -74.27 28.71
N ALA G 142 8.94 -73.89 28.92
CA ALA G 142 8.28 -74.05 30.22
C ALA G 142 6.82 -73.70 30.06
N GLU G 143 6.00 -74.17 30.99
CA GLU G 143 4.59 -73.87 31.00
C GLU G 143 4.43 -72.35 31.08
N GLY G 144 3.60 -71.79 30.21
CA GLY G 144 3.41 -70.34 30.16
C GLY G 144 4.27 -69.57 29.18
N ARG G 145 5.28 -70.22 28.59
CA ARG G 145 6.12 -69.59 27.56
C ARG G 145 5.25 -69.14 26.40
N MET G 146 5.52 -67.96 25.87
CA MET G 146 4.96 -67.56 24.60
C MET G 146 6.03 -67.75 23.52
N ASP G 147 5.77 -68.66 22.57
CA ASP G 147 6.76 -68.98 21.52
C ASP G 147 6.98 -67.81 20.58
N THR G 148 5.99 -66.94 20.47
CA THR G 148 6.07 -65.67 19.70
C THR G 148 6.35 -64.47 20.58
N GLY G 149 6.30 -64.65 21.89
CA GLY G 149 6.52 -63.58 22.86
C GLY G 149 5.25 -62.92 23.32
N ARG G 150 5.42 -62.02 24.30
CA ARG G 150 4.36 -61.17 24.84
C ARG G 150 4.86 -59.76 25.15
N SER G 151 6.03 -59.37 24.65
CA SER G 151 6.62 -58.11 25.04
C SER G 151 6.23 -57.01 24.12
N ILE G 152 6.39 -55.79 24.61
CA ILE G 152 5.90 -54.61 23.93
C ILE G 152 6.99 -53.58 23.80
N ASN G 153 6.81 -52.67 22.88
CA ASN G 153 7.84 -51.70 22.51
C ASN G 153 7.22 -50.36 22.30
N PRO G 154 7.93 -49.29 22.63
CA PRO G 154 7.43 -47.99 22.29
C PRO G 154 7.44 -47.74 20.77
N LEU G 155 6.45 -47.00 20.26
CA LEU G 155 6.46 -46.62 18.84
C LEU G 155 7.62 -45.71 18.49
N ASP G 156 8.09 -45.81 17.24
CA ASP G 156 9.16 -44.91 16.73
C ASP G 156 8.74 -43.51 16.99
N LEU G 157 9.69 -42.62 17.22
CA LEU G 157 9.39 -41.25 17.57
C LEU G 157 10.15 -40.31 16.69
N ASP G 158 9.45 -39.36 16.07
CA ASP G 158 10.11 -38.30 15.30
C ASP G 158 10.73 -37.34 16.28
N PRO G 159 12.05 -37.13 16.20
CA PRO G 159 12.72 -36.32 17.20
C PRO G 159 12.20 -34.89 17.26
N ALA G 160 11.70 -34.40 16.13
CA ALA G 160 11.07 -33.09 16.08
C ALA G 160 9.86 -32.98 17.00
N ASP G 161 9.26 -34.11 17.37
CA ASP G 161 8.04 -34.06 18.18
C ASP G 161 8.25 -33.88 19.68
N ILE G 162 9.51 -33.85 20.14
CA ILE G 162 9.77 -33.62 21.57
C ILE G 162 10.72 -32.47 21.76
N GLY G 163 10.91 -31.67 20.71
CA GLY G 163 11.64 -30.44 20.83
C GLY G 163 13.07 -30.63 21.26
N ASP G 164 13.48 -29.82 22.23
CA ASP G 164 14.86 -29.80 22.68
C ASP G 164 15.24 -31.07 23.49
N LEU G 165 14.26 -31.92 23.83
CA LEU G 165 14.55 -33.12 24.59
C LEU G 165 15.32 -34.18 23.78
N ALA G 166 15.18 -34.20 22.46
CA ALA G 166 15.79 -35.23 21.65
C ALA G 166 17.31 -35.23 21.81
N GLY G 167 17.89 -34.03 21.84
CA GLY G 167 19.31 -33.87 21.96
C GLY G 167 19.84 -34.18 23.35
N LYS G 168 18.95 -34.46 24.30
CA LYS G 168 19.37 -34.79 25.66
C LYS G 168 19.30 -36.29 25.89
N VAL G 169 18.81 -37.03 24.90
CA VAL G 169 18.72 -38.48 25.00
C VAL G 169 20.04 -39.08 24.55
N ARG G 170 20.51 -40.08 25.28
CA ARG G 170 21.75 -40.74 24.92
C ARG G 170 21.55 -41.45 23.59
N PRO G 171 22.53 -41.35 22.69
CA PRO G 171 22.38 -42.04 21.40
C PRO G 171 22.66 -43.51 21.45
N GLU G 172 22.23 -44.22 20.41
CA GLU G 172 22.46 -45.65 20.28
C GLU G 172 23.96 -45.98 20.30
N LEU G 173 24.27 -47.21 20.65
CA LEU G 173 25.67 -47.68 20.76
C LEU G 173 26.47 -47.45 19.50
N ASP G 174 25.83 -47.65 18.35
CA ASP G 174 26.50 -47.46 17.04
C ASP G 174 26.91 -46.03 16.79
N GLN G 175 26.37 -45.11 17.57
CA GLN G 175 26.80 -43.71 17.53
C GLN G 175 27.64 -43.33 18.75
N ASP G 176 27.24 -43.82 19.92
CA ASP G 176 27.70 -43.23 21.17
C ASP G 176 29.18 -43.58 21.40
N ARG G 177 29.63 -44.73 20.95
CA ARG G 177 31.02 -45.16 21.15
C ARG G 177 31.95 -44.79 19.99
N THR G 178 31.50 -43.96 19.07
CA THR G 178 32.30 -43.48 17.95
C THR G 178 32.21 -41.97 17.89
N GLY G 179 31.86 -41.35 19.00
CA GLY G 179 31.94 -39.88 19.07
C GLY G 179 30.87 -39.17 18.26
N GLN G 180 29.69 -39.77 18.24
CA GLN G 180 28.59 -39.28 17.43
C GLN G 180 27.33 -39.07 18.23
N ASP G 181 26.51 -38.17 17.76
CA ASP G 181 25.16 -37.98 18.26
C ASP G 181 24.17 -38.75 17.36
N HIS G 182 22.85 -38.53 17.54
CA HIS G 182 21.86 -39.34 16.83
C HIS G 182 22.02 -39.32 15.33
N ALA G 183 21.91 -40.47 14.72
CA ALA G 183 21.85 -40.58 13.27
C ALA G 183 20.49 -40.07 12.76
N PRO G 184 20.35 -39.85 11.44
CA PRO G 184 19.20 -39.13 10.90
C PRO G 184 17.80 -39.73 10.96
N GLY G 185 17.64 -41.01 11.16
CA GLY G 185 16.22 -41.45 11.17
C GLY G 185 15.32 -41.03 12.37
N PRO G 186 14.14 -41.64 12.50
CA PRO G 186 13.42 -41.54 13.75
C PRO G 186 14.19 -42.11 14.98
N MET G 187 13.76 -41.73 16.16
CA MET G 187 14.27 -42.33 17.42
C MET G 187 13.55 -43.62 17.59
N ILE G 188 14.30 -44.69 17.69
CA ILE G 188 13.70 -46.02 17.83
C ILE G 188 14.23 -46.71 19.08
N GLY G 189 13.65 -47.84 19.43
CA GLY G 189 14.12 -48.64 20.54
C GLY G 189 14.26 -47.79 21.79
N GLY G 190 15.39 -47.91 22.49
CA GLY G 190 15.59 -47.22 23.72
C GLY G 190 15.55 -45.74 23.56
N ARG G 191 15.90 -45.23 22.37
CA ARG G 191 15.87 -43.76 22.19
C ARG G 191 14.40 -43.27 22.17
N ALA G 192 13.52 -44.07 21.61
CA ALA G 192 12.10 -43.75 21.59
C ALA G 192 11.52 -43.90 23.00
N LEU G 193 11.91 -44.96 23.69
CA LEU G 193 11.45 -45.14 25.08
C LEU G 193 11.79 -43.93 25.95
N ILE G 194 13.06 -43.54 25.95
CA ILE G 194 13.53 -42.49 26.79
C ILE G 194 13.04 -41.12 26.31
N GLY G 195 13.02 -40.90 25.00
CA GLY G 195 12.48 -39.63 24.48
C GLY G 195 11.00 -39.41 24.85
N ARG G 196 10.22 -40.47 24.74
CA ARG G 196 8.80 -40.41 25.08
C ARG G 196 8.60 -40.26 26.61
N LEU G 197 9.32 -41.04 27.42
CA LEU G 197 9.27 -40.87 28.90
C LEU G 197 9.66 -39.46 29.35
N LEU G 198 10.71 -38.91 28.77
CA LEU G 198 11.14 -37.55 29.08
C LEU G 198 10.08 -36.54 28.77
N ALA G 199 9.49 -36.66 27.58
CA ALA G 199 8.44 -35.74 27.19
C ALA G 199 7.27 -35.84 28.18
N ALA G 200 6.89 -37.08 28.52
CA ALA G 200 5.79 -37.31 29.47
C ALA G 200 6.10 -36.64 30.81
N VAL G 201 7.31 -36.84 31.31
CA VAL G 201 7.72 -36.27 32.58
C VAL G 201 7.70 -34.75 32.53
N GLN G 202 8.28 -34.18 31.48
CA GLN G 202 8.26 -32.73 31.30
C GLN G 202 6.83 -32.14 31.22
N SER G 203 5.93 -32.86 30.55
CA SER G 203 4.58 -32.37 30.32
C SER G 203 3.80 -32.16 31.62
N THR G 204 4.16 -32.87 32.69
CA THR G 204 3.42 -32.77 33.94
C THR G 204 3.54 -31.37 34.53
N GLY G 205 4.61 -30.66 34.21
CA GLY G 205 4.86 -29.38 34.84
C GLY G 205 5.26 -29.52 36.31
N LYS G 206 5.49 -30.74 36.78
CA LYS G 206 5.85 -31.00 38.17
C LYS G 206 7.27 -31.54 38.36
N ALA G 207 8.07 -31.56 37.29
CA ALA G 207 9.32 -32.29 37.31
C ALA G 207 10.43 -31.44 36.80
N GLU G 208 11.57 -31.58 37.42
CA GLU G 208 12.77 -30.92 37.01
C GLU G 208 13.76 -32.02 36.61
N LEU G 209 14.25 -31.94 35.37
CA LEU G 209 15.15 -32.93 34.83
C LEU G 209 16.56 -32.36 34.83
N ARG G 210 17.49 -32.95 35.55
CA ARG G 210 18.86 -32.43 35.61
C ARG G 210 19.90 -33.39 35.10
N THR G 211 20.82 -32.88 34.30
CA THR G 211 21.98 -33.68 33.87
C THR G 211 23.21 -33.23 34.65
N GLU G 212 24.30 -33.97 34.51
CA GLU G 212 25.54 -33.71 35.23
C GLU G 212 25.30 -33.44 36.72
N SER G 213 24.42 -34.26 37.32
CA SER G 213 24.11 -34.17 38.74
C SER G 213 24.24 -35.56 39.32
N VAL G 214 25.24 -35.71 40.21
CA VAL G 214 25.69 -37.00 40.66
C VAL G 214 25.34 -37.20 42.14
N LEU G 215 24.53 -38.22 42.44
CA LEU G 215 24.34 -38.64 43.84
C LEU G 215 25.65 -39.05 44.44
N THR G 216 25.99 -38.48 45.59
CA THR G 216 27.19 -38.89 46.32
C THR G 216 26.84 -39.61 47.64
N SER G 217 25.90 -39.10 48.40
CA SER G 217 25.43 -39.85 49.56
C SER G 217 24.00 -39.49 49.93
N LEU G 218 23.36 -40.41 50.63
CA LEU G 218 22.03 -40.15 51.15
C LEU G 218 22.12 -39.40 52.49
N ILE G 219 21.11 -38.60 52.79
CA ILE G 219 21.05 -37.86 54.04
C ILE G 219 19.96 -38.47 54.91
N VAL G 220 20.35 -38.84 56.13
CA VAL G 220 19.49 -39.57 57.04
C VAL G 220 19.26 -38.72 58.30
N GLU G 221 18.00 -38.57 58.72
CA GLU G 221 17.67 -37.91 59.95
C GLU G 221 16.72 -38.76 60.72
N ASP G 222 17.09 -39.03 61.96
CA ASP G 222 16.32 -39.91 62.85
C ASP G 222 15.98 -41.23 62.17
N GLY G 223 16.95 -41.79 61.49
CA GLY G 223 16.76 -43.08 60.84
C GLY G 223 16.01 -43.09 59.51
N ARG G 224 15.57 -41.91 59.05
CA ARG G 224 14.83 -41.78 57.81
C ARG G 224 15.65 -41.11 56.73
N VAL G 225 15.64 -41.67 55.53
CA VAL G 225 16.29 -40.98 54.40
C VAL G 225 15.43 -39.77 54.01
N VAL G 226 15.99 -38.59 54.17
CA VAL G 226 15.22 -37.37 53.98
C VAL G 226 15.68 -36.53 52.77
N GLY G 227 16.70 -37.03 52.06
CA GLY G 227 17.27 -36.27 50.97
C GLY G 227 18.60 -36.85 50.57
N ALA G 228 19.35 -36.10 49.78
CA ALA G 228 20.61 -36.56 49.30
C ALA G 228 21.58 -35.44 49.06
N GLU G 229 22.85 -35.78 49.17
CA GLU G 229 23.90 -34.90 48.80
C GLU G 229 24.31 -35.20 47.34
N VAL G 230 24.53 -34.14 46.57
CA VAL G 230 24.64 -34.23 45.11
C VAL G 230 25.71 -33.28 44.61
N GLU G 231 26.57 -33.76 43.71
CA GLU G 231 27.53 -32.88 43.05
C GLU G 231 26.99 -32.45 41.69
N SER G 232 26.94 -31.14 41.47
CA SER G 232 26.85 -30.58 40.10
C SER G 232 27.50 -29.20 40.07
N GLY G 233 28.12 -28.89 38.93
CA GLY G 233 28.73 -27.59 38.72
C GLY G 233 29.95 -27.38 39.60
N GLY G 234 30.64 -28.47 39.97
CA GLY G 234 31.72 -28.41 40.95
C GLY G 234 31.25 -28.14 42.38
N GLU G 235 30.02 -27.68 42.57
CA GLU G 235 29.49 -27.43 43.90
C GLU G 235 28.68 -28.63 44.43
N THR G 236 28.66 -28.79 45.73
CA THR G 236 27.88 -29.85 46.31
C THR G 236 26.55 -29.30 46.83
N GLN G 237 25.47 -30.02 46.57
CA GLN G 237 24.15 -29.60 46.96
C GLN G 237 23.52 -30.59 47.89
N ARG G 238 22.49 -30.13 48.60
CA ARG G 238 21.70 -30.98 49.49
C ARG G 238 20.25 -30.80 49.11
N ILE G 239 19.63 -31.89 48.70
CA ILE G 239 18.30 -31.82 48.13
C ILE G 239 17.39 -32.61 49.02
N LYS G 240 16.35 -31.93 49.48
CA LYS G 240 15.40 -32.49 50.41
C LYS G 240 14.34 -33.23 49.64
N ALA G 241 14.03 -34.44 50.09
CA ALA G 241 12.98 -35.25 49.53
C ALA G 241 11.91 -35.54 50.58
N ASN G 242 10.79 -34.86 50.48
CA ASN G 242 9.76 -34.97 51.50
C ASN G 242 9.15 -36.36 51.57
N ARG G 243 8.85 -36.98 50.43
CA ARG G 243 8.25 -38.31 50.44
C ARG G 243 9.25 -39.43 50.29
N GLY G 244 10.33 -39.19 49.57
CA GLY G 244 11.33 -40.23 49.41
C GLY G 244 12.28 -40.06 48.26
N VAL G 245 13.25 -40.96 48.22
CA VAL G 245 14.27 -41.02 47.21
C VAL G 245 14.16 -42.36 46.50
N LEU G 246 13.97 -42.31 45.17
CA LEU G 246 14.01 -43.50 44.34
C LEU G 246 15.37 -43.57 43.67
N MET G 247 16.10 -44.64 43.95
CA MET G 247 17.39 -44.83 43.35
C MET G 247 17.29 -45.86 42.23
N ALA G 248 17.33 -45.38 41.00
CA ALA G 248 17.26 -46.27 39.84
C ALA G 248 18.38 -45.80 38.93
N ALA G 249 19.60 -46.01 39.43
CA ALA G 249 20.80 -45.47 38.85
C ALA G 249 21.71 -46.55 38.31
N GLY G 250 21.11 -47.68 37.95
CA GLY G 250 21.88 -48.79 37.36
C GLY G 250 22.63 -49.63 38.38
N GLY G 251 23.47 -50.52 37.86
CA GLY G 251 24.15 -51.55 38.63
C GLY G 251 25.62 -51.22 38.85
N ILE G 252 26.40 -52.27 39.09
CA ILE G 252 27.86 -52.16 39.33
C ILE G 252 28.70 -52.51 38.10
N GLU G 253 28.04 -52.63 36.95
CA GLU G 253 28.68 -53.14 35.76
C GLU G 253 29.96 -52.41 35.34
N GLY G 254 29.97 -51.10 35.50
CA GLY G 254 31.11 -50.29 35.16
C GLY G 254 32.19 -50.19 36.23
N ASN G 255 32.04 -50.93 37.34
CA ASN G 255 33.00 -50.83 38.47
C ASN G 255 33.72 -52.14 38.64
N ALA G 256 34.93 -52.22 38.07
CA ALA G 256 35.75 -53.44 38.15
C ALA G 256 36.04 -53.92 39.58
N GLU G 257 36.27 -52.97 40.47
CA GLU G 257 36.56 -53.28 41.90
C GLU G 257 35.35 -53.95 42.54
N MET G 258 34.16 -53.35 42.42
CA MET G 258 33.01 -53.95 43.04
C MET G 258 32.77 -55.31 42.45
N ARG G 259 32.93 -55.43 41.14
CA ARG G 259 32.64 -56.70 40.51
C ARG G 259 33.57 -57.79 40.99
N GLU G 260 34.86 -57.47 41.03
CA GLU G 260 35.86 -58.39 41.55
C GLU G 260 35.62 -58.76 43.02
N GLN G 261 35.29 -57.79 43.84
CA GLN G 261 34.87 -58.12 45.21
C GLN G 261 33.67 -59.04 45.26
N ALA G 262 32.65 -58.78 44.43
CA ALA G 262 31.44 -59.60 44.47
C ALA G 262 31.61 -60.95 43.81
N GLY G 263 32.66 -61.15 43.03
CA GLY G 263 32.80 -62.39 42.27
C GLY G 263 32.02 -62.40 40.95
N THR G 264 31.60 -61.22 40.47
CA THR G 264 30.85 -61.15 39.23
C THR G 264 31.74 -61.62 38.07
N PRO G 265 31.28 -62.58 37.27
CA PRO G 265 31.97 -62.85 35.99
C PRO G 265 31.86 -61.71 34.98
N GLY G 266 32.62 -61.83 33.91
CA GLY G 266 32.75 -60.76 32.94
C GLY G 266 33.67 -59.68 33.39
N LYS G 267 33.62 -58.53 32.74
CA LYS G 267 34.49 -57.43 33.03
C LYS G 267 33.78 -56.15 32.74
N ALA G 268 34.07 -55.13 33.51
CA ALA G 268 33.59 -53.81 33.21
C ALA G 268 33.86 -53.38 31.75
N ILE G 269 35.07 -53.63 31.24
CA ILE G 269 35.47 -53.16 29.90
C ILE G 269 34.60 -53.87 28.83
N TRP G 270 34.04 -55.05 29.15
CA TRP G 270 33.14 -55.75 28.27
C TRP G 270 31.66 -55.43 28.41
N SER G 271 31.28 -54.72 29.46
CA SER G 271 29.91 -54.34 29.68
C SER G 271 29.39 -53.39 28.58
N MET G 272 28.11 -53.55 28.24
CA MET G 272 27.48 -52.72 27.24
C MET G 272 26.86 -51.49 27.82
N GLY G 273 27.00 -51.29 29.13
CA GLY G 273 26.58 -50.01 29.74
C GLY G 273 27.39 -48.85 29.22
N PRO G 274 26.90 -47.61 29.35
CA PRO G 274 27.68 -46.49 28.85
C PRO G 274 28.95 -46.31 29.68
N PHE G 275 30.09 -46.15 29.01
CA PHE G 275 31.37 -46.21 29.69
C PHE G 275 31.39 -45.23 30.84
N GLY G 276 31.67 -45.72 32.04
CA GLY G 276 31.81 -44.84 33.19
C GLY G 276 30.53 -44.38 33.87
N ALA G 277 29.35 -44.75 33.37
CA ALA G 277 28.11 -44.29 33.96
C ALA G 277 27.69 -45.07 35.20
N ASN G 278 27.58 -46.37 35.07
CA ASN G 278 27.01 -47.21 36.13
C ASN G 278 28.13 -47.88 36.96
N THR G 279 28.59 -47.16 37.96
CA THR G 279 29.72 -47.59 38.75
C THR G 279 29.26 -47.97 40.19
N GLY G 280 27.99 -48.31 40.33
CA GLY G 280 27.47 -48.80 41.61
C GLY G 280 27.27 -47.75 42.70
N ASP G 281 27.21 -46.50 42.32
CA ASP G 281 27.13 -45.40 43.26
C ASP G 281 25.92 -45.46 44.17
N ALA G 282 24.75 -45.79 43.61
CA ALA G 282 23.54 -45.86 44.40
C ALA G 282 23.53 -47.09 45.29
N ILE G 283 24.06 -48.19 44.80
CA ILE G 283 24.17 -49.38 45.62
C ILE G 283 25.07 -49.09 46.84
N SER G 284 26.20 -48.44 46.60
CA SER G 284 27.10 -48.08 47.70
C SER G 284 26.44 -47.13 48.66
N ALA G 285 25.76 -46.12 48.14
CA ALA G 285 25.04 -45.18 49.02
C ALA G 285 24.01 -45.89 49.87
N GLY G 286 23.36 -46.89 49.32
CA GLY G 286 22.36 -47.68 50.02
C GLY G 286 22.99 -48.53 51.12
N ILE G 287 24.10 -49.18 50.80
CA ILE G 287 24.84 -49.98 51.76
C ILE G 287 25.25 -49.10 52.97
N ALA G 288 25.69 -47.89 52.68
CA ALA G 288 26.16 -46.97 53.66
C ALA G 288 25.10 -46.59 54.69
N VAL G 289 23.81 -46.65 54.33
CA VAL G 289 22.74 -46.36 55.30
C VAL G 289 22.07 -47.62 55.86
N GLY G 290 22.65 -48.79 55.59
CA GLY G 290 22.14 -50.05 56.15
C GLY G 290 21.44 -51.02 55.22
N GLY G 291 21.39 -50.69 53.93
CA GLY G 291 20.68 -51.54 52.99
C GLY G 291 21.40 -52.85 52.80
N ALA G 292 20.66 -53.94 52.81
CA ALA G 292 21.23 -55.23 52.46
C ALA G 292 21.36 -55.36 50.92
N THR G 293 22.18 -56.32 50.48
CA THR G 293 22.36 -56.57 49.05
C THR G 293 22.30 -58.04 48.80
N ALA G 294 22.08 -58.40 47.53
CA ALA G 294 21.95 -59.76 47.12
C ALA G 294 22.27 -59.88 45.64
N LEU G 295 22.66 -61.08 45.24
CA LEU G 295 22.90 -61.44 43.83
C LEU G 295 23.98 -60.63 43.17
N LEU G 296 24.95 -60.12 43.94
CA LEU G 296 25.97 -59.23 43.37
C LEU G 296 26.90 -59.93 42.40
N ASP G 297 26.97 -61.25 42.46
CA ASP G 297 27.76 -61.98 41.48
C ASP G 297 26.99 -62.28 40.16
N GLN G 298 25.77 -61.77 40.05
CA GLN G 298 24.92 -62.01 38.87
C GLN G 298 24.84 -60.84 37.94
N ALA G 299 24.67 -61.14 36.65
CA ALA G 299 24.46 -60.13 35.65
C ALA G 299 23.43 -60.57 34.59
N TRP G 300 23.04 -59.61 33.78
CA TRP G 300 22.32 -59.91 32.54
C TRP G 300 23.38 -60.16 31.52
N PHE G 301 23.69 -61.42 31.32
CA PHE G 301 24.86 -61.81 30.53
C PHE G 301 24.53 -61.91 29.04
N CYS G 302 25.59 -61.77 28.24
CA CYS G 302 25.51 -61.95 26.81
C CYS G 302 26.90 -62.23 26.27
N PRO G 303 26.98 -62.99 25.17
CA PRO G 303 28.27 -63.09 24.47
C PRO G 303 28.55 -61.75 23.84
N GLY G 304 29.83 -61.38 23.81
CA GLY G 304 30.24 -60.14 23.24
C GLY G 304 31.35 -60.37 22.21
N VAL G 305 31.28 -59.67 21.10
CA VAL G 305 32.30 -59.77 20.09
C VAL G 305 33.39 -58.80 20.50
N GLU G 306 34.57 -59.33 20.79
CA GLU G 306 35.65 -58.47 21.29
C GLU G 306 36.03 -57.44 20.26
N GLN G 307 36.20 -56.20 20.69
CA GLN G 307 36.49 -55.08 19.84
C GLN G 307 38.01 -54.76 19.87
N PRO G 308 38.51 -54.05 18.85
CA PRO G 308 39.91 -53.65 18.78
C PRO G 308 40.36 -52.93 20.02
N ASP G 309 39.49 -52.11 20.61
CA ASP G 309 39.89 -51.35 21.78
C ASP G 309 39.77 -52.11 23.10
N GLY G 310 39.48 -53.40 23.07
CA GLY G 310 39.30 -54.19 24.28
C GLY G 310 37.87 -54.27 24.80
N SER G 311 36.99 -53.41 24.31
CA SER G 311 35.53 -53.49 24.64
C SER G 311 34.83 -54.58 23.88
N ALA G 312 33.49 -54.62 23.99
CA ALA G 312 32.71 -55.69 23.39
C ALA G 312 31.51 -55.17 22.66
N ALA G 313 30.91 -56.05 21.86
CA ALA G 313 29.65 -55.76 21.18
C ALA G 313 28.69 -56.87 21.47
N PHE G 314 27.45 -56.51 21.79
CA PHE G 314 26.40 -57.47 22.06
C PHE G 314 26.22 -58.31 20.82
N MET G 315 26.30 -59.65 20.99
CA MET G 315 26.04 -60.58 19.93
C MET G 315 24.71 -61.25 20.16
N VAL G 316 23.77 -60.97 19.26
CA VAL G 316 22.41 -61.47 19.39
C VAL G 316 21.91 -61.97 18.01
N GLY G 317 21.00 -62.93 18.01
CA GLY G 317 20.42 -63.40 16.75
C GLY G 317 21.47 -64.13 15.91
N VAL G 318 22.13 -65.10 16.53
CA VAL G 318 23.06 -65.96 15.86
C VAL G 318 22.26 -66.73 14.79
N ARG G 319 22.83 -66.81 13.60
CA ARG G 319 22.18 -67.52 12.50
C ARG G 319 23.10 -68.45 11.70
N GLY G 320 24.31 -68.68 12.19
CA GLY G 320 25.29 -69.54 11.50
C GLY G 320 26.56 -69.69 12.34
N GLY G 321 27.57 -70.32 11.76
CA GLY G 321 28.83 -70.54 12.43
C GLY G 321 28.64 -71.54 13.56
N LEU G 322 29.74 -71.72 14.31
CA LEU G 322 29.75 -72.51 15.52
C LEU G 322 30.74 -71.85 16.44
N VAL G 323 30.76 -72.31 17.69
CA VAL G 323 31.64 -71.75 18.69
C VAL G 323 32.46 -72.84 19.31
N VAL G 324 33.75 -72.57 19.49
CA VAL G 324 34.61 -73.50 20.22
C VAL G 324 35.32 -72.84 21.41
N ASP G 325 35.62 -73.68 22.38
CA ASP G 325 36.50 -73.36 23.48
C ASP G 325 37.96 -73.39 23.01
N SER G 326 38.91 -73.13 23.91
CA SER G 326 40.31 -73.04 23.50
C SER G 326 40.87 -74.40 23.08
N ALA G 327 40.19 -75.48 23.45
CA ALA G 327 40.53 -76.81 22.99
C ALA G 327 39.97 -77.13 21.59
N GLY G 328 39.37 -76.16 20.92
CA GLY G 328 38.81 -76.38 19.57
C GLY G 328 37.53 -77.22 19.51
N GLU G 329 36.81 -77.34 20.64
CA GLU G 329 35.58 -78.12 20.69
C GLU G 329 34.33 -77.32 21.01
N ARG G 330 33.22 -77.74 20.41
CA ARG G 330 31.92 -77.19 20.72
C ARG G 330 31.56 -77.57 22.13
N TYR G 331 30.93 -76.65 22.85
CA TYR G 331 30.49 -76.95 24.21
C TYR G 331 29.09 -76.42 24.55
N LEU G 332 28.45 -75.70 23.62
CA LEU G 332 27.11 -75.18 23.86
C LEU G 332 26.32 -75.08 22.56
N ASN G 333 25.00 -74.95 22.71
CA ASN G 333 24.13 -74.53 21.63
C ASN G 333 24.28 -73.03 21.36
N GLU G 334 24.86 -72.72 20.24
CA GLU G 334 25.23 -71.34 19.90
C GLU G 334 24.05 -70.43 19.65
N SER G 335 22.88 -71.04 19.45
CA SER G 335 21.63 -70.32 19.21
C SER G 335 20.91 -69.96 20.50
N LEU G 336 21.45 -70.34 21.66
CA LEU G 336 20.82 -70.03 22.93
C LEU G 336 20.55 -68.55 23.12
N PRO G 337 19.45 -68.22 23.83
CA PRO G 337 19.30 -66.86 24.28
C PRO G 337 20.55 -66.38 25.02
N TYR G 338 20.85 -65.11 24.83
CA TYR G 338 22.18 -64.55 25.17
C TYR G 338 22.59 -64.80 26.61
N ASP G 339 21.64 -64.74 27.55
CA ASP G 339 21.99 -64.92 28.97
C ASP G 339 22.35 -66.38 29.24
N GLN G 340 21.65 -67.29 28.59
CA GLN G 340 22.00 -68.70 28.69
C GLN G 340 23.32 -69.02 28.00
N PHE G 341 23.58 -68.34 26.89
CA PHE G 341 24.85 -68.51 26.14
C PHE G 341 25.99 -68.08 27.10
N GLY G 342 25.88 -66.87 27.63
CA GLY G 342 26.85 -66.33 28.55
C GLY G 342 27.09 -67.23 29.76
N ARG G 343 26.02 -67.68 30.38
CA ARG G 343 26.15 -68.53 31.53
C ARG G 343 26.83 -69.86 31.19
N ALA G 344 26.61 -70.37 29.98
CA ALA G 344 27.30 -71.57 29.55
C ALA G 344 28.80 -71.31 29.33
N MET G 345 29.17 -70.12 28.89
CA MET G 345 30.58 -69.75 28.78
C MET G 345 31.23 -69.79 30.17
N ASP G 346 30.60 -69.11 31.10
CA ASP G 346 31.11 -69.05 32.47
C ASP G 346 31.21 -70.42 33.11
N ALA G 347 30.20 -71.25 32.93
CA ALA G 347 30.25 -72.59 33.50
C ALA G 347 31.36 -73.42 32.92
N HIS G 348 31.68 -73.22 31.64
CA HIS G 348 32.67 -74.06 30.97
C HIS G 348 34.05 -73.56 31.26
N ASP G 349 34.17 -72.30 31.69
CA ASP G 349 35.44 -71.66 31.70
C ASP G 349 36.33 -72.21 32.81
N ASP G 350 37.57 -72.53 32.44
CA ASP G 350 38.57 -72.92 33.42
C ASP G 350 39.82 -72.09 33.17
N ASN G 351 39.96 -71.03 33.94
CA ASN G 351 41.09 -70.13 33.85
C ASN G 351 41.32 -69.66 32.42
N GLY G 352 40.21 -69.32 31.74
CA GLY G 352 40.28 -68.76 30.38
C GLY G 352 40.09 -69.70 29.20
N SER G 353 39.76 -70.94 29.45
CA SER G 353 39.51 -71.91 28.37
C SER G 353 38.23 -71.63 27.56
N ALA G 354 37.28 -70.89 28.16
CA ALA G 354 36.04 -70.54 27.43
C ALA G 354 35.81 -69.05 27.33
N VAL G 355 36.66 -68.25 28.00
CA VAL G 355 36.58 -66.80 27.92
C VAL G 355 37.97 -66.26 27.65
N PRO G 356 38.28 -65.95 26.39
CA PRO G 356 37.46 -66.01 25.19
C PRO G 356 37.07 -67.39 24.64
N SER G 357 35.94 -67.43 23.92
CA SER G 357 35.65 -68.51 23.01
C SER G 357 35.83 -67.97 21.59
N PHE G 358 35.75 -68.87 20.62
CA PHE G 358 36.01 -68.50 19.25
C PHE G 358 34.85 -68.88 18.37
N MET G 359 34.28 -67.87 17.74
CA MET G 359 33.22 -68.13 16.76
C MET G 359 33.86 -68.34 15.37
N ILE G 360 33.59 -69.51 14.82
CA ILE G 360 34.14 -69.98 13.57
C ILE G 360 33.08 -69.86 12.52
N PHE G 361 33.42 -69.18 11.43
CA PHE G 361 32.49 -69.05 10.32
C PHE G 361 33.21 -68.97 8.99
N ASP G 362 32.45 -69.11 7.92
CA ASP G 362 33.06 -69.07 6.59
C ASP G 362 32.66 -67.82 5.88
N SER G 363 32.86 -67.79 4.57
CA SER G 363 32.62 -66.57 3.78
C SER G 363 31.21 -66.53 3.17
N ARG G 364 30.31 -67.37 3.65
CA ARG G 364 28.91 -67.31 3.18
C ARG G 364 28.33 -65.89 3.17
N GLU G 365 28.62 -65.07 4.17
CA GLU G 365 28.13 -63.71 4.18
C GLU G 365 29.19 -62.71 3.80
N GLY G 366 30.08 -63.10 2.89
CA GLY G 366 31.09 -62.21 2.40
C GLY G 366 32.09 -61.74 3.45
N GLY G 367 32.29 -62.51 4.50
CA GLY G 367 33.22 -62.09 5.56
C GLY G 367 32.54 -61.55 6.80
N GLY G 368 31.24 -61.28 6.69
CA GLY G 368 30.43 -60.90 7.83
C GLY G 368 30.25 -62.04 8.80
N LEU G 369 30.15 -61.69 10.08
CA LEU G 369 29.84 -62.67 11.11
C LEU G 369 28.33 -62.95 11.10
N PRO G 370 27.91 -64.22 11.20
CA PRO G 370 26.50 -64.51 11.07
C PRO G 370 25.71 -64.33 12.40
N ALA G 371 25.53 -63.07 12.77
CA ALA G 371 24.80 -62.66 13.93
C ALA G 371 24.67 -61.16 13.87
N ILE G 372 23.83 -60.61 14.76
CA ILE G 372 23.70 -59.15 14.90
C ILE G 372 24.68 -58.72 16.02
N CYS G 373 25.52 -57.77 15.72
CA CYS G 373 26.54 -57.29 16.61
C CYS G 373 26.27 -55.83 16.85
N ILE G 374 26.18 -55.44 18.14
CA ILE G 374 25.87 -54.06 18.49
C ILE G 374 26.89 -53.50 19.48
N PRO G 375 27.69 -52.50 19.07
CA PRO G 375 27.78 -51.87 17.73
C PRO G 375 28.44 -52.75 16.66
N ASN G 376 28.25 -52.35 15.40
CA ASN G 376 28.51 -53.24 14.24
C ASN G 376 29.79 -52.86 13.54
N THR G 377 30.91 -53.16 14.17
CA THR G 377 32.22 -52.85 13.67
C THR G 377 32.50 -53.64 12.40
N ALA G 378 32.99 -52.97 11.38
CA ALA G 378 33.33 -53.68 10.11
C ALA G 378 34.37 -54.77 10.28
N PRO G 379 34.17 -55.91 9.62
CA PRO G 379 35.15 -57.00 9.62
C PRO G 379 36.58 -56.52 9.41
N ALA G 380 36.80 -55.55 8.52
CA ALA G 380 38.16 -55.12 8.21
C ALA G 380 38.89 -54.56 9.44
N LYS G 381 38.16 -53.89 10.32
CA LYS G 381 38.76 -53.31 11.51
C LYS G 381 39.14 -54.38 12.50
N HIS G 382 38.29 -55.38 12.61
CA HIS G 382 38.61 -56.54 13.41
C HIS G 382 39.84 -57.28 12.89
N LEU G 383 39.92 -57.46 11.57
CA LEU G 383 41.02 -58.23 10.98
C LEU G 383 42.37 -57.47 11.10
N GLU G 384 42.31 -56.15 10.90
CA GLU G 384 43.42 -55.25 11.11
C GLU G 384 43.94 -55.29 12.57
N ALA G 385 43.03 -55.30 13.54
CA ALA G 385 43.40 -55.32 14.96
C ALA G 385 43.74 -56.71 15.44
N GLY G 386 43.27 -57.74 14.76
CA GLY G 386 43.53 -59.11 15.23
C GLY G 386 42.52 -59.68 16.20
N THR G 387 41.44 -58.97 16.47
CA THR G 387 40.30 -59.61 17.16
C THR G 387 39.67 -60.74 16.37
N TRP G 388 39.65 -60.58 15.05
CA TRP G 388 39.32 -61.68 14.16
C TRP G 388 40.55 -62.03 13.38
N VAL G 389 40.65 -63.32 13.05
CA VAL G 389 41.64 -63.79 12.11
C VAL G 389 40.97 -64.57 11.00
N GLY G 390 41.55 -64.45 9.81
CA GLY G 390 41.09 -65.19 8.64
C GLY G 390 42.19 -66.08 8.09
N ALA G 391 41.80 -67.15 7.45
CA ALA G 391 42.73 -68.05 6.81
C ALA G 391 42.04 -68.87 5.71
N ASP G 392 42.81 -69.35 4.73
CA ASP G 392 42.28 -70.15 3.63
C ASP G 392 42.00 -71.56 4.05
N THR G 393 42.65 -72.03 5.11
CA THR G 393 42.31 -73.34 5.65
C THR G 393 42.07 -73.31 7.16
N LEU G 394 41.44 -74.37 7.67
CA LEU G 394 41.23 -74.53 9.08
C LEU G 394 42.52 -74.78 9.86
N GLU G 395 43.51 -75.41 9.23
CA GLU G 395 44.81 -75.69 9.88
C GLU G 395 45.51 -74.39 10.18
N GLU G 396 45.53 -73.51 9.19
CA GLU G 396 46.08 -72.20 9.38
C GLU G 396 45.28 -71.36 10.37
N LEU G 397 43.96 -71.43 10.32
CA LEU G 397 43.12 -70.69 11.26
C LEU G 397 43.47 -71.09 12.68
N ALA G 398 43.65 -72.38 12.89
CA ALA G 398 43.98 -72.92 14.18
C ALA G 398 45.31 -72.35 14.69
N ALA G 399 46.31 -72.29 13.81
CA ALA G 399 47.62 -71.79 14.16
C ALA G 399 47.51 -70.36 14.62
N LYS G 400 46.73 -69.58 13.89
CA LYS G 400 46.61 -68.16 14.18
C LYS G 400 45.82 -67.85 15.44
N THR G 401 45.06 -68.83 15.94
CA THR G 401 44.19 -68.60 17.09
C THR G 401 44.66 -69.35 18.30
N GLY G 402 45.62 -70.25 18.13
CA GLY G 402 46.01 -71.08 19.26
C GLY G 402 45.10 -72.24 19.52
N LEU G 403 44.24 -72.57 18.57
CA LEU G 403 43.42 -73.79 18.65
C LEU G 403 44.15 -74.99 18.09
N PRO G 404 43.89 -76.20 18.61
CA PRO G 404 44.49 -77.37 18.03
C PRO G 404 43.89 -77.65 16.65
N ALA G 405 44.74 -77.86 15.66
CA ALA G 405 44.29 -77.97 14.28
C ALA G 405 43.44 -79.20 14.06
N ASP G 406 43.86 -80.32 14.62
CA ASP G 406 43.09 -81.53 14.43
C ASP G 406 41.69 -81.46 15.08
N ALA G 407 41.64 -80.96 16.30
CA ALA G 407 40.37 -80.80 17.00
C ALA G 407 39.45 -79.85 16.22
N LEU G 408 39.99 -78.71 15.76
CA LEU G 408 39.19 -77.75 15.05
C LEU G 408 38.60 -78.37 13.79
N ARG G 409 39.45 -78.99 12.98
CA ARG G 409 39.02 -79.64 11.74
C ARG G 409 37.94 -80.67 12.03
N SER G 410 38.18 -81.46 13.04
CA SER G 410 37.29 -82.52 13.40
C SER G 410 35.92 -81.98 13.91
N THR G 411 35.98 -80.93 14.70
CA THR G 411 34.79 -80.21 15.16
C THR G 411 33.94 -79.68 14.00
N VAL G 412 34.57 -79.03 13.02
CA VAL G 412 33.87 -78.51 11.88
C VAL G 412 33.27 -79.62 11.01
N GLU G 413 34.02 -80.69 10.78
CA GLU G 413 33.50 -81.83 10.00
C GLU G 413 32.26 -82.43 10.65
N LYS G 414 32.33 -82.63 11.97
CA LYS G 414 31.22 -83.19 12.71
C LYS G 414 30.00 -82.26 12.65
N PHE G 415 30.22 -80.97 12.83
CA PHE G 415 29.13 -80.02 12.74
C PHE G 415 28.54 -80.03 11.34
N ASN G 416 29.39 -80.04 10.32
CA ASN G 416 28.90 -80.09 8.95
C ASN G 416 28.09 -81.35 8.64
N ASP G 417 28.45 -82.49 9.22
CA ASP G 417 27.61 -83.70 9.15
C ASP G 417 26.24 -83.49 9.83
N ALA G 418 26.24 -82.87 11.01
CA ALA G 418 24.97 -82.49 11.65
C ALA G 418 24.13 -81.60 10.72
N ALA G 419 24.76 -80.59 10.11
CA ALA G 419 24.01 -79.68 9.25
C ALA G 419 23.39 -80.44 8.08
N LYS G 420 24.13 -81.39 7.52
CA LYS G 420 23.65 -82.25 6.44
C LYS G 420 22.41 -83.00 6.88
N LEU G 421 22.47 -83.67 8.03
CA LEU G 421 21.31 -84.39 8.58
C LEU G 421 20.21 -83.49 9.08
N GLY G 422 20.53 -82.26 9.43
CA GLY G 422 19.57 -81.31 9.99
C GLY G 422 19.31 -81.53 11.45
N VAL G 423 20.20 -82.26 12.14
CA VAL G 423 20.06 -82.50 13.54
C VAL G 423 21.42 -82.37 14.22
N ASP G 424 21.45 -81.63 15.33
CA ASP G 424 22.63 -81.49 16.17
C ASP G 424 22.36 -82.35 17.39
N GLU G 425 22.81 -83.61 17.36
CA GLU G 425 22.59 -84.51 18.48
C GLU G 425 23.39 -84.08 19.70
N GLU G 426 24.49 -83.37 19.51
CA GLU G 426 25.37 -83.06 20.64
C GLU G 426 24.79 -81.94 21.51
N PHE G 427 24.41 -80.83 20.91
CA PHE G 427 23.89 -79.70 21.71
C PHE G 427 22.46 -79.27 21.33
N HIS G 428 21.81 -80.01 20.44
CA HIS G 428 20.38 -79.79 20.11
C HIS G 428 20.06 -78.43 19.58
N ARG G 429 21.03 -77.79 18.93
CA ARG G 429 20.79 -76.50 18.27
C ARG G 429 19.70 -76.67 17.18
N GLY G 430 18.84 -75.68 17.07
CA GLY G 430 17.78 -75.69 16.08
C GLY G 430 16.56 -76.53 16.44
N GLU G 431 16.25 -76.64 17.74
CA GLU G 431 15.13 -77.41 18.24
C GLU G 431 14.32 -76.55 19.23
N ASP G 432 14.11 -75.28 18.89
CA ASP G 432 13.50 -74.35 19.81
C ASP G 432 13.12 -73.12 18.99
N PRO G 433 11.96 -72.53 19.30
CA PRO G 433 11.51 -71.37 18.53
C PRO G 433 12.45 -70.18 18.56
N TYR G 434 13.20 -70.03 19.66
CA TYR G 434 14.18 -68.97 19.71
C TYR G 434 15.29 -69.21 18.65
N ASP G 435 15.79 -70.43 18.56
CA ASP G 435 16.86 -70.76 17.59
C ASP G 435 16.41 -70.44 16.16
N ALA G 436 15.15 -70.77 15.87
CA ALA G 436 14.60 -70.65 14.50
C ALA G 436 14.28 -69.23 14.13
N PHE G 437 13.95 -68.44 15.16
CA PHE G 437 13.46 -67.10 14.95
C PHE G 437 14.37 -66.23 14.10
N PHE G 438 15.69 -66.40 14.20
CA PHE G 438 16.65 -65.49 13.53
C PHE G 438 17.21 -65.96 12.19
N CYS G 439 16.83 -67.16 11.78
CA CYS G 439 17.35 -67.80 10.59
C CYS G 439 16.28 -67.83 9.40
N PRO G 440 16.66 -67.36 8.19
CA PRO G 440 15.65 -67.35 7.11
C PRO G 440 15.30 -68.73 6.52
N GLY G 444 18.36 -75.76 3.69
CA GLY G 444 18.78 -77.09 4.17
C GLY G 444 17.78 -77.63 5.17
N ALA G 445 18.08 -78.81 5.73
CA ALA G 445 17.10 -79.51 6.59
C ALA G 445 16.75 -78.71 7.84
N ASN G 446 17.74 -78.05 8.42
CA ASN G 446 17.52 -77.21 9.59
C ASN G 446 18.13 -75.83 9.35
N ALA G 447 17.27 -74.82 9.38
CA ALA G 447 17.69 -73.44 9.10
C ALA G 447 18.76 -72.94 10.08
N ALA G 448 18.81 -73.50 11.28
CA ALA G 448 19.80 -73.05 12.29
C ALA G 448 21.18 -73.71 12.13
N LEU G 449 21.27 -74.74 11.29
CA LEU G 449 22.49 -75.52 11.10
C LEU G 449 22.96 -75.39 9.66
N THR G 450 24.02 -74.64 9.46
CA THR G 450 24.57 -74.39 8.13
C THR G 450 26.06 -74.74 8.06
N ALA G 451 26.45 -75.50 7.05
CA ALA G 451 27.79 -76.04 6.97
C ALA G 451 28.80 -74.93 6.80
N ILE G 452 29.93 -75.14 7.44
CA ILE G 452 31.01 -74.16 7.38
C ILE G 452 32.03 -74.73 6.42
N GLU G 453 32.10 -74.18 5.23
CA GLU G 453 32.79 -74.89 4.14
C GLU G 453 33.28 -74.04 2.98
N ASN G 454 32.87 -72.79 2.86
CA ASN G 454 33.33 -71.93 1.79
C ASN G 454 34.28 -70.88 2.26
N GLY G 455 35.57 -71.14 2.08
CA GLY G 455 36.63 -70.30 2.62
C GLY G 455 36.70 -68.99 1.87
N PRO G 456 37.47 -68.03 2.39
CA PRO G 456 38.24 -68.11 3.64
C PRO G 456 37.36 -68.32 4.88
N PHE G 457 38.00 -68.86 5.91
CA PHE G 457 37.39 -69.12 7.19
C PHE G 457 37.87 -68.08 8.20
N TYR G 458 37.00 -67.78 9.17
CA TYR G 458 37.28 -66.76 10.17
C TYR G 458 37.01 -67.28 11.59
N ALA G 459 37.76 -66.71 12.54
CA ALA G 459 37.55 -66.91 13.96
C ALA G 459 37.49 -65.54 14.60
N ALA G 460 36.39 -65.29 15.31
CA ALA G 460 36.19 -64.07 16.06
C ALA G 460 36.22 -64.40 17.55
N ARG G 461 36.92 -63.57 18.32
CA ARG G 461 36.99 -63.79 19.75
C ARG G 461 35.67 -63.32 20.38
N ILE G 462 35.09 -64.20 21.17
CA ILE G 462 33.88 -63.95 21.89
C ILE G 462 34.22 -63.92 23.41
N VAL G 463 33.82 -62.83 24.04
CA VAL G 463 33.99 -62.66 25.47
C VAL G 463 32.62 -62.66 26.24
N LEU G 464 32.68 -62.58 27.57
CA LEU G 464 31.47 -62.63 28.40
C LEU G 464 31.07 -61.23 28.75
N SER G 465 30.20 -60.68 27.92
CA SER G 465 29.77 -59.32 28.07
C SER G 465 28.55 -59.31 29.00
N ASP G 466 27.96 -58.14 29.18
CA ASP G 466 26.71 -58.02 29.94
C ASP G 466 25.92 -56.83 29.45
N LEU G 467 24.64 -56.83 29.79
CA LEU G 467 23.72 -55.74 29.51
C LEU G 467 23.34 -55.07 30.86
N GLY G 468 24.33 -54.97 31.74
CA GLY G 468 24.14 -54.51 33.10
C GLY G 468 24.20 -55.70 34.05
N THR G 469 24.58 -55.45 35.29
CA THR G 469 24.52 -56.45 36.34
C THR G 469 23.09 -56.42 36.92
N LYS G 470 22.76 -57.43 37.71
CA LYS G 470 21.39 -57.55 38.26
C LYS G 470 21.38 -57.83 39.78
N GLY G 471 22.55 -57.69 40.44
CA GLY G 471 22.59 -57.72 41.91
C GLY G 471 22.56 -56.34 42.50
N GLY G 472 22.13 -56.24 43.76
CA GLY G 472 22.07 -54.92 44.38
C GLY G 472 21.29 -54.92 45.67
N LEU G 473 20.66 -53.79 45.94
CA LEU G 473 19.91 -53.62 47.18
C LEU G 473 18.70 -54.51 47.22
N VAL G 474 18.48 -55.14 48.37
CA VAL G 474 17.26 -55.91 48.61
C VAL G 474 16.09 -54.97 48.74
N THR G 475 14.95 -55.33 48.12
CA THR G 475 13.75 -54.50 48.15
C THR G 475 12.52 -55.33 48.31
N ASP G 476 11.43 -54.69 48.73
CA ASP G 476 10.14 -55.38 48.84
C ASP G 476 9.27 -55.08 47.62
N VAL G 477 8.00 -55.48 47.67
CA VAL G 477 7.11 -55.35 46.55
C VAL G 477 6.84 -53.92 46.15
N ASN G 478 7.16 -52.97 47.01
CA ASN G 478 6.96 -51.57 46.69
C ASN G 478 8.24 -50.81 46.49
N GLY G 479 9.32 -51.55 46.30
CA GLY G 479 10.61 -50.93 46.00
C GLY G 479 11.37 -50.42 47.19
N ARG G 480 10.85 -50.66 48.41
CA ARG G 480 11.56 -50.13 49.59
C ARG G 480 12.82 -50.90 49.83
N VAL G 481 13.88 -50.19 50.13
CA VAL G 481 15.16 -50.83 50.44
C VAL G 481 15.12 -51.41 51.86
N LEU G 482 15.50 -52.68 51.96
CA LEU G 482 15.45 -53.41 53.21
C LEU G 482 16.84 -53.62 53.80
N ARG G 483 16.86 -53.71 55.13
CA ARG G 483 18.05 -54.07 55.88
C ARG G 483 18.14 -55.57 55.92
N ALA G 484 19.23 -56.06 56.49
CA ALA G 484 19.47 -57.50 56.61
C ALA G 484 18.38 -58.24 57.33
N ASP G 485 17.68 -57.58 58.25
CA ASP G 485 16.60 -58.25 58.99
C ASP G 485 15.27 -58.15 58.29
N GLY G 486 15.24 -57.48 57.14
CA GLY G 486 14.00 -57.39 56.37
C GLY G 486 13.22 -56.12 56.61
N SER G 487 13.69 -55.27 57.52
CA SER G 487 12.99 -54.05 57.85
C SER G 487 13.30 -53.01 56.78
N ALA G 488 12.35 -52.14 56.52
CA ALA G 488 12.45 -51.13 55.48
C ALA G 488 13.08 -49.85 55.96
N ILE G 489 13.98 -49.31 55.16
CA ILE G 489 14.61 -48.07 55.46
C ILE G 489 13.68 -46.99 54.97
N ASP G 490 13.11 -46.25 55.93
CA ASP G 490 12.12 -45.28 55.65
C ASP G 490 12.64 -44.24 54.68
N GLY G 491 11.84 -43.90 53.66
CA GLY G 491 12.21 -42.86 52.68
C GLY G 491 13.09 -43.31 51.51
N LEU G 492 13.48 -44.58 51.49
CA LEU G 492 14.44 -45.07 50.49
C LEU G 492 13.92 -46.19 49.63
N TYR G 493 13.99 -45.96 48.31
CA TYR G 493 13.54 -46.93 47.32
C TYR G 493 14.58 -47.18 46.25
N ALA G 494 14.54 -48.38 45.69
CA ALA G 494 15.40 -48.77 44.59
C ALA G 494 14.67 -49.64 43.59
N ALA G 495 15.06 -49.48 42.31
CA ALA G 495 14.49 -50.25 41.22
C ALA G 495 15.46 -50.29 40.04
N GLY G 496 15.18 -51.18 39.09
CA GLY G 496 16.15 -51.46 38.03
C GLY G 496 17.38 -52.14 38.60
N ASN G 497 18.54 -51.93 37.98
CA ASN G 497 19.73 -52.69 38.38
C ASN G 497 20.44 -52.15 39.64
N THR G 498 19.95 -51.04 40.19
CA THR G 498 20.35 -50.65 41.57
C THR G 498 19.79 -51.66 42.58
N SER G 499 18.72 -52.35 42.21
CA SER G 499 18.11 -53.39 43.04
C SER G 499 18.49 -54.77 42.62
N ALA G 500 18.54 -55.70 43.58
CA ALA G 500 18.64 -57.13 43.25
C ALA G 500 17.39 -57.63 42.52
N SER G 501 17.59 -58.25 41.34
CA SER G 501 16.46 -58.64 40.51
C SER G 501 15.67 -59.79 41.08
N LEU G 502 14.33 -59.72 41.00
CA LEU G 502 13.50 -60.85 41.34
C LEU G 502 13.77 -62.09 40.49
N SER G 503 14.34 -61.88 39.31
CA SER G 503 14.65 -62.98 38.39
C SER G 503 15.83 -63.87 38.73
N GLY G 504 16.61 -63.54 39.77
CA GLY G 504 17.66 -64.45 40.23
C GLY G 504 18.64 -64.75 39.11
N ARG G 505 18.86 -66.04 38.85
CA ARG G 505 19.82 -66.47 37.83
C ARG G 505 19.19 -66.64 36.42
N PHE G 506 18.02 -66.06 36.18
CA PHE G 506 17.27 -66.30 34.95
C PHE G 506 16.96 -65.00 34.24
N TYR G 507 16.96 -65.06 32.89
CA TYR G 507 16.53 -63.96 32.02
C TYR G 507 15.30 -64.52 31.27
N PRO G 508 14.08 -64.32 31.80
CA PRO G 508 12.94 -65.13 31.31
C PRO G 508 12.55 -64.88 29.87
N GLY G 509 12.68 -63.65 29.41
CA GLY G 509 12.31 -63.31 28.08
C GLY G 509 12.69 -61.89 27.83
N PRO G 510 12.38 -61.43 26.62
CA PRO G 510 12.79 -60.10 26.23
C PRO G 510 12.09 -59.05 27.06
N GLY G 511 12.83 -58.07 27.50
CA GLY G 511 12.21 -56.94 28.20
C GLY G 511 12.06 -57.09 29.72
N VAL G 512 12.56 -58.16 30.31
CA VAL G 512 12.49 -58.31 31.76
C VAL G 512 13.27 -57.23 32.52
N PRO G 513 14.49 -56.87 32.07
CA PRO G 513 15.21 -55.84 32.81
C PRO G 513 14.46 -54.51 32.85
N LEU G 514 13.95 -54.08 31.71
CA LEU G 514 13.18 -52.84 31.68
C LEU G 514 11.81 -52.97 32.38
N GLY G 515 11.16 -54.10 32.18
CA GLY G 515 9.84 -54.32 32.72
C GLY G 515 9.88 -54.28 34.25
N THR G 516 10.86 -54.98 34.84
CA THR G 516 10.97 -54.99 36.29
C THR G 516 11.30 -53.58 36.79
N ALA G 517 12.19 -52.91 36.09
CA ALA G 517 12.60 -51.58 36.47
C ALA G 517 11.41 -50.65 36.49
N MET G 518 10.57 -50.74 35.47
CA MET G 518 9.42 -49.85 35.33
C MET G 518 8.32 -50.14 36.35
N VAL G 519 8.01 -51.41 36.57
CA VAL G 519 6.95 -51.77 37.51
C VAL G 519 7.33 -51.33 38.92
N PHE G 520 8.57 -51.62 39.36
CA PHE G 520 8.93 -51.27 40.74
C PHE G 520 9.23 -49.81 40.95
N SER G 521 9.62 -49.09 39.90
CA SER G 521 9.70 -47.64 40.00
C SER G 521 8.31 -47.02 40.17
N TYR G 522 7.33 -47.55 39.43
CA TYR G 522 5.92 -47.13 39.58
C TYR G 522 5.42 -47.42 40.98
N ARG G 523 5.63 -48.65 41.46
CA ARG G 523 5.16 -49.02 42.78
C ARG G 523 5.82 -48.20 43.88
N ALA G 524 7.10 -47.88 43.74
CA ALA G 524 7.79 -47.01 44.68
C ALA G 524 7.14 -45.65 44.72
N ALA G 525 6.86 -45.07 43.55
CA ALA G 525 6.25 -43.74 43.49
C ALA G 525 4.83 -43.77 44.09
N GLN G 526 4.10 -44.85 43.86
CA GLN G 526 2.75 -45.01 44.43
C GLN G 526 2.83 -45.07 45.98
N ASP G 527 3.82 -45.79 46.50
CA ASP G 527 4.04 -45.89 47.94
C ASP G 527 4.35 -44.54 48.55
N MET G 528 5.21 -43.78 47.91
CA MET G 528 5.53 -42.45 48.34
C MET G 528 4.32 -41.52 48.32
N ALA G 529 3.36 -41.80 47.47
CA ALA G 529 2.18 -40.96 47.35
C ALA G 529 1.12 -41.23 48.42
N LYS G 530 1.14 -42.40 49.08
CA LYS G 530 0.15 -42.76 50.12
C LYS G 530 -0.04 -41.69 51.19
N ASP H 23 39.02 -63.89 -26.22
CA ASP H 23 38.44 -62.62 -26.73
C ASP H 23 37.49 -61.97 -25.69
N TRP H 24 36.19 -62.23 -25.82
CA TRP H 24 35.20 -61.75 -24.88
C TRP H 24 35.13 -62.69 -23.72
N THR H 25 35.15 -62.16 -22.51
CA THR H 25 35.05 -62.97 -21.31
C THR H 25 33.61 -63.33 -21.01
N SER H 26 32.71 -62.38 -21.20
CA SER H 26 31.28 -62.67 -21.14
C SER H 26 30.52 -61.69 -22.02
N GLU H 27 29.23 -61.93 -22.11
CA GLU H 27 28.39 -61.25 -23.05
C GLU H 27 27.06 -60.97 -22.38
N CYS H 28 26.48 -59.82 -22.66
CA CYS H 28 25.12 -59.52 -22.22
C CYS H 28 24.49 -58.58 -23.24
N ASP H 29 23.19 -58.34 -23.10
CA ASP H 29 22.50 -57.34 -23.89
C ASP H 29 22.82 -55.94 -23.42
N VAL H 30 22.71 -55.69 -22.11
CA VAL H 30 22.85 -54.34 -21.55
C VAL H 30 23.87 -54.36 -20.43
N LEU H 31 24.92 -53.57 -20.57
CA LEU H 31 25.97 -53.52 -19.56
C LEU H 31 25.76 -52.23 -18.81
N VAL H 32 25.62 -52.33 -17.48
CA VAL H 32 25.41 -51.15 -16.66
C VAL H 32 26.61 -50.93 -15.77
N VAL H 33 27.18 -49.74 -15.84
CA VAL H 33 28.33 -49.42 -15.02
C VAL H 33 27.87 -48.52 -13.90
N GLY H 34 28.10 -48.94 -12.67
CA GLY H 34 27.60 -48.24 -11.49
C GLY H 34 26.41 -48.98 -10.87
N SER H 35 26.03 -48.57 -9.63
CA SER H 35 24.93 -49.22 -8.92
C SER H 35 24.17 -48.28 -7.99
N GLY H 36 24.12 -47.00 -8.33
CA GLY H 36 23.27 -46.04 -7.69
C GLY H 36 21.83 -46.23 -8.14
N GLY H 37 20.96 -45.32 -7.72
CA GLY H 37 19.54 -45.41 -8.07
C GLY H 37 19.31 -45.48 -9.59
N GLY H 38 19.93 -44.56 -10.32
CA GLY H 38 19.85 -44.53 -11.80
C GLY H 38 20.27 -45.84 -12.43
N ALA H 39 21.48 -46.26 -12.16
CA ALA H 39 22.00 -47.51 -12.70
C ALA H 39 21.09 -48.65 -12.44
N LEU H 40 20.60 -48.79 -11.21
CA LEU H 40 19.80 -49.99 -10.92
C LEU H 40 18.41 -49.88 -11.57
N THR H 41 17.91 -48.68 -11.72
CA THR H 41 16.64 -48.47 -12.43
C THR H 41 16.80 -48.82 -13.93
N GLY H 42 17.95 -48.45 -14.52
CA GLY H 42 18.27 -48.84 -15.89
C GLY H 42 18.36 -50.33 -16.01
N ALA H 43 19.10 -50.93 -15.11
CA ALA H 43 19.26 -52.37 -15.12
C ALA H 43 17.93 -53.06 -15.01
N TYR H 44 17.07 -52.56 -14.14
CA TYR H 44 15.78 -53.18 -13.94
C TYR H 44 14.95 -53.08 -15.20
N THR H 45 14.93 -51.89 -15.79
CA THR H 45 14.16 -51.64 -16.98
C THR H 45 14.53 -52.60 -18.10
N ALA H 46 15.84 -52.86 -18.24
CA ALA H 46 16.32 -53.75 -19.25
C ALA H 46 15.96 -55.18 -18.92
N ALA H 47 16.33 -55.60 -17.72
CA ALA H 47 16.16 -56.98 -17.32
C ALA H 47 14.71 -57.40 -17.20
N ALA H 48 13.84 -56.49 -16.81
CA ALA H 48 12.42 -56.82 -16.64
C ALA H 48 11.73 -57.10 -17.96
N GLN H 49 12.27 -56.59 -19.06
CA GLN H 49 11.69 -56.90 -20.38
C GLN H 49 12.52 -57.91 -21.16
N GLY H 50 13.31 -58.70 -20.46
CA GLY H 50 13.96 -59.86 -21.07
C GLY H 50 15.39 -59.68 -21.53
N LEU H 51 15.95 -58.49 -21.44
CA LEU H 51 17.32 -58.28 -21.87
C LEU H 51 18.31 -58.71 -20.78
N THR H 52 19.28 -59.55 -21.13
CA THR H 52 20.28 -59.96 -20.15
C THR H 52 21.13 -58.77 -19.77
N THR H 53 21.34 -58.62 -18.46
CA THR H 53 21.97 -57.41 -17.92
C THR H 53 23.08 -57.78 -16.95
N ILE H 54 24.21 -57.08 -17.06
CA ILE H 54 25.27 -57.16 -16.07
C ILE H 54 25.46 -55.78 -15.46
N VAL H 55 25.48 -55.74 -14.13
CA VAL H 55 25.76 -54.51 -13.36
C VAL H 55 27.14 -54.63 -12.75
N LEU H 56 27.97 -53.62 -13.01
CA LEU H 56 29.32 -53.56 -12.49
C LEU H 56 29.47 -52.47 -11.46
N GLU H 57 29.74 -52.85 -10.19
CA GLU H 57 30.03 -51.88 -9.16
C GLU H 57 31.52 -51.95 -8.78
N LYS H 58 32.16 -50.80 -8.81
CA LYS H 58 33.57 -50.67 -8.47
C LYS H 58 33.94 -51.16 -7.08
N THR H 59 33.16 -50.77 -6.08
CA THR H 59 33.54 -51.04 -4.68
C THR H 59 32.98 -52.36 -4.24
N ASP H 60 33.13 -52.67 -2.97
CA ASP H 60 32.54 -53.88 -2.44
C ASP H 60 31.08 -53.70 -1.99
N ARG H 61 30.50 -52.51 -2.16
CA ARG H 61 29.06 -52.29 -1.85
C ARG H 61 28.30 -51.58 -2.96
N PHE H 62 27.04 -51.95 -3.12
CA PHE H 62 26.16 -51.33 -4.07
C PHE H 62 25.62 -50.06 -3.51
N GLY H 63 25.48 -49.05 -4.36
CA GLY H 63 24.57 -47.92 -4.05
C GLY H 63 25.17 -46.58 -4.13
N GLY H 64 26.48 -46.50 -3.90
CA GLY H 64 27.16 -45.21 -3.94
C GLY H 64 26.59 -44.15 -3.05
N THR H 65 26.66 -42.90 -3.52
CA THR H 65 26.04 -41.80 -2.86
C THR H 65 24.50 -41.97 -2.74
N SER H 66 23.90 -42.66 -3.71
CA SER H 66 22.47 -42.90 -3.67
C SER H 66 22.14 -43.62 -2.36
N ALA H 67 23.00 -44.54 -1.92
CA ALA H 67 22.78 -45.25 -0.67
C ALA H 67 22.82 -44.30 0.51
N TYR H 68 23.72 -43.30 0.47
CA TYR H 68 23.82 -42.29 1.51
C TYR H 68 22.62 -41.38 1.60
N SER H 69 21.87 -41.27 0.51
CA SER H 69 20.93 -40.20 0.34
C SER H 69 19.74 -40.39 1.26
N GLY H 70 18.92 -39.37 1.34
CA GLY H 70 17.59 -39.49 1.97
C GLY H 70 16.54 -40.13 1.08
N ALA H 71 16.88 -40.39 -0.19
CA ALA H 71 16.01 -41.05 -1.14
C ALA H 71 14.68 -40.33 -1.35
N SER H 72 14.73 -39.02 -1.28
CA SER H 72 13.70 -38.22 -1.85
C SER H 72 13.91 -38.24 -3.39
N ILE H 73 12.81 -38.35 -4.15
CA ILE H 73 12.90 -38.46 -5.59
C ILE H 73 11.86 -37.57 -6.28
N TRP H 74 12.33 -36.66 -7.12
CA TRP H 74 11.49 -35.69 -7.76
C TRP H 74 11.00 -36.30 -9.07
N LEU H 75 9.92 -37.06 -8.94
CA LEU H 75 9.26 -37.70 -10.04
C LEU H 75 7.78 -37.26 -9.93
N PRO H 76 7.44 -36.09 -10.45
CA PRO H 76 6.12 -35.51 -10.28
C PRO H 76 4.99 -36.13 -11.12
N GLY H 77 3.77 -35.95 -10.63
CA GLY H 77 2.56 -36.26 -11.36
C GLY H 77 2.36 -37.71 -11.60
N THR H 78 2.71 -38.55 -10.65
CA THR H 78 2.63 -39.99 -10.85
C THR H 78 1.54 -40.56 -9.97
N GLN H 79 1.37 -41.87 -10.07
CA GLN H 79 0.39 -42.56 -9.27
C GLN H 79 0.63 -42.42 -7.74
N VAL H 80 1.87 -42.18 -7.35
CA VAL H 80 2.21 -42.09 -5.96
C VAL H 80 1.59 -40.85 -5.34
N GLN H 81 1.76 -39.71 -5.98
CA GLN H 81 1.18 -38.48 -5.49
C GLN H 81 -0.37 -38.45 -5.64
N GLU H 82 -0.89 -39.17 -6.63
CA GLU H 82 -2.35 -39.39 -6.71
C GLU H 82 -2.86 -40.06 -5.43
N ARG H 83 -2.15 -41.08 -4.96
CA ARG H 83 -2.55 -41.78 -3.73
C ARG H 83 -2.48 -40.94 -2.46
N ALA H 84 -1.85 -39.78 -2.54
CA ALA H 84 -1.85 -38.82 -1.46
C ALA H 84 -2.77 -37.65 -1.70
N GLY H 85 -3.50 -37.65 -2.80
CA GLY H 85 -4.44 -36.57 -3.13
C GLY H 85 -3.78 -35.23 -3.39
N LEU H 86 -2.53 -35.27 -3.84
CA LEU H 86 -1.76 -34.04 -3.99
C LEU H 86 -2.24 -33.24 -5.17
N PRO H 87 -2.54 -31.95 -4.98
CA PRO H 87 -3.02 -31.13 -6.11
C PRO H 87 -1.90 -30.60 -6.98
N ASP H 88 -1.46 -31.42 -7.92
CA ASP H 88 -0.28 -31.15 -8.73
C ASP H 88 -0.46 -31.93 -10.01
N SER H 89 0.36 -31.63 -10.99
CA SER H 89 0.31 -32.35 -12.26
C SER H 89 1.59 -32.19 -13.04
N THR H 90 1.73 -33.03 -14.07
CA THR H 90 2.84 -32.96 -15.01
C THR H 90 3.01 -31.52 -15.49
N GLU H 91 1.92 -30.87 -15.87
CA GLU H 91 2.05 -29.51 -16.43
C GLU H 91 2.49 -28.51 -15.41
N ASN H 92 2.04 -28.67 -14.17
CA ASN H 92 2.44 -27.77 -13.09
C ASN H 92 3.95 -27.90 -12.85
N ALA H 93 4.44 -29.12 -12.88
CA ALA H 93 5.86 -29.41 -12.69
C ALA H 93 6.67 -28.88 -13.86
N ARG H 94 6.16 -29.08 -15.07
CA ARG H 94 6.84 -28.54 -16.27
C ARG H 94 6.98 -27.03 -16.18
N THR H 95 5.92 -26.38 -15.72
CA THR H 95 5.91 -24.93 -15.55
C THR H 95 6.95 -24.47 -14.57
N TYR H 96 7.11 -25.23 -13.48
CA TYR H 96 8.11 -24.91 -12.46
C TYR H 96 9.53 -24.99 -13.03
N LEU H 97 9.88 -26.11 -13.66
CA LEU H 97 11.20 -26.24 -14.32
C LEU H 97 11.44 -25.12 -15.33
N ARG H 98 10.44 -24.83 -16.16
CA ARG H 98 10.60 -23.81 -17.20
C ARG H 98 10.85 -22.46 -16.58
N ALA H 99 10.13 -22.18 -15.50
CA ALA H 99 10.29 -20.91 -14.82
C ALA H 99 11.68 -20.74 -14.24
N LEU H 100 12.28 -21.82 -13.75
CA LEU H 100 13.64 -21.75 -13.18
C LEU H 100 14.76 -21.83 -14.19
N LEU H 101 14.64 -22.79 -15.09
CA LEU H 101 15.72 -23.19 -15.98
C LEU H 101 15.69 -22.47 -17.32
N GLY H 102 14.55 -21.90 -17.68
CA GLY H 102 14.39 -21.31 -19.01
C GLY H 102 14.35 -22.39 -20.06
N ASP H 103 14.69 -22.03 -21.30
CA ASP H 103 14.57 -22.92 -22.45
C ASP H 103 15.75 -23.78 -22.67
N ALA H 104 16.85 -23.48 -22.00
CA ALA H 104 18.02 -24.35 -22.04
C ALA H 104 17.62 -25.74 -21.57
N GLU H 105 17.77 -26.69 -22.47
CA GLU H 105 17.50 -28.09 -22.22
C GLU H 105 16.02 -28.38 -22.11
N SER H 106 15.19 -27.57 -22.76
CA SER H 106 13.75 -27.73 -22.64
C SER H 106 13.28 -29.10 -23.10
N GLU H 107 13.93 -29.70 -24.08
CA GLU H 107 13.52 -31.03 -24.53
C GLU H 107 13.76 -32.07 -23.46
N ARG H 108 14.89 -31.97 -22.78
CA ARG H 108 15.20 -32.90 -21.70
C ARG H 108 14.29 -32.61 -20.46
N GLN H 109 13.97 -31.34 -20.21
CA GLN H 109 13.00 -30.99 -19.17
C GLN H 109 11.67 -31.68 -19.44
N ASP H 110 11.26 -31.66 -20.71
CA ASP H 110 10.00 -32.26 -21.09
C ASP H 110 10.07 -33.76 -20.90
N ALA H 111 11.17 -34.38 -21.34
CA ALA H 111 11.30 -35.83 -21.24
C ALA H 111 11.31 -36.25 -19.74
N TYR H 112 11.90 -35.42 -18.90
CA TYR H 112 12.03 -35.70 -17.46
C TYR H 112 10.63 -35.77 -16.81
N VAL H 113 9.87 -34.70 -16.90
CA VAL H 113 8.52 -34.68 -16.34
C VAL H 113 7.57 -35.64 -17.00
N GLU H 114 7.64 -35.78 -18.33
CA GLU H 114 6.68 -36.62 -19.05
C GLU H 114 6.90 -38.06 -18.77
N THR H 115 8.14 -38.45 -18.43
CA THR H 115 8.43 -39.85 -18.29
C THR H 115 8.31 -40.37 -16.84
N ALA H 116 8.29 -39.46 -15.89
CA ALA H 116 8.21 -39.81 -14.47
C ALA H 116 7.12 -40.81 -14.14
N PRO H 117 5.87 -40.58 -14.65
CA PRO H 117 4.84 -41.53 -14.32
C PRO H 117 5.13 -42.94 -14.76
N ALA H 118 5.67 -43.09 -15.97
CA ALA H 118 5.94 -44.47 -16.47
C ALA H 118 7.04 -45.15 -15.67
N VAL H 119 8.06 -44.38 -15.27
CA VAL H 119 9.15 -44.94 -14.46
C VAL H 119 8.60 -45.47 -13.13
N VAL H 120 7.81 -44.63 -12.47
CA VAL H 120 7.19 -45.03 -11.19
C VAL H 120 6.28 -46.23 -11.34
N ALA H 121 5.44 -46.22 -12.40
CA ALA H 121 4.53 -47.32 -12.64
C ALA H 121 5.27 -48.61 -12.84
N LEU H 122 6.32 -48.58 -13.66
CA LEU H 122 7.10 -49.80 -13.87
C LEU H 122 7.70 -50.34 -12.55
N LEU H 123 8.28 -49.44 -11.79
CA LEU H 123 9.02 -49.85 -10.58
C LEU H 123 8.07 -50.35 -9.51
N GLU H 124 6.97 -49.63 -9.29
CA GLU H 124 5.95 -50.11 -8.32
C GLU H 124 5.20 -51.36 -8.75
N GLN H 125 5.31 -51.77 -10.00
CA GLN H 125 4.79 -53.08 -10.40
C GLN H 125 5.58 -54.20 -9.78
N ASN H 126 6.85 -53.95 -9.43
CA ASN H 126 7.64 -54.97 -8.81
C ASN H 126 7.27 -55.12 -7.31
N PRO H 127 7.15 -56.36 -6.84
CA PRO H 127 6.76 -56.57 -5.46
C PRO H 127 7.72 -56.00 -4.46
N ASN H 128 8.98 -55.77 -4.84
CA ASN H 128 9.97 -55.23 -3.89
C ASN H 128 9.96 -53.73 -3.76
N ILE H 129 9.16 -53.04 -4.56
CA ILE H 129 9.25 -51.57 -4.62
C ILE H 129 7.89 -50.94 -4.33
N GLU H 130 7.90 -49.96 -3.43
CA GLU H 130 6.78 -49.07 -3.17
C GLU H 130 7.32 -47.76 -2.64
N PHE H 131 6.74 -46.66 -3.11
CA PHE H 131 7.06 -45.32 -2.68
C PHE H 131 5.86 -44.69 -1.94
N GLU H 132 6.10 -43.54 -1.33
CA GLU H 132 5.05 -42.68 -0.85
C GLU H 132 5.50 -41.24 -0.95
N PHE H 133 4.53 -40.33 -1.07
CA PHE H 133 4.81 -38.89 -1.00
C PHE H 133 5.32 -38.53 0.41
N ARG H 134 6.28 -37.62 0.51
CA ARG H 134 6.71 -37.08 1.80
C ARG H 134 6.96 -35.62 1.61
N ALA H 135 6.35 -34.83 2.47
CA ALA H 135 6.40 -33.40 2.36
C ALA H 135 7.81 -32.90 2.56
N PHE H 136 8.23 -31.98 1.71
CA PHE H 136 9.53 -31.34 1.75
C PHE H 136 9.47 -30.32 0.62
N PRO H 137 9.58 -29.04 0.94
CA PRO H 137 9.25 -28.05 -0.06
C PRO H 137 10.19 -28.03 -1.25
N ASP H 138 9.67 -27.72 -2.41
CA ASP H 138 10.52 -27.26 -3.51
C ASP H 138 11.34 -26.02 -3.09
N TYR H 139 12.42 -25.74 -3.82
CA TYR H 139 13.47 -24.86 -3.32
C TYR H 139 13.44 -23.42 -3.78
N TYR H 140 12.64 -23.10 -4.79
CA TYR H 140 12.58 -21.72 -5.31
C TYR H 140 11.14 -21.21 -5.42
N LYS H 141 10.98 -19.92 -5.15
CA LYS H 141 9.72 -19.24 -5.32
C LYS H 141 9.53 -19.02 -6.81
N ALA H 142 8.55 -19.67 -7.38
CA ALA H 142 8.32 -19.58 -8.81
C ALA H 142 6.99 -20.22 -9.10
N GLU H 143 6.42 -19.88 -10.24
CA GLU H 143 5.18 -20.52 -10.67
C GLU H 143 5.41 -22.04 -10.74
N GLY H 144 4.48 -22.80 -10.19
CA GLY H 144 4.60 -24.26 -10.19
C GLY H 144 5.25 -24.87 -8.97
N ARG H 145 5.82 -24.05 -8.10
CA ARG H 145 6.42 -24.52 -6.86
C ARG H 145 5.37 -25.20 -6.01
N MET H 146 5.71 -26.33 -5.40
CA MET H 146 4.86 -26.90 -4.35
C MET H 146 5.49 -26.52 -3.01
N ASP H 147 4.77 -25.73 -2.23
CA ASP H 147 5.26 -25.27 -0.93
C ASP H 147 5.45 -26.41 0.06
N THR H 148 4.68 -27.48 -0.10
CA THR H 148 4.82 -28.71 0.67
C THR H 148 5.65 -29.77 -0.04
N GLY H 149 5.96 -29.52 -1.29
CA GLY H 149 6.65 -30.51 -2.12
C GLY H 149 5.77 -31.43 -2.91
N ARG H 150 6.42 -32.22 -3.76
CA ARG H 150 5.82 -33.25 -4.60
C ARG H 150 6.71 -34.50 -4.71
N SER H 151 7.74 -34.64 -3.85
CA SER H 151 8.69 -35.72 -4.00
C SER H 151 8.29 -36.93 -3.23
N ILE H 152 8.82 -38.08 -3.65
CA ILE H 152 8.45 -39.36 -3.13
C ILE H 152 9.66 -40.12 -2.60
N ASN H 153 9.40 -41.12 -1.75
CA ASN H 153 10.43 -41.82 -1.05
C ASN H 153 10.09 -43.27 -1.01
N PRO H 154 11.10 -44.15 -1.07
CA PRO H 154 10.82 -45.56 -0.88
C PRO H 154 10.39 -45.87 0.56
N LEU H 155 9.50 -46.84 0.75
CA LEU H 155 9.13 -47.26 2.12
C LEU H 155 10.29 -47.93 2.84
N ASP H 156 10.33 -47.80 4.16
CA ASP H 156 11.35 -48.45 4.98
C ASP H 156 11.31 -49.90 4.65
N LEU H 157 12.45 -50.55 4.76
CA LEU H 157 12.59 -51.96 4.35
C LEU H 157 13.21 -52.77 5.45
N ASP H 158 12.54 -53.87 5.79
CA ASP H 158 13.10 -54.81 6.72
C ASP H 158 14.19 -55.56 5.98
N PRO H 159 15.43 -55.49 6.47
CA PRO H 159 16.54 -56.14 5.76
C PRO H 159 16.32 -57.63 5.55
N ALA H 160 15.60 -58.27 6.46
CA ALA H 160 15.28 -59.67 6.32
C ALA H 160 14.49 -59.96 5.05
N ASP H 161 13.81 -58.96 4.49
CA ASP H 161 12.96 -59.21 3.32
C ASP H 161 13.69 -59.29 1.98
N ILE H 162 14.99 -59.04 1.97
CA ILE H 162 15.75 -59.12 0.74
C ILE H 162 16.95 -60.04 0.88
N GLY H 163 16.94 -60.85 1.93
CA GLY H 163 17.95 -61.88 2.09
C GLY H 163 19.37 -61.36 2.13
N ASP H 164 20.22 -62.01 1.33
CA ASP H 164 21.67 -61.70 1.32
C ASP H 164 21.98 -60.35 0.71
N LEU H 165 21.02 -59.72 0.07
CA LEU H 165 21.29 -58.43 -0.58
C LEU H 165 21.50 -57.30 0.43
N ALA H 166 20.93 -57.40 1.63
CA ALA H 166 21.04 -56.30 2.59
C ALA H 166 22.46 -55.99 2.95
N GLY H 167 23.24 -57.03 3.18
CA GLY H 167 24.66 -56.87 3.49
C GLY H 167 25.53 -56.40 2.34
N LYS H 168 24.97 -56.30 1.14
CA LYS H 168 25.73 -55.77 -0.02
C LYS H 168 25.44 -54.32 -0.29
N VAL H 169 24.50 -53.75 0.47
CA VAL H 169 24.14 -52.34 0.33
C VAL H 169 25.08 -51.50 1.16
N ARG H 170 25.53 -50.37 0.61
CA ARG H 170 26.41 -49.48 1.33
C ARG H 170 25.67 -48.87 2.52
N PRO H 171 26.38 -48.73 3.67
CA PRO H 171 25.65 -48.22 4.84
C PRO H 171 25.63 -46.71 4.83
N GLU H 172 24.74 -46.17 5.63
CA GLU H 172 24.60 -44.73 5.81
C GLU H 172 25.91 -44.10 6.25
N LEU H 173 26.02 -42.81 6.01
CA LEU H 173 27.20 -42.04 6.35
C LEU H 173 27.64 -42.17 7.82
N ASP H 174 26.65 -42.21 8.71
CA ASP H 174 26.94 -42.26 10.15
C ASP H 174 27.56 -43.59 10.57
N GLN H 175 27.50 -44.61 9.70
CA GLN H 175 28.18 -45.84 9.88
C GLN H 175 29.44 -45.95 8.97
N ASP H 176 29.31 -45.48 7.74
CA ASP H 176 30.27 -45.86 6.69
C ASP H 176 31.59 -45.18 6.89
N ARG H 177 31.61 -43.97 7.46
CA ARG H 177 32.84 -43.26 7.71
C ARG H 177 33.48 -43.46 9.14
N THR H 178 33.00 -44.44 9.88
CA THR H 178 33.50 -44.75 11.21
C THR H 178 33.80 -46.22 11.28
N GLY H 179 33.97 -46.87 10.15
CA GLY H 179 34.35 -48.26 10.18
C GLY H 179 33.28 -49.22 10.65
N GLN H 180 32.04 -48.93 10.27
CA GLN H 180 30.87 -49.70 10.67
C GLN H 180 29.97 -50.14 9.49
N ASP H 181 29.25 -51.23 9.69
CA ASP H 181 28.25 -51.70 8.78
C ASP H 181 26.90 -51.24 9.34
N HIS H 182 25.78 -51.72 8.77
CA HIS H 182 24.47 -51.15 9.12
C HIS H 182 24.23 -51.22 10.60
N ALA H 183 23.70 -50.14 11.13
CA ALA H 183 23.05 -50.14 12.46
C ALA H 183 21.73 -50.92 12.50
N PRO H 184 21.20 -51.20 13.72
CA PRO H 184 20.16 -52.21 13.88
C PRO H 184 18.73 -51.93 13.35
N GLY H 185 18.36 -50.71 13.07
CA GLY H 185 16.95 -50.61 12.57
C GLY H 185 16.59 -51.16 11.16
N PRO H 186 15.43 -50.73 10.63
CA PRO H 186 15.13 -51.03 9.24
C PRO H 186 16.11 -50.27 8.30
N MET H 187 16.12 -50.67 7.04
CA MET H 187 16.83 -49.88 6.01
C MET H 187 15.93 -48.75 5.60
N ILE H 188 16.44 -47.54 5.68
CA ILE H 188 15.66 -46.38 5.37
C ILE H 188 16.40 -45.48 4.39
N GLY H 189 15.69 -44.53 3.82
CA GLY H 189 16.28 -43.59 2.88
C GLY H 189 16.97 -44.34 1.74
N GLY H 190 18.21 -43.94 1.44
CA GLY H 190 18.98 -44.54 0.34
C GLY H 190 19.19 -46.01 0.51
N ARG H 191 19.29 -46.49 1.75
CA ARG H 191 19.48 -47.93 1.95
C ARG H 191 18.25 -48.69 1.51
N ALA H 192 17.07 -48.13 1.79
CA ALA H 192 15.82 -48.74 1.32
C ALA H 192 15.73 -48.66 -0.19
N LEU H 193 16.09 -47.53 -0.76
CA LEU H 193 16.03 -47.36 -2.20
C LEU H 193 16.86 -48.42 -2.89
N ILE H 194 18.11 -48.54 -2.49
CA ILE H 194 19.03 -49.44 -3.11
C ILE H 194 18.72 -50.87 -2.80
N GLY H 195 18.35 -51.17 -1.55
CA GLY H 195 17.97 -52.53 -1.22
C GLY H 195 16.77 -53.02 -2.03
N ARG H 196 15.77 -52.15 -2.18
CA ARG H 196 14.57 -52.51 -2.96
C ARG H 196 14.92 -52.65 -4.46
N LEU H 197 15.69 -51.72 -5.00
CA LEU H 197 16.10 -51.80 -6.42
C LEU H 197 16.89 -53.07 -6.72
N LEU H 198 17.80 -53.42 -5.82
CA LEU H 198 18.59 -54.64 -5.98
C LEU H 198 17.73 -55.85 -5.97
N ALA H 199 16.79 -55.91 -5.04
CA ALA H 199 15.88 -57.04 -5.00
C ALA H 199 15.08 -57.14 -6.29
N ALA H 200 14.61 -55.99 -6.77
CA ALA H 200 13.81 -55.95 -8.01
C ALA H 200 14.65 -56.45 -9.21
N VAL H 201 15.88 -55.96 -9.30
CA VAL H 201 16.80 -56.39 -10.37
C VAL H 201 17.05 -57.89 -10.27
N GLN H 202 17.34 -58.37 -9.09
CA GLN H 202 17.56 -59.80 -8.91
C GLN H 202 16.36 -60.66 -9.29
N SER H 203 15.15 -60.16 -8.96
CA SER H 203 13.94 -60.93 -9.19
C SER H 203 13.62 -61.20 -10.65
N THR H 204 14.14 -60.38 -11.55
CA THR H 204 13.93 -60.60 -12.96
C THR H 204 14.54 -61.92 -13.47
N GLY H 205 15.56 -62.42 -12.81
CA GLY H 205 16.26 -63.60 -13.28
C GLY H 205 17.06 -63.34 -14.55
N LYS H 206 17.21 -62.08 -14.96
CA LYS H 206 17.93 -61.72 -16.16
C LYS H 206 19.17 -60.87 -15.89
N ALA H 207 19.55 -60.72 -14.63
CA ALA H 207 20.57 -59.76 -14.29
C ALA H 207 21.63 -60.40 -13.43
N GLU H 208 22.85 -59.94 -13.61
CA GLU H 208 23.98 -60.38 -12.82
C GLU H 208 24.53 -59.13 -12.14
N LEU H 209 24.60 -59.17 -10.82
CA LEU H 209 25.07 -58.06 -10.05
C LEU H 209 26.50 -58.33 -9.59
N ARG H 210 27.46 -57.49 -9.96
CA ARG H 210 28.85 -57.70 -9.57
C ARG H 210 29.45 -56.54 -8.77
N THR H 211 30.19 -56.88 -7.72
CA THR H 211 30.95 -55.89 -6.97
C THR H 211 32.42 -56.03 -7.29
N GLU H 212 33.22 -55.07 -6.84
CA GLU H 212 34.64 -55.02 -7.12
C GLU H 212 34.96 -55.26 -8.61
N SER H 213 34.16 -54.63 -9.47
CA SER H 213 34.33 -54.73 -10.91
C SER H 213 34.33 -53.32 -11.45
N VAL H 214 35.48 -52.92 -11.96
CA VAL H 214 35.78 -51.53 -12.28
C VAL H 214 35.89 -51.33 -13.79
N LEU H 215 35.04 -50.48 -14.35
CA LEU H 215 35.21 -50.07 -15.76
C LEU H 215 36.54 -49.39 -15.89
N THR H 216 37.33 -49.82 -16.86
CA THR H 216 38.56 -49.09 -17.20
C THR H 216 38.51 -48.41 -18.57
N SER H 217 37.96 -49.07 -19.59
CA SER H 217 37.74 -48.38 -20.86
C SER H 217 36.64 -49.04 -21.67
N LEU H 218 36.08 -48.27 -22.58
CA LEU H 218 35.05 -48.78 -23.47
C LEU H 218 35.72 -49.42 -24.70
N ILE H 219 35.07 -50.42 -25.28
CA ILE H 219 35.55 -51.10 -26.46
C ILE H 219 34.68 -50.69 -27.63
N VAL H 220 35.33 -50.17 -28.67
CA VAL H 220 34.67 -49.61 -29.84
C VAL H 220 35.02 -50.44 -31.07
N GLU H 221 34.03 -50.84 -31.84
CA GLU H 221 34.26 -51.52 -33.13
C GLU H 221 33.44 -50.85 -34.18
N ASP H 222 34.10 -50.47 -35.27
CA ASP H 222 33.49 -49.74 -36.36
C ASP H 222 32.70 -48.55 -35.84
N GLY H 223 33.26 -47.84 -34.89
CA GLY H 223 32.60 -46.61 -34.37
C GLY H 223 31.46 -46.81 -33.35
N ARG H 224 31.15 -48.07 -33.03
CA ARG H 224 30.11 -48.40 -32.09
C ARG H 224 30.71 -48.92 -30.79
N VAL H 225 30.21 -48.42 -29.65
CA VAL H 225 30.57 -49.01 -28.36
C VAL H 225 29.92 -50.39 -28.25
N VAL H 226 30.74 -51.42 -28.21
CA VAL H 226 30.24 -52.80 -28.23
C VAL H 226 30.48 -53.55 -26.95
N GLY H 227 31.09 -52.89 -25.97
CA GLY H 227 31.41 -53.56 -24.72
C GLY H 227 32.36 -52.74 -23.91
N ALA H 228 32.95 -53.36 -22.91
CA ALA H 228 33.88 -52.65 -22.05
C ALA H 228 34.94 -53.54 -21.48
N GLU H 229 36.06 -52.92 -21.20
CA GLU H 229 37.11 -53.58 -20.51
C GLU H 229 36.97 -53.27 -19.01
N VAL H 230 37.13 -54.31 -18.19
CA VAL H 230 36.79 -54.27 -16.78
C VAL H 230 37.86 -54.98 -15.94
N GLU H 231 38.27 -54.38 -14.82
CA GLU H 231 39.14 -55.04 -13.85
C GLU H 231 38.33 -55.65 -12.72
N SER H 232 38.49 -56.95 -12.48
CA SER H 232 38.07 -57.60 -11.22
C SER H 232 38.95 -58.79 -10.93
N GLY H 233 39.24 -59.01 -9.65
CA GLY H 233 40.03 -60.13 -9.21
C GLY H 233 41.48 -60.03 -9.66
N GLY H 234 41.97 -58.81 -9.84
CA GLY H 234 43.29 -58.60 -10.44
C GLY H 234 43.38 -58.90 -11.94
N GLU H 235 42.40 -59.60 -12.48
CA GLU H 235 42.39 -59.91 -13.92
C GLU H 235 41.54 -58.90 -14.70
N THR H 236 41.90 -58.69 -15.96
CA THR H 236 41.12 -57.78 -16.77
C THR H 236 40.19 -58.57 -17.67
N GLN H 237 38.96 -58.11 -17.80
CA GLN H 237 37.94 -58.79 -18.59
C GLN H 237 37.43 -57.92 -19.69
N ARG H 238 36.81 -58.57 -20.66
CA ARG H 238 36.19 -57.87 -21.77
C ARG H 238 34.78 -58.36 -21.84
N ILE H 239 33.85 -57.44 -21.65
CA ILE H 239 32.44 -57.82 -21.56
C ILE H 239 31.73 -57.20 -22.75
N LYS H 240 31.05 -58.07 -23.49
CA LYS H 240 30.34 -57.66 -24.67
C LYS H 240 28.94 -57.17 -24.27
N ALA H 241 28.54 -56.03 -24.85
CA ALA H 241 27.20 -55.49 -24.68
C ALA H 241 26.48 -55.40 -26.04
N ASN H 242 25.58 -56.32 -26.29
CA ASN H 242 24.92 -56.37 -27.59
C ASN H 242 24.09 -55.13 -27.89
N ARG H 243 23.33 -54.62 -26.91
CA ARG H 243 22.48 -53.45 -27.15
C ARG H 243 23.12 -52.15 -26.73
N GLY H 244 23.93 -52.19 -25.68
CA GLY H 244 24.56 -50.98 -25.24
C GLY H 244 25.09 -51.00 -23.83
N VAL H 245 25.76 -49.93 -23.52
CA VAL H 245 26.40 -49.71 -22.23
C VAL H 245 25.81 -48.45 -21.62
N LEU H 246 25.26 -48.60 -20.42
CA LEU H 246 24.76 -47.47 -19.64
C LEU H 246 25.77 -47.14 -18.55
N MET H 247 26.30 -45.91 -18.61
CA MET H 247 27.24 -45.49 -17.63
C MET H 247 26.55 -44.58 -16.65
N ALA H 248 26.29 -45.09 -15.46
CA ALA H 248 25.71 -44.31 -14.39
C ALA H 248 26.56 -44.54 -13.16
N ALA H 249 27.81 -44.04 -13.23
CA ALA H 249 28.85 -44.37 -12.30
C ALA H 249 29.30 -43.14 -11.53
N GLY H 250 28.40 -42.18 -11.40
CA GLY H 250 28.69 -40.99 -10.64
C GLY H 250 29.53 -39.98 -11.38
N GLY H 251 29.95 -38.94 -10.65
CA GLY H 251 30.57 -37.76 -11.23
C GLY H 251 32.08 -37.75 -10.96
N ILE H 252 32.64 -36.55 -10.92
CA ILE H 252 34.08 -36.33 -10.73
C ILE H 252 34.39 -35.89 -9.30
N GLU H 253 33.40 -35.99 -8.40
CA GLU H 253 33.52 -35.38 -7.07
C GLU H 253 34.75 -35.82 -6.28
N GLY H 254 35.15 -37.07 -6.46
CA GLY H 254 36.28 -37.64 -5.75
C GLY H 254 37.61 -37.45 -6.45
N ASN H 255 37.64 -36.70 -7.55
CA ASN H 255 38.86 -36.51 -8.34
C ASN H 255 39.28 -35.05 -8.31
N ALA H 256 40.24 -34.74 -7.46
CA ALA H 256 40.68 -33.37 -7.26
C ALA H 256 41.27 -32.78 -8.53
N GLU H 257 42.00 -33.59 -9.27
CA GLU H 257 42.59 -33.10 -10.52
C GLU H 257 41.54 -32.71 -11.56
N MET H 258 40.59 -33.60 -11.83
CA MET H 258 39.51 -33.25 -12.77
C MET H 258 38.75 -32.04 -12.30
N ARG H 259 38.50 -31.94 -10.99
CA ARG H 259 37.79 -30.78 -10.47
C ARG H 259 38.56 -29.52 -10.68
N GLU H 260 39.85 -29.54 -10.35
CA GLU H 260 40.64 -28.36 -10.52
C GLU H 260 40.73 -27.95 -11.97
N GLN H 261 40.94 -28.91 -12.85
CA GLN H 261 40.99 -28.59 -14.28
C GLN H 261 39.67 -27.98 -14.72
N ALA H 262 38.55 -28.50 -14.22
CA ALA H 262 37.26 -27.96 -14.62
C ALA H 262 36.94 -26.62 -13.94
N GLY H 263 37.62 -26.26 -12.86
CA GLY H 263 37.24 -25.08 -12.10
C GLY H 263 36.09 -25.34 -11.11
N THR H 264 35.81 -26.60 -10.79
CA THR H 264 34.78 -26.92 -9.81
C THR H 264 35.14 -26.39 -8.42
N PRO H 265 34.26 -25.60 -7.78
CA PRO H 265 34.51 -25.20 -6.40
C PRO H 265 34.43 -26.42 -5.44
N GLY H 266 34.75 -26.19 -4.17
CA GLY H 266 34.74 -27.25 -3.17
C GLY H 266 35.99 -28.10 -3.26
N LYS H 267 35.96 -29.28 -2.65
CA LYS H 267 37.09 -30.17 -2.62
C LYS H 267 36.61 -31.56 -2.54
N ALA H 268 37.34 -32.45 -3.16
CA ALA H 268 37.06 -33.87 -3.08
C ALA H 268 36.91 -34.33 -1.63
N ILE H 269 37.79 -33.92 -0.72
CA ILE H 269 37.66 -34.41 0.66
C ILE H 269 36.39 -33.92 1.37
N TRP H 270 35.87 -32.77 0.96
CA TRP H 270 34.64 -32.25 1.50
C TRP H 270 33.40 -32.86 0.88
N SER H 271 33.53 -33.54 -0.25
CA SER H 271 32.42 -34.19 -0.92
C SER H 271 31.81 -35.28 -0.06
N MET H 272 30.47 -35.41 -0.15
CA MET H 272 29.77 -36.39 0.65
C MET H 272 29.66 -37.72 -0.07
N GLY H 273 30.26 -37.84 -1.27
CA GLY H 273 30.35 -39.13 -1.95
C GLY H 273 31.20 -40.10 -1.17
N PRO H 274 31.02 -41.40 -1.40
CA PRO H 274 31.86 -42.34 -0.68
C PRO H 274 33.32 -42.13 -1.06
N PHE H 275 34.22 -42.04 -0.07
CA PHE H 275 35.60 -41.65 -0.33
C PHE H 275 36.19 -42.57 -1.37
N GLY H 276 36.69 -41.97 -2.45
CA GLY H 276 37.41 -42.73 -3.48
C GLY H 276 36.58 -43.46 -4.51
N ALA H 277 35.26 -43.42 -4.40
CA ALA H 277 34.41 -44.17 -5.31
C ALA H 277 34.25 -43.45 -6.68
N ASN H 278 33.84 -42.18 -6.64
CA ASN H 278 33.46 -41.49 -7.83
C ASN H 278 34.56 -40.54 -8.28
N THR H 279 35.46 -41.09 -9.08
CA THR H 279 36.66 -40.38 -9.49
C THR H 279 36.58 -40.02 -10.97
N GLY H 280 35.37 -39.97 -11.51
CA GLY H 280 35.18 -39.55 -12.91
C GLY H 280 35.58 -40.58 -13.95
N ASP H 281 35.62 -41.87 -13.60
CA ASP H 281 36.09 -42.91 -14.49
C ASP H 281 35.22 -43.04 -15.75
N ALA H 282 33.90 -42.98 -15.59
CA ALA H 282 33.01 -43.15 -16.72
C ALA H 282 32.99 -41.91 -17.60
N ILE H 283 33.08 -40.73 -16.99
CA ILE H 283 33.22 -39.51 -17.75
C ILE H 283 34.52 -39.54 -18.59
N SER H 284 35.65 -39.95 -17.98
CA SER H 284 36.89 -40.10 -18.74
C SER H 284 36.77 -41.12 -19.85
N ALA H 285 36.20 -42.28 -19.56
CA ALA H 285 36.04 -43.30 -20.56
C ALA H 285 35.20 -42.79 -21.74
N GLY H 286 34.21 -41.96 -21.45
CA GLY H 286 33.36 -41.39 -22.46
C GLY H 286 34.10 -40.38 -23.31
N ILE H 287 34.87 -39.52 -22.66
CA ILE H 287 35.69 -38.54 -23.36
C ILE H 287 36.66 -39.26 -24.32
N ALA H 288 37.21 -40.39 -23.87
CA ALA H 288 38.16 -41.17 -24.62
C ALA H 288 37.59 -41.76 -25.91
N VAL H 289 36.27 -41.93 -26.01
CA VAL H 289 35.67 -42.36 -27.26
C VAL H 289 34.96 -41.23 -28.04
N GLY H 290 35.18 -39.99 -27.65
CA GLY H 290 34.63 -38.84 -28.38
C GLY H 290 33.45 -38.13 -27.77
N GLY H 291 33.07 -38.48 -26.54
CA GLY H 291 31.93 -37.82 -25.89
C GLY H 291 32.24 -36.41 -25.51
N ALA H 292 31.33 -35.49 -25.78
CA ALA H 292 31.48 -34.11 -25.32
C ALA H 292 31.06 -34.01 -23.83
N THR H 293 31.46 -32.93 -23.17
CA THR H 293 31.13 -32.73 -21.75
C THR H 293 30.68 -31.30 -21.56
N ALA H 294 29.97 -31.07 -20.46
CA ALA H 294 29.44 -29.76 -20.15
C ALA H 294 29.24 -29.65 -18.63
N LEU H 295 29.23 -28.42 -18.15
CA LEU H 295 28.89 -28.06 -16.77
C LEU H 295 29.87 -28.60 -15.73
N LEU H 296 31.10 -28.88 -16.14
CA LEU H 296 32.02 -29.60 -15.27
C LEU H 296 32.43 -28.78 -14.04
N ASP H 297 32.26 -27.47 -14.09
CA ASP H 297 32.48 -26.65 -12.93
C ASP H 297 31.30 -26.61 -11.93
N GLN H 298 30.25 -27.35 -12.21
CA GLN H 298 29.06 -27.33 -11.40
C GLN H 298 28.94 -28.55 -10.53
N ALA H 299 28.30 -28.35 -9.38
CA ALA H 299 28.01 -29.44 -8.47
C ALA H 299 26.65 -29.26 -7.80
N TRP H 300 26.21 -30.32 -7.15
CA TRP H 300 25.11 -30.25 -6.21
C TRP H 300 25.69 -29.83 -4.88
N PHE H 301 25.70 -28.54 -4.64
CA PHE H 301 26.43 -27.95 -3.54
C PHE H 301 25.65 -28.04 -2.21
N CYS H 302 26.39 -27.98 -1.12
CA CYS H 302 25.81 -27.84 0.21
C CYS H 302 26.85 -27.28 1.16
N PRO H 303 26.39 -26.56 2.21
CA PRO H 303 27.31 -26.22 3.30
C PRO H 303 27.65 -27.50 4.04
N GLY H 304 28.89 -27.57 4.52
CA GLY H 304 29.38 -28.72 5.22
C GLY H 304 29.98 -28.28 6.53
N VAL H 305 29.70 -29.04 7.59
CA VAL H 305 30.31 -28.78 8.88
C VAL H 305 31.65 -29.46 8.83
N GLU H 306 32.71 -28.68 8.90
CA GLU H 306 34.06 -29.26 8.85
C GLU H 306 34.28 -30.27 9.99
N GLN H 307 34.84 -31.41 9.66
CA GLN H 307 35.14 -32.46 10.60
C GLN H 307 36.60 -32.39 11.10
N PRO H 308 36.86 -32.99 12.27
CA PRO H 308 38.23 -33.11 12.78
C PRO H 308 39.22 -33.65 11.75
N ASP H 309 38.81 -34.61 10.92
CA ASP H 309 39.73 -35.20 9.97
C ASP H 309 39.87 -34.45 8.66
N GLY H 310 39.32 -33.25 8.58
CA GLY H 310 39.38 -32.48 7.35
C GLY H 310 38.20 -32.70 6.38
N SER H 311 37.40 -33.74 6.60
CA SER H 311 36.20 -34.01 5.77
C SER H 311 35.06 -33.11 6.21
N ALA H 312 33.85 -33.37 5.68
CA ALA H 312 32.70 -32.52 5.97
C ALA H 312 31.49 -33.34 6.27
N ALA H 313 30.48 -32.64 6.81
CA ALA H 313 29.16 -33.22 7.06
C ALA H 313 28.10 -32.34 6.45
N PHE H 314 27.20 -32.95 5.69
CA PHE H 314 26.09 -32.22 5.06
C PHE H 314 25.31 -31.51 6.17
N MET H 315 25.19 -30.20 6.04
CA MET H 315 24.37 -29.40 6.93
C MET H 315 23.04 -29.00 6.24
N VAL H 316 21.96 -29.54 6.76
CA VAL H 316 20.62 -29.34 6.20
C VAL H 316 19.64 -29.02 7.31
N GLY H 317 18.59 -28.28 6.99
CA GLY H 317 17.55 -28.00 7.97
C GLY H 317 18.05 -27.11 9.09
N VAL H 318 18.66 -26.01 8.70
CA VAL H 318 19.09 -25.00 9.64
C VAL H 318 17.85 -24.47 10.35
N ARG H 319 17.95 -24.35 11.68
CA ARG H 319 16.84 -23.89 12.49
C ARG H 319 17.22 -22.85 13.55
N GLY H 320 18.42 -22.32 13.46
CA GLY H 320 18.87 -21.30 14.38
C GLY H 320 20.27 -20.84 14.02
N GLY H 321 20.85 -20.02 14.89
CA GLY H 321 22.18 -19.49 14.67
C GLY H 321 22.17 -18.49 13.53
N LEU H 322 23.38 -18.06 13.19
CA LEU H 322 23.62 -17.21 12.03
C LEU H 322 25.01 -17.56 11.52
N VAL H 323 25.35 -17.04 10.34
CA VAL H 323 26.61 -17.39 9.70
C VAL H 323 27.34 -16.10 9.36
N VAL H 324 28.64 -16.07 9.66
CA VAL H 324 29.47 -14.93 9.28
C VAL H 324 30.65 -15.35 8.43
N ASP H 325 31.09 -14.41 7.61
CA ASP H 325 32.32 -14.50 6.86
C ASP H 325 33.48 -14.17 7.80
N SER H 326 34.70 -14.15 7.28
CA SER H 326 35.89 -13.94 8.13
C SER H 326 35.98 -12.51 8.66
N ALA H 327 35.21 -11.60 8.08
CA ALA H 327 35.03 -10.26 8.63
C ALA H 327 33.98 -10.15 9.75
N GLY H 328 33.40 -11.26 10.18
CA GLY H 328 32.40 -11.23 11.25
C GLY H 328 31.05 -10.67 10.85
N GLU H 329 30.76 -10.67 9.55
CA GLU H 329 29.46 -10.20 9.06
C GLU H 329 28.62 -11.25 8.38
N ARG H 330 27.31 -11.13 8.56
CA ARG H 330 26.35 -11.93 7.81
C ARG H 330 26.43 -11.56 6.33
N TYR H 331 26.27 -12.55 5.46
CA TYR H 331 26.27 -12.27 4.03
C TYR H 331 25.22 -13.06 3.23
N LEU H 332 24.47 -13.93 3.91
CA LEU H 332 23.41 -14.70 3.24
C LEU H 332 22.29 -15.05 4.17
N ASN H 333 21.16 -15.45 3.59
CA ASN H 333 20.09 -16.08 4.33
C ASN H 333 20.47 -17.52 4.67
N GLU H 334 20.71 -17.76 5.97
CA GLU H 334 21.23 -19.04 6.43
C GLU H 334 20.25 -20.19 6.29
N SER H 335 18.99 -19.84 6.08
CA SER H 335 17.92 -20.82 5.88
C SER H 335 17.71 -21.24 4.42
N LEU H 336 18.49 -20.67 3.49
CA LEU H 336 18.43 -21.10 2.08
C LEU H 336 18.58 -22.59 1.88
N PRO H 337 17.83 -23.14 0.91
CA PRO H 337 18.17 -24.47 0.45
C PRO H 337 19.67 -24.63 0.20
N TYR H 338 20.19 -25.82 0.54
CA TYR H 338 21.62 -26.09 0.62
C TYR H 338 22.42 -25.68 -0.63
N ASP H 339 21.89 -25.91 -1.82
CA ASP H 339 22.62 -25.58 -3.06
C ASP H 339 22.73 -24.07 -3.23
N GLN H 340 21.68 -23.34 -2.86
CA GLN H 340 21.71 -21.87 -2.90
C GLN H 340 22.62 -21.30 -1.81
N PHE H 341 22.65 -21.96 -0.66
CA PHE H 341 23.53 -21.58 0.41
C PHE H 341 24.98 -21.72 -0.10
N GLY H 342 25.32 -22.90 -0.61
CA GLY H 342 26.65 -23.21 -1.13
C GLY H 342 27.10 -22.24 -2.22
N ARG H 343 26.21 -21.96 -3.14
CA ARG H 343 26.51 -21.04 -4.23
C ARG H 343 26.74 -19.63 -3.69
N ALA H 344 26.05 -19.26 -2.61
CA ALA H 344 26.29 -17.95 -1.99
C ALA H 344 27.64 -17.90 -1.29
N MET H 345 28.09 -19.01 -0.72
CA MET H 345 29.43 -19.07 -0.13
C MET H 345 30.49 -18.83 -1.21
N ASP H 346 30.38 -19.59 -2.30
CA ASP H 346 31.29 -19.47 -3.40
C ASP H 346 31.28 -18.07 -4.00
N ALA H 347 30.11 -17.48 -4.18
CA ALA H 347 30.04 -16.13 -4.74
C ALA H 347 30.69 -15.11 -3.82
N HIS H 348 30.59 -15.29 -2.51
CA HIS H 348 31.10 -14.30 -1.57
C HIS H 348 32.57 -14.48 -1.37
N ASP H 349 33.10 -15.64 -1.71
CA ASP H 349 34.44 -16.00 -1.28
C ASP H 349 35.49 -15.22 -2.02
N ASP H 350 36.39 -14.61 -1.27
CA ASP H 350 37.52 -13.90 -1.86
C ASP H 350 38.78 -14.38 -1.19
N ASN H 351 39.45 -15.33 -1.80
CA ASN H 351 40.67 -15.84 -1.21
C ASN H 351 40.45 -16.40 0.18
N GLY H 352 39.31 -17.05 0.40
CA GLY H 352 39.04 -17.73 1.68
C GLY H 352 38.27 -16.93 2.70
N SER H 353 37.75 -15.77 2.33
CA SER H 353 36.93 -14.97 3.24
C SER H 353 35.57 -15.59 3.57
N ALA H 354 35.06 -16.47 2.70
CA ALA H 354 33.79 -17.15 2.96
C ALA H 354 33.89 -18.68 3.00
N VAL H 355 35.04 -19.23 2.67
CA VAL H 355 35.28 -20.67 2.76
C VAL H 355 36.61 -20.84 3.49
N PRO H 356 36.57 -21.10 4.82
CA PRO H 356 35.40 -21.35 5.66
C PRO H 356 34.55 -20.14 6.04
N SER H 357 33.29 -20.39 6.36
CA SER H 357 32.49 -19.43 7.09
C SER H 357 32.33 -19.95 8.52
N PHE H 358 31.72 -19.15 9.39
CA PHE H 358 31.55 -19.53 10.78
C PHE H 358 30.10 -19.47 11.19
N MET H 359 29.58 -20.62 11.63
CA MET H 359 28.24 -20.62 12.16
C MET H 359 28.32 -20.33 13.64
N ILE H 360 27.64 -19.25 14.04
CA ILE H 360 27.57 -18.77 15.40
C ILE H 360 26.25 -19.19 16.07
N PHE H 361 26.33 -19.83 17.21
CA PHE H 361 25.12 -20.25 17.93
C PHE H 361 25.33 -20.28 19.44
N ASP H 362 24.23 -20.36 20.18
CA ASP H 362 24.31 -20.32 21.64
C ASP H 362 23.99 -21.69 22.20
N SER H 363 23.75 -21.76 23.51
CA SER H 363 23.56 -23.04 24.18
C SER H 363 22.08 -23.44 24.28
N ARG H 364 21.23 -22.78 23.50
CA ARG H 364 19.81 -23.17 23.49
C ARG H 364 19.62 -24.69 23.35
N GLU H 365 20.40 -25.35 22.51
CA GLU H 365 20.29 -26.81 22.36
C GLU H 365 21.42 -27.53 23.09
N GLY H 366 21.82 -26.99 24.23
CA GLY H 366 22.79 -27.66 25.09
C GLY H 366 24.18 -27.79 24.53
N GLY H 367 24.54 -26.97 23.56
CA GLY H 367 25.80 -27.13 22.85
C GLY H 367 25.69 -27.71 21.45
N GLY H 368 24.54 -28.30 21.13
CA GLY H 368 24.27 -28.77 19.79
C GLY H 368 24.18 -27.65 18.79
N LEU H 369 24.59 -27.94 17.56
CA LEU H 369 24.45 -27.01 16.47
C LEU H 369 22.99 -27.08 15.95
N PRO H 370 22.36 -25.95 15.69
CA PRO H 370 20.92 -25.95 15.33
C PRO H 370 20.67 -26.23 13.83
N ALA H 371 20.93 -27.48 13.44
CA ALA H 371 20.74 -27.97 12.09
C ALA H 371 20.90 -29.47 12.15
N ILE H 372 20.60 -30.14 11.05
CA ILE H 372 20.86 -31.56 10.89
C ILE H 372 22.21 -31.70 10.16
N CYS H 373 23.12 -32.46 10.74
CA CYS H 373 24.46 -32.66 10.25
C CYS H 373 24.63 -34.13 9.97
N ILE H 374 25.06 -34.46 8.75
CA ILE H 374 25.19 -35.86 8.35
C ILE H 374 26.61 -36.12 7.76
N PRO H 375 27.44 -36.91 8.46
CA PRO H 375 27.23 -37.59 9.74
C PRO H 375 27.22 -36.63 10.92
N ASN H 376 26.73 -37.14 12.04
CA ASN H 376 26.45 -36.27 13.21
C ASN H 376 27.52 -36.44 14.32
N THR H 377 28.65 -35.82 14.12
CA THR H 377 29.76 -35.87 15.07
C THR H 377 29.45 -35.06 16.32
N ALA H 378 29.66 -35.66 17.48
CA ALA H 378 29.33 -34.98 18.76
C ALA H 378 30.07 -33.70 18.92
N PRO H 379 29.40 -32.68 19.48
CA PRO H 379 30.05 -31.41 19.79
C PRO H 379 31.39 -31.53 20.53
N ALA H 380 31.52 -32.48 21.46
CA ALA H 380 32.76 -32.64 22.23
C ALA H 380 33.97 -32.98 21.33
N LYS H 381 33.73 -33.75 20.27
CA LYS H 381 34.82 -34.09 19.35
C LYS H 381 35.24 -32.88 18.56
N HIS H 382 34.27 -32.09 18.13
CA HIS H 382 34.58 -30.88 17.40
C HIS H 382 35.37 -29.93 18.26
N LEU H 383 34.95 -29.78 19.53
CA LEU H 383 35.58 -28.81 20.43
C LEU H 383 37.01 -29.24 20.75
N GLU H 384 37.20 -30.52 20.95
CA GLU H 384 38.52 -31.09 21.16
C GLU H 384 39.44 -30.87 19.97
N ALA H 385 38.90 -31.07 18.77
CA ALA H 385 39.72 -30.91 17.57
C ALA H 385 39.86 -29.45 17.19
N GLY H 386 38.98 -28.59 17.68
CA GLY H 386 39.05 -27.16 17.30
C GLY H 386 38.26 -26.75 16.05
N THR H 387 37.55 -27.68 15.44
CA THR H 387 36.64 -27.32 14.34
C THR H 387 35.55 -26.41 14.84
N TRP H 388 35.12 -26.64 16.07
CA TRP H 388 34.32 -25.66 16.81
C TRP H 388 35.13 -25.08 17.94
N VAL H 389 34.83 -23.84 18.30
CA VAL H 389 35.28 -23.24 19.55
C VAL H 389 34.10 -22.69 20.35
N GLY H 390 34.24 -22.72 21.67
CA GLY H 390 33.25 -22.18 22.57
C GLY H 390 33.84 -21.10 23.46
N ALA H 391 32.98 -20.21 23.94
CA ALA H 391 33.38 -19.15 24.86
C ALA H 391 32.18 -18.58 25.63
N ASP H 392 32.44 -18.03 26.81
CA ASP H 392 31.40 -17.43 27.62
C ASP H 392 30.93 -16.10 27.07
N THR H 393 31.74 -15.43 26.29
CA THR H 393 31.35 -14.16 25.67
C THR H 393 31.68 -14.14 24.17
N LEU H 394 31.03 -13.23 23.45
CA LEU H 394 31.31 -13.05 22.03
C LEU H 394 32.70 -12.49 21.77
N GLU H 395 33.21 -11.69 22.69
CA GLU H 395 34.52 -11.08 22.55
C GLU H 395 35.56 -12.18 22.52
N GLU H 396 35.43 -13.09 23.46
CA GLU H 396 36.33 -14.20 23.58
C GLU H 396 36.17 -15.19 22.40
N LEU H 397 34.94 -15.40 21.97
CA LEU H 397 34.69 -16.24 20.80
C LEU H 397 35.40 -15.67 19.58
N ALA H 398 35.36 -14.35 19.42
CA ALA H 398 36.01 -13.68 18.31
C ALA H 398 37.52 -13.89 18.34
N ALA H 399 38.10 -13.76 19.53
CA ALA H 399 39.54 -13.96 19.71
C ALA H 399 39.95 -15.35 19.33
N LYS H 400 39.15 -16.33 19.72
CA LYS H 400 39.45 -17.74 19.41
C LYS H 400 39.23 -18.14 17.96
N THR H 401 38.49 -17.35 17.20
CA THR H 401 38.22 -17.66 15.81
C THR H 401 38.92 -16.71 14.84
N GLY H 402 39.51 -15.63 15.33
CA GLY H 402 40.10 -14.63 14.46
C GLY H 402 39.15 -13.58 13.96
N LEU H 403 37.88 -13.67 14.35
CA LEU H 403 36.88 -12.74 13.85
C LEU H 403 37.07 -11.44 14.57
N PRO H 404 36.80 -10.30 13.91
CA PRO H 404 36.81 -9.05 14.65
C PRO H 404 35.71 -8.97 15.71
N ALA H 405 36.09 -8.66 16.94
CA ALA H 405 35.17 -8.73 18.07
C ALA H 405 34.03 -7.76 17.91
N ASP H 406 34.35 -6.54 17.50
CA ASP H 406 33.34 -5.51 17.41
C ASP H 406 32.30 -5.84 16.34
N ALA H 407 32.78 -6.29 15.19
CA ALA H 407 31.91 -6.72 14.09
C ALA H 407 31.02 -7.88 14.53
N LEU H 408 31.62 -8.89 15.16
CA LEU H 408 30.84 -10.03 15.59
C LEU H 408 29.75 -9.62 16.54
N ARG H 409 30.12 -8.88 17.59
CA ARG H 409 29.15 -8.44 18.59
C ARG H 409 28.02 -7.67 17.92
N SER H 410 28.40 -6.78 17.04
CA SER H 410 27.47 -5.93 16.36
C SER H 410 26.51 -6.74 15.45
N THR H 411 27.08 -7.71 14.75
CA THR H 411 26.33 -8.64 13.92
C THR H 411 25.28 -9.40 14.72
N VAL H 412 25.68 -9.92 15.89
CA VAL H 412 24.75 -10.66 16.73
C VAL H 412 23.66 -9.77 17.28
N GLU H 413 24.03 -8.57 17.74
CA GLU H 413 23.02 -7.64 18.30
C GLU H 413 21.98 -7.30 17.26
N LYS H 414 22.44 -7.04 16.04
CA LYS H 414 21.54 -6.69 14.96
C LYS H 414 20.63 -7.85 14.61
N PHE H 415 21.20 -9.07 14.53
CA PHE H 415 20.39 -10.25 14.29
C PHE H 415 19.38 -10.47 15.41
N ASN H 416 19.80 -10.28 16.66
CA ASN H 416 18.85 -10.42 17.78
C ASN H 416 17.72 -9.41 17.75
N ASP H 417 17.98 -8.19 17.27
CA ASP H 417 16.90 -7.19 17.07
C ASP H 417 15.92 -7.69 16.01
N ALA H 418 16.46 -8.23 14.93
CA ALA H 418 15.63 -8.81 13.88
C ALA H 418 14.76 -9.93 14.43
N ALA H 419 15.34 -10.79 15.26
CA ALA H 419 14.58 -11.89 15.87
C ALA H 419 13.45 -11.35 16.74
N LYS H 420 13.73 -10.28 17.48
CA LYS H 420 12.71 -9.62 18.31
C LYS H 420 11.55 -9.13 17.45
N LEU H 421 11.84 -8.40 16.38
CA LEU H 421 10.81 -7.91 15.47
C LEU H 421 10.18 -8.98 14.62
N GLY H 422 10.87 -10.10 14.44
CA GLY H 422 10.41 -11.16 13.58
C GLY H 422 10.63 -10.90 12.11
N VAL H 423 11.52 -9.97 11.79
CA VAL H 423 11.85 -9.65 10.41
C VAL H 423 13.35 -9.43 10.25
N ASP H 424 13.93 -10.06 9.23
CA ASP H 424 15.34 -9.91 8.87
C ASP H 424 15.38 -9.05 7.62
N GLU H 425 15.54 -7.74 7.80
CA GLU H 425 15.52 -6.80 6.68
C GLU H 425 16.73 -6.96 5.80
N GLU H 426 17.83 -7.45 6.35
CA GLU H 426 19.05 -7.52 5.58
C GLU H 426 19.04 -8.70 4.58
N PHE H 427 18.73 -9.92 5.02
CA PHE H 427 18.75 -11.06 4.10
C PHE H 427 17.43 -11.80 3.99
N HIS H 428 16.37 -11.26 4.57
CA HIS H 428 15.01 -11.81 4.43
C HIS H 428 14.84 -13.24 4.83
N ARG H 429 15.65 -13.70 5.78
CA ARG H 429 15.46 -15.02 6.33
C ARG H 429 14.08 -15.14 6.99
N GLY H 430 13.47 -16.31 6.85
CA GLY H 430 12.17 -16.57 7.43
C GLY H 430 11.04 -15.92 6.67
N GLU H 431 11.17 -15.82 5.35
CA GLU H 431 10.11 -15.32 4.48
C GLU H 431 9.92 -16.32 3.33
N ASP H 432 9.90 -17.61 3.63
CA ASP H 432 9.76 -18.63 2.61
C ASP H 432 9.37 -19.93 3.33
N PRO H 433 8.53 -20.74 2.70
CA PRO H 433 8.14 -22.01 3.34
C PRO H 433 9.31 -22.95 3.63
N TYR H 434 10.37 -22.88 2.82
CA TYR H 434 11.53 -23.72 3.12
C TYR H 434 12.13 -23.31 4.48
N ASP H 435 12.28 -22.01 4.69
CA ASP H 435 12.90 -21.50 5.90
C ASP H 435 12.12 -21.96 7.15
N ALA H 436 10.79 -21.96 7.04
CA ALA H 436 9.92 -22.29 8.14
C ALA H 436 9.88 -23.78 8.41
N PHE H 437 10.04 -24.57 7.36
CA PHE H 437 9.79 -25.99 7.41
C PHE H 437 10.56 -26.73 8.49
N PHE H 438 11.76 -26.31 8.78
CA PHE H 438 12.63 -27.02 9.72
C PHE H 438 12.66 -26.49 11.15
N CYS H 439 11.90 -25.46 11.41
CA CYS H 439 11.93 -24.81 12.71
C CYS H 439 10.99 -25.36 13.74
N PRO H 440 11.45 -25.43 14.98
CA PRO H 440 10.60 -25.94 16.05
C PRO H 440 9.66 -24.86 16.58
N PRO H 441 8.66 -25.28 17.35
CA PRO H 441 7.66 -24.39 17.87
C PRO H 441 8.19 -23.46 18.90
N ASN H 442 7.31 -22.54 19.25
CA ASN H 442 7.44 -21.71 20.44
C ASN H 442 8.62 -20.77 20.28
N GLY H 443 9.10 -20.56 19.07
CA GLY H 443 9.93 -19.40 18.82
C GLY H 443 9.12 -18.16 19.24
N GLY H 444 9.37 -17.05 18.56
CA GLY H 444 8.69 -15.79 18.83
C GLY H 444 7.89 -15.43 17.60
N ALA H 445 8.10 -14.22 17.12
CA ALA H 445 7.35 -13.73 15.96
C ALA H 445 7.65 -14.57 14.71
N ASN H 446 8.91 -14.95 14.51
CA ASN H 446 9.31 -15.69 13.33
C ASN H 446 10.13 -16.90 13.74
N ALA H 447 9.60 -18.06 13.41
CA ALA H 447 10.18 -19.31 13.88
C ALA H 447 11.60 -19.53 13.37
N ALA H 448 11.95 -18.88 12.27
CA ALA H 448 13.32 -19.01 11.70
C ALA H 448 14.37 -18.09 12.34
N LEU H 449 13.90 -17.13 13.13
CA LEU H 449 14.76 -16.12 13.71
C LEU H 449 14.70 -16.24 15.22
N THR H 450 15.79 -16.73 15.79
CA THR H 450 15.89 -16.94 17.22
C THR H 450 17.16 -16.27 17.74
N ALA H 451 17.00 -15.49 18.80
CA ALA H 451 18.07 -14.69 19.33
C ALA H 451 19.19 -15.56 19.85
N ILE H 452 20.40 -15.09 19.63
CA ILE H 452 21.61 -15.80 20.09
C ILE H 452 22.08 -15.07 21.34
N GLU H 453 21.83 -15.66 22.49
CA GLU H 453 21.92 -14.88 23.72
C GLU H 453 22.15 -15.68 25.00
N ASN H 454 22.02 -17.00 24.98
CA ASN H 454 22.29 -17.79 26.18
C ASN H 454 23.56 -18.58 26.05
N GLY H 455 24.61 -18.05 26.66
CA GLY H 455 25.93 -18.61 26.55
C GLY H 455 26.05 -19.92 27.29
N PRO H 456 27.16 -20.65 27.10
CA PRO H 456 28.27 -20.31 26.21
C PRO H 456 27.85 -20.21 24.74
N PHE H 457 28.66 -19.48 23.99
CA PHE H 457 28.48 -19.27 22.57
C PHE H 457 29.49 -20.12 21.80
N TYR H 458 29.11 -20.55 20.60
CA TYR H 458 29.95 -21.40 19.77
C TYR H 458 30.11 -20.84 18.35
N ALA H 459 31.24 -21.17 17.74
CA ALA H 459 31.50 -20.97 16.31
C ALA H 459 31.97 -22.27 15.69
N ALA H 460 31.25 -22.73 14.66
CA ALA H 460 31.58 -23.93 13.90
C ALA H 460 32.03 -23.55 12.50
N ARG H 461 33.11 -24.16 12.02
CA ARG H 461 33.59 -23.87 10.65
C ARG H 461 32.73 -24.59 9.63
N ILE H 462 32.31 -23.83 8.64
CA ILE H 462 31.44 -24.31 7.56
C ILE H 462 32.24 -24.20 6.25
N VAL H 463 32.33 -25.32 5.53
CA VAL H 463 33.01 -25.36 4.25
C VAL H 463 32.03 -25.65 3.09
N LEU H 464 32.52 -25.69 1.85
CA LEU H 464 31.65 -25.83 0.66
C LEU H 464 31.69 -27.26 0.20
N SER H 465 30.75 -28.03 0.73
CA SER H 465 30.67 -29.45 0.47
C SER H 465 29.80 -29.65 -0.81
N ASP H 466 29.56 -30.91 -1.15
CA ASP H 466 28.76 -31.26 -2.30
C ASP H 466 28.16 -32.63 -2.06
N LEU H 467 27.05 -32.89 -2.79
CA LEU H 467 26.37 -34.16 -2.78
C LEU H 467 26.61 -34.87 -4.14
N GLY H 468 27.82 -34.72 -4.66
CA GLY H 468 28.17 -35.13 -6.03
C GLY H 468 28.30 -33.90 -6.92
N THR H 469 29.07 -34.03 -8.00
CA THR H 469 29.11 -32.99 -9.03
C THR H 469 27.95 -33.27 -10.00
N LYS H 470 27.70 -32.35 -10.93
CA LYS H 470 26.60 -32.50 -11.88
C LYS H 470 26.98 -32.14 -13.33
N GLY H 471 28.29 -32.01 -13.59
CA GLY H 471 28.81 -31.88 -14.94
C GLY H 471 29.23 -33.21 -15.50
N GLY H 472 29.27 -33.32 -16.81
CA GLY H 472 29.68 -34.60 -17.38
C GLY H 472 29.36 -34.72 -18.85
N LEU H 473 29.14 -35.95 -19.30
CA LEU H 473 28.93 -36.23 -20.70
C LEU H 473 27.60 -35.59 -21.15
N VAL H 474 27.63 -34.99 -22.34
CA VAL H 474 26.42 -34.47 -22.98
C VAL H 474 25.58 -35.63 -23.48
N THR H 475 24.27 -35.57 -23.22
CA THR H 475 23.37 -36.62 -23.61
C THR H 475 22.08 -36.04 -24.20
N ASP H 476 21.33 -36.88 -24.91
CA ASP H 476 20.03 -36.48 -25.45
C ASP H 476 18.91 -37.02 -24.55
N VAL H 477 17.66 -36.89 -25.02
CA VAL H 477 16.53 -37.24 -24.22
C VAL H 477 16.48 -38.71 -23.89
N ASN H 478 17.22 -39.53 -24.63
CA ASN H 478 17.23 -40.96 -24.35
C ASN H 478 18.54 -41.44 -23.72
N GLY H 479 19.30 -40.50 -23.21
CA GLY H 479 20.55 -40.82 -22.50
C GLY H 479 21.74 -41.12 -23.39
N ARG H 480 21.61 -40.92 -24.69
CA ARG H 480 22.75 -41.26 -25.58
C ARG H 480 23.82 -40.23 -25.45
N VAL H 481 25.07 -40.70 -25.37
CA VAL H 481 26.19 -39.80 -25.26
C VAL H 481 26.45 -39.15 -26.63
N LEU H 482 26.56 -37.83 -26.63
CA LEU H 482 26.78 -37.08 -27.84
C LEU H 482 28.21 -36.57 -27.97
N ARG H 483 28.64 -36.45 -29.21
CA ARG H 483 29.94 -35.81 -29.55
C ARG H 483 29.73 -34.31 -29.56
N ALA H 484 30.82 -33.60 -29.75
CA ALA H 484 30.80 -32.13 -29.85
C ALA H 484 29.87 -31.61 -30.92
N ASP H 485 29.68 -32.34 -32.02
CA ASP H 485 28.78 -31.90 -33.10
C ASP H 485 27.34 -32.32 -32.87
N GLY H 486 27.07 -33.00 -31.77
CA GLY H 486 25.68 -33.35 -31.43
C GLY H 486 25.29 -34.72 -31.89
N SER H 487 26.21 -35.42 -32.58
CA SER H 487 25.92 -36.75 -33.07
C SER H 487 26.05 -37.75 -31.92
N ALA H 488 25.31 -38.84 -31.99
CA ALA H 488 25.25 -39.85 -30.93
C ALA H 488 26.26 -40.93 -31.13
N ILE H 489 26.95 -41.31 -30.05
CA ILE H 489 27.90 -42.39 -30.09
C ILE H 489 27.12 -43.68 -29.90
N ASP H 490 27.04 -44.46 -30.96
CA ASP H 490 26.23 -45.64 -31.00
C ASP H 490 26.61 -46.61 -29.91
N GLY H 491 25.61 -47.14 -29.19
CA GLY H 491 25.85 -48.12 -28.11
C GLY H 491 26.22 -47.54 -26.74
N LEU H 492 26.33 -46.22 -26.63
CA LEU H 492 26.77 -45.59 -25.40
C LEU H 492 25.74 -44.64 -24.77
N TYR H 493 25.44 -44.89 -23.49
CA TYR H 493 24.50 -44.08 -22.71
C TYR H 493 25.07 -43.66 -21.37
N ALA H 494 24.61 -42.52 -20.88
CA ALA H 494 24.99 -42.02 -19.58
C ALA H 494 23.80 -41.36 -18.86
N ALA H 495 23.77 -41.50 -17.54
CA ALA H 495 22.74 -40.93 -16.69
C ALA H 495 23.27 -40.74 -15.28
N GLY H 496 22.51 -40.01 -14.48
CA GLY H 496 23.00 -39.57 -13.18
C GLY H 496 24.17 -38.61 -13.35
N ASN H 497 25.10 -38.59 -12.40
CA ASN H 497 26.13 -37.59 -12.41
C ASN H 497 27.32 -37.90 -13.35
N THR H 498 27.30 -39.03 -14.00
CA THR H 498 28.17 -39.26 -15.15
C THR H 498 27.74 -38.32 -16.32
N SER H 499 26.47 -37.90 -16.33
CA SER H 499 25.91 -37.01 -17.35
C SER H 499 25.81 -35.60 -16.87
N ALA H 500 25.97 -34.63 -17.79
CA ALA H 500 25.73 -33.23 -17.49
C ALA H 500 24.22 -33.03 -17.20
N SER H 501 23.91 -32.44 -16.06
CA SER H 501 22.51 -32.37 -15.62
C SER H 501 21.70 -31.40 -16.45
N LEU H 502 20.46 -31.76 -16.75
CA LEU H 502 19.55 -30.80 -17.41
C LEU H 502 19.28 -29.56 -16.54
N SER H 503 19.51 -29.68 -15.22
CA SER H 503 19.21 -28.62 -14.28
C SER H 503 20.20 -27.46 -14.27
N GLY H 504 21.32 -27.57 -15.01
CA GLY H 504 22.25 -26.47 -15.09
C GLY H 504 22.75 -26.02 -13.71
N ARG H 505 22.60 -24.73 -13.43
CA ARG H 505 23.06 -24.13 -12.18
C ARG H 505 21.97 -24.11 -11.07
N PHE H 506 20.94 -24.94 -11.20
CA PHE H 506 19.82 -24.96 -10.26
C PHE H 506 19.59 -26.33 -9.64
N TYR H 507 19.17 -26.33 -8.37
CA TYR H 507 18.73 -27.56 -7.66
C TYR H 507 17.23 -27.27 -7.36
N PRO H 508 16.31 -27.66 -8.27
CA PRO H 508 14.92 -27.19 -8.17
C PRO H 508 14.14 -27.62 -6.95
N GLY H 509 14.38 -28.84 -6.47
CA GLY H 509 13.71 -29.31 -5.28
C GLY H 509 14.32 -30.61 -4.85
N PRO H 510 13.79 -31.16 -3.77
CA PRO H 510 14.30 -32.40 -3.25
C PRO H 510 14.13 -33.56 -4.23
N GLY H 511 15.19 -34.30 -4.44
CA GLY H 511 15.09 -35.52 -5.25
C GLY H 511 15.36 -35.34 -6.74
N VAL H 512 15.81 -34.17 -7.15
CA VAL H 512 16.16 -33.98 -8.56
C VAL H 512 17.37 -34.80 -9.03
N PRO H 513 18.44 -34.94 -8.21
CA PRO H 513 19.56 -35.72 -8.64
C PRO H 513 19.20 -37.17 -8.86
N LEU H 514 18.42 -37.75 -7.94
CA LEU H 514 18.00 -39.14 -8.12
C LEU H 514 16.92 -39.26 -9.22
N GLY H 515 16.01 -38.30 -9.28
CA GLY H 515 14.87 -38.34 -10.22
C GLY H 515 15.38 -38.29 -11.68
N THR H 516 16.27 -37.35 -11.96
CA THR H 516 16.89 -37.28 -13.28
C THR H 516 17.69 -38.55 -13.60
N ALA H 517 18.46 -39.04 -12.64
CA ALA H 517 19.24 -40.24 -12.84
C ALA H 517 18.34 -41.39 -13.22
N MET H 518 17.24 -41.53 -12.50
CA MET H 518 16.34 -42.64 -12.70
C MET H 518 15.59 -42.54 -14.05
N VAL H 519 15.14 -41.37 -14.40
CA VAL H 519 14.32 -41.24 -15.61
C VAL H 519 15.22 -41.52 -16.83
N PHE H 520 16.41 -40.94 -16.87
CA PHE H 520 17.26 -41.14 -18.05
C PHE H 520 17.93 -42.48 -18.14
N SER H 521 18.08 -43.17 -17.00
CA SER H 521 18.48 -44.54 -17.02
C SER H 521 17.41 -45.42 -17.62
N TYR H 522 16.15 -45.16 -17.23
CA TYR H 522 15.03 -45.85 -17.78
C TYR H 522 14.95 -45.61 -19.28
N ARG H 523 15.02 -44.36 -19.69
CA ARG H 523 14.90 -44.03 -21.12
C ARG H 523 16.04 -44.68 -21.93
N ALA H 524 17.26 -44.70 -21.38
CA ALA H 524 18.36 -45.38 -22.03
C ALA H 524 18.08 -46.83 -22.26
N ALA H 525 17.58 -47.50 -21.23
CA ALA H 525 17.28 -48.90 -21.35
C ALA H 525 16.15 -49.15 -22.38
N GLN H 526 15.14 -48.26 -22.39
CA GLN H 526 14.06 -48.38 -23.35
C GLN H 526 14.59 -48.21 -24.80
N ASP H 527 15.49 -47.26 -24.98
CA ASP H 527 16.14 -47.06 -26.28
C ASP H 527 16.89 -48.32 -26.73
N MET H 528 17.63 -48.92 -25.83
CA MET H 528 18.39 -50.12 -26.12
C MET H 528 17.49 -51.29 -26.45
N ALA H 529 16.26 -51.25 -25.96
CA ALA H 529 15.32 -52.31 -26.21
C ALA H 529 14.62 -52.22 -27.58
N LYS H 530 14.60 -51.04 -28.22
CA LYS H 530 13.94 -50.86 -29.54
C LYS H 530 14.31 -51.90 -30.61
C1 GLC I . 7.78 40.40 -4.83
C2 GLC I . 6.58 41.23 -5.18
C3 GLC I . 7.00 42.47 -5.91
C4 GLC I . 7.97 43.26 -5.02
C5 GLC I . 9.18 42.42 -4.73
C6 GLC I . 10.15 43.13 -3.76
O2 GLC I . 5.79 40.46 -6.00
O3 GLC I . 5.84 43.24 -6.14
O4 GLC I . 8.43 44.49 -5.65
O5 GLC I . 8.81 41.18 -4.11
O6 GLC I . 9.42 43.58 -2.61
C1 FRU I . 7.50 37.76 -6.24
C2 FRU I . 8.78 38.57 -5.92
C3 FRU I . 10.01 38.23 -6.85
C4 FRU I . 11.19 38.64 -5.98
C5 FRU I . 10.69 38.04 -4.66
C6 FRU I . 11.43 38.54 -3.42
O1 FRU I . 7.77 36.38 -6.24
O2 FRU I . 8.37 39.89 -6.07
O3 FRU I . 10.03 38.98 -7.99
O4 FRU I . 12.44 38.00 -6.42
O5 FRU I . 9.27 38.40 -4.58
O6 FRU I . 11.38 39.96 -3.43
C1 GLC J . 10.14 52.40 -9.50
C2 GLC J . 8.80 51.75 -9.89
C3 GLC J . 8.57 50.38 -9.22
C4 GLC J . 9.86 49.47 -9.31
C5 GLC J . 11.16 50.23 -8.98
C6 GLC J . 12.30 49.43 -9.56
O2 GLC J . 7.81 52.66 -9.53
O3 GLC J . 7.47 49.72 -9.87
O4 GLC J . 9.88 48.31 -8.42
O5 GLC J . 11.23 51.48 -9.65
O6 GLC J . 12.03 49.20 -10.95
C1 FRU J . 9.72 55.19 -8.25
C2 FRU J . 10.80 54.16 -7.87
C3 FRU J . 11.18 54.29 -6.34
C4 FRU J . 12.63 53.77 -6.22
C5 FRU J . 13.22 53.91 -7.65
C6 FRU J . 13.82 52.55 -7.95
O1 FRU J . 10.23 56.50 -8.11
O2 FRU J . 10.08 52.89 -8.13
O3 FRU J . 10.32 53.48 -5.52
O4 FRU J . 13.47 54.52 -5.27
O5 FRU J . 12.11 54.35 -8.57
O6 FRU J . 14.41 52.60 -9.24
C1 GLC K . 36.19 63.22 13.59
C2 GLC K . 36.22 64.77 13.69
C3 GLC K . 37.65 65.29 13.32
C4 GLC K . 38.73 64.57 14.15
C5 GLC K . 38.62 63.01 13.93
C6 GLC K . 39.79 62.24 14.61
O2 GLC K . 35.16 65.35 12.82
O3 GLC K . 37.75 66.78 13.44
O4 GLC K . 40.08 65.07 13.79
O5 GLC K . 37.28 62.56 14.34
O6 GLC K . 39.44 61.68 15.89
C1 FRU K . 34.06 62.78 11.19
C2 FRU K . 35.26 61.88 11.63
C3 FRU K . 35.89 61.07 10.46
C4 FRU K . 36.42 59.81 11.17
C5 FRU K . 35.30 59.51 12.19
C6 FRU K . 35.83 58.76 13.45
O1 FRU K . 32.92 61.99 10.90
O2 FRU K . 36.31 62.83 12.17
O3 FRU K . 36.96 61.82 9.85
O4 FRU K . 36.62 58.70 10.28
O5 FRU K . 34.79 60.82 12.60
O6 FRU K . 36.97 59.46 14.04
C1 GLC L . -9.03 49.99 -19.13
C2 GLC L . -7.80 49.59 -18.35
C3 GLC L . -7.87 48.13 -17.95
C4 GLC L . -9.19 47.83 -17.18
C5 GLC L . -10.41 48.33 -17.98
C6 GLC L . -11.66 48.18 -17.11
O2 GLC L . -6.64 49.77 -19.18
O3 GLC L . -6.77 47.89 -17.10
O4 GLC L . -9.32 46.41 -16.93
O5 GLC L . -10.22 49.74 -18.34
O6 GLC L . -11.50 49.02 -15.96
C1 FRU L . -8.48 50.65 -22.15
C2 FRU L . -9.68 49.96 -21.49
C3 FRU L . -10.40 49.00 -22.51
C4 FRU L . -11.83 48.98 -21.98
C5 FRU L . -12.01 50.53 -21.64
C6 FRU L . -12.93 50.94 -20.49
O1 FRU L . -8.98 51.54 -23.16
O2 FRU L . -9.11 49.22 -20.35
O3 FRU L . -9.82 47.67 -22.56
O4 FRU L . -12.72 48.45 -23.03
O5 FRU L . -10.70 50.99 -21.17
O6 FRU L . -13.19 49.78 -19.68
C1 GLC M . -8.86 37.78 -13.63
C2 GLC M . -7.51 38.45 -13.93
C3 GLC M . -7.73 39.91 -14.24
C4 GLC M . -8.66 40.03 -15.47
C5 GLC M . -9.95 39.33 -15.18
C6 GLC M . -10.81 39.32 -16.43
O2 GLC M . -6.78 38.40 -12.78
O3 GLC M . -6.49 40.48 -14.54
O4 GLC M . -8.97 41.41 -15.75
O5 GLC M . -9.74 37.92 -14.75
O6 GLC M . -10.22 38.46 -17.41
C1 FRU M . -9.08 36.98 -10.54
C2 FRU M . -10.13 37.47 -11.55
C3 FRU M . -11.29 38.21 -10.80
C4 FRU M . -12.51 37.92 -11.67
C5 FRU M . -12.26 36.46 -12.14
C6 FRU M . -13.02 36.17 -13.43
O1 FRU M . -9.58 35.79 -9.88
O2 FRU M . -9.46 38.39 -12.47
O3 FRU M . -11.05 39.64 -10.62
O4 FRU M . -13.74 37.96 -10.86
O5 FRU M . -10.77 36.33 -12.23
O6 FRU M . -12.34 36.97 -14.41
C1 GLC N . -40.65 36.57 3.66
C2 GLC N . -40.64 35.62 4.83
C3 GLC N . -41.69 34.49 4.55
C4 GLC N . -43.08 35.08 4.11
C5 GLC N . -42.93 36.17 2.99
C6 GLC N . -44.34 36.67 2.51
O2 GLC N . -39.27 35.06 4.95
O3 GLC N . -41.85 33.55 5.67
O4 GLC N . -43.85 33.99 3.59
O5 GLC N . -41.92 37.20 3.44
O6 GLC N . -44.68 38.00 2.95
C1 FRU N . -37.98 35.97 2.20
C2 FRU N . -39.36 36.32 1.57
C3 FRU N . -39.49 35.69 0.17
C4 FRU N . -40.48 36.65 -0.55
C5 FRU N . -40.39 37.97 0.20
C6 FRU N . -41.79 38.42 0.68
O1 FRU N . -37.01 36.72 1.48
O2 FRU N . -40.38 35.78 2.46
O3 FRU N . -40.07 34.39 0.28
O4 FRU N . -40.14 36.89 -1.94
O5 FRU N . -39.50 37.76 1.34
O6 FRU N . -42.04 39.70 0.14
C1 GLC O . -8.76 -37.65 9.84
C2 GLC O . -7.65 -38.30 10.59
C3 GLC O . -7.98 -39.80 10.87
C4 GLC O . -9.26 -39.90 11.64
C5 GLC O . -10.36 -39.17 10.89
C6 GLC O . -11.65 -39.18 11.70
O2 GLC O . -6.52 -38.25 9.78
O3 GLC O . -6.97 -40.32 11.71
O4 GLC O . -9.62 -41.33 11.87
O5 GLC O . -9.95 -37.76 10.61
O6 GLC O . -11.51 -38.30 12.81
C1 FRU O . -7.63 -37.05 7.03
C2 FRU O . -9.05 -37.38 7.45
C3 FRU O . -9.86 -37.99 6.29
C4 FRU O . -11.29 -37.65 6.73
C5 FRU O . -11.14 -36.21 7.20
C6 FRU O . -12.16 -35.77 8.26
O1 FRU O . -7.73 -35.98 6.10
O2 FRU O . -8.91 -38.28 8.55
O3 FRU O . -9.70 -39.39 6.19
O4 FRU O . -12.25 -37.75 5.61
O5 FRU O . -9.76 -36.14 7.73
O6 FRU O . -12.40 -36.90 9.12
C1 GLC P . -11.44 -49.65 14.73
C2 GLC P . -9.99 -49.41 14.50
C3 GLC P . -9.77 -47.90 14.22
C4 GLC P . -10.59 -47.45 12.95
C5 GLC P . -12.08 -47.90 13.06
C6 GLC P . -12.68 -47.84 11.64
O2 GLC P . -9.32 -49.84 15.66
O3 GLC P . -8.39 -47.70 14.03
O4 GLC P . -10.65 -46.00 12.69
O5 GLC P . -12.22 -49.25 13.54
O6 GLC P . -12.08 -48.87 10.82
C1 FRU P . -11.79 -50.38 17.69
C2 FRU P . -12.82 -49.69 16.76
C3 FRU P . -13.81 -48.71 17.56
C4 FRU P . -14.96 -48.54 16.59
C5 FRU P . -15.16 -50.01 16.05
C6 FRU P . -15.98 -50.06 14.75
O1 FRU P . -12.45 -51.11 18.72
O2 FRU P . -11.85 -48.94 15.95
O3 FRU P . -13.24 -47.43 17.87
O4 FRU P . -16.14 -48.01 17.30
O5 FRU P . -13.76 -50.59 15.98
O6 FRU P . -15.09 -49.78 13.66
C1 GLC Q . -44.66 -43.96 28.54
C2 GLC Q . -45.00 -44.93 29.66
C3 GLC Q . -46.23 -45.78 29.20
C4 GLC Q . -47.44 -44.84 28.82
C5 GLC Q . -46.96 -43.89 27.69
C6 GLC Q . -48.12 -42.96 27.25
O2 GLC Q . -43.80 -45.77 30.00
O3 GLC Q . -46.53 -46.70 30.23
O4 GLC Q . -48.62 -45.56 28.38
O5 GLC Q . -45.75 -43.11 28.16
O6 GLC Q . -48.28 -41.91 28.20
C1 FRU Q . -41.97 -45.14 27.67
C2 FRU Q . -43.02 -44.38 26.87
C3 FRU Q . -42.97 -44.75 25.43
C4 FRU Q . -43.62 -43.54 24.77
C5 FRU Q . -42.88 -42.39 25.49
C6 FRU Q . -43.63 -41.05 25.57
O1 FRU Q . -40.72 -44.82 27.08
O2 FRU Q . -44.30 -44.80 27.40
O3 FRU Q . -43.70 -45.96 25.23
O4 FRU Q . -43.37 -43.61 23.36
O5 FRU Q . -42.76 -42.91 26.87
O6 FRU Q . -45.01 -41.25 25.91
C1 GLC R . 10.28 -52.76 13.44
C2 GLC R . 8.92 -52.17 13.26
C3 GLC R . 8.99 -50.85 12.48
C4 GLC R . 9.99 -49.90 13.17
C5 GLC R . 11.32 -50.61 13.44
C6 GLC R . 12.17 -49.75 14.36
O2 GLC R . 8.21 -53.14 12.56
O3 GLC R . 7.67 -50.27 12.49
O4 GLC R . 10.30 -48.68 12.42
O5 GLC R . 11.15 -51.83 14.11
O6 GLC R . 11.38 -49.48 15.51
C1 FRU R . 10.49 -55.53 12.02
C2 FRU R . 11.53 -54.41 12.21
C3 FRU R . 12.67 -54.49 11.13
C4 FRU R . 13.89 -53.90 11.84
C5 FRU R . 13.67 -54.51 13.26
C6 FRU R . 14.37 -53.79 14.41
O1 FRU R . 11.07 -56.77 12.45
O2 FRU R . 10.81 -53.15 12.14
O3 FRU R . 12.35 -53.74 9.99
O4 FRU R . 15.14 -54.37 11.21
O5 FRU R . 12.21 -54.52 13.49
O6 FRU R . 14.02 -52.42 14.32
C1 GLC S . 9.77 -40.46 8.16
C2 GLC S . 8.54 -41.35 7.99
C3 GLC S . 8.69 -42.56 8.82
C4 GLC S . 9.94 -43.33 8.41
C5 GLC S . 11.16 -42.43 8.56
C6 GLC S . 12.40 -43.19 7.97
O2 GLC S . 7.37 -40.70 8.42
O3 GLC S . 7.54 -43.35 8.60
O4 GLC S . 10.16 -44.44 9.26
O5 GLC S . 11.00 -41.18 7.89
O6 GLC S . 12.06 -43.80 6.73
C1 FRU S . 9.30 -37.66 9.43
C2 FRU S . 10.48 -38.65 9.57
C3 FRU S . 11.25 -38.50 10.95
C4 FRU S . 12.70 -38.82 10.57
C5 FRU S . 12.81 -38.14 9.17
C6 FRU S . 13.99 -38.74 8.38
O1 FRU S . 9.79 -36.35 9.74
O2 FRU S . 9.85 -39.97 9.50
O3 FRU S . 10.69 -39.42 11.93
O4 FRU S . 13.68 -38.24 11.49
O5 FRU S . 11.50 -38.37 8.52
O6 FRU S . 13.56 -40.08 8.06
C1 GLC T . 34.30 -23.14 28.26
C2 GLC T . 34.04 -21.62 28.27
C3 GLC T . 35.30 -20.88 27.71
C4 GLC T . 36.57 -21.36 28.51
C5 GLC T . 36.73 -22.87 28.45
C6 GLC T . 38.01 -23.33 29.21
O2 GLC T . 32.77 -21.34 27.53
O3 GLC T . 35.13 -19.40 27.75
O4 GLC T . 37.78 -20.77 27.95
O5 GLC T . 35.55 -23.51 28.99
O6 GLC T . 37.77 -23.53 30.62
C1 FRU T . 32.22 -24.16 26.17
C2 FRU T . 33.64 -24.72 26.49
C3 FRU T . 34.29 -25.33 25.26
C4 FRU T . 35.35 -26.27 25.92
C5 FRU T . 34.55 -26.90 27.07
C6 FRU T . 35.41 -27.40 28.25
O1 FRU T . 31.31 -25.24 26.00
O2 FRU T . 34.41 -23.56 26.87
O3 FRU T . 34.83 -24.26 24.45
O4 FRU T . 35.82 -27.34 25.07
O5 FRU T . 33.58 -25.86 27.46
O6 FRU T . 36.17 -26.24 28.72
PA FAD U . 16.37 42.12 15.86
O1A FAD U . 17.68 41.57 15.50
O2A FAD U . 15.36 42.42 14.75
O5B FAD U . 16.40 43.48 16.62
C5B FAD U . 17.24 43.60 17.84
C4B FAD U . 17.84 45.01 17.89
O4B FAD U . 18.17 45.14 19.28
C3B FAD U . 19.14 45.07 17.06
O3B FAD U . 19.20 46.28 16.36
C2B FAD U . 20.22 45.10 18.15
O2B FAD U . 21.30 45.92 17.72
C1B FAD U . 19.47 45.72 19.35
N9A FAD U . 20.21 45.44 20.68
C8A FAD U . 20.84 44.36 21.13
N7A FAD U . 21.36 44.65 22.33
C5A FAD U . 20.97 45.88 22.66
C6A FAD U . 21.18 46.64 23.75
N6A FAD U . 21.88 46.10 24.71
N1A FAD U . 20.76 47.91 23.88
C2A FAD U . 20.00 48.43 22.83
N3A FAD U . 19.77 47.61 21.70
C4A FAD U . 20.27 46.36 21.64
N1 FAD U . 11.72 36.22 10.08
C2 FAD U . 10.37 36.44 9.75
O2 FAD U . 9.49 36.48 10.61
N3 FAD U . 10.08 36.69 8.46
C4 FAD U . 11.04 36.60 7.46
O4 FAD U . 10.66 36.81 6.30
C4X FAD U . 12.38 36.37 7.79
N5 FAD U . 13.38 36.25 6.84
C5X FAD U . 14.68 36.33 7.23
C6 FAD U . 15.71 36.51 6.28
C7 FAD U . 17.07 36.64 6.65
C7M FAD U . 18.05 36.86 5.65
C8 FAD U . 17.39 36.59 7.99
C8M FAD U . 18.72 36.71 8.43
C9 FAD U . 16.37 36.39 8.95
C9A FAD U . 15.00 36.24 8.59
N10 FAD U . 13.98 36.03 9.52
C10 FAD U . 12.70 36.17 9.12
C1' FAD U . 14.30 36.05 11.05
C2' FAD U . 14.07 37.41 11.71
O2' FAD U . 14.63 38.54 11.06
C3' FAD U . 14.59 37.50 13.18
O3' FAD U . 14.41 36.28 13.90
C4' FAD U . 13.86 38.62 13.83
O4' FAD U . 14.09 39.81 13.04
C5' FAD U . 14.35 38.83 15.27
O5' FAD U . 13.78 40.05 15.70
P FAD U . 14.15 40.71 17.12
O1P FAD U . 14.15 39.57 18.02
O2P FAD U . 13.32 41.92 17.33
O3P FAD U . 15.76 41.12 16.95
NA NA V . 26.45 44.20 -2.58
CL CL W . 10.51 33.31 7.93
O1 PG4 X . 14.59 36.84 2.39
C1 PG4 X . 13.95 37.37 1.18
C2 PG4 X . 14.35 36.58 -0.10
O2 PG4 X . 13.26 36.06 -0.89
C3 PG4 X . 13.46 34.64 -1.11
C4 PG4 X . 12.68 33.82 -0.05
O3 PG4 X . 13.46 33.58 1.18
C5 PG4 X . 13.18 34.32 2.41
C6 PG4 X . 12.44 33.47 3.44
O4 PG4 X . 11.46 34.23 4.15
C7 PG4 X . 10.22 34.45 3.47
C8 PG4 X . 10.19 35.90 2.93
O5 PG4 X . 10.13 35.98 1.48
O1 PG4 Y . 16.77 35.28 -5.79
C1 PG4 Y . 16.13 34.71 -6.96
C2 PG4 Y . 15.63 33.30 -6.65
O2 PG4 Y . 14.73 32.87 -7.72
C3 PG4 Y . 13.39 32.62 -7.30
C4 PG4 Y . 13.10 31.08 -7.32
O3 PG4 Y . 11.92 30.67 -6.52
C5 PG4 Y . 10.86 31.63 -6.33
C6 PG4 Y . 10.43 31.55 -4.85
O4 PG4 Y . 10.15 32.87 -4.30
C7 PG4 Y . 10.77 33.22 -3.04
C8 PG4 Y . 10.59 34.71 -2.81
O5 PG4 Y . 10.01 34.87 -1.51
O1 PG4 Z . 37.16 26.29 4.66
C1 PG4 Z . 38.07 25.74 3.67
C2 PG4 Z . 37.75 24.26 3.35
O2 PG4 Z . 38.98 23.75 2.73
C3 PG4 Z . 39.55 22.42 2.90
C4 PG4 Z . 41.08 22.44 2.64
O3 PG4 Z . 41.21 22.38 1.20
C5 PG4 Z . 42.43 21.95 0.61
C6 PG4 Z . 42.07 21.23 -0.72
O4 PG4 Z . 41.66 19.87 -0.46
C7 PG4 Z . 42.29 18.74 -1.11
C8 PG4 Z . 42.13 17.49 -0.20
O5 PG4 Z . 42.71 16.33 -0.84
PA FAD AA . 27.25 47.12 -23.52
O1A FAD AA . 28.28 47.34 -22.54
O2A FAD AA . 25.82 47.26 -23.04
O5B FAD AA . 27.36 45.77 -24.16
C5B FAD AA . 28.60 45.44 -24.84
C4B FAD AA . 28.84 43.94 -24.68
O4B FAD AA . 29.77 43.51 -25.68
C3B FAD AA . 29.47 43.66 -23.29
O3B FAD AA . 28.81 42.51 -22.70
C2B FAD AA . 30.92 43.26 -23.68
O2B FAD AA . 31.47 42.20 -22.87
C1B FAD AA . 30.72 42.68 -25.11
N9A FAD AA . 32.00 42.66 -25.89
C8A FAD AA . 33.07 43.47 -25.92
N7A FAD AA . 33.97 42.98 -26.80
C5A FAD AA . 33.49 41.85 -27.30
C6A FAD AA . 33.99 41.01 -28.22
N6A FAD AA . 35.23 41.26 -28.70
N1A FAD AA . 33.33 39.90 -28.56
C2A FAD AA . 32.05 39.68 -28.00
N3A FAD AA . 31.56 40.59 -27.08
C4A FAD AA . 32.27 41.66 -26.74
N1 FAD AA . 21.91 54.42 -20.54
C2 FAD AA . 20.57 54.52 -20.90
O2 FAD AA . 20.27 54.62 -22.07
N3 FAD AA . 19.61 54.50 -19.91
C4 FAD AA . 19.94 54.45 -18.56
O4 FAD AA . 19.00 54.42 -17.75
C4X FAD AA . 21.29 54.35 -18.21
N5 FAD AA . 21.69 54.31 -16.92
C5X FAD AA . 22.96 53.94 -16.61
C6 FAD AA . 23.30 53.65 -15.27
C7 FAD AA . 24.58 53.16 -14.92
C7M FAD AA . 24.91 52.84 -13.58
C8 FAD AA . 25.53 52.95 -15.92
C8M FAD AA . 26.83 52.47 -15.58
C9 FAD AA . 25.20 53.26 -17.25
C9A FAD AA . 23.94 53.76 -17.63
N10 FAD AA . 23.61 54.11 -18.94
C10 FAD AA . 22.29 54.34 -19.23
C1' FAD AA . 24.59 53.98 -20.07
C2' FAD AA . 24.43 52.65 -20.75
O2' FAD AA . 24.36 51.62 -19.79
C3' FAD AA . 25.57 52.32 -21.74
O3' FAD AA . 26.08 53.46 -22.40
C4' FAD AA . 24.99 51.40 -22.75
O4' FAD AA . 24.52 50.29 -22.00
C5' FAD AA . 26.01 50.91 -23.82
O5' FAD AA . 25.49 49.80 -24.53
P FAD AA . 26.39 48.92 -25.54
O1P FAD AA . 27.12 49.91 -26.31
O2P FAD AA . 25.40 48.07 -26.18
O3P FAD AA . 27.53 48.27 -24.58
CL CL BA . 20.53 57.77 -19.11
O1 PG4 CA . 20.54 54.17 -12.36
C1 PG4 CA . 19.87 54.87 -13.41
C2 PG4 CA . 19.97 56.39 -13.22
O2 PG4 CA . 20.10 57.00 -14.51
C3 PG4 CA . 19.02 57.85 -14.88
C4 PG4 CA . 18.07 56.92 -15.64
O3 PG4 CA . 16.72 57.41 -15.48
C5 PG4 CA . 15.91 56.39 -14.90
C6 PG4 CA . 14.43 56.78 -15.09
O4 PG4 CA . 13.76 57.08 -13.84
C7 PG4 CA . 13.23 55.94 -13.16
C8 PG4 CA . 13.25 56.17 -11.65
O5 PG4 CA . 12.59 55.08 -10.98
O1 PG4 DA . 16.13 55.95 -4.77
C1 PG4 DA . 17.53 56.10 -5.05
C2 PG4 DA . 18.46 55.46 -4.02
O2 PG4 DA . 17.72 54.94 -2.89
C3 PG4 DA . 18.26 53.67 -2.47
C4 PG4 DA . 17.56 53.15 -1.19
O3 PG4 DA . 17.95 53.78 0.10
C5 PG4 DA . 18.39 55.13 0.09
C6 PG4 DA . 18.65 55.56 1.54
O4 PG4 DA . 18.51 57.01 1.64
C7 PG4 DA . 19.69 57.68 2.16
C8 PG4 DA . 19.47 59.16 2.48
O5 PG4 DA . 18.16 59.46 1.98
O1 PG4 EA . 34.40 81.30 -13.46
C1 PG4 EA . 33.60 80.16 -13.39
C2 PG4 EA . 34.57 79.00 -13.50
O2 PG4 EA . 33.88 77.96 -14.27
C3 PG4 EA . 34.12 77.99 -15.71
C4 PG4 EA . 35.47 77.37 -16.12
O3 PG4 EA . 35.55 77.59 -17.57
C5 PG4 EA . 36.44 78.49 -18.22
C6 PG4 EA . 36.77 79.71 -17.30
O4 PG4 EA . 37.66 79.38 -16.21
C7 PG4 EA . 38.94 78.88 -16.62
C8 PG4 EA . 40.01 79.33 -15.64
O5 PG4 EA . 39.98 78.37 -14.60
PA FAD FA . -25.64 58.96 -6.74
O1A FAD FA . -26.81 58.66 -7.56
O2A FAD FA . -24.32 58.37 -7.09
O5B FAD FA . -25.98 58.51 -5.21
C5B FAD FA . -27.17 58.95 -4.55
C4B FAD FA . -27.66 57.80 -3.64
O4B FAD FA . -28.57 58.47 -2.65
C3B FAD FA . -28.46 56.75 -4.39
O3B FAD FA . -28.07 55.34 -4.13
C2B FAD FA . -29.90 56.98 -3.88
O2B FAD FA . -30.61 55.74 -3.85
C1B FAD FA . -29.69 57.56 -2.48
N9A FAD FA . -30.91 58.31 -1.97
C8A FAD FA . -31.75 59.12 -2.62
N7A FAD FA . -32.66 59.57 -1.79
C5A FAD FA . -32.43 59.05 -0.58
C6A FAD FA . -33.06 59.21 0.61
N6A FAD FA . -34.18 60.00 0.65
N1A FAD FA . -32.62 58.59 1.73
C2A FAD FA . -31.46 57.79 1.64
N3A FAD FA . -30.80 57.63 0.39
C4A FAD FA . -31.32 58.27 -0.68
N1 FAD FA . -19.55 60.88 -13.71
C2 FAD FA . -18.18 60.97 -13.44
O2 FAD FA . -17.83 61.87 -12.67
N3 FAD FA . -17.31 60.08 -14.05
C4 FAD FA . -17.79 59.10 -14.90
O4 FAD FA . -17.00 58.32 -15.40
C4X FAD FA . -19.18 59.01 -15.15
N5 FAD FA . -19.67 58.14 -16.04
C5X FAD FA . -21.02 57.89 -16.06
C6 FAD FA . -21.49 56.78 -16.75
C7 FAD FA . -22.86 56.45 -16.74
C7M FAD FA . -23.29 55.32 -17.44
C8 FAD FA . -23.74 57.20 -15.96
C8M FAD FA . -25.11 56.91 -15.90
C9 FAD FA . -23.25 58.31 -15.28
C9A FAD FA . -21.89 58.68 -15.31
N10 FAD FA . -21.41 59.78 -14.66
C10 FAD FA . -20.05 59.90 -14.53
C1' FAD FA . -22.27 60.72 -13.86
C2' FAD FA . -22.35 60.22 -12.38
O2' FAD FA . -22.58 58.78 -12.29
C3' FAD FA . -23.48 60.86 -11.54
O3' FAD FA . -23.73 62.23 -11.88
C4' FAD FA . -22.98 60.78 -10.09
O4' FAD FA . -22.54 59.45 -9.80
C5' FAD FA . -24.10 61.12 -9.11
O5' FAD FA . -23.50 61.25 -7.81
P FAD FA . -24.45 61.53 -6.52
O1P FAD FA . -24.96 62.89 -6.69
O2P FAD FA . -23.60 61.18 -5.34
O3P FAD FA . -25.58 60.55 -6.65
NA NA GA . -27.00 41.73 -18.85
CL CL HA . -17.79 61.82 -16.97
O1 PG4 IA . -18.41 54.76 -19.18
C1 PG4 IA . -18.38 53.32 -18.96
C2 PG4 IA . -17.20 52.50 -19.63
O2 PG4 IA . -16.53 53.04 -20.82
C3 PG4 IA . -17.22 53.76 -21.83
C4 PG4 IA . -16.69 55.18 -21.93
O3 PG4 IA . -17.52 55.95 -20.98
C5 PG4 IA . -17.28 57.35 -21.20
C6 PG4 IA . -17.82 58.27 -20.11
O4 PG4 IA . -17.64 57.69 -18.81
C7 PG4 IA . -16.26 57.40 -18.46
C8 PG4 IA . -15.28 58.55 -18.73
O5 PG4 IA . -13.98 57.89 -18.78
O1 PG4 JA . -16.80 49.03 -25.64
C1 PG4 JA . -17.80 48.00 -25.75
C2 PG4 JA . -17.24 46.60 -25.42
O2 PG4 JA . -16.94 45.84 -26.65
C3 PG4 JA . -17.96 45.65 -27.64
C4 PG4 JA . -17.32 45.62 -29.05
O3 PG4 JA . -17.51 46.86 -29.79
C5 PG4 JA . -17.98 46.71 -31.15
C6 PG4 JA . -17.30 47.88 -31.90
O4 PG4 JA . -16.05 47.53 -32.56
C7 PG4 JA . -14.89 47.88 -31.81
C8 PG4 JA . -14.64 49.37 -32.05
O5 PG4 JA . -14.79 49.92 -30.72
PA FAD KA . -18.60 25.70 -29.71
O1A FAD KA . -19.99 25.80 -29.22
O2A FAD KA . -17.60 26.65 -29.08
O5B FAD KA . -18.53 26.11 -31.24
C5B FAD KA . -19.39 25.44 -32.18
C4B FAD KA . -19.88 26.42 -33.26
O4B FAD KA . -20.41 25.53 -34.34
C3B FAD KA . -21.08 27.27 -32.75
O3B FAD KA . -20.95 28.67 -32.93
C2B FAD KA . -22.29 26.78 -33.60
O2B FAD KA . -23.14 27.90 -33.90
C1B FAD KA . -21.57 26.22 -34.87
N9A FAD KA . -22.40 25.22 -35.66
C8A FAD KA . -23.18 24.24 -35.25
N7A FAD KA . -23.72 23.64 -36.33
C5A FAD KA . -23.23 24.26 -37.42
C6A FAD KA . -23.43 24.04 -38.74
N6A FAD KA . -24.23 23.02 -39.07
N1A FAD KA . -22.82 24.77 -39.66
C2A FAD KA . -21.97 25.82 -39.29
N3A FAD KA . -21.75 26.04 -37.89
C4A FAD KA . -22.40 25.23 -37.01
N1 FAD KA . -14.36 25.05 -21.26
C2 FAD KA . -12.98 25.22 -21.11
O2 FAD KA . -12.23 24.44 -21.70
N3 FAD KA . -12.52 26.27 -20.31
C4 FAD KA . -13.39 27.13 -19.65
O4 FAD KA . -12.93 28.07 -18.99
C4X FAD KA . -14.78 26.92 -19.80
N5 FAD KA . -15.67 27.70 -19.14
C5X FAD KA . -17.00 27.59 -19.50
C6 FAD KA . -17.89 28.52 -18.98
C7 FAD KA . -19.26 28.55 -19.36
C7M FAD KA . -20.09 29.54 -18.83
C8 FAD KA . -19.74 27.65 -20.31
C8M FAD KA . -21.10 27.65 -20.70
C9 FAD KA . -18.85 26.66 -20.82
C9A FAD KA . -17.47 26.62 -20.41
N10 FAD KA . -16.61 25.68 -20.87
C10 FAD KA . -15.27 25.85 -20.61
C1' FAD KA . -17.01 24.56 -21.82
C2' FAD KA . -16.69 25.00 -23.25
O2' FAD KA . -17.08 26.38 -23.45
C3' FAD KA . -17.29 24.12 -24.32
O3' FAD KA . -17.24 22.75 -24.02
C4' FAD KA . -16.45 24.35 -25.59
O4' FAD KA . -16.37 25.77 -25.82
C5' FAD KA . -17.13 23.69 -26.77
O5' FAD KA . -16.38 24.03 -27.93
P FAD KA . -16.82 23.43 -29.41
O1P FAD KA . -16.97 21.99 -29.45
O2P FAD KA . -15.92 24.22 -30.27
O3P FAD KA . -18.34 24.14 -29.68
CL CL LA . -13.32 24.44 -17.68
O1 PG4 MA . -16.29 31.16 -16.12
C1 PG4 MA . -15.58 32.41 -15.79
C2 PG4 MA . -16.10 33.06 -14.50
O2 PG4 MA . -15.11 33.24 -13.49
C3 PG4 MA . -15.27 32.28 -12.42
C4 PG4 MA . -14.74 30.87 -12.82
O3 PG4 MA . -15.79 30.01 -13.38
C5 PG4 MA . -15.55 29.32 -14.66
C6 PG4 MA . -14.94 27.92 -14.55
O4 PG4 MA . -14.11 27.67 -15.71
C7 PG4 MA . -12.72 28.06 -15.54
C8 PG4 MA . -12.53 29.42 -16.21
O5 PG4 MA . -12.28 30.51 -15.29
O1 PG4 NA . -16.98 35.32 -11.03
C1 PG4 NA . -16.28 36.04 -10.04
C2 PG4 NA . -17.20 36.66 -8.98
O2 PG4 NA . -17.26 35.81 -7.78
C3 PG4 NA . -15.98 35.69 -7.09
C4 PG4 NA . -16.12 34.93 -5.75
O3 PG4 NA . -15.29 33.72 -5.72
C5 PG4 NA . -13.88 33.94 -5.61
C6 PG4 NA . -13.17 32.60 -5.96
O4 PG4 NA . -12.19 32.71 -7.05
C7 PG4 NA . -12.73 32.98 -8.38
C8 PG4 NA . -11.87 32.37 -9.47
O5 PG4 NA . -12.83 31.97 -10.45
PA FAD OA . -23.64 -25.39 21.34
O1A FAD OA . -24.78 -25.47 20.45
O2A FAD OA . -22.49 -26.27 21.04
O5B FAD OA . -24.21 -25.75 22.82
C5B FAD OA . -25.31 -25.02 23.39
C4B FAD OA . -26.19 -25.98 24.21
O4B FAD OA . -27.04 -25.18 25.10
C3B FAD OA . -27.12 -26.77 23.27
O3B FAD OA . -26.97 -28.20 23.44
C2B FAD OA . -28.52 -26.31 23.64
O2B FAD OA . -29.52 -27.35 23.59
C1B FAD OA . -28.30 -25.80 25.06
N9A FAD OA . -29.35 -24.79 25.41
C8A FAD OA . -29.95 -23.83 24.71
N7A FAD OA . -30.79 -23.19 25.51
C5A FAD OA . -30.76 -23.79 26.71
C6A FAD OA . -31.44 -23.56 27.88
N6A FAD OA . -32.36 -22.59 27.91
N1A FAD OA . -31.23 -24.33 28.95
C2A FAD OA . -30.28 -25.36 28.92
N3A FAD OA . -29.59 -25.56 27.72
C4A FAD OA . -29.86 -24.78 26.65
N1 FAD OA . -16.64 -24.75 14.98
C2 FAD OA . -15.32 -25.01 15.36
O2 FAD OA . -14.81 -24.27 16.18
N3 FAD OA . -14.66 -26.08 14.81
C4 FAD OA . -15.28 -26.90 13.85
O4 FAD OA . -14.65 -27.87 13.40
C4X FAD OA . -16.60 -26.60 13.46
N5 FAD OA . -17.21 -27.32 12.50
C5X FAD OA . -18.54 -27.23 12.34
C6 FAD OA . -19.17 -28.18 11.53
C7 FAD OA . -20.59 -28.18 11.45
C7M FAD OA . -21.25 -29.12 10.67
C8 FAD OA . -21.32 -27.22 12.15
C8M FAD OA . -22.74 -27.21 12.07
C9 FAD OA . -20.66 -26.27 12.95
C9A FAD OA . -19.25 -26.25 13.06
N10 FAD OA . -18.59 -25.30 13.79
C10 FAD OA . -17.28 -25.52 14.04
C1' FAD OA . -19.31 -24.24 14.54
C2' FAD OA . -19.58 -24.67 16.01
O2' FAD OA . -20.07 -26.03 16.07
C3' FAD OA . -20.53 -23.78 16.80
O3' FAD OA . -20.40 -22.39 16.51
C4' FAD OA . -20.19 -23.95 18.24
O4' FAD OA . -20.16 -25.38 18.49
C5' FAD OA . -21.29 -23.33 19.10
O5' FAD OA . -20.90 -23.49 20.47
P FAD OA . -21.84 -23.10 21.71
O1P FAD OA . -21.95 -21.65 21.55
O2P FAD OA . -21.20 -23.70 22.91
O3P FAD OA . -23.24 -23.79 21.38
NA NA PA . -27.53 -41.28 8.00
CL CL QA . -14.38 -24.22 11.97
O1 PG4 RA . -16.75 -31.24 9.55
C1 PG4 RA . -15.74 -32.32 9.51
C2 PG4 RA . -15.72 -33.14 8.19
O2 PG4 RA . -14.73 -32.67 7.21
C3 PG4 RA . -15.13 -31.47 6.51
C4 PG4 RA . -14.29 -30.25 6.96
O3 PG4 RA . -15.12 -29.10 7.28
C5 PG4 RA . -15.65 -29.03 8.63
C6 PG4 RA . -15.43 -27.65 9.21
O4 PG4 RA . -14.37 -27.74 10.16
C7 PG4 RA . -13.07 -27.69 9.58
C8 PG4 RA . -12.20 -28.63 10.38
O5 PG4 RA . -12.40 -30.04 10.07
O1 PG4 SA . -15.10 -35.52 4.37
C1 PG4 SA . -14.95 -35.67 2.93
C2 PG4 SA . -13.48 -35.46 2.51
O2 PG4 SA . -13.45 -35.18 1.07
C3 PG4 SA . -12.22 -35.38 0.36
C4 PG4 SA . -11.80 -34.07 -0.37
O3 PG4 SA . -11.27 -33.00 0.49
C5 PG4 SA . -9.97 -33.11 1.13
C6 PG4 SA . -9.86 -31.90 2.11
O4 PG4 SA . -9.44 -32.19 3.48
C7 PG4 SA . -10.38 -32.94 4.29
C8 PG4 SA . -11.03 -32.05 5.35
O5 PG4 SA . -12.44 -32.00 5.07
O1 PG4 TA . -37.58 -25.60 -4.47
C1 PG4 TA . -38.08 -25.67 -5.80
C2 PG4 TA . -37.13 -24.75 -6.55
O2 PG4 TA . -37.46 -24.84 -7.96
C3 PG4 TA . -38.67 -24.26 -8.53
C4 PG4 TA . -39.79 -25.30 -8.83
O3 PG4 TA . -39.93 -25.23 -10.27
C5 PG4 TA . -40.30 -26.40 -11.01
C6 PG4 TA . -39.29 -26.46 -12.21
O4 PG4 TA . -39.12 -25.15 -12.84
C7 PG4 TA . -39.08 -25.16 -14.30
C8 PG4 TA . -39.17 -23.71 -14.87
O5 PG4 TA . -39.27 -23.62 -16.30
PA FAD UA . -22.03 -58.28 -3.09
O1A FAD UA . -23.39 -57.87 -2.76
O2A FAD UA . -20.89 -57.79 -2.21
O5B FAD UA . -21.75 -57.87 -4.62
C5B FAD UA . -22.63 -58.28 -5.68
C4B FAD UA . -22.75 -57.12 -6.72
O4B FAD UA . -23.30 -57.78 -7.93
C3B FAD UA . -23.73 -56.03 -6.27
O3B FAD UA . -23.17 -54.70 -6.34
C2B FAD UA . -24.91 -56.18 -7.28
O2B FAD UA . -25.46 -54.92 -7.67
C1B FAD UA . -24.22 -56.86 -8.49
N9A FAD UA . -25.17 -57.56 -9.36
C8A FAD UA . -26.22 -58.32 -9.12
N7A FAD UA . -26.75 -58.72 -10.27
C5A FAD UA . -26.01 -58.21 -11.26
C6A FAD UA . -26.09 -58.29 -12.59
N6A FAD UA . -27.10 -59.01 -13.12
N1A FAD UA . -25.20 -57.71 -13.39
C2A FAD UA . -24.18 -56.99 -12.83
N3A FAD UA . -24.09 -56.89 -11.45
C4A FAD UA . -25.01 -57.51 -10.69
N1 FAD UA . -19.03 -60.45 5.67
C2 FAD UA . -17.67 -60.59 5.95
O2 FAD UA . -17.03 -61.48 5.37
N3 FAD UA . -17.07 -59.71 6.85
C4 FAD UA . -17.81 -58.73 7.51
O4 FAD UA . -17.21 -57.98 8.28
C4X FAD UA . -19.19 -58.62 7.25
N5 FAD UA . -19.95 -57.74 7.91
C5X FAD UA . -21.22 -57.46 7.43
C6 FAD UA . -21.92 -56.35 7.90
C7 FAD UA . -23.14 -55.94 7.38
C7M FAD UA . -23.83 -54.80 7.87
C8 FAD UA . -23.66 -56.67 6.32
C8M FAD UA . -24.89 -56.32 5.78
C9 FAD UA . -22.96 -57.77 5.86
C9A FAD UA . -21.75 -58.22 6.40
N10 FAD UA . -21.10 -59.33 5.94
C10 FAD UA . -19.80 -59.48 6.30
C1' FAD UA . -21.61 -60.17 4.84
C2' FAD UA . -21.01 -59.80 3.45
O2' FAD UA . -21.03 -58.36 3.26
C3' FAD UA . -21.75 -60.43 2.26
O3' FAD UA . -22.18 -61.79 2.44
C4' FAD UA . -20.80 -60.35 1.08
O4' FAD UA . -20.41 -58.96 1.00
C5' FAD UA . -21.44 -60.79 -0.23
O5' FAD UA . -20.48 -60.63 -1.29
P FAD UA . -20.89 -60.87 -2.81
O1P FAD UA . -21.40 -62.25 -2.85
O2P FAD UA . -19.74 -60.52 -3.59
O3P FAD UA . -22.10 -59.87 -3.11
CL CL VA . -18.65 -61.40 9.35
O1 PG4 WA . -19.65 -52.96 13.48
C1 PG4 WA . -18.92 -52.21 12.49
C2 PG4 WA . -19.08 -52.94 11.15
O2 PG4 WA . -20.14 -54.00 11.17
C3 PG4 WA . -19.59 -55.35 10.98
C4 PG4 WA . -20.26 -56.47 11.83
O3 PG4 WA . -19.28 -57.29 12.49
C5 PG4 WA . -18.50 -58.11 11.59
C6 PG4 WA . -17.10 -58.34 12.18
O4 PG4 WA . -16.27 -57.20 11.91
C7 PG4 WA . -15.09 -57.05 12.74
C8 PG4 WA . -15.27 -55.85 13.67
O5 PG4 WA . -14.01 -55.50 14.25
O1 PG4 XA . -20.14 -49.41 17.42
C1 PG4 XA . -21.41 -48.83 17.72
C2 PG4 XA . -21.17 -47.64 18.60
O2 PG4 XA . -21.35 -46.52 17.73
C3 PG4 XA . -20.94 -45.19 18.06
C4 PG4 XA . -21.51 -44.63 19.43
O3 PG4 XA . -22.68 -45.29 20.01
C5 PG4 XA . -22.72 -45.16 21.45
C6 PG4 XA . -23.88 -46.00 22.05
O4 PG4 XA . -23.31 -47.10 22.83
C7 PG4 XA . -23.45 -47.03 24.28
C8 PG4 XA . -22.11 -47.17 25.01
O5 PG4 XA . -21.35 -48.19 24.36
PA FAD YA . 20.18 -47.46 33.13
O1A FAD YA . 21.57 -47.69 32.80
O2A FAD YA . 19.07 -47.63 32.11
O5B FAD YA . 20.10 -45.99 33.75
C5B FAD YA . 20.92 -45.64 34.88
C4B FAD YA . 21.26 -44.16 34.82
O4B FAD YA . 21.71 -43.85 36.16
C3B FAD YA . 22.40 -43.89 33.84
O3B FAD YA . 22.09 -42.75 33.02
C2B FAD YA . 23.53 -43.51 34.79
O2B FAD YA . 24.39 -42.50 34.20
C1B FAD YA . 22.76 -42.93 36.05
N9A FAD YA . 23.60 -42.81 37.30
C8A FAD YA . 24.53 -43.69 37.76
N7A FAD YA . 25.08 -43.17 38.87
C5A FAD YA . 24.48 -42.03 39.14
C6A FAD YA . 24.68 -41.16 40.14
N6A FAD YA . 25.65 -41.43 41.07
N1A FAD YA . 23.93 -40.05 40.18
C2A FAD YA . 22.97 -39.82 39.19
N3A FAD YA . 22.80 -40.71 38.16
C4A FAD YA . 23.55 -41.81 38.17
N1 FAD YA . 16.63 -54.77 28.35
C2 FAD YA . 15.23 -54.87 28.13
O2 FAD YA . 14.50 -55.02 29.08
N3 FAD YA . 14.70 -54.80 26.85
C4 FAD YA . 15.56 -54.68 25.77
O4 FAD YA . 14.99 -54.63 24.66
C4X FAD YA . 16.95 -54.60 25.97
N5 FAD YA . 17.85 -54.53 24.96
C5X FAD YA . 19.14 -54.21 25.19
C6 FAD YA . 19.96 -53.88 24.12
C7 FAD YA . 21.28 -53.45 24.34
C7M FAD YA . 22.08 -53.13 23.22
C8 FAD YA . 21.76 -53.32 25.64
C8M FAD YA . 23.07 -52.89 25.87
C9 FAD YA . 20.92 -53.65 26.73
C9A FAD YA . 19.63 -54.11 26.54
N10 FAD YA . 18.80 -54.45 27.55
C10 FAD YA . 17.48 -54.65 27.29
C1' FAD YA . 19.20 -54.30 29.03
C2' FAD YA . 18.75 -52.96 29.57
O2' FAD YA . 19.11 -51.97 28.64
C3' FAD YA . 19.42 -52.63 30.95
O3' FAD YA . 19.55 -53.82 31.76
C4' FAD YA . 18.42 -51.72 31.62
O4' FAD YA . 18.16 -50.60 30.75
C5' FAD YA . 18.97 -51.28 32.97
O5' FAD YA . 18.28 -50.14 33.35
P FAD YA . 18.56 -49.29 34.70
O1P FAD YA . 18.94 -50.22 35.77
O2P FAD YA . 17.37 -48.45 34.87
O3P FAD YA . 19.85 -48.47 34.35
NA NA ZA . 27.88 -44.75 13.73
CL CL AB . 15.78 -58.04 26.47
O1 PG4 BB . 16.57 -51.97 17.36
C1 PG4 BB . 17.27 -53.07 18.01
C2 PG4 BB . 17.03 -54.42 17.27
O2 PG4 BB . 17.96 -55.45 17.68
C3 PG4 BB . 17.45 -56.80 17.60
C4 PG4 BB . 17.40 -57.36 19.01
O3 PG4 BB . 18.45 -56.72 19.79
C5 PG4 BB . 18.08 -55.91 20.92
C6 PG4 BB . 17.55 -56.81 22.03
O4 PG4 BB . 16.16 -56.51 22.17
C7 PG4 BB . 15.43 -57.50 22.89
C8 PG4 BB . 14.63 -58.33 21.91
O5 PG4 BB . 13.38 -57.72 21.56
O1 PG4 CB . 20.30 -56.21 11.98
C1 PG4 CB . 20.00 -54.84 11.73
C2 PG4 CB . 19.55 -54.66 10.30
O2 PG4 CB . 20.70 -54.15 9.56
C3 PG4 CB . 20.75 -54.54 8.19
C4 PG4 CB . 22.11 -55.27 8.00
O3 PG4 CB . 22.01 -56.35 7.03
C5 PG4 CB . 23.10 -57.28 7.11
C6 PG4 CB . 22.51 -58.74 7.07
O4 PG4 CB . 21.08 -58.79 7.24
C7 PG4 CB . 20.63 -58.54 8.61
C8 PG4 CB . 19.14 -58.86 8.78
O5 PG4 CB . 18.94 -58.86 10.21
PA FAD DB . 26.15 -42.87 -7.14
O1A FAD DB . 27.27 -42.32 -6.39
O2A FAD DB . 24.81 -43.03 -6.49
O5B FAD DB . 26.56 -44.23 -7.81
C5B FAD DB . 27.75 -44.32 -8.60
C4B FAD DB . 28.30 -45.69 -8.38
O4B FAD DB . 29.22 -46.03 -9.50
C3B FAD DB . 29.12 -45.71 -7.05
O3B FAD DB . 28.59 -46.82 -6.31
C2B FAD DB . 30.58 -45.94 -7.54
O2B FAD DB . 31.28 -46.87 -6.72
C1B FAD DB . 30.41 -46.59 -8.98
N9A FAD DB . 31.59 -46.33 -9.87
C8A FAD DB . 32.40 -45.26 -10.02
N7A FAD DB . 33.35 -45.57 -10.92
C5A FAD DB . 33.10 -46.86 -11.32
C6A FAD DB . 33.69 -47.69 -12.20
N6A FAD DB . 34.77 -47.23 -12.83
N1A FAD DB . 33.28 -48.95 -12.44
C2A FAD DB . 32.19 -49.39 -11.77
N3A FAD DB . 31.56 -48.51 -10.91
C4A FAD DB . 32.02 -47.27 -10.69
N1 FAD DB . 19.60 -36.71 -3.92
C2 FAD DB . 18.30 -36.88 -4.16
O2 FAD DB . 17.93 -36.87 -5.33
N3 FAD DB . 17.43 -37.10 -3.08
C4 FAD DB . 17.90 -37.03 -1.78
O4 FAD DB . 17.09 -37.19 -0.89
C4X FAD DB . 19.25 -36.86 -1.55
N5 FAD DB . 19.73 -36.75 -0.29
C5X FAD DB . 21.09 -36.83 -0.13
C6 FAD DB . 21.58 -36.94 1.18
C7 FAD DB . 22.94 -37.12 1.41
C7M FAD DB . 23.40 -37.28 2.73
C8 FAD DB . 23.83 -37.15 0.32
C8M FAD DB . 25.25 -37.32 0.53
C9 FAD DB . 23.34 -37.01 -0.97
C9A FAD DB . 21.97 -36.85 -1.23
N10 FAD DB . 21.47 -36.64 -2.51
C10 FAD DB . 20.11 -36.70 -2.66
C1' FAD DB . 22.39 -36.58 -3.73
C2' FAD DB . 22.44 -37.94 -4.38
O2' FAD DB . 22.59 -38.92 -3.36
C3' FAD DB . 23.52 -38.08 -5.49
O3' FAD DB . 23.63 -36.90 -6.21
C4' FAD DB . 23.08 -39.20 -6.39
O4' FAD DB . 22.91 -40.41 -5.62
C5' FAD DB . 24.06 -39.45 -7.54
O5' FAD DB . 23.79 -40.74 -8.06
P FAD DB . 24.74 -41.43 -9.20
O1P FAD DB . 25.21 -40.29 -10.01
O2P FAD DB . 23.92 -42.56 -9.75
O3P FAD DB . 26.05 -41.87 -8.38
CL CL EB . 17.61 -33.86 -2.53
O1 PG4 FB . 17.00 -34.27 5.76
C1 PG4 FB . 15.96 -34.41 6.75
C2 PG4 FB . 16.28 -35.54 7.76
O2 PG4 FB . 16.56 -36.78 7.07
C3 PG4 FB . 17.91 -36.86 6.61
C4 PG4 FB . 17.82 -37.38 5.16
O3 PG4 FB . 18.83 -36.77 4.29
C5 PG4 FB . 18.27 -36.28 3.02
C6 PG4 FB . 18.60 -34.81 2.72
O4 PG4 FB . 17.42 -33.99 2.60
C7 PG4 FB . 16.88 -33.89 1.26
C8 PG4 FB . 15.45 -34.39 1.27
O5 PG4 FB . 15.62 -35.79 1.47
O1 PG4 GB . 16.51 -36.45 10.96
C1 PG4 GB . 16.91 -35.43 11.90
C2 PG4 GB . 15.79 -35.13 12.89
O2 PG4 GB . 15.42 -33.71 12.80
C3 PG4 GB . 14.74 -33.15 13.91
C4 PG4 GB . 14.33 -31.72 13.45
O3 PG4 GB . 13.74 -31.80 12.12
C5 PG4 GB . 13.01 -30.66 11.68
C6 PG4 GB . 11.90 -31.18 10.72
O4 PG4 GB . 12.46 -31.51 9.43
C7 PG4 GB . 11.96 -32.66 8.74
C8 PG4 GB . 13.14 -33.29 8.02
O5 PG4 GB . 12.53 -34.12 7.02
#